data_8BUM
#
_entry.id   8BUM
#
_cell.length_a   249.635
_cell.length_b   249.635
_cell.length_c   218.865
_cell.angle_alpha   90.000
_cell.angle_beta   90.000
_cell.angle_gamma   120.000
#
_symmetry.space_group_name_H-M   'P 31 2 1'
#
loop_
_entity.id
_entity.type
_entity.pdbx_description
1 polymer 'DNA damage-binding protein 1'
2 polymer 'Cyclin-dependent kinase 12'
3 polymer Cyclin-K
4 non-polymer 'SULFATE ION'
5 non-polymer (2R)-2-[[6-(5-naphthalen-1-ylpentylamino)-9-propan-2-yl-purin-2-yl]amino]butan-1-ol
#
loop_
_entity_poly.entity_id
_entity_poly.type
_entity_poly.pdbx_seq_one_letter_code
_entity_poly.pdbx_strand_id
1 'polypeptide(L)'
;GGGRMSYNYVVTAQKPTAVNGCVTGHFTSAEDLNLLIAKNTRLEIYVVTAEGLRPVKEVGMYGKIAVMELFRPKGESKDL
LFILTAKYNACILEYKQSGESIDIITRAHGNVQDRIGRPSETGIIGIIDPECRMIGLRLYDGLFKVIPLDRDNKELKAFN
IRLEELHVIDVKFLYGCQAPTICFVYQDPQGRHVKTYEVSLREKEFNKGPWKQENVEAEASMVIAVPEPFGGAIIIGQES
ITYHNGDKYLAIAPPIIKQSTIVCHNRVDPNGSRYLLGDMEGRLFMLLLEKEEQMDGTVTLKDLRVELLGETSIAECLTY
LDNGVVFVGSRLGDSQLVKLNVDSNEQGSYVVAMETFTNLGPIVDMCVVDLERQGQGQLVTCSGAFKEGSLRIIRNGIGG
NGNSGEIQKLHIRTVPLYESPRKICYQEVSQCFGVLSSRIEVQDTSGGTTALRPSASTQALSSSVSSSKLFSSSTAPHET
SFGEEVEVHNLLIIDQHTFEVLHAHQFLQNEYALSLVSCKLGKDPNTYFIVGTAMVYPEEAEPKQGRIVVFQYSDGKLQT
VAEKEVKGAVYSMVEFNGKLLASINSTVRLYEWTTEKELRTECNHYNNIMALYLKTKGDFILVGDLMRSVLLLAYKPMEG
NFEEIARDFNPNWMSAVEILDDDNFLGAENAFNLFVCQKDSAATTDEERQHLQEVGLFHLGEFVNVFCHGSLVMQNLGET
STPTQGSVLFGTVNGMIGLVTSLSESWYNLLLDMQNRLNKVIKSVGKIEHSFWRSFHTERKTEPATGFIDGDLIESFLDI
SRPKMQEVVANLQYDDGSGMKREATADDLIKVVEELTRIH
;
A,D,G
2 'polypeptide(L)'
;GGGRRQTESDWGKRCVDKFDIIGIIGEGTYGQVYKAKDKDTGELVALKKVRLDNEKEGFPITAIREIKILRQLIHRSVVN
MKEIVTDKQDALDFKKDKGAFYLVFEYMDHDLMGLLESGLVHFSEDHIKSFMKQLMEGLEYCHKKNFLHRDIKCSNILLN
NSGQIKLADFGLARLYNSEESRPY(TPO)NKVITLWYRPPELLLGEERYTPAIDVWSCGCILGELFTKKPIFQANLELAQ
LELISRLCGSPCPAVWPDVIRLPYFNTMKPKKQYRRRLREEFSFIPSAALDLLDHMLTLDPSKRCTAEQTLQSDFLKDVE
LSKMAPPDLPHWQDCHELWSKKRRRQRQ
;
B,E,H
3 'polypeptide(L)'
;GGGRMKENKENSSPSVTSANLDHTKPCWYWDKKDLAHTPSQLEGLDPATEARYRREGARFIFDVGTRLGLHYDTLATGII
YFHRFYMFHSFKQFPRYVTGACCLFLAGKVEETPKKCKDIIKTARSLLNDVQFGQFGDDPKEEVMVLERILLQTIKFDLQ
VEHPYQFLLKYAKQLKGDKNKIQKLVQMAWTFVNDSLCTTLSLQWEPEIIAVAVMYLAGRLCKFEIQEWTSKPMYRRWWE
QFVQDVPVDVLEDICHQILDLYSQGKQQMPH
;
C,F,I
#
loop_
_chem_comp.id
_chem_comp.type
_chem_comp.name
_chem_comp.formula
SO4 non-polymer 'SULFATE ION' 'O4 S -2'
T6X non-polymer (2R)-2-[[6-(5-naphthalen-1-ylpentylamino)-9-propan-2-yl-purin-2-yl]amino]butan-1-ol 'C27 H36 N6 O'
#
# COMPACT_ATOMS: atom_id res chain seq x y z
N MET A 5 31.16 -45.91 26.16
CA MET A 5 31.26 -46.77 24.94
C MET A 5 29.92 -47.50 24.73
N SER A 6 29.66 -47.95 23.51
CA SER A 6 28.43 -48.69 23.20
C SER A 6 28.77 -50.06 22.61
N TYR A 7 27.82 -50.99 22.73
CA TYR A 7 27.99 -52.37 22.35
C TYR A 7 26.80 -52.82 21.52
N ASN A 8 27.06 -53.27 20.30
CA ASN A 8 26.00 -53.67 19.39
C ASN A 8 26.42 -54.91 18.63
N TYR A 9 25.40 -55.54 18.00
CA TYR A 9 25.49 -56.83 17.33
C TYR A 9 24.77 -56.70 15.99
N VAL A 10 25.39 -57.20 14.92
CA VAL A 10 24.84 -57.05 13.58
C VAL A 10 24.86 -58.41 12.88
N VAL A 11 23.70 -58.85 12.39
CA VAL A 11 23.59 -60.14 11.71
C VAL A 11 22.81 -60.00 10.41
N THR A 12 23.04 -60.96 9.51
CA THR A 12 22.33 -61.07 8.24
C THR A 12 21.11 -61.98 8.39
N ALA A 13 19.93 -61.46 8.08
CA ALA A 13 18.73 -62.30 8.03
C ALA A 13 18.51 -62.95 6.66
N GLN A 14 18.71 -62.19 5.58
CA GLN A 14 18.71 -62.72 4.22
C GLN A 14 19.98 -62.21 3.56
N LYS A 15 20.74 -63.10 2.93
CA LYS A 15 22.02 -62.75 2.35
C LYS A 15 21.81 -61.92 1.09
N PRO A 16 22.87 -61.27 0.60
CA PRO A 16 22.76 -60.54 -0.67
C PRO A 16 22.21 -61.43 -1.77
N THR A 17 21.19 -60.93 -2.47
CA THR A 17 20.50 -61.68 -3.52
C THR A 17 20.80 -61.19 -4.92
N ALA A 18 21.42 -60.02 -5.07
CA ALA A 18 21.65 -59.45 -6.38
C ALA A 18 22.82 -60.13 -7.06
N VAL A 19 22.70 -60.36 -8.37
CA VAL A 19 23.77 -60.96 -9.15
C VAL A 19 24.69 -59.84 -9.64
N ASN A 20 25.96 -59.90 -9.23
CA ASN A 20 26.97 -58.91 -9.58
C ASN A 20 27.96 -59.41 -10.62
N GLY A 21 27.98 -60.70 -10.88
CA GLY A 21 28.80 -61.21 -11.96
C GLY A 21 28.64 -62.70 -12.15
N CYS A 22 28.87 -63.19 -13.36
CA CYS A 22 28.74 -64.61 -13.67
C CYS A 22 29.64 -64.98 -14.83
N VAL A 23 30.37 -66.08 -14.67
CA VAL A 23 31.25 -66.64 -15.67
C VAL A 23 31.00 -68.14 -15.73
N THR A 24 31.41 -68.74 -16.84
CA THR A 24 31.33 -70.18 -17.00
C THR A 24 32.70 -70.73 -17.40
N GLY A 25 32.99 -71.92 -16.91
CA GLY A 25 34.25 -72.57 -17.19
C GLY A 25 34.31 -73.91 -16.49
N HIS A 26 35.50 -74.50 -16.47
CA HIS A 26 35.72 -75.83 -15.90
C HIS A 26 36.56 -75.70 -14.63
N PHE A 27 35.89 -75.30 -13.56
CA PHE A 27 36.52 -74.96 -12.30
C PHE A 27 36.55 -76.13 -11.31
N THR A 28 35.42 -76.84 -11.15
CA THR A 28 35.38 -77.92 -10.16
C THR A 28 36.06 -79.18 -10.65
N SER A 29 36.01 -79.45 -11.95
CA SER A 29 36.67 -80.57 -12.58
C SER A 29 36.97 -80.15 -14.01
N ALA A 30 38.05 -80.69 -14.58
CA ALA A 30 38.35 -80.36 -15.97
C ALA A 30 37.24 -80.80 -16.90
N GLU A 31 36.28 -81.58 -16.39
CA GLU A 31 35.24 -82.20 -17.18
C GLU A 31 33.88 -81.49 -17.12
N ASP A 32 33.41 -81.14 -15.93
CA ASP A 32 32.10 -80.52 -15.79
C ASP A 32 32.12 -79.06 -16.24
N LEU A 33 31.00 -78.60 -16.80
CA LEU A 33 30.82 -77.18 -17.08
C LEU A 33 30.15 -76.53 -15.88
N ASN A 34 30.80 -75.53 -15.32
CA ASN A 34 30.35 -74.92 -14.08
C ASN A 34 29.85 -73.52 -14.38
N LEU A 35 28.92 -73.02 -13.57
CA LEU A 35 28.50 -71.63 -13.60
C LEU A 35 28.83 -71.03 -12.24
N LEU A 36 29.72 -70.05 -12.22
CA LEU A 36 30.07 -69.34 -11.00
C LEU A 36 29.32 -68.02 -10.98
N ILE A 37 28.44 -67.86 -10.01
CA ILE A 37 27.63 -66.67 -9.84
C ILE A 37 28.12 -65.94 -8.61
N ALA A 38 28.41 -64.64 -8.76
CA ALA A 38 28.92 -63.82 -7.66
C ALA A 38 27.81 -62.88 -7.17
N LYS A 39 27.48 -62.98 -5.90
CA LYS A 39 26.71 -61.97 -5.20
C LYS A 39 27.61 -61.26 -4.19
N ASN A 40 27.21 -60.08 -3.76
CA ASN A 40 28.12 -59.28 -2.95
C ASN A 40 28.68 -60.13 -1.82
N THR A 41 30.00 -60.32 -1.81
CA THR A 41 30.71 -61.07 -0.78
C THR A 41 30.46 -62.58 -0.84
N ARG A 42 29.54 -63.02 -1.69
CA ARG A 42 29.15 -64.43 -1.76
C ARG A 42 29.49 -65.00 -3.14
N LEU A 43 30.11 -66.19 -3.17
CA LEU A 43 30.38 -66.91 -4.40
C LEU A 43 29.58 -68.21 -4.42
N GLU A 44 28.80 -68.40 -5.47
CA GLU A 44 28.02 -69.62 -5.67
C GLU A 44 28.57 -70.40 -6.84
N ILE A 45 28.77 -71.70 -6.65
CA ILE A 45 29.29 -72.59 -7.68
C ILE A 45 28.21 -73.58 -8.05
N TYR A 46 27.94 -73.71 -9.35
CA TYR A 46 26.94 -74.64 -9.87
C TYR A 46 27.59 -75.54 -10.91
N VAL A 47 26.92 -76.64 -11.23
CA VAL A 47 27.31 -77.50 -12.35
C VAL A 47 26.14 -77.56 -13.33
N VAL A 48 26.45 -77.39 -14.60
CA VAL A 48 25.42 -77.30 -15.63
C VAL A 48 24.96 -78.71 -15.99
N THR A 49 23.66 -78.92 -15.93
CA THR A 49 23.01 -80.18 -16.29
C THR A 49 22.11 -79.93 -17.49
N ALA A 50 21.37 -80.97 -17.91
CA ALA A 50 20.42 -80.80 -18.99
C ALA A 50 19.09 -80.17 -18.57
N GLU A 51 18.80 -80.11 -17.27
CA GLU A 51 17.56 -79.49 -16.81
C GLU A 51 17.75 -78.12 -16.20
N GLY A 52 18.96 -77.80 -15.76
CA GLY A 52 19.24 -76.59 -15.04
C GLY A 52 20.57 -76.68 -14.35
N LEU A 53 20.64 -76.20 -13.12
CA LEU A 53 21.89 -76.12 -12.39
C LEU A 53 21.86 -77.02 -11.17
N ARG A 54 22.97 -77.72 -10.94
CA ARG A 54 23.12 -78.48 -9.71
C ARG A 54 24.06 -77.69 -8.81
N PRO A 55 23.59 -77.17 -7.67
CA PRO A 55 24.51 -76.48 -6.75
C PRO A 55 25.49 -77.46 -6.15
N VAL A 56 26.72 -76.99 -5.91
CA VAL A 56 27.78 -77.85 -5.39
C VAL A 56 28.45 -77.22 -4.17
N LYS A 57 28.61 -75.90 -4.17
CA LYS A 57 29.35 -75.25 -3.09
C LYS A 57 29.05 -73.77 -3.06
N GLU A 58 29.01 -73.20 -1.83
CA GLU A 58 28.95 -71.76 -1.66
C GLU A 58 29.91 -71.33 -0.56
N VAL A 59 30.69 -70.28 -0.82
CA VAL A 59 31.61 -69.74 0.17
C VAL A 59 31.34 -68.25 0.33
N GLY A 60 31.67 -67.73 1.50
CA GLY A 60 31.74 -66.30 1.72
C GLY A 60 33.18 -65.84 1.71
N MET A 61 33.39 -64.60 1.29
CA MET A 61 34.69 -63.97 1.30
C MET A 61 34.62 -62.71 2.15
N TYR A 62 35.73 -62.34 2.78
CA TYR A 62 35.74 -61.14 3.62
C TYR A 62 36.06 -59.93 2.73
N GLY A 63 35.13 -59.65 1.82
CA GLY A 63 35.31 -58.60 0.83
C GLY A 63 34.24 -58.58 -0.24
N LYS A 64 34.03 -57.41 -0.85
CA LYS A 64 33.12 -57.27 -1.99
C LYS A 64 33.84 -57.76 -3.23
N ILE A 65 33.24 -58.73 -3.93
CA ILE A 65 33.87 -59.33 -5.10
C ILE A 65 33.78 -58.32 -6.25
N ALA A 66 34.93 -57.77 -6.65
CA ALA A 66 34.98 -56.80 -7.73
C ALA A 66 35.33 -57.42 -9.08
N VAL A 67 36.31 -58.30 -9.13
CA VAL A 67 36.70 -59.01 -10.35
C VAL A 67 36.57 -60.51 -10.10
N MET A 68 35.99 -61.21 -11.07
CA MET A 68 35.89 -62.67 -11.03
C MET A 68 36.15 -63.23 -12.41
N GLU A 69 37.20 -64.06 -12.53
CA GLU A 69 37.59 -64.60 -13.83
C GLU A 69 38.17 -65.99 -13.68
N LEU A 70 37.92 -66.83 -14.67
CA LEU A 70 38.43 -68.19 -14.74
C LEU A 70 39.49 -68.27 -15.82
N PHE A 71 40.62 -68.91 -15.49
CA PHE A 71 41.74 -69.07 -16.41
C PHE A 71 42.37 -70.43 -16.15
N ARG A 72 43.07 -70.93 -17.17
CA ARG A 72 43.73 -72.24 -17.06
C ARG A 72 45.13 -72.12 -17.61
N PRO A 73 46.12 -71.88 -16.75
CA PRO A 73 47.49 -71.75 -17.24
C PRO A 73 48.04 -73.12 -17.68
N LYS A 74 48.95 -73.08 -18.66
CA LYS A 74 49.57 -74.32 -19.13
C LYS A 74 50.13 -75.09 -17.94
N GLY A 75 49.78 -76.38 -17.87
CA GLY A 75 50.19 -77.24 -16.80
C GLY A 75 49.09 -77.55 -15.81
N GLU A 76 48.01 -76.77 -15.81
CA GLU A 76 46.87 -77.04 -14.93
C GLU A 76 45.87 -77.92 -15.67
N SER A 77 45.23 -78.83 -14.94
CA SER A 77 44.21 -79.69 -15.53
C SER A 77 42.89 -78.96 -15.69
N LYS A 78 42.62 -77.98 -14.84
CA LYS A 78 41.31 -77.36 -14.76
C LYS A 78 41.47 -75.88 -14.49
N ASP A 79 40.37 -75.15 -14.62
CA ASP A 79 40.42 -73.70 -14.50
C ASP A 79 40.71 -73.28 -13.07
N LEU A 80 41.47 -72.20 -12.93
CA LEU A 80 41.68 -71.55 -11.65
C LEU A 80 40.85 -70.26 -11.62
N LEU A 81 40.57 -69.78 -10.41
CA LEU A 81 39.70 -68.64 -10.21
C LEU A 81 40.49 -67.48 -9.64
N PHE A 82 40.36 -66.33 -10.29
CA PHE A 82 40.92 -65.09 -9.78
C PHE A 82 39.79 -64.23 -9.23
N ILE A 83 40.01 -63.65 -8.06
CA ILE A 83 39.06 -62.72 -7.45
C ILE A 83 39.85 -61.55 -6.86
N LEU A 84 39.34 -60.34 -7.09
CA LEU A 84 39.88 -59.12 -6.50
C LEU A 84 38.75 -58.44 -5.75
N THR A 85 38.98 -58.10 -4.49
CA THR A 85 37.91 -57.47 -3.74
C THR A 85 37.97 -55.95 -3.94
N ALA A 86 36.89 -55.29 -3.54
CA ALA A 86 36.83 -53.84 -3.70
C ALA A 86 37.86 -53.12 -2.82
N LYS A 87 38.37 -53.77 -1.78
CA LYS A 87 39.45 -53.23 -0.96
C LYS A 87 40.82 -53.65 -1.48
N TYR A 88 40.87 -54.22 -2.69
CA TYR A 88 42.11 -54.56 -3.39
C TYR A 88 42.80 -55.79 -2.81
N ASN A 89 42.03 -56.72 -2.24
CA ASN A 89 42.56 -58.01 -1.82
C ASN A 89 42.48 -58.94 -3.01
N ALA A 90 43.63 -59.42 -3.48
CA ALA A 90 43.71 -60.32 -4.62
C ALA A 90 44.05 -61.74 -4.17
N CYS A 91 43.59 -62.72 -4.95
CA CYS A 91 43.87 -64.12 -4.65
C CYS A 91 43.58 -64.97 -5.87
N ILE A 92 44.24 -66.13 -5.94
CA ILE A 92 43.95 -67.17 -6.93
C ILE A 92 43.47 -68.40 -6.17
N LEU A 93 42.33 -68.95 -6.60
CA LEU A 93 41.65 -69.99 -5.85
C LEU A 93 41.54 -71.28 -6.68
N GLU A 94 41.56 -72.42 -5.97
CA GLU A 94 41.39 -73.72 -6.59
C GLU A 94 40.35 -74.56 -5.86
N TYR A 95 39.53 -75.27 -6.64
CA TYR A 95 38.57 -76.24 -6.13
C TYR A 95 39.25 -77.59 -5.95
N LYS A 96 39.09 -78.17 -4.77
CA LYS A 96 39.64 -79.48 -4.45
C LYS A 96 38.59 -80.28 -3.68
N GLN A 97 38.35 -81.53 -4.10
CA GLN A 97 37.32 -82.36 -3.52
C GLN A 97 37.95 -83.71 -3.15
N SER A 98 37.72 -84.13 -1.92
CA SER A 98 38.23 -85.41 -1.41
C SER A 98 37.00 -86.21 -1.01
N GLY A 99 36.44 -86.97 -1.95
CA GLY A 99 35.22 -87.68 -1.64
C GLY A 99 34.13 -86.68 -1.33
N GLU A 100 33.64 -86.75 -0.09
CA GLU A 100 32.56 -85.89 0.39
C GLU A 100 33.06 -84.53 0.88
N SER A 101 34.37 -84.35 1.06
CA SER A 101 34.93 -83.14 1.62
C SER A 101 35.28 -82.15 0.50
N ILE A 102 34.57 -81.02 0.46
CA ILE A 102 34.81 -79.97 -0.54
C ILE A 102 35.44 -78.78 0.16
N ASP A 103 36.57 -78.30 -0.36
CA ASP A 103 37.24 -77.13 0.20
C ASP A 103 37.77 -76.24 -0.94
N ILE A 104 38.05 -74.98 -0.59
CA ILE A 104 38.61 -74.01 -1.53
C ILE A 104 40.03 -73.64 -1.13
N ILE A 105 40.97 -73.83 -2.06
CA ILE A 105 42.40 -73.63 -1.82
C ILE A 105 42.76 -72.21 -2.21
N THR A 106 43.54 -71.54 -1.36
CA THR A 106 44.11 -70.23 -1.68
C THR A 106 45.51 -70.48 -2.24
N ARG A 107 45.66 -70.35 -3.56
CA ARG A 107 46.93 -70.65 -4.19
C ARG A 107 47.90 -69.48 -4.14
N ALA A 108 47.40 -68.26 -4.24
CA ALA A 108 48.23 -67.05 -4.19
C ALA A 108 47.35 -65.93 -3.64
N HIS A 109 47.98 -64.98 -2.96
CA HIS A 109 47.20 -63.89 -2.41
C HIS A 109 48.08 -62.71 -2.05
N GLY A 110 47.45 -61.54 -2.01
CA GLY A 110 48.11 -60.31 -1.61
C GLY A 110 47.18 -59.14 -1.86
N ASN A 111 47.57 -57.99 -1.33
CA ASN A 111 46.81 -56.75 -1.46
C ASN A 111 47.56 -55.84 -2.42
N VAL A 112 46.89 -55.41 -3.49
CA VAL A 112 47.54 -54.72 -4.60
C VAL A 112 47.33 -53.21 -4.56
N GLN A 113 46.88 -52.68 -3.42
CA GLN A 113 46.60 -51.25 -3.32
C GLN A 113 47.88 -50.44 -3.44
N ASP A 114 47.78 -49.30 -4.13
CA ASP A 114 48.89 -48.37 -4.27
C ASP A 114 48.78 -47.27 -3.24
N ARG A 115 49.94 -46.83 -2.72
CA ARG A 115 49.95 -45.72 -1.77
C ARG A 115 49.38 -44.45 -2.39
N ILE A 116 49.63 -44.24 -3.68
CA ILE A 116 49.18 -43.05 -4.41
C ILE A 116 48.45 -43.47 -5.67
N GLY A 117 47.26 -42.92 -5.89
CA GLY A 117 46.51 -43.18 -7.11
C GLY A 117 45.11 -42.61 -7.09
N ARG A 118 44.58 -42.27 -8.28
CA ARG A 118 43.22 -41.76 -8.34
C ARG A 118 42.30 -42.87 -8.82
N PRO A 119 41.36 -43.33 -7.99
CA PRO A 119 40.38 -44.33 -8.45
C PRO A 119 39.62 -43.88 -9.69
N SER A 120 39.46 -44.81 -10.64
CA SER A 120 38.88 -44.48 -11.94
C SER A 120 37.36 -44.38 -11.90
N GLU A 121 36.81 -43.62 -12.84
CA GLU A 121 35.36 -43.40 -12.89
C GLU A 121 34.61 -44.67 -13.24
N THR A 122 35.09 -45.41 -14.24
CA THR A 122 34.43 -46.64 -14.67
C THR A 122 34.78 -47.84 -13.79
N GLY A 123 35.40 -47.61 -12.64
CA GLY A 123 35.56 -48.66 -11.65
C GLY A 123 36.72 -49.59 -11.96
N ILE A 124 36.93 -50.54 -11.04
CA ILE A 124 37.97 -51.54 -11.22
C ILE A 124 37.64 -52.39 -12.45
N ILE A 125 38.63 -52.59 -13.31
CA ILE A 125 38.50 -53.53 -14.42
C ILE A 125 39.61 -54.56 -14.29
N GLY A 126 39.26 -55.84 -14.44
CA GLY A 126 40.23 -56.91 -14.42
C GLY A 126 40.08 -57.83 -15.61
N ILE A 127 41.18 -58.11 -16.30
CA ILE A 127 41.19 -58.97 -17.48
C ILE A 127 42.41 -59.88 -17.42
N ILE A 128 42.33 -60.99 -18.14
CA ILE A 128 43.43 -61.95 -18.18
C ILE A 128 43.78 -62.28 -19.62
N ASP A 129 45.08 -62.44 -19.86
CA ASP A 129 45.62 -62.75 -21.17
C ASP A 129 45.07 -64.06 -21.71
N PRO A 130 44.85 -64.18 -23.02
CA PRO A 130 44.42 -65.48 -23.57
C PRO A 130 45.44 -66.59 -23.35
N GLU A 131 46.74 -66.26 -23.31
CA GLU A 131 47.75 -67.26 -22.97
C GLU A 131 47.99 -67.33 -21.48
N CYS A 132 47.15 -66.69 -20.68
CA CYS A 132 47.26 -66.72 -19.21
C CYS A 132 48.69 -66.41 -18.77
N ARG A 133 49.30 -65.41 -19.40
CA ARG A 133 50.63 -64.97 -19.00
C ARG A 133 50.57 -63.92 -17.92
N MET A 134 49.48 -63.16 -17.84
CA MET A 134 49.39 -62.07 -16.87
C MET A 134 47.94 -61.72 -16.62
N ILE A 135 47.73 -61.03 -15.49
CA ILE A 135 46.44 -60.44 -15.13
C ILE A 135 46.58 -58.92 -15.27
N GLY A 136 45.66 -58.31 -16.02
CA GLY A 136 45.60 -56.86 -16.14
C GLY A 136 44.59 -56.26 -15.17
N LEU A 137 45.00 -55.20 -14.49
CA LEU A 137 44.12 -54.48 -13.58
C LEU A 137 44.14 -52.99 -13.92
N ARG A 138 42.96 -52.40 -14.05
CA ARG A 138 42.81 -50.96 -14.19
C ARG A 138 42.18 -50.45 -12.88
N LEU A 139 43.03 -50.03 -11.96
CA LEU A 139 42.56 -49.52 -10.68
C LEU A 139 42.55 -48.00 -10.61
N TYR A 140 43.56 -47.34 -11.20
CA TYR A 140 43.71 -45.90 -11.05
C TYR A 140 43.87 -45.22 -12.39
N ASP A 141 43.40 -43.97 -12.46
CA ASP A 141 43.57 -43.16 -13.65
C ASP A 141 45.06 -42.99 -13.97
N GLY A 142 45.42 -43.27 -15.22
CA GLY A 142 46.78 -43.06 -15.65
C GLY A 142 47.74 -44.20 -15.37
N LEU A 143 47.25 -45.30 -14.82
CA LEU A 143 48.10 -46.43 -14.53
C LEU A 143 47.46 -47.76 -14.91
N PHE A 144 48.30 -48.68 -15.41
CA PHE A 144 47.94 -50.05 -15.72
C PHE A 144 48.83 -50.93 -14.86
N LYS A 145 48.22 -51.80 -14.06
CA LYS A 145 48.96 -52.67 -13.14
C LYS A 145 49.02 -54.08 -13.70
N VAL A 146 50.20 -54.69 -13.66
CA VAL A 146 50.41 -56.02 -14.21
C VAL A 146 50.83 -56.95 -13.09
N ILE A 147 50.05 -58.01 -12.89
CA ILE A 147 50.46 -59.15 -12.08
C ILE A 147 50.88 -60.27 -13.05
N PRO A 148 52.18 -60.55 -13.21
CA PRO A 148 52.57 -61.66 -14.10
C PRO A 148 52.27 -63.01 -13.48
N LEU A 149 51.72 -63.91 -14.29
CA LEU A 149 51.30 -65.22 -13.79
C LEU A 149 52.42 -66.25 -13.94
N ASP A 150 53.52 -66.02 -13.22
CA ASP A 150 54.57 -67.03 -13.11
C ASP A 150 54.32 -67.90 -11.87
N ARG A 151 54.86 -69.12 -11.91
CA ARG A 151 54.66 -70.07 -10.83
C ARG A 151 55.13 -69.54 -9.48
N ASP A 152 56.12 -68.66 -9.48
CA ASP A 152 56.73 -68.24 -8.23
C ASP A 152 56.02 -67.08 -7.56
N ASN A 153 55.11 -66.40 -8.25
CA ASN A 153 54.48 -65.20 -7.72
C ASN A 153 53.31 -65.55 -6.78
N LYS A 154 53.64 -66.24 -5.69
CA LYS A 154 52.60 -66.66 -4.77
C LYS A 154 52.03 -65.48 -3.97
N GLU A 155 52.74 -64.35 -3.95
CA GLU A 155 52.27 -63.15 -3.27
C GLU A 155 51.58 -62.17 -4.20
N LEU A 156 51.47 -62.50 -5.49
CA LEU A 156 50.85 -61.63 -6.49
C LEU A 156 51.49 -60.24 -6.50
N LYS A 157 52.82 -60.20 -6.53
CA LYS A 157 53.53 -58.94 -6.69
C LYS A 157 53.30 -58.40 -8.10
N ALA A 158 53.26 -57.08 -8.21
CA ALA A 158 52.89 -56.45 -9.47
C ALA A 158 53.59 -55.11 -9.63
N PHE A 159 53.60 -54.62 -10.87
CA PHE A 159 54.20 -53.35 -11.23
C PHE A 159 53.24 -52.52 -12.07
N ASN A 160 53.49 -51.22 -12.11
CA ASN A 160 52.65 -50.28 -12.83
C ASN A 160 53.37 -49.76 -14.06
N ILE A 161 52.65 -49.72 -15.18
CA ILE A 161 53.11 -49.10 -16.42
C ILE A 161 52.39 -47.77 -16.56
N ARG A 162 53.14 -46.72 -16.86
CA ARG A 162 52.50 -45.42 -17.05
C ARG A 162 51.59 -45.48 -18.28
N LEU A 163 50.38 -44.94 -18.14
CA LEU A 163 49.38 -44.90 -19.20
C LEU A 163 49.07 -43.45 -19.50
N GLU A 164 49.32 -43.03 -20.74
CA GLU A 164 49.08 -41.64 -21.10
C GLU A 164 47.59 -41.31 -21.06
N GLU A 165 46.74 -42.24 -21.48
CA GLU A 165 45.30 -41.99 -21.59
C GLU A 165 44.67 -42.09 -20.19
N LEU A 166 44.36 -40.94 -19.60
CA LEU A 166 43.92 -40.92 -18.21
C LEU A 166 42.51 -41.48 -18.04
N HIS A 167 41.61 -41.16 -18.96
CA HIS A 167 40.21 -41.58 -18.85
C HIS A 167 39.95 -42.77 -19.77
N VAL A 168 39.94 -43.97 -19.19
CA VAL A 168 39.71 -45.21 -19.90
C VAL A 168 38.31 -45.71 -19.60
N ILE A 169 37.56 -46.03 -20.65
CA ILE A 169 36.20 -46.52 -20.49
C ILE A 169 36.20 -48.02 -20.24
N ASP A 170 36.88 -48.80 -21.09
CA ASP A 170 36.91 -50.25 -20.94
C ASP A 170 38.12 -50.79 -21.68
N VAL A 171 38.60 -51.97 -21.25
CA VAL A 171 39.76 -52.61 -21.85
C VAL A 171 39.60 -54.12 -21.83
N LYS A 172 40.18 -54.76 -22.84
CA LYS A 172 40.23 -56.21 -22.95
C LYS A 172 41.56 -56.63 -23.54
N PHE A 173 41.96 -57.87 -23.27
CA PHE A 173 43.11 -58.46 -23.95
C PHE A 173 42.63 -59.03 -25.27
N LEU A 174 43.27 -58.63 -26.37
CA LEU A 174 42.83 -59.09 -27.68
C LEU A 174 43.34 -60.50 -27.96
N TYR A 175 42.74 -61.14 -28.96
CA TYR A 175 43.09 -62.49 -29.38
C TYR A 175 43.91 -62.41 -30.68
N GLY A 176 44.80 -63.37 -30.87
CA GLY A 176 45.49 -63.49 -32.14
C GLY A 176 46.72 -62.64 -32.32
N CYS A 177 47.26 -62.09 -31.24
CA CYS A 177 48.42 -61.22 -31.31
C CYS A 177 49.73 -61.95 -31.02
N GLN A 178 50.82 -61.41 -31.58
CA GLN A 178 52.13 -61.99 -31.40
C GLN A 178 52.63 -61.81 -29.96
N ALA A 179 52.22 -60.72 -29.32
CA ALA A 179 52.46 -60.44 -27.91
C ALA A 179 51.16 -60.10 -27.22
N PRO A 180 51.12 -60.17 -25.89
CA PRO A 180 49.92 -59.71 -25.18
C PRO A 180 49.56 -58.27 -25.57
N THR A 181 48.30 -58.07 -25.95
CA THR A 181 47.84 -56.79 -26.48
C THR A 181 46.54 -56.38 -25.80
N ILE A 182 46.44 -55.10 -25.45
CA ILE A 182 45.25 -54.55 -24.83
C ILE A 182 44.54 -53.65 -25.84
N CYS A 183 43.20 -53.66 -25.79
CA CYS A 183 42.37 -52.77 -26.60
C CYS A 183 41.51 -51.98 -25.63
N PHE A 184 41.61 -50.65 -25.65
CA PHE A 184 40.88 -49.83 -24.69
C PHE A 184 40.29 -48.61 -25.39
N VAL A 185 39.07 -48.28 -24.99
CA VAL A 185 38.42 -47.02 -25.37
C VAL A 185 38.71 -45.97 -24.31
N TYR A 186 39.16 -44.80 -24.74
CA TYR A 186 39.52 -43.71 -23.84
C TYR A 186 38.77 -42.46 -24.27
N GLN A 187 38.58 -41.55 -23.32
CA GLN A 187 37.88 -40.30 -23.56
C GLN A 187 38.80 -39.15 -23.19
N ASP A 188 39.03 -38.26 -24.14
CA ASP A 188 39.78 -37.03 -23.97
C ASP A 188 38.91 -35.93 -24.53
N PRO A 189 39.37 -34.68 -24.55
CA PRO A 189 38.49 -33.58 -24.99
C PRO A 189 38.02 -33.72 -26.44
N GLN A 190 38.70 -34.49 -27.28
CA GLN A 190 38.31 -34.59 -28.68
C GLN A 190 37.28 -35.69 -28.89
N GLY A 191 36.81 -36.33 -27.83
CA GLY A 191 35.90 -37.45 -27.94
C GLY A 191 36.57 -38.75 -27.52
N ARG A 192 35.82 -39.83 -27.63
CA ARG A 192 36.32 -41.14 -27.27
C ARG A 192 36.95 -41.78 -28.49
N HIS A 193 37.98 -42.58 -28.25
CA HIS A 193 38.73 -43.24 -29.32
C HIS A 193 39.03 -44.66 -28.88
N VAL A 194 39.42 -45.50 -29.84
CA VAL A 194 39.82 -46.88 -29.57
C VAL A 194 41.29 -47.02 -29.96
N LYS A 195 42.10 -47.53 -29.04
CA LYS A 195 43.54 -47.65 -29.23
C LYS A 195 44.02 -49.02 -28.78
N THR A 196 45.21 -49.41 -29.26
CA THR A 196 45.85 -50.65 -28.84
C THR A 196 47.30 -50.37 -28.44
N TYR A 197 47.70 -50.99 -27.32
CA TYR A 197 49.08 -51.04 -26.84
C TYR A 197 49.46 -52.50 -26.65
N GLU A 198 50.77 -52.78 -26.68
CA GLU A 198 51.30 -54.10 -26.36
C GLU A 198 52.00 -54.05 -25.00
N VAL A 199 52.05 -55.20 -24.32
CA VAL A 199 52.54 -55.28 -22.95
C VAL A 199 53.76 -56.19 -22.90
N SER A 200 54.88 -55.66 -22.42
CA SER A 200 56.14 -56.39 -22.33
C SER A 200 56.51 -56.66 -20.88
N LEU A 201 56.42 -57.94 -20.48
CA LEU A 201 56.85 -58.34 -19.14
C LEU A 201 58.36 -58.19 -18.96
N ARG A 202 59.14 -58.41 -20.02
CA ARG A 202 60.58 -58.29 -19.93
C ARG A 202 61.00 -56.83 -19.74
N GLU A 203 60.46 -55.93 -20.56
CA GLU A 203 60.77 -54.51 -20.46
C GLU A 203 59.92 -53.79 -19.41
N LYS A 204 58.77 -54.35 -19.03
CA LYS A 204 57.89 -53.73 -18.03
C LYS A 204 57.44 -52.35 -18.52
N GLU A 205 56.99 -52.30 -19.78
CA GLU A 205 56.44 -51.08 -20.37
C GLU A 205 55.53 -51.46 -21.54
N PHE A 206 54.89 -50.44 -22.13
CA PHE A 206 54.08 -50.59 -23.33
C PHE A 206 54.93 -50.37 -24.56
N ASN A 207 54.65 -51.13 -25.63
CA ASN A 207 55.24 -50.91 -26.94
C ASN A 207 54.14 -50.62 -27.94
N LYS A 208 54.52 -50.09 -29.10
CA LYS A 208 53.51 -49.68 -30.08
C LYS A 208 52.57 -50.83 -30.40
N GLY A 209 51.29 -50.52 -30.56
CA GLY A 209 50.27 -51.53 -30.72
C GLY A 209 50.02 -51.93 -32.16
N PRO A 210 49.25 -53.01 -32.37
CA PRO A 210 49.03 -53.47 -33.75
C PRO A 210 48.31 -52.46 -34.62
N TRP A 211 47.20 -51.90 -34.16
CA TRP A 211 46.46 -50.95 -34.97
C TRP A 211 45.93 -49.81 -34.11
N LYS A 212 45.85 -48.62 -34.68
CA LYS A 212 45.36 -47.45 -33.96
C LYS A 212 44.29 -46.84 -34.85
N GLN A 213 43.08 -46.72 -34.31
CA GLN A 213 41.95 -46.06 -34.95
C GLN A 213 41.36 -45.10 -33.96
N GLU A 214 40.53 -44.19 -34.45
CA GLU A 214 40.00 -43.16 -33.58
C GLU A 214 38.53 -42.99 -33.87
N ASN A 215 37.98 -41.89 -33.36
CA ASN A 215 36.65 -41.44 -33.73
C ASN A 215 35.61 -42.54 -33.61
N VAL A 216 35.55 -43.15 -32.43
CA VAL A 216 34.51 -44.11 -32.14
C VAL A 216 33.40 -43.30 -31.49
N GLU A 217 32.21 -43.90 -31.41
CA GLU A 217 31.05 -43.18 -30.91
C GLU A 217 31.35 -42.47 -29.60
N ALA A 218 30.70 -41.32 -29.40
CA ALA A 218 30.93 -40.54 -28.19
C ALA A 218 30.57 -41.31 -26.94
N GLU A 219 29.58 -42.20 -27.03
CA GLU A 219 29.15 -43.02 -25.90
C GLU A 219 29.53 -44.49 -26.06
N ALA A 220 30.66 -44.76 -26.72
CA ALA A 220 31.22 -46.11 -26.78
C ALA A 220 31.41 -46.67 -25.37
N SER A 221 30.75 -47.79 -25.07
CA SER A 221 30.67 -48.30 -23.71
C SER A 221 31.47 -49.57 -23.44
N MET A 222 31.49 -50.55 -24.35
CA MET A 222 32.05 -51.85 -24.02
C MET A 222 32.93 -52.36 -25.14
N VAL A 223 33.95 -53.13 -24.76
CA VAL A 223 34.92 -53.71 -25.68
C VAL A 223 34.77 -55.24 -25.64
N ILE A 224 34.68 -55.84 -26.83
CA ILE A 224 34.61 -57.29 -26.98
C ILE A 224 35.86 -57.76 -27.72
N ALA A 225 36.57 -58.73 -27.15
CA ALA A 225 37.74 -59.34 -27.79
C ALA A 225 37.24 -60.55 -28.57
N VAL A 226 37.16 -60.43 -29.89
CA VAL A 226 36.61 -61.50 -30.73
C VAL A 226 37.62 -62.63 -30.84
N PRO A 227 37.18 -63.90 -30.83
CA PRO A 227 38.14 -65.03 -30.84
C PRO A 227 38.90 -65.19 -32.15
N GLU A 228 39.81 -66.17 -32.16
CA GLU A 228 40.79 -66.25 -33.23
C GLU A 228 40.23 -66.36 -34.63
N PRO A 229 39.11 -67.04 -34.89
CA PRO A 229 38.66 -67.15 -36.28
C PRO A 229 38.55 -65.79 -36.98
N PHE A 230 38.08 -64.78 -36.27
CA PHE A 230 37.95 -63.43 -36.80
C PHE A 230 39.09 -62.51 -36.37
N GLY A 231 39.41 -62.50 -35.07
CA GLY A 231 40.37 -61.59 -34.52
C GLY A 231 39.82 -60.18 -34.37
N GLY A 232 40.58 -59.35 -33.68
CA GLY A 232 40.17 -57.97 -33.54
C GLY A 232 39.20 -57.76 -32.38
N ALA A 233 38.39 -56.69 -32.49
CA ALA A 233 37.49 -56.30 -31.41
C ALA A 233 36.20 -55.71 -31.97
N ILE A 234 35.14 -55.78 -31.15
CA ILE A 234 33.86 -55.13 -31.40
C ILE A 234 33.64 -54.08 -30.32
N ILE A 235 33.10 -52.92 -30.72
CA ILE A 235 32.86 -51.80 -29.81
C ILE A 235 31.36 -51.52 -29.82
N ILE A 236 30.74 -51.63 -28.64
CA ILE A 236 29.30 -51.44 -28.49
C ILE A 236 29.05 -50.04 -27.96
N GLY A 237 28.13 -49.32 -28.59
CA GLY A 237 27.77 -47.98 -28.14
C GLY A 237 26.29 -47.79 -27.81
N GLN A 238 25.80 -46.56 -27.90
CA GLN A 238 24.38 -46.28 -27.78
C GLN A 238 23.65 -46.44 -29.11
N GLU A 239 24.27 -45.99 -30.20
CA GLU A 239 23.64 -46.08 -31.52
C GLU A 239 24.31 -47.06 -32.47
N SER A 240 25.59 -47.37 -32.29
CA SER A 240 26.29 -48.18 -33.28
C SER A 240 27.15 -49.27 -32.63
N ILE A 241 27.33 -50.36 -33.37
CA ILE A 241 28.24 -51.45 -33.03
C ILE A 241 29.26 -51.52 -34.15
N THR A 242 30.53 -51.47 -33.80
CA THR A 242 31.59 -51.43 -34.79
C THR A 242 32.61 -52.54 -34.52
N TYR A 243 33.27 -52.97 -35.58
CA TYR A 243 34.31 -53.97 -35.50
C TYR A 243 35.61 -53.37 -36.03
N HIS A 244 36.66 -53.48 -35.24
CA HIS A 244 37.98 -52.97 -35.60
C HIS A 244 38.99 -54.11 -35.53
N ASN A 245 39.60 -54.42 -36.68
CA ASN A 245 40.77 -55.28 -36.71
C ASN A 245 41.70 -54.75 -37.79
N GLY A 246 42.87 -54.28 -37.38
CA GLY A 246 43.81 -53.76 -38.35
C GLY A 246 43.20 -52.71 -39.25
N ASP A 247 43.21 -52.98 -40.55
CA ASP A 247 42.60 -52.07 -41.53
C ASP A 247 41.09 -52.28 -41.63
N LYS A 248 40.61 -53.50 -41.39
CA LYS A 248 39.19 -53.82 -41.50
C LYS A 248 38.38 -52.99 -40.51
N TYR A 249 37.31 -52.37 -41.01
CA TYR A 249 36.37 -51.62 -40.19
C TYR A 249 34.95 -51.85 -40.70
N LEU A 250 34.09 -52.35 -39.82
CA LEU A 250 32.68 -52.58 -40.13
C LEU A 250 31.85 -51.88 -39.06
N ALA A 251 30.72 -51.32 -39.46
CA ALA A 251 29.85 -50.58 -38.55
C ALA A 251 28.39 -50.85 -38.91
N ILE A 252 27.62 -51.25 -37.91
CA ILE A 252 26.18 -51.45 -38.05
C ILE A 252 25.49 -50.49 -37.10
N ALA A 253 24.47 -49.79 -37.59
CA ALA A 253 23.73 -48.80 -36.80
C ALA A 253 22.24 -49.07 -36.94
N PRO A 254 21.77 -50.21 -36.43
CA PRO A 254 20.35 -50.54 -36.56
C PRO A 254 19.52 -49.70 -35.61
N PRO A 255 18.38 -49.15 -36.07
CA PRO A 255 17.62 -48.26 -35.18
C PRO A 255 17.10 -48.92 -33.91
N ILE A 256 17.10 -50.25 -33.83
CA ILE A 256 16.42 -50.90 -32.71
C ILE A 256 17.20 -50.69 -31.41
N ILE A 257 18.53 -50.68 -31.47
CA ILE A 257 19.31 -50.55 -30.25
C ILE A 257 19.34 -49.11 -29.71
N LYS A 258 19.08 -48.10 -30.54
CA LYS A 258 19.09 -46.72 -30.05
C LYS A 258 18.08 -46.53 -28.92
N GLN A 259 17.01 -47.32 -28.90
CA GLN A 259 15.95 -47.12 -27.93
C GLN A 259 16.39 -47.35 -26.50
N SER A 260 17.29 -48.30 -26.26
CA SER A 260 17.69 -48.62 -24.90
C SER A 260 19.16 -48.98 -24.85
N THR A 261 19.84 -48.46 -23.83
CA THR A 261 21.27 -48.66 -23.68
C THR A 261 21.60 -50.13 -23.45
N ILE A 262 22.59 -50.64 -24.17
CA ILE A 262 23.08 -52.01 -24.01
C ILE A 262 24.13 -52.05 -22.92
N VAL A 263 23.97 -52.97 -21.97
CA VAL A 263 24.83 -53.00 -20.80
C VAL A 263 25.64 -54.29 -20.65
N CYS A 264 25.28 -55.41 -21.28
CA CYS A 264 25.99 -56.65 -21.05
C CYS A 264 26.21 -57.41 -22.35
N HIS A 265 27.25 -58.26 -22.35
CA HIS A 265 27.61 -59.02 -23.55
C HIS A 265 28.19 -60.36 -23.10
N ASN A 266 28.01 -61.37 -23.96
CA ASN A 266 28.58 -62.68 -23.71
C ASN A 266 28.77 -63.36 -25.07
N ARG A 267 29.73 -64.26 -25.15
CA ARG A 267 30.01 -65.01 -26.38
C ARG A 267 29.22 -66.31 -26.39
N VAL A 268 28.50 -66.55 -27.48
CA VAL A 268 27.71 -67.78 -27.63
C VAL A 268 28.58 -68.87 -28.23
N ASP A 269 29.04 -68.64 -29.46
CA ASP A 269 29.81 -69.62 -30.20
C ASP A 269 31.30 -69.39 -29.95
N PRO A 270 32.05 -70.38 -29.47
CA PRO A 270 33.49 -70.14 -29.26
C PRO A 270 34.24 -69.61 -30.48
N ASN A 271 33.79 -69.88 -31.71
CA ASN A 271 34.45 -69.28 -32.87
C ASN A 271 34.24 -67.77 -32.94
N GLY A 272 33.29 -67.23 -32.18
CA GLY A 272 32.97 -65.83 -32.23
C GLY A 272 31.88 -65.44 -33.21
N SER A 273 31.20 -66.42 -33.80
CA SER A 273 30.18 -66.12 -34.80
C SER A 273 28.99 -65.42 -34.17
N ARG A 274 28.66 -65.73 -32.92
CA ARG A 274 27.46 -65.20 -32.30
C ARG A 274 27.72 -64.73 -30.88
N TYR A 275 27.13 -63.58 -30.55
CA TYR A 275 27.20 -62.97 -29.22
C TYR A 275 25.80 -62.60 -28.76
N LEU A 276 25.60 -62.58 -27.45
CA LEU A 276 24.38 -62.04 -26.86
C LEU A 276 24.62 -60.62 -26.38
N LEU A 277 23.59 -59.78 -26.53
CA LEU A 277 23.60 -58.40 -26.03
C LEU A 277 22.29 -58.17 -25.29
N GLY A 278 22.37 -57.46 -24.17
CA GLY A 278 21.19 -57.09 -23.42
C GLY A 278 21.17 -55.60 -23.14
N ASP A 279 19.96 -55.06 -22.99
CA ASP A 279 19.79 -53.62 -22.80
C ASP A 279 18.92 -53.35 -21.59
N MET A 280 18.92 -52.07 -21.17
CA MET A 280 18.34 -51.72 -19.88
C MET A 280 16.83 -51.94 -19.83
N GLU A 281 16.15 -51.93 -20.98
CA GLU A 281 14.70 -52.18 -21.01
C GLU A 281 14.38 -53.67 -21.01
N GLY A 282 15.39 -54.52 -20.82
CA GLY A 282 15.18 -55.94 -20.72
C GLY A 282 15.21 -56.72 -22.01
N ARG A 283 15.57 -56.09 -23.13
CA ARG A 283 15.62 -56.80 -24.39
C ARG A 283 16.91 -57.61 -24.50
N LEU A 284 16.80 -58.76 -25.17
CA LEU A 284 17.93 -59.64 -25.42
C LEU A 284 18.12 -59.75 -26.93
N PHE A 285 19.33 -59.43 -27.39
CA PHE A 285 19.65 -59.47 -28.80
C PHE A 285 20.68 -60.55 -29.10
N MET A 286 20.75 -60.95 -30.36
CA MET A 286 21.81 -61.80 -30.88
C MET A 286 22.66 -60.98 -31.85
N LEU A 287 23.96 -60.89 -31.59
CA LEU A 287 24.89 -60.25 -32.51
C LEU A 287 25.53 -61.37 -33.33
N LEU A 288 25.35 -61.31 -34.65
CA LEU A 288 25.79 -62.36 -35.55
C LEU A 288 26.93 -61.84 -36.42
N LEU A 289 28.04 -62.59 -36.45
CA LEU A 289 29.18 -62.29 -37.31
C LEU A 289 29.14 -63.21 -38.52
N GLU A 290 28.99 -62.62 -39.70
CA GLU A 290 28.83 -63.34 -40.96
C GLU A 290 30.20 -63.60 -41.56
N LYS A 291 30.55 -64.87 -41.75
CA LYS A 291 31.87 -65.22 -42.27
C LYS A 291 31.87 -65.23 -43.79
N GLU A 292 32.94 -64.69 -44.37
CA GLU A 292 33.22 -64.78 -45.79
C GLU A 292 34.62 -65.35 -45.95
N GLU A 293 34.73 -66.58 -46.45
CA GLU A 293 36.04 -67.18 -46.68
C GLU A 293 36.50 -66.89 -48.10
N GLN A 294 37.75 -66.45 -48.24
CA GLN A 294 38.34 -66.20 -49.54
C GLN A 294 38.98 -67.46 -50.10
N MET A 295 39.18 -67.47 -51.42
CA MET A 295 39.85 -68.60 -52.04
C MET A 295 41.27 -68.76 -51.52
N ASP A 296 41.79 -67.73 -50.83
CA ASP A 296 43.11 -67.82 -50.19
C ASP A 296 43.17 -68.89 -49.09
N GLY A 297 42.02 -69.34 -48.61
CA GLY A 297 41.92 -70.11 -47.39
C GLY A 297 41.69 -69.32 -46.11
N THR A 298 41.72 -68.00 -46.17
CA THR A 298 41.46 -67.15 -45.00
C THR A 298 39.98 -66.79 -44.87
N VAL A 299 39.54 -66.58 -43.64
CA VAL A 299 38.16 -66.19 -43.34
C VAL A 299 38.20 -64.75 -42.85
N THR A 300 37.34 -63.91 -43.42
CA THR A 300 37.21 -62.53 -43.02
C THR A 300 35.77 -62.27 -42.60
N LEU A 301 35.58 -61.26 -41.75
CA LEU A 301 34.25 -60.88 -41.29
C LEU A 301 33.59 -60.07 -42.40
N LYS A 302 32.41 -60.52 -42.84
CA LYS A 302 31.72 -59.86 -43.95
C LYS A 302 30.82 -58.73 -43.48
N ASP A 303 30.00 -58.97 -42.46
CA ASP A 303 29.04 -57.96 -42.04
C ASP A 303 28.66 -58.25 -40.60
N LEU A 304 28.03 -57.26 -39.95
CA LEU A 304 27.50 -57.40 -38.60
C LEU A 304 25.98 -57.26 -38.70
N ARG A 305 25.27 -58.08 -37.92
CA ARG A 305 23.81 -58.11 -37.92
C ARG A 305 23.34 -58.22 -36.47
N VAL A 306 22.21 -57.58 -36.19
CA VAL A 306 21.59 -57.65 -34.88
C VAL A 306 20.16 -58.13 -35.05
N GLU A 307 19.78 -59.14 -34.26
CA GLU A 307 18.45 -59.72 -34.32
C GLU A 307 17.86 -59.75 -32.91
N LEU A 308 16.61 -59.29 -32.77
CA LEU A 308 15.94 -59.27 -31.48
C LEU A 308 15.36 -60.65 -31.16
N LEU A 309 15.72 -61.18 -29.98
CA LEU A 309 15.26 -62.50 -29.56
C LEU A 309 13.99 -62.46 -28.70
N GLY A 310 13.92 -61.52 -27.76
CA GLY A 310 12.80 -61.48 -26.84
C GLY A 310 13.09 -60.58 -25.66
N GLU A 311 12.51 -60.93 -24.51
CA GLU A 311 12.68 -60.13 -23.31
C GLU A 311 13.20 -61.00 -22.18
N THR A 312 14.11 -60.44 -21.38
CA THR A 312 14.63 -61.04 -20.17
C THR A 312 14.44 -60.05 -19.01
N SER A 313 14.88 -60.42 -17.81
CA SER A 313 14.96 -59.43 -16.75
C SER A 313 16.10 -58.46 -17.05
N ILE A 314 15.99 -57.23 -16.54
CA ILE A 314 17.04 -56.23 -16.76
C ILE A 314 18.34 -56.83 -16.23
N ALA A 315 19.26 -57.19 -17.12
CA ALA A 315 20.38 -58.06 -16.76
C ALA A 315 21.64 -57.28 -16.47
N GLU A 316 22.31 -57.62 -15.35
CA GLU A 316 23.67 -57.14 -15.11
C GLU A 316 24.72 -57.97 -15.84
N CYS A 317 24.56 -59.29 -15.87
CA CYS A 317 25.49 -60.16 -16.56
C CYS A 317 24.70 -61.25 -17.28
N LEU A 318 25.23 -61.71 -18.42
CA LEU A 318 24.68 -62.83 -19.18
C LEU A 318 25.74 -63.91 -19.36
N THR A 319 25.29 -65.16 -19.36
CA THR A 319 26.14 -66.32 -19.59
C THR A 319 25.38 -67.31 -20.45
N TYR A 320 26.02 -67.77 -21.52
CA TYR A 320 25.34 -68.64 -22.49
C TYR A 320 25.18 -70.08 -22.03
N LEU A 321 26.02 -70.60 -21.15
CA LEU A 321 25.88 -71.99 -20.68
C LEU A 321 25.88 -72.91 -21.90
N ASP A 322 24.96 -73.87 -21.98
CA ASP A 322 24.93 -74.82 -23.08
C ASP A 322 23.51 -74.97 -23.62
N ASN A 323 23.39 -75.72 -24.71
CA ASN A 323 22.11 -75.99 -25.36
C ASN A 323 21.56 -74.62 -25.73
N GLY A 324 20.31 -74.29 -25.45
CA GLY A 324 19.75 -72.97 -25.66
C GLY A 324 19.51 -72.30 -24.33
N VAL A 325 20.17 -72.75 -23.26
CA VAL A 325 19.90 -72.21 -21.94
C VAL A 325 20.86 -71.06 -21.67
N VAL A 326 20.31 -69.91 -21.30
CA VAL A 326 21.08 -68.70 -21.01
C VAL A 326 20.75 -68.31 -19.58
N PHE A 327 21.76 -67.88 -18.83
CA PHE A 327 21.54 -67.43 -17.48
C PHE A 327 21.49 -65.91 -17.45
N VAL A 328 20.35 -65.37 -17.02
CA VAL A 328 20.15 -63.93 -16.94
C VAL A 328 20.42 -63.54 -15.49
N GLY A 329 21.65 -63.10 -15.21
CA GLY A 329 21.98 -62.61 -13.90
C GLY A 329 21.54 -61.17 -13.70
N SER A 330 20.66 -60.92 -12.75
CA SER A 330 20.02 -59.62 -12.63
C SER A 330 20.29 -58.99 -11.28
N ARG A 331 20.50 -57.67 -11.31
CA ARG A 331 20.74 -56.85 -10.13
C ARG A 331 19.53 -56.02 -9.73
N LEU A 332 18.61 -55.78 -10.67
CA LEU A 332 17.45 -54.92 -10.44
C LEU A 332 16.15 -55.71 -10.35
N GLY A 333 16.14 -56.93 -10.86
CA GLY A 333 14.97 -57.79 -10.81
C GLY A 333 15.40 -59.22 -10.57
N ASP A 334 14.50 -60.16 -10.81
CA ASP A 334 14.80 -61.55 -10.52
C ASP A 334 15.78 -62.10 -11.54
N SER A 335 16.79 -62.82 -11.04
CA SER A 335 17.70 -63.55 -11.92
C SER A 335 16.96 -64.73 -12.53
N GLN A 336 17.43 -65.18 -13.70
CA GLN A 336 16.60 -66.07 -14.49
C GLN A 336 17.43 -67.07 -15.28
N LEU A 337 16.74 -68.16 -15.67
CA LEU A 337 17.22 -69.12 -16.65
C LEU A 337 16.20 -69.15 -17.78
N VAL A 338 16.64 -68.79 -18.99
CA VAL A 338 15.74 -68.71 -20.14
C VAL A 338 16.29 -69.57 -21.26
N LYS A 339 15.39 -70.17 -22.04
CA LYS A 339 15.78 -71.00 -23.17
C LYS A 339 15.51 -70.27 -24.48
N LEU A 340 16.52 -70.28 -25.35
CA LEU A 340 16.42 -69.68 -26.67
C LEU A 340 16.02 -70.76 -27.68
N ASN A 341 14.93 -70.51 -28.41
CA ASN A 341 14.42 -71.47 -29.36
C ASN A 341 14.78 -71.03 -30.77
N VAL A 342 14.92 -72.01 -31.67
CA VAL A 342 15.19 -71.70 -33.07
C VAL A 342 13.95 -71.12 -33.73
N ASP A 343 12.77 -71.66 -33.40
CA ASP A 343 11.51 -71.16 -33.91
C ASP A 343 10.90 -70.21 -32.89
N SER A 344 10.35 -69.11 -33.40
CA SER A 344 9.66 -68.15 -32.56
C SER A 344 8.29 -68.70 -32.14
N ASN A 345 7.80 -68.20 -31.02
CA ASN A 345 6.46 -68.59 -30.59
C ASN A 345 5.45 -67.71 -31.33
N GLU A 346 4.17 -67.87 -31.03
CA GLU A 346 3.13 -67.16 -31.76
C GLU A 346 3.15 -65.66 -31.53
N GLN A 347 3.88 -65.18 -30.52
CA GLN A 347 4.00 -63.76 -30.26
C GLN A 347 5.24 -63.17 -30.95
N GLY A 348 6.04 -64.00 -31.60
CA GLY A 348 7.27 -63.56 -32.24
C GLY A 348 8.52 -63.69 -31.40
N SER A 349 8.43 -64.27 -30.22
CA SER A 349 9.56 -64.37 -29.31
C SER A 349 10.26 -65.71 -29.43
N TYR A 350 11.59 -65.67 -29.32
CA TYR A 350 12.40 -66.88 -29.28
C TYR A 350 12.83 -67.25 -27.86
N VAL A 351 12.38 -66.51 -26.86
CA VAL A 351 12.85 -66.67 -25.48
C VAL A 351 11.68 -67.14 -24.64
N VAL A 352 11.89 -68.23 -23.89
CA VAL A 352 10.85 -68.83 -23.06
C VAL A 352 11.46 -69.08 -21.68
N ALA A 353 10.85 -68.51 -20.65
CA ALA A 353 11.38 -68.60 -19.30
C ALA A 353 11.37 -70.03 -18.81
N MET A 354 12.43 -70.42 -18.12
CA MET A 354 12.52 -71.74 -17.49
C MET A 354 12.35 -71.66 -15.97
N GLU A 355 13.24 -70.93 -15.30
CA GLU A 355 13.24 -70.83 -13.85
C GLU A 355 13.43 -69.38 -13.46
N THR A 356 12.88 -69.02 -12.31
CA THR A 356 12.99 -67.67 -11.77
C THR A 356 13.60 -67.76 -10.37
N PHE A 357 14.72 -67.07 -10.19
CA PHE A 357 15.46 -67.07 -8.92
C PHE A 357 15.26 -65.73 -8.25
N THR A 358 14.79 -65.76 -7.00
CA THR A 358 14.34 -64.56 -6.32
C THR A 358 15.49 -63.58 -6.07
N ASN A 359 15.23 -62.32 -6.40
CA ASN A 359 16.15 -61.21 -6.11
C ASN A 359 15.34 -60.13 -5.41
N LEU A 360 15.63 -59.90 -4.12
CA LEU A 360 14.98 -58.77 -3.46
C LEU A 360 15.40 -57.44 -4.08
N GLY A 361 16.41 -57.45 -4.95
CA GLY A 361 16.74 -56.31 -5.77
C GLY A 361 17.01 -55.11 -4.91
N PRO A 362 16.99 -53.92 -5.51
CA PRO A 362 17.09 -52.69 -4.71
C PRO A 362 15.91 -52.61 -3.74
N ILE A 363 16.21 -52.47 -2.45
CA ILE A 363 15.17 -52.24 -1.44
C ILE A 363 15.15 -50.73 -1.19
N VAL A 364 14.24 -50.03 -1.87
CA VAL A 364 14.18 -48.57 -1.72
C VAL A 364 13.65 -48.18 -0.35
N ASP A 365 12.66 -48.92 0.14
CA ASP A 365 12.04 -48.64 1.43
C ASP A 365 11.37 -49.92 1.88
N MET A 366 10.96 -49.94 3.16
CA MET A 366 10.24 -51.09 3.67
C MET A 366 9.53 -50.71 4.97
N CYS A 367 8.47 -51.42 5.29
CA CYS A 367 7.75 -51.25 6.55
C CYS A 367 7.47 -52.63 7.14
N VAL A 368 7.48 -52.71 8.46
CA VAL A 368 7.18 -53.95 9.16
C VAL A 368 5.77 -53.87 9.73
N VAL A 369 4.91 -54.79 9.32
CA VAL A 369 3.52 -54.85 9.71
C VAL A 369 3.15 -56.31 9.92
N ASP A 370 2.34 -56.57 10.95
CA ASP A 370 1.83 -57.92 11.24
C ASP A 370 0.45 -58.05 10.60
N LEU A 371 0.42 -58.59 9.38
CA LEU A 371 -0.83 -58.62 8.61
C LEU A 371 -1.84 -59.63 9.17
N GLU A 372 -1.38 -60.84 9.51
CA GLU A 372 -2.22 -61.94 9.99
C GLU A 372 -2.42 -61.97 11.50
N ARG A 373 -1.89 -60.98 12.24
CA ARG A 373 -2.01 -60.91 13.69
C ARG A 373 -1.28 -62.05 14.40
N GLN A 374 -0.27 -62.65 13.73
CA GLN A 374 0.56 -63.71 14.27
C GLN A 374 1.55 -63.23 15.34
N GLY A 375 1.40 -62.02 15.88
CA GLY A 375 2.34 -61.49 16.86
C GLY A 375 3.79 -61.66 16.46
N GLN A 376 4.03 -61.82 15.16
CA GLN A 376 5.37 -62.05 14.62
C GLN A 376 5.91 -60.83 13.88
N GLY A 377 5.37 -60.55 12.71
CA GLY A 377 5.79 -59.45 11.88
C GLY A 377 6.10 -59.91 10.47
N GLN A 378 5.69 -59.10 9.52
CA GLN A 378 5.96 -59.31 8.11
C GLN A 378 6.70 -58.08 7.61
N LEU A 379 7.50 -58.25 6.56
CA LEU A 379 8.27 -57.18 5.97
C LEU A 379 7.77 -57.02 4.56
N VAL A 380 7.14 -55.89 4.28
CA VAL A 380 6.68 -55.54 2.95
C VAL A 380 7.72 -54.54 2.43
N THR A 381 8.49 -54.94 1.44
CA THR A 381 9.61 -54.14 0.94
C THR A 381 9.26 -53.54 -0.41
N CYS A 382 9.76 -52.33 -0.62
CA CYS A 382 9.72 -51.68 -1.93
C CYS A 382 10.98 -52.14 -2.65
N SER A 383 10.85 -53.15 -3.50
CA SER A 383 11.98 -53.80 -4.13
C SER A 383 11.84 -53.74 -5.65
N GLY A 384 12.98 -53.61 -6.31
CA GLY A 384 13.07 -53.63 -7.76
C GLY A 384 13.06 -52.25 -8.38
N ALA A 385 13.27 -52.24 -9.70
CA ALA A 385 13.31 -51.00 -10.47
C ALA A 385 12.73 -51.20 -11.87
N PHE A 386 12.11 -50.14 -12.37
CA PHE A 386 11.60 -50.10 -13.75
C PHE A 386 10.62 -51.26 -13.93
N LYS A 387 10.76 -52.06 -14.99
CA LYS A 387 9.79 -53.12 -15.24
C LYS A 387 9.89 -54.23 -14.20
N GLU A 388 10.96 -54.25 -13.42
CA GLU A 388 11.13 -55.23 -12.36
C GLU A 388 10.58 -54.75 -11.01
N GLY A 389 9.98 -53.58 -10.97
CA GLY A 389 9.47 -53.06 -9.72
C GLY A 389 8.51 -54.05 -9.09
N SER A 390 8.67 -54.29 -7.80
CA SER A 390 7.89 -55.31 -7.14
C SER A 390 7.65 -54.88 -5.70
N LEU A 391 6.72 -55.57 -5.05
CA LEU A 391 6.53 -55.52 -3.61
C LEU A 391 6.72 -56.94 -3.11
N ARG A 392 7.56 -57.11 -2.09
CA ARG A 392 7.89 -58.44 -1.61
C ARG A 392 7.43 -58.51 -0.18
N ILE A 393 6.46 -59.38 0.10
CA ILE A 393 6.06 -59.62 1.48
C ILE A 393 6.87 -60.81 1.98
N ILE A 394 7.62 -60.58 3.05
CA ILE A 394 8.59 -61.53 3.59
C ILE A 394 8.15 -61.88 5.01
N ARG A 395 8.02 -63.17 5.27
CA ARG A 395 7.67 -63.67 6.59
C ARG A 395 8.58 -64.85 6.89
N ASN A 396 8.87 -65.03 8.17
CA ASN A 396 9.72 -66.12 8.63
C ASN A 396 8.90 -67.37 8.93
N GLY A 397 9.35 -68.50 8.39
CA GLY A 397 8.64 -69.76 8.56
C GLY A 397 9.58 -70.96 8.56
N GLN A 408 13.30 -74.46 7.76
CA GLN A 408 13.77 -73.14 8.19
C GLN A 408 14.16 -72.28 6.98
N LYS A 409 13.28 -71.37 6.59
CA LYS A 409 13.53 -70.49 5.44
C LYS A 409 12.55 -69.32 5.54
N LEU A 410 12.83 -68.28 4.77
CA LEU A 410 11.95 -67.13 4.68
C LEU A 410 11.00 -67.31 3.50
N HIS A 411 9.74 -66.94 3.73
CA HIS A 411 8.72 -67.04 2.69
C HIS A 411 8.53 -65.68 2.02
N ILE A 412 8.67 -65.66 0.70
CA ILE A 412 8.63 -64.41 -0.05
C ILE A 412 7.52 -64.50 -1.08
N ARG A 413 6.55 -63.59 -0.96
CA ARG A 413 5.52 -63.40 -1.96
C ARG A 413 5.84 -62.13 -2.74
N THR A 414 5.71 -62.19 -4.06
CA THR A 414 6.06 -61.06 -4.92
C THR A 414 4.82 -60.47 -5.56
N VAL A 415 4.74 -59.14 -5.55
CA VAL A 415 3.63 -58.40 -6.14
C VAL A 415 4.20 -57.56 -7.27
N PRO A 416 4.11 -57.99 -8.52
CA PRO A 416 4.70 -57.21 -9.62
C PRO A 416 4.01 -55.86 -9.78
N LEU A 417 4.82 -54.81 -9.90
CA LEU A 417 4.35 -53.46 -10.18
C LEU A 417 4.69 -52.94 -11.56
N TYR A 418 5.80 -53.41 -12.15
CA TYR A 418 6.25 -53.00 -13.48
C TYR A 418 6.61 -51.52 -13.54
N GLU A 419 6.74 -50.88 -12.38
CA GLU A 419 7.24 -49.50 -12.28
C GLU A 419 8.03 -49.40 -10.97
N SER A 420 8.79 -48.32 -10.83
CA SER A 420 9.75 -48.24 -9.73
C SER A 420 9.02 -47.84 -8.44
N PRO A 421 9.15 -48.62 -7.35
CA PRO A 421 8.60 -48.19 -6.05
C PRO A 421 9.61 -47.39 -5.26
N ARG A 422 9.12 -46.40 -4.52
CA ARG A 422 10.04 -45.51 -3.81
C ARG A 422 9.83 -45.49 -2.30
N LYS A 423 8.58 -45.37 -1.83
CA LYS A 423 8.30 -45.34 -0.40
C LYS A 423 7.00 -46.10 -0.14
N ILE A 424 6.95 -46.82 0.99
CA ILE A 424 5.75 -47.56 1.38
C ILE A 424 5.44 -47.28 2.85
N CYS A 425 4.15 -47.11 3.13
CA CYS A 425 3.65 -46.92 4.49
C CYS A 425 2.34 -47.69 4.65
N TYR A 426 2.05 -48.14 5.86
CA TYR A 426 0.84 -48.90 6.15
C TYR A 426 -0.19 -48.05 6.90
N GLN A 427 -1.44 -48.12 6.46
CA GLN A 427 -2.58 -47.41 7.05
C GLN A 427 -3.55 -48.51 7.48
N GLU A 428 -3.51 -48.89 8.76
CA GLU A 428 -4.35 -49.99 9.21
C GLU A 428 -5.84 -49.65 9.08
N VAL A 429 -6.21 -48.40 9.42
CA VAL A 429 -7.61 -48.01 9.39
C VAL A 429 -8.24 -48.36 8.06
N SER A 430 -7.47 -48.29 6.99
CA SER A 430 -7.97 -48.53 5.64
C SER A 430 -7.65 -49.92 5.11
N GLN A 431 -7.04 -50.79 5.92
CA GLN A 431 -6.64 -52.12 5.47
C GLN A 431 -5.91 -52.07 4.14
N CYS A 432 -5.03 -51.07 3.99
CA CYS A 432 -4.32 -50.90 2.73
C CYS A 432 -2.93 -50.29 2.96
N PHE A 433 -2.13 -50.32 1.89
CA PHE A 433 -0.79 -49.74 1.86
C PHE A 433 -0.74 -48.58 0.86
N GLY A 434 0.07 -47.57 1.17
CA GLY A 434 0.38 -46.49 0.23
C GLY A 434 1.79 -46.62 -0.30
N VAL A 435 1.93 -46.60 -1.64
CA VAL A 435 3.23 -46.75 -2.28
C VAL A 435 3.44 -45.59 -3.25
N LEU A 436 4.61 -44.93 -3.13
CA LEU A 436 5.04 -43.92 -4.08
C LEU A 436 5.80 -44.63 -5.19
N SER A 437 5.53 -44.25 -6.43
CA SER A 437 6.08 -44.97 -7.58
C SER A 437 6.60 -43.99 -8.61
N SER A 438 7.47 -44.50 -9.49
CA SER A 438 7.94 -43.77 -10.65
C SER A 438 7.86 -44.69 -11.85
N ARG A 439 7.26 -44.21 -12.93
CA ARG A 439 7.24 -44.94 -14.19
C ARG A 439 7.83 -44.03 -15.27
N ILE A 440 8.48 -44.64 -16.24
CA ILE A 440 9.18 -43.90 -17.29
C ILE A 440 8.25 -43.78 -18.49
N GLU A 441 7.98 -42.54 -18.91
CA GLU A 441 7.32 -42.24 -20.17
C GLU A 441 8.31 -41.46 -21.04
N VAL A 442 8.03 -41.45 -22.36
CA VAL A 442 8.95 -40.86 -23.33
C VAL A 442 8.19 -39.80 -24.12
N GLN A 443 8.87 -38.68 -24.41
CA GLN A 443 8.25 -37.62 -25.18
C GLN A 443 7.89 -38.16 -26.56
N ASP A 444 6.63 -38.08 -26.94
CA ASP A 444 6.15 -38.66 -28.20
C ASP A 444 5.68 -37.54 -29.12
N THR A 445 5.24 -37.93 -30.32
CA THR A 445 4.94 -36.95 -31.36
C THR A 445 3.71 -36.11 -31.06
N SER A 446 2.90 -36.49 -30.07
CA SER A 446 1.73 -35.69 -29.74
C SER A 446 2.10 -34.46 -28.93
N GLY A 447 3.34 -34.35 -28.46
CA GLY A 447 3.73 -33.37 -27.49
C GLY A 447 3.67 -33.85 -26.07
N GLY A 448 2.86 -34.86 -25.80
CA GLY A 448 2.81 -35.50 -24.50
C GLY A 448 3.83 -36.60 -24.38
N THR A 449 3.53 -37.59 -23.54
CA THR A 449 4.42 -38.72 -23.35
C THR A 449 3.61 -40.01 -23.39
N THR A 450 4.32 -41.10 -23.64
CA THR A 450 3.73 -42.43 -23.79
C THR A 450 4.53 -43.41 -22.96
N ALA A 451 3.84 -44.25 -22.20
CA ALA A 451 4.51 -45.22 -21.36
C ALA A 451 4.95 -46.44 -22.17
N LEU A 452 6.13 -46.95 -21.85
CA LEU A 452 6.71 -48.08 -22.60
C LEU A 452 5.94 -49.37 -22.37
N ARG A 453 5.17 -49.44 -21.29
CA ARG A 453 4.42 -50.64 -20.91
C ARG A 453 3.43 -50.23 -19.84
N PRO A 454 2.33 -50.98 -19.71
CA PRO A 454 1.42 -50.73 -18.57
C PRO A 454 2.06 -51.14 -17.26
N SER A 455 1.68 -50.43 -16.19
CA SER A 455 2.25 -50.65 -14.87
C SER A 455 1.19 -50.38 -13.81
N ALA A 456 1.59 -50.49 -12.54
CA ALA A 456 0.62 -50.40 -11.45
C ALA A 456 -0.22 -49.14 -11.57
N SER A 457 0.44 -48.01 -11.89
CA SER A 457 -0.29 -46.75 -11.98
C SER A 457 -1.28 -46.75 -13.15
N THR A 458 -0.99 -47.50 -14.22
CA THR A 458 -1.88 -47.52 -15.37
C THR A 458 -3.00 -48.53 -15.20
N GLN A 459 -2.84 -49.55 -14.35
CA GLN A 459 -3.83 -50.60 -14.21
C GLN A 459 -4.59 -50.51 -12.89
N ALA A 460 -4.56 -49.37 -12.22
CA ALA A 460 -5.33 -49.20 -11.00
C ALA A 460 -6.82 -49.16 -11.32
N LEU A 461 -7.62 -49.68 -10.39
CA LEU A 461 -9.06 -49.75 -10.59
C LEU A 461 -9.68 -48.36 -10.74
N SER A 462 -9.43 -47.49 -9.76
CA SER A 462 -9.82 -46.09 -9.78
C SER A 462 -8.57 -45.23 -9.82
N SER A 463 -8.69 -44.04 -10.39
CA SER A 463 -7.52 -43.18 -10.55
C SER A 463 -7.88 -41.70 -10.45
N SER A 464 -6.86 -40.89 -10.20
CA SER A 464 -7.02 -39.43 -10.08
C SER A 464 -5.71 -38.76 -10.42
N VAL A 465 -5.79 -37.47 -10.74
CA VAL A 465 -4.63 -36.66 -11.13
C VAL A 465 -4.67 -35.32 -10.43
N SER A 466 -3.52 -34.89 -9.91
CA SER A 466 -3.46 -33.59 -9.25
C SER A 466 -3.85 -32.48 -10.21
N SER A 467 -4.72 -31.58 -9.74
CA SER A 467 -5.11 -30.37 -10.48
C SER A 467 -4.62 -29.11 -9.78
N SER A 468 -3.59 -29.24 -8.94
CA SER A 468 -3.14 -28.12 -8.12
C SER A 468 -2.72 -26.96 -8.99
N LYS A 469 -3.01 -25.75 -8.52
CA LYS A 469 -2.68 -24.55 -9.26
C LYS A 469 -1.53 -23.80 -8.61
N LEU A 470 -0.86 -24.42 -7.62
CA LEU A 470 0.21 -23.75 -6.90
C LEU A 470 1.33 -23.33 -7.85
N PHE A 471 1.82 -24.26 -8.64
CA PHE A 471 2.80 -24.04 -9.70
C PHE A 471 2.16 -23.74 -11.05
N SER A 472 0.84 -23.92 -11.17
CA SER A 472 0.13 -23.51 -12.38
C SER A 472 0.47 -22.10 -12.86
N SER A 473 1.04 -21.26 -12.00
CA SER A 473 1.43 -19.93 -12.46
C SER A 473 2.64 -20.00 -13.37
N SER A 474 3.36 -21.11 -13.31
CA SER A 474 4.52 -21.36 -14.15
C SER A 474 5.35 -20.14 -14.45
N THR A 475 5.35 -19.69 -15.71
CA THR A 475 6.17 -18.58 -16.21
C THR A 475 7.60 -19.06 -16.44
N ALA A 476 7.90 -20.33 -16.13
CA ALA A 476 9.22 -20.93 -16.33
C ALA A 476 9.19 -21.82 -17.57
N PRO A 477 9.89 -21.47 -18.66
CA PRO A 477 9.80 -22.28 -19.88
C PRO A 477 10.73 -23.50 -19.83
N HIS A 478 10.18 -24.66 -20.18
CA HIS A 478 10.98 -25.87 -20.27
C HIS A 478 10.69 -26.57 -21.60
N GLU A 479 11.73 -26.83 -22.38
CA GLU A 479 11.61 -27.41 -23.70
C GLU A 479 11.67 -28.93 -23.66
N THR A 480 11.01 -29.56 -24.63
CA THR A 480 10.96 -31.01 -24.74
C THR A 480 11.41 -31.45 -26.13
N SER A 481 12.26 -32.47 -26.19
CA SER A 481 12.69 -33.09 -27.44
C SER A 481 12.10 -34.50 -27.50
N PHE A 482 11.62 -34.88 -28.68
CA PHE A 482 11.06 -36.21 -28.86
C PHE A 482 12.09 -37.26 -28.50
N GLY A 483 11.65 -38.27 -27.74
CA GLY A 483 12.50 -39.36 -27.35
C GLY A 483 13.08 -39.25 -25.96
N GLU A 484 13.02 -38.07 -25.35
CA GLU A 484 13.56 -37.91 -24.01
C GLU A 484 12.68 -38.60 -22.97
N GLU A 485 13.32 -39.14 -21.94
CA GLU A 485 12.59 -39.80 -20.86
C GLU A 485 12.18 -38.78 -19.81
N VAL A 486 11.01 -39.02 -19.21
CA VAL A 486 10.54 -38.23 -18.07
C VAL A 486 9.93 -39.21 -17.08
N GLU A 487 10.13 -38.94 -15.79
CA GLU A 487 9.56 -39.76 -14.75
C GLU A 487 8.19 -39.22 -14.39
N VAL A 488 7.23 -40.12 -14.24
CA VAL A 488 5.88 -39.79 -13.80
C VAL A 488 5.69 -40.46 -12.46
N HIS A 489 5.44 -39.66 -11.42
CA HIS A 489 5.35 -40.16 -10.06
C HIS A 489 3.89 -40.29 -9.67
N ASN A 490 3.54 -41.39 -9.02
CA ASN A 490 2.16 -41.67 -8.65
C ASN A 490 2.14 -42.14 -7.20
N LEU A 491 0.99 -41.99 -6.56
CA LEU A 491 0.70 -42.61 -5.27
C LEU A 491 -0.27 -43.77 -5.48
N LEU A 492 0.11 -44.95 -5.01
CA LEU A 492 -0.67 -46.16 -5.22
C LEU A 492 -1.26 -46.61 -3.89
N ILE A 493 -2.57 -46.86 -3.88
CA ILE A 493 -3.26 -47.46 -2.75
C ILE A 493 -3.45 -48.94 -3.07
N ILE A 494 -2.80 -49.81 -2.28
CA ILE A 494 -2.78 -51.26 -2.50
C ILE A 494 -3.31 -51.96 -1.26
N ASP A 495 -4.22 -52.91 -1.47
CA ASP A 495 -4.89 -53.63 -0.38
C ASP A 495 -4.01 -54.73 0.20
N GLN A 496 -4.11 -54.91 1.53
CA GLN A 496 -3.24 -55.85 2.21
C GLN A 496 -3.64 -57.32 2.04
N HIS A 497 -4.93 -57.59 1.83
CA HIS A 497 -5.33 -58.98 1.67
C HIS A 497 -5.09 -59.41 0.23
N THR A 498 -5.74 -58.74 -0.72
CA THR A 498 -5.41 -58.86 -2.13
C THR A 498 -4.48 -57.71 -2.44
N PHE A 499 -3.33 -57.97 -3.00
CA PHE A 499 -2.47 -56.85 -3.34
C PHE A 499 -2.83 -56.20 -4.66
N GLU A 500 -4.13 -55.99 -4.83
CA GLU A 500 -4.67 -55.33 -6.00
C GLU A 500 -4.55 -53.84 -5.77
N VAL A 501 -4.05 -53.12 -6.77
CA VAL A 501 -3.89 -51.69 -6.65
C VAL A 501 -5.29 -51.08 -6.76
N LEU A 502 -5.78 -50.54 -5.65
CA LEU A 502 -7.14 -50.01 -5.63
C LEU A 502 -7.22 -48.62 -6.28
N HIS A 503 -6.24 -47.76 -6.01
CA HIS A 503 -6.25 -46.41 -6.53
C HIS A 503 -4.86 -46.02 -6.96
N ALA A 504 -4.80 -45.13 -7.95
CA ALA A 504 -3.54 -44.54 -8.40
C ALA A 504 -3.74 -43.05 -8.54
N HIS A 505 -2.94 -42.27 -7.80
CA HIS A 505 -2.94 -40.81 -7.90
C HIS A 505 -1.66 -40.38 -8.60
N GLN A 506 -1.81 -39.64 -9.70
CA GLN A 506 -0.67 -39.14 -10.46
C GLN A 506 -0.37 -37.71 -10.05
N PHE A 507 0.88 -37.44 -9.69
CA PHE A 507 1.29 -36.10 -9.31
C PHE A 507 1.58 -35.24 -10.54
N LEU A 508 1.82 -33.96 -10.27
CA LEU A 508 1.96 -32.97 -11.33
C LEU A 508 3.12 -33.32 -12.26
N GLN A 509 3.08 -32.75 -13.46
CA GLN A 509 4.18 -32.91 -14.39
C GLN A 509 5.45 -32.35 -13.78
N ASN A 510 6.51 -33.16 -13.78
CA ASN A 510 7.80 -32.81 -13.19
C ASN A 510 7.77 -32.79 -11.66
N GLU A 511 6.74 -33.37 -11.04
CA GLU A 511 6.68 -33.45 -9.59
C GLU A 511 7.16 -34.83 -9.17
N TYR A 512 8.12 -34.86 -8.24
CA TYR A 512 8.66 -36.10 -7.69
C TYR A 512 8.10 -36.30 -6.30
N ALA A 513 7.58 -37.49 -6.05
CA ALA A 513 7.14 -37.88 -4.71
C ALA A 513 8.35 -38.43 -3.98
N LEU A 514 8.67 -37.82 -2.84
CA LEU A 514 9.87 -38.18 -2.10
C LEU A 514 9.58 -38.80 -0.74
N SER A 515 8.45 -38.50 -0.12
CA SER A 515 8.16 -38.94 1.24
C SER A 515 6.68 -39.20 1.41
N LEU A 516 6.35 -40.22 2.21
CA LEU A 516 4.98 -40.62 2.49
C LEU A 516 4.84 -41.06 3.93
N VAL A 517 3.79 -40.58 4.60
CA VAL A 517 3.45 -40.98 5.97
C VAL A 517 1.94 -41.15 6.08
N SER A 518 1.53 -42.07 6.94
CA SER A 518 0.12 -42.28 7.26
C SER A 518 -0.07 -42.02 8.74
N CYS A 519 -0.96 -41.08 9.07
CA CYS A 519 -1.12 -40.71 10.48
C CYS A 519 -2.35 -39.85 10.67
N LYS A 520 -2.74 -39.69 11.95
CA LYS A 520 -3.69 -38.69 12.39
C LYS A 520 -2.93 -37.46 12.91
N LEU A 521 -3.52 -36.29 12.76
CA LEU A 521 -2.92 -35.06 13.26
C LEU A 521 -3.86 -34.30 14.17
N GLY A 522 -3.28 -33.61 15.15
CA GLY A 522 -4.05 -32.69 15.98
C GLY A 522 -5.24 -33.34 16.62
N LYS A 523 -6.37 -32.62 16.57
CA LYS A 523 -7.65 -33.11 17.05
C LYS A 523 -8.48 -33.69 15.91
N ASP A 524 -7.86 -33.97 14.77
CA ASP A 524 -8.57 -34.50 13.61
C ASP A 524 -8.65 -36.01 13.70
N PRO A 525 -9.85 -36.60 13.77
CA PRO A 525 -9.96 -38.06 13.91
C PRO A 525 -9.66 -38.84 12.63
N ASN A 526 -9.63 -38.19 11.47
CA ASN A 526 -9.40 -38.89 10.21
C ASN A 526 -7.94 -39.32 10.06
N THR A 527 -7.74 -40.50 9.49
CA THR A 527 -6.40 -41.00 9.22
C THR A 527 -6.03 -40.65 7.77
N TYR A 528 -4.92 -39.94 7.58
CA TYR A 528 -4.58 -39.43 6.26
C TYR A 528 -3.30 -40.07 5.71
N PHE A 529 -3.18 -40.01 4.39
CA PHE A 529 -1.93 -40.26 3.67
C PHE A 529 -1.34 -38.89 3.33
N ILE A 530 -0.10 -38.64 3.75
CA ILE A 530 0.54 -37.34 3.48
C ILE A 530 1.81 -37.57 2.66
N VAL A 531 1.95 -36.83 1.57
CA VAL A 531 3.05 -37.01 0.62
C VAL A 531 3.79 -35.69 0.50
N GLY A 532 5.13 -35.77 0.54
CA GLY A 532 5.99 -34.61 0.36
C GLY A 532 6.73 -34.72 -0.96
N THR A 533 6.69 -33.64 -1.75
CA THR A 533 7.13 -33.68 -3.14
C THR A 533 8.19 -32.61 -3.40
N ALA A 534 8.73 -32.64 -4.61
CA ALA A 534 9.70 -31.65 -5.08
C ALA A 534 9.48 -31.43 -6.57
N MET A 535 9.45 -30.18 -6.99
CA MET A 535 9.41 -29.85 -8.40
C MET A 535 10.82 -29.93 -8.99
N VAL A 536 11.01 -30.88 -9.90
CA VAL A 536 12.32 -31.24 -10.42
C VAL A 536 12.36 -30.79 -11.87
N TYR A 537 13.20 -29.80 -12.15
CA TYR A 537 13.46 -29.38 -13.51
C TYR A 537 14.94 -29.61 -13.83
N PRO A 538 15.27 -30.12 -15.03
CA PRO A 538 16.68 -30.43 -15.32
C PRO A 538 17.61 -29.26 -15.09
N GLU A 539 17.09 -28.03 -15.20
CA GLU A 539 17.94 -26.85 -15.08
C GLU A 539 18.40 -26.62 -13.65
N GLU A 540 17.63 -27.08 -12.66
CA GLU A 540 17.89 -26.74 -11.27
C GLU A 540 18.87 -27.71 -10.63
N ALA A 541 19.87 -27.16 -9.97
CA ALA A 541 20.78 -27.99 -9.19
C ALA A 541 20.09 -28.56 -7.96
N GLU A 542 19.20 -27.78 -7.34
CA GLU A 542 18.52 -28.16 -6.11
C GLU A 542 17.08 -27.68 -6.24
N PRO A 543 16.10 -28.54 -6.01
CA PRO A 543 14.70 -28.12 -6.19
C PRO A 543 14.38 -26.90 -5.33
N LYS A 544 13.61 -25.98 -5.89
CA LYS A 544 13.23 -24.76 -5.20
C LYS A 544 11.73 -24.63 -4.97
N GLN A 545 10.95 -25.62 -5.39
CA GLN A 545 9.51 -25.65 -5.16
C GLN A 545 9.12 -27.02 -4.65
N GLY A 546 8.01 -27.09 -3.93
CA GLY A 546 7.54 -28.38 -3.45
C GLY A 546 6.19 -28.27 -2.80
N ARG A 547 5.64 -29.44 -2.48
CA ARG A 547 4.33 -29.51 -1.86
C ARG A 547 4.33 -30.53 -0.73
N ILE A 548 3.51 -30.26 0.29
CA ILE A 548 3.04 -31.28 1.22
C ILE A 548 1.56 -31.42 0.93
N VAL A 549 1.14 -32.63 0.61
CA VAL A 549 -0.23 -32.88 0.21
C VAL A 549 -0.86 -33.83 1.21
N VAL A 550 -2.06 -33.49 1.67
CA VAL A 550 -2.81 -34.31 2.61
C VAL A 550 -3.94 -34.97 1.83
N PHE A 551 -3.92 -36.29 1.78
CA PHE A 551 -4.93 -37.07 1.11
C PHE A 551 -5.77 -37.79 2.15
N GLN A 552 -6.99 -38.18 1.78
CA GLN A 552 -7.74 -39.12 2.58
C GLN A 552 -8.21 -40.24 1.67
N TYR A 553 -7.90 -41.47 2.04
CA TYR A 553 -8.45 -42.63 1.32
C TYR A 553 -9.76 -43.00 2.00
N SER A 554 -10.85 -42.84 1.29
CA SER A 554 -12.17 -43.15 1.83
C SER A 554 -13.06 -43.69 0.73
N ASP A 555 -13.66 -44.86 0.97
CA ASP A 555 -14.66 -45.43 0.08
C ASP A 555 -14.12 -45.59 -1.35
N GLY A 556 -12.92 -46.16 -1.45
CA GLY A 556 -12.32 -46.45 -2.73
C GLY A 556 -11.92 -45.24 -3.55
N LYS A 557 -11.90 -44.05 -2.94
CA LYS A 557 -11.49 -42.83 -3.61
C LYS A 557 -10.52 -42.09 -2.71
N LEU A 558 -9.51 -41.47 -3.31
CA LEU A 558 -8.54 -40.66 -2.61
C LEU A 558 -8.98 -39.21 -2.76
N GLN A 559 -9.19 -38.53 -1.63
CA GLN A 559 -9.69 -37.17 -1.62
C GLN A 559 -8.54 -36.25 -1.23
N THR A 560 -8.31 -35.21 -2.02
CA THR A 560 -7.28 -34.24 -1.62
C THR A 560 -7.85 -33.33 -0.54
N VAL A 561 -7.23 -33.33 0.64
CA VAL A 561 -7.74 -32.63 1.80
C VAL A 561 -7.14 -31.24 1.95
N ALA A 562 -5.82 -31.11 1.78
CA ALA A 562 -5.16 -29.83 1.98
C ALA A 562 -3.80 -29.91 1.32
N GLU A 563 -3.31 -28.76 0.87
CA GLU A 563 -1.99 -28.69 0.28
C GLU A 563 -1.26 -27.49 0.87
N LYS A 564 0.04 -27.67 1.14
CA LYS A 564 0.91 -26.64 1.68
C LYS A 564 2.08 -26.48 0.72
N GLU A 565 2.30 -25.26 0.25
CA GLU A 565 3.43 -25.00 -0.63
C GLU A 565 4.68 -24.78 0.21
N VAL A 566 5.79 -25.33 -0.26
CA VAL A 566 7.08 -25.15 0.39
C VAL A 566 8.08 -24.70 -0.66
N LYS A 567 9.19 -24.15 -0.19
CA LYS A 567 10.22 -23.61 -1.08
C LYS A 567 11.42 -24.55 -1.19
N GLY A 568 11.14 -25.80 -1.55
CA GLY A 568 12.19 -26.79 -1.66
C GLY A 568 11.60 -28.18 -1.79
N ALA A 569 12.47 -29.17 -1.62
CA ALA A 569 12.09 -30.58 -1.71
C ALA A 569 11.78 -31.12 -0.32
N VAL A 570 10.65 -31.81 -0.19
CA VAL A 570 10.24 -32.43 1.09
C VAL A 570 10.89 -33.81 1.12
N TYR A 571 12.16 -33.83 1.48
CA TYR A 571 12.88 -35.10 1.44
C TYR A 571 12.32 -36.11 2.45
N SER A 572 12.01 -35.67 3.67
CA SER A 572 11.57 -36.60 4.70
C SER A 572 10.47 -35.98 5.56
N MET A 573 9.54 -36.83 6.00
CA MET A 573 8.48 -36.43 6.91
C MET A 573 8.28 -37.54 7.95
N VAL A 574 7.77 -37.15 9.11
CA VAL A 574 7.48 -38.11 10.17
C VAL A 574 6.46 -37.48 11.11
N GLU A 575 5.54 -38.31 11.60
CA GLU A 575 4.56 -37.86 12.59
C GLU A 575 5.25 -37.60 13.92
N PHE A 576 4.86 -36.50 14.58
CA PHE A 576 5.54 -36.03 15.79
C PHE A 576 4.48 -35.51 16.77
N ASN A 577 4.03 -36.40 17.65
CA ASN A 577 3.12 -36.01 18.72
C ASN A 577 1.94 -35.22 18.17
N GLY A 578 1.33 -35.78 17.12
CA GLY A 578 0.20 -35.14 16.47
C GLY A 578 0.54 -33.98 15.57
N LYS A 579 1.81 -33.62 15.44
CA LYS A 579 2.26 -32.57 14.55
C LYS A 579 3.05 -33.21 13.43
N LEU A 580 3.20 -32.49 12.32
CA LEU A 580 3.89 -33.02 11.15
C LEU A 580 5.28 -32.42 11.08
N LEU A 581 6.29 -33.28 11.21
CA LEU A 581 7.69 -32.89 11.13
C LEU A 581 8.17 -33.18 9.72
N ALA A 582 8.61 -32.15 9.02
CA ALA A 582 9.05 -32.27 7.63
C ALA A 582 10.37 -31.55 7.46
N SER A 583 11.20 -32.09 6.57
CA SER A 583 12.49 -31.49 6.21
C SER A 583 12.42 -30.98 4.78
N ILE A 584 12.57 -29.68 4.61
CA ILE A 584 12.58 -29.04 3.30
C ILE A 584 13.99 -28.53 3.05
N ASN A 585 14.74 -29.21 2.18
CA ASN A 585 16.13 -28.87 1.88
C ASN A 585 16.94 -28.69 3.15
N SER A 586 17.45 -27.47 3.38
CA SER A 586 18.24 -27.21 4.59
C SER A 586 17.39 -27.11 5.85
N THR A 587 16.10 -26.78 5.72
CA THR A 587 15.26 -26.48 6.87
C THR A 587 14.62 -27.75 7.45
N VAL A 588 14.51 -27.80 8.78
CA VAL A 588 13.73 -28.80 9.49
C VAL A 588 12.57 -28.06 10.15
N ARG A 589 11.32 -28.42 9.78
CA ARG A 589 10.13 -27.67 10.16
C ARG A 589 9.10 -28.55 10.86
N LEU A 590 8.41 -27.97 11.84
CA LEU A 590 7.29 -28.62 12.51
C LEU A 590 6.00 -27.87 12.20
N TYR A 591 5.01 -28.60 11.68
CA TYR A 591 3.71 -28.04 11.33
C TYR A 591 2.65 -28.52 12.32
N GLU A 592 1.68 -27.66 12.62
CA GLU A 592 0.49 -28.07 13.36
C GLU A 592 -0.69 -28.19 12.41
N TRP A 593 -1.63 -29.06 12.78
CA TRP A 593 -2.83 -29.32 11.98
C TRP A 593 -3.99 -28.59 12.64
N THR A 594 -4.48 -27.54 12.00
CA THR A 594 -5.47 -26.68 12.62
C THR A 594 -6.86 -27.32 12.56
N THR A 595 -7.79 -26.69 13.28
CA THR A 595 -9.19 -27.10 13.17
C THR A 595 -9.78 -26.77 11.81
N GLU A 596 -9.11 -25.95 11.00
CA GLU A 596 -9.54 -25.68 9.64
C GLU A 596 -8.92 -26.63 8.63
N LYS A 597 -8.28 -27.71 9.08
CA LYS A 597 -7.72 -28.72 8.18
C LYS A 597 -6.73 -28.09 7.21
N GLU A 598 -5.81 -27.31 7.75
CA GLU A 598 -4.70 -26.74 7.02
C GLU A 598 -3.46 -26.83 7.91
N LEU A 599 -2.29 -26.93 7.29
CA LEU A 599 -1.04 -27.04 8.02
C LEU A 599 -0.53 -25.66 8.40
N ARG A 600 -0.08 -25.51 9.65
CA ARG A 600 0.46 -24.26 10.13
C ARG A 600 1.82 -24.50 10.78
N THR A 601 2.81 -23.71 10.37
CA THR A 601 4.17 -23.85 10.87
C THR A 601 4.29 -23.39 12.31
N GLU A 602 5.02 -24.18 13.11
CA GLU A 602 5.34 -23.78 14.48
C GLU A 602 6.82 -23.43 14.66
N CYS A 603 7.73 -24.26 14.16
CA CYS A 603 9.14 -24.10 14.46
C CYS A 603 10.01 -24.45 13.26
N ASN A 604 11.26 -23.96 13.29
CA ASN A 604 12.20 -24.19 12.21
C ASN A 604 13.61 -24.35 12.74
N HIS A 605 14.42 -25.13 12.03
CA HIS A 605 15.85 -25.23 12.24
C HIS A 605 16.52 -25.12 10.88
N TYR A 606 17.53 -24.26 10.76
CA TYR A 606 18.12 -23.99 9.45
C TYR A 606 19.58 -24.42 9.31
N ASN A 607 20.24 -24.89 10.38
CA ASN A 607 21.67 -25.20 10.31
C ASN A 607 21.88 -26.61 9.76
N ASN A 608 21.58 -26.76 8.47
CA ASN A 608 21.79 -28.00 7.74
C ASN A 608 22.25 -27.69 6.32
N ILE A 609 22.77 -28.74 5.66
CA ILE A 609 23.10 -28.67 4.24
C ILE A 609 21.94 -29.25 3.44
N MET A 610 21.61 -30.50 3.72
CA MET A 610 20.43 -31.13 3.15
C MET A 610 19.89 -32.11 4.18
N ALA A 611 18.67 -31.86 4.66
CA ALA A 611 18.07 -32.67 5.72
C ALA A 611 17.43 -33.90 5.10
N LEU A 612 18.29 -34.86 4.72
CA LEU A 612 17.81 -35.99 3.94
C LEU A 612 16.96 -36.95 4.77
N TYR A 613 17.33 -37.21 6.04
CA TYR A 613 16.65 -38.24 6.82
C TYR A 613 16.21 -37.73 8.19
N LEU A 614 15.04 -38.19 8.62
CA LEU A 614 14.47 -37.79 9.91
C LEU A 614 13.93 -39.01 10.66
N LYS A 615 14.22 -39.06 11.96
CA LYS A 615 13.67 -40.04 12.89
C LYS A 615 13.39 -39.34 14.22
N THR A 616 12.40 -39.86 14.96
CA THR A 616 12.00 -39.23 16.21
C THR A 616 11.81 -40.26 17.32
N LYS A 617 11.86 -39.77 18.56
CA LYS A 617 11.53 -40.59 19.73
C LYS A 617 11.19 -39.63 20.85
N GLY A 618 9.95 -39.65 21.31
CA GLY A 618 9.57 -38.66 22.30
C GLY A 618 9.67 -37.29 21.67
N ASP A 619 10.31 -36.35 22.37
CA ASP A 619 10.53 -35.03 21.83
C ASP A 619 11.90 -34.87 21.16
N PHE A 620 12.64 -35.97 20.96
CA PHE A 620 13.94 -35.94 20.33
C PHE A 620 13.80 -36.27 18.83
N ILE A 621 14.57 -35.56 18.00
CA ILE A 621 14.59 -35.77 16.56
C ILE A 621 16.04 -36.00 16.14
N LEU A 622 16.28 -37.05 15.35
CA LEU A 622 17.58 -37.33 14.77
C LEU A 622 17.52 -36.97 13.31
N VAL A 623 18.43 -36.09 12.87
CA VAL A 623 18.46 -35.60 11.49
C VAL A 623 19.67 -36.19 10.79
N GLY A 624 19.46 -36.65 9.56
CA GLY A 624 20.54 -37.15 8.72
C GLY A 624 20.79 -36.18 7.57
N ASP A 625 22.05 -35.80 7.42
CA ASP A 625 22.46 -34.77 6.48
C ASP A 625 23.26 -35.38 5.34
N LEU A 626 23.31 -34.64 4.23
CA LEU A 626 24.04 -35.13 3.07
C LEU A 626 25.52 -35.29 3.37
N MET A 627 26.11 -34.36 4.14
CA MET A 627 27.53 -34.43 4.41
C MET A 627 27.93 -34.16 5.86
N ARG A 628 27.01 -33.79 6.74
CA ARG A 628 27.34 -33.37 8.09
C ARG A 628 26.92 -34.40 9.14
N SER A 629 26.93 -35.67 8.78
CA SER A 629 26.66 -36.80 9.69
C SER A 629 25.28 -36.60 10.33
N VAL A 630 25.13 -36.75 11.65
CA VAL A 630 23.81 -36.79 12.29
C VAL A 630 23.73 -35.72 13.38
N LEU A 631 22.52 -35.21 13.59
CA LEU A 631 22.24 -34.18 14.60
C LEU A 631 21.02 -34.57 15.42
N LEU A 632 21.10 -34.36 16.74
CA LEU A 632 19.99 -34.61 17.65
C LEU A 632 19.31 -33.28 17.99
N LEU A 633 18.05 -33.13 17.60
CA LEU A 633 17.27 -31.94 17.89
C LEU A 633 16.23 -32.26 18.97
N ALA A 634 15.81 -31.23 19.71
CA ALA A 634 14.76 -31.40 20.70
C ALA A 634 13.74 -30.28 20.57
N TYR A 635 12.47 -30.65 20.65
CA TYR A 635 11.36 -29.70 20.71
C TYR A 635 11.16 -29.25 22.16
N LYS A 636 11.29 -27.96 22.40
CA LYS A 636 11.07 -27.43 23.74
C LYS A 636 9.60 -27.04 23.83
N PRO A 637 8.71 -27.92 24.33
CA PRO A 637 7.27 -27.56 24.29
C PRO A 637 6.98 -26.30 25.08
N MET A 638 7.76 -26.03 26.13
CA MET A 638 7.53 -24.83 26.94
C MET A 638 7.68 -23.59 26.09
N GLU A 639 8.56 -23.63 25.10
CA GLU A 639 8.92 -22.48 24.32
C GLU A 639 8.35 -22.46 22.91
N GLY A 640 8.03 -23.63 22.35
CA GLY A 640 7.57 -23.73 20.98
C GLY A 640 8.63 -23.55 19.92
N ASN A 641 9.80 -24.17 20.10
CA ASN A 641 10.90 -24.02 19.15
C ASN A 641 11.79 -25.26 19.23
N PHE A 642 12.89 -25.25 18.48
CA PHE A 642 13.82 -26.37 18.41
C PHE A 642 15.12 -26.04 19.15
N GLU A 643 15.81 -27.10 19.61
CA GLU A 643 17.12 -26.96 20.25
C GLU A 643 18.10 -28.01 19.75
N GLU A 644 19.36 -27.60 19.59
CA GLU A 644 20.43 -28.50 19.13
C GLU A 644 21.04 -29.20 20.34
N ILE A 645 20.63 -30.45 20.58
CA ILE A 645 21.16 -31.18 21.73
C ILE A 645 22.60 -31.60 21.49
N ALA A 646 22.85 -32.27 20.37
CA ALA A 646 24.19 -32.76 20.07
C ALA A 646 24.30 -33.08 18.59
N ARG A 647 25.48 -32.83 18.03
CA ARG A 647 25.75 -33.04 16.61
C ARG A 647 27.04 -33.84 16.47
N ASP A 648 27.07 -34.72 15.47
CA ASP A 648 28.30 -35.45 15.12
C ASP A 648 29.11 -34.57 14.17
N PHE A 649 30.27 -34.10 14.63
CA PHE A 649 31.06 -33.19 13.83
C PHE A 649 31.91 -33.86 12.77
N ASN A 650 32.22 -35.15 12.89
CA ASN A 650 32.95 -35.83 11.83
C ASN A 650 32.12 -35.86 10.54
N PRO A 651 32.73 -35.57 9.39
CA PRO A 651 31.93 -35.48 8.16
C PRO A 651 31.65 -36.85 7.58
N ASN A 652 30.36 -37.17 7.38
CA ASN A 652 29.95 -38.41 6.74
C ASN A 652 28.80 -38.15 5.78
N TRP A 653 28.78 -38.93 4.70
CA TRP A 653 27.71 -38.91 3.72
C TRP A 653 26.66 -39.96 4.08
N MET A 654 25.51 -39.52 4.56
CA MET A 654 24.52 -40.44 5.11
C MET A 654 23.68 -41.08 4.01
N SER A 655 23.29 -42.33 4.24
CA SER A 655 22.31 -43.03 3.42
C SER A 655 21.05 -43.40 4.18
N ALA A 656 21.16 -43.58 5.49
CA ALA A 656 20.01 -43.88 6.34
C ALA A 656 20.46 -43.73 7.79
N VAL A 657 19.50 -43.40 8.66
CA VAL A 657 19.77 -43.26 10.08
C VAL A 657 18.64 -43.94 10.88
N GLU A 658 18.94 -44.23 12.14
CA GLU A 658 17.93 -44.78 13.04
C GLU A 658 18.33 -44.50 14.48
N ILE A 659 17.31 -44.37 15.33
CA ILE A 659 17.49 -44.17 16.76
C ILE A 659 17.43 -45.53 17.43
N LEU A 660 18.46 -45.87 18.20
CA LEU A 660 18.51 -47.12 18.95
C LEU A 660 17.88 -46.97 20.34
N ASP A 661 18.25 -45.92 21.05
CA ASP A 661 17.67 -45.59 22.35
C ASP A 661 17.93 -44.11 22.60
N ASP A 662 17.51 -43.62 23.78
CA ASP A 662 17.56 -42.19 24.01
C ASP A 662 18.97 -41.62 23.89
N ASP A 663 20.01 -42.46 24.00
CA ASP A 663 21.38 -41.99 23.94
C ASP A 663 22.18 -42.49 22.75
N ASN A 664 21.76 -43.54 22.06
CA ASN A 664 22.55 -44.15 20.99
C ASN A 664 21.85 -43.98 19.66
N PHE A 665 22.60 -43.60 18.63
CA PHE A 665 22.05 -43.31 17.32
C PHE A 665 22.86 -44.02 16.24
N LEU A 666 22.15 -44.66 15.32
CA LEU A 666 22.76 -45.51 14.30
C LEU A 666 22.69 -44.81 12.96
N GLY A 667 23.79 -44.89 12.22
CA GLY A 667 23.89 -44.25 10.92
C GLY A 667 24.53 -45.19 9.91
N ALA A 668 24.30 -44.88 8.64
CA ALA A 668 24.84 -45.66 7.53
C ALA A 668 25.51 -44.70 6.56
N GLU A 669 26.70 -45.08 6.10
CA GLU A 669 27.50 -44.22 5.24
C GLU A 669 27.34 -44.69 3.81
N ASN A 670 27.61 -43.78 2.86
CA ASN A 670 27.58 -44.16 1.46
C ASN A 670 28.78 -45.01 1.04
N ALA A 671 29.75 -45.19 1.94
CA ALA A 671 30.92 -46.02 1.70
C ALA A 671 30.71 -47.47 2.15
N PHE A 672 29.48 -47.86 2.44
CA PHE A 672 29.14 -49.19 2.92
C PHE A 672 29.59 -49.42 4.37
N ASN A 673 29.53 -48.37 5.19
CA ASN A 673 29.92 -48.42 6.60
C ASN A 673 28.78 -48.05 7.52
N LEU A 674 28.83 -48.59 8.74
CA LEU A 674 27.88 -48.29 9.80
C LEU A 674 28.58 -47.65 11.01
N PHE A 675 27.92 -46.69 11.64
CA PHE A 675 28.43 -46.11 12.87
C PHE A 675 27.31 -45.77 13.85
N VAL A 676 27.66 -45.73 15.13
CA VAL A 676 26.75 -45.43 16.24
C VAL A 676 27.33 -44.25 17.00
N CYS A 677 26.50 -43.24 17.25
CA CYS A 677 26.89 -42.06 18.00
C CYS A 677 26.21 -42.04 19.36
N GLN A 678 26.93 -41.59 20.39
CA GLN A 678 26.41 -41.53 21.74
C GLN A 678 26.59 -40.13 22.30
N LYS A 679 25.51 -39.59 22.88
CA LYS A 679 25.57 -38.34 23.62
C LYS A 679 26.48 -38.50 24.83
N ASP A 680 27.37 -37.54 25.03
CA ASP A 680 28.37 -37.73 26.07
C ASP A 680 27.76 -37.76 27.46
N SER A 681 26.60 -37.13 27.63
CA SER A 681 25.86 -37.15 28.90
C SER A 681 26.72 -36.76 30.11
N ALA A 682 27.90 -36.20 29.85
CA ALA A 682 28.80 -35.71 30.91
C ALA A 682 28.69 -34.19 30.84
N ALA A 683 28.01 -33.60 31.83
CA ALA A 683 27.70 -32.17 31.83
C ALA A 683 28.76 -31.31 32.48
N THR A 684 30.04 -31.67 32.35
CA THR A 684 31.10 -30.79 32.84
C THR A 684 31.17 -29.50 32.02
N THR A 685 31.07 -29.62 30.70
CA THR A 685 31.17 -28.48 29.79
C THR A 685 30.07 -28.58 28.74
N ASP A 686 29.60 -27.42 28.26
CA ASP A 686 28.59 -27.43 27.21
C ASP A 686 29.05 -28.19 25.96
N GLU A 687 30.34 -28.06 25.60
CA GLU A 687 30.83 -28.71 24.39
C GLU A 687 30.73 -30.23 24.46
N GLU A 688 30.96 -30.81 25.64
CA GLU A 688 30.96 -32.26 25.73
C GLU A 688 29.56 -32.80 25.46
N ARG A 689 28.54 -32.11 25.95
CA ARG A 689 27.17 -32.53 25.74
C ARG A 689 26.81 -32.45 24.26
N GLN A 690 27.18 -31.34 23.62
CA GLN A 690 26.87 -31.11 22.21
C GLN A 690 27.68 -32.02 21.29
N HIS A 691 28.73 -32.67 21.78
CA HIS A 691 29.58 -33.51 20.94
C HIS A 691 29.03 -34.93 20.97
N LEU A 692 28.52 -35.39 19.82
CA LEU A 692 28.19 -36.78 19.66
C LEU A 692 29.48 -37.54 19.37
N GLN A 693 29.73 -38.61 20.12
CA GLN A 693 30.95 -39.40 20.03
C GLN A 693 30.70 -40.64 19.19
N GLU A 694 31.51 -40.82 18.14
CA GLU A 694 31.36 -42.00 17.29
C GLU A 694 31.91 -43.19 18.07
N VAL A 695 31.03 -43.86 18.82
CA VAL A 695 31.47 -44.96 19.67
C VAL A 695 31.49 -46.29 18.93
N GLY A 696 30.78 -46.40 17.81
CA GLY A 696 30.79 -47.62 17.02
C GLY A 696 31.17 -47.35 15.59
N LEU A 697 32.01 -48.23 15.06
CA LEU A 697 32.45 -48.17 13.67
C LEU A 697 32.44 -49.59 13.12
N PHE A 698 31.88 -49.76 11.92
CA PHE A 698 31.75 -51.11 11.36
C PHE A 698 31.57 -51.02 9.85
N HIS A 699 32.38 -51.79 9.11
CA HIS A 699 32.22 -51.91 7.67
C HIS A 699 31.24 -53.03 7.36
N LEU A 700 30.04 -52.67 6.88
CA LEU A 700 29.02 -53.66 6.60
C LEU A 700 29.26 -54.38 5.27
N GLY A 701 29.66 -53.62 4.24
CA GLY A 701 29.78 -54.16 2.90
C GLY A 701 28.55 -54.02 2.03
N GLU A 702 27.46 -53.47 2.57
CA GLU A 702 26.23 -53.25 1.84
C GLU A 702 25.84 -51.78 1.92
N PHE A 703 24.96 -51.36 1.02
CA PHE A 703 24.45 -50.00 1.02
C PHE A 703 23.05 -50.00 1.64
N VAL A 704 22.91 -49.34 2.78
CA VAL A 704 21.69 -49.42 3.57
C VAL A 704 20.77 -48.26 3.19
N ASN A 705 19.61 -48.58 2.61
CA ASN A 705 18.64 -47.53 2.28
C ASN A 705 17.66 -47.23 3.40
N VAL A 706 17.28 -48.22 4.20
CA VAL A 706 16.21 -48.05 5.16
C VAL A 706 16.51 -48.77 6.46
N PHE A 707 16.25 -48.09 7.58
CA PHE A 707 16.32 -48.68 8.91
C PHE A 707 14.87 -48.73 9.42
N CYS A 708 14.45 -49.89 9.93
CA CYS A 708 13.09 -50.07 10.41
C CYS A 708 13.11 -50.84 11.71
N HIS A 709 12.34 -50.36 12.70
CA HIS A 709 12.27 -51.05 13.98
C HIS A 709 11.30 -52.23 13.82
N GLY A 710 11.72 -53.42 14.22
CA GLY A 710 10.84 -54.58 14.19
C GLY A 710 11.63 -55.85 14.00
N SER A 711 10.91 -56.97 14.09
CA SER A 711 11.53 -58.26 13.87
C SER A 711 10.53 -59.25 13.27
N LEU A 712 11.07 -60.17 12.47
CA LEU A 712 10.33 -61.23 11.82
C LEU A 712 10.24 -62.50 12.67
N VAL A 713 10.71 -62.47 13.90
CA VAL A 713 10.73 -63.67 14.73
C VAL A 713 9.36 -63.90 15.34
N MET A 714 9.03 -65.17 15.57
CA MET A 714 7.76 -65.50 16.20
C MET A 714 7.88 -65.17 17.68
N GLN A 715 7.31 -64.02 18.11
CA GLN A 715 7.35 -63.59 19.50
C GLN A 715 5.93 -63.17 19.90
N ASN A 716 5.02 -64.14 19.95
CA ASN A 716 3.67 -63.82 20.39
C ASN A 716 3.65 -63.51 21.88
N LEU A 717 4.36 -64.28 22.69
CA LEU A 717 4.46 -64.08 24.13
C LEU A 717 5.92 -63.92 24.51
N GLY A 718 6.18 -63.04 25.47
CA GLY A 718 7.54 -62.79 25.87
C GLY A 718 8.03 -63.66 27.01
N GLU A 719 9.00 -64.50 26.68
CA GLU A 719 9.63 -65.45 27.59
C GLU A 719 10.83 -65.99 26.85
N THR A 720 11.93 -66.21 27.57
CA THR A 720 13.17 -66.66 26.97
C THR A 720 13.78 -65.59 26.07
N SER A 721 13.60 -64.31 26.41
CA SER A 721 14.18 -63.27 25.59
C SER A 721 15.70 -63.46 25.62
N THR A 722 16.35 -63.09 24.55
CA THR A 722 17.75 -63.43 24.33
C THR A 722 18.65 -62.39 24.97
N PRO A 723 19.96 -62.65 24.99
CA PRO A 723 20.89 -61.63 25.52
C PRO A 723 20.75 -60.31 24.80
N THR A 724 20.31 -60.33 23.54
CA THR A 724 20.24 -59.14 22.71
C THR A 724 18.97 -58.37 23.08
N GLN A 725 19.07 -57.04 23.07
CA GLN A 725 17.92 -56.20 23.39
C GLN A 725 17.75 -55.15 22.30
N GLY A 726 16.52 -55.01 21.81
CA GLY A 726 16.20 -54.12 20.73
C GLY A 726 16.25 -54.81 19.38
N SER A 727 15.51 -54.25 18.43
CA SER A 727 15.49 -54.85 17.09
C SER A 727 15.33 -53.80 16.01
N VAL A 728 16.35 -53.67 15.17
CA VAL A 728 16.32 -52.80 14.00
C VAL A 728 16.65 -53.64 12.78
N LEU A 729 15.76 -53.62 11.78
CA LEU A 729 15.98 -54.29 10.51
C LEU A 729 16.42 -53.26 9.46
N PHE A 730 17.31 -53.68 8.56
CA PHE A 730 17.72 -52.76 7.50
C PHE A 730 17.76 -53.44 6.14
N GLY A 731 17.37 -52.70 5.11
CA GLY A 731 17.40 -53.17 3.73
C GLY A 731 18.50 -52.47 2.95
N THR A 732 19.07 -53.18 1.96
CA THR A 732 20.21 -52.70 1.20
C THR A 732 19.94 -52.79 -0.30
N VAL A 733 20.87 -52.21 -1.07
CA VAL A 733 20.72 -52.21 -2.52
C VAL A 733 20.89 -53.61 -3.09
N ASN A 734 21.79 -54.40 -2.51
CA ASN A 734 22.07 -55.74 -3.00
C ASN A 734 21.06 -56.77 -2.50
N GLY A 735 19.96 -56.30 -1.90
CA GLY A 735 18.90 -57.17 -1.42
C GLY A 735 19.08 -57.73 -0.03
N MET A 736 20.24 -57.53 0.59
CA MET A 736 20.49 -58.05 1.93
C MET A 736 19.57 -57.35 2.94
N ILE A 737 18.91 -58.16 3.76
CA ILE A 737 18.13 -57.69 4.90
C ILE A 737 18.94 -58.06 6.13
N GLY A 738 19.14 -57.11 7.05
CA GLY A 738 19.98 -57.31 8.20
C GLY A 738 19.30 -56.88 9.50
N LEU A 739 20.05 -57.05 10.59
CA LEU A 739 19.52 -56.76 11.92
C LEU A 739 20.62 -56.25 12.82
N VAL A 740 20.32 -55.18 13.54
CA VAL A 740 21.21 -54.57 14.52
C VAL A 740 20.53 -54.64 15.87
N THR A 741 21.24 -55.14 16.89
CA THR A 741 20.72 -55.20 18.25
C THR A 741 21.84 -54.86 19.23
N SER A 742 21.45 -54.48 20.46
CA SER A 742 22.37 -54.05 21.49
C SER A 742 22.74 -55.18 22.45
N LEU A 743 23.90 -55.01 23.10
CA LEU A 743 24.42 -55.98 24.04
C LEU A 743 24.78 -55.27 25.35
N SER A 744 24.88 -56.06 26.43
CA SER A 744 25.45 -55.54 27.67
C SER A 744 26.97 -55.55 27.57
N GLU A 745 27.62 -54.76 28.42
CA GLU A 745 29.08 -54.66 28.35
C GLU A 745 29.73 -56.05 28.43
N SER A 746 29.32 -56.86 29.40
CA SER A 746 29.92 -58.17 29.57
C SER A 746 29.66 -59.06 28.36
N TRP A 747 28.41 -59.10 27.89
CA TRP A 747 28.13 -59.99 26.76
C TRP A 747 28.98 -59.64 25.55
N TYR A 748 29.15 -58.34 25.29
CA TYR A 748 29.95 -57.91 24.15
C TYR A 748 31.38 -58.42 24.27
N ASN A 749 32.00 -58.24 25.43
CA ASN A 749 33.38 -58.65 25.63
C ASN A 749 33.55 -60.15 25.48
N LEU A 750 32.58 -60.92 25.93
CA LEU A 750 32.67 -62.36 25.73
C LEU A 750 32.71 -62.69 24.25
N LEU A 751 31.75 -62.13 23.49
CA LEU A 751 31.64 -62.41 22.07
C LEU A 751 32.81 -61.81 21.31
N LEU A 752 33.30 -60.65 21.74
CA LEU A 752 34.48 -60.06 21.10
C LEU A 752 35.72 -60.90 21.35
N ASP A 753 35.93 -61.32 22.60
CA ASP A 753 37.05 -62.21 22.88
C ASP A 753 36.95 -63.46 22.04
N MET A 754 35.72 -63.95 21.82
CA MET A 754 35.51 -65.13 21.02
C MET A 754 35.78 -64.89 19.54
N GLN A 755 35.39 -63.71 19.01
CA GLN A 755 35.71 -63.43 17.62
C GLN A 755 37.20 -63.56 17.36
N ASN A 756 38.01 -62.90 18.20
CA ASN A 756 39.45 -62.96 18.04
C ASN A 756 39.94 -64.39 18.10
N ARG A 757 39.25 -65.24 18.87
CA ARG A 757 39.60 -66.65 18.89
C ARG A 757 39.15 -67.34 17.62
N LEU A 758 37.94 -67.06 17.15
CA LEU A 758 37.48 -67.70 15.92
C LEU A 758 38.31 -67.28 14.71
N ASN A 759 38.76 -66.02 14.68
CA ASN A 759 39.53 -65.56 13.52
C ASN A 759 40.85 -66.31 13.41
N LYS A 760 41.44 -66.71 14.54
CA LYS A 760 42.66 -67.51 14.48
C LYS A 760 42.39 -68.93 13.99
N VAL A 761 41.18 -69.42 14.20
CA VAL A 761 40.85 -70.82 13.90
C VAL A 761 40.30 -70.98 12.49
N ILE A 762 39.44 -70.06 12.06
CA ILE A 762 38.71 -70.23 10.79
C ILE A 762 39.60 -69.78 9.64
N LYS A 763 39.62 -70.59 8.59
CA LYS A 763 40.39 -70.31 7.39
C LYS A 763 39.56 -69.47 6.45
N SER A 764 40.09 -68.32 6.04
CA SER A 764 39.37 -67.42 5.16
C SER A 764 39.68 -67.71 3.71
N VAL A 765 38.69 -67.53 2.84
CA VAL A 765 38.93 -67.68 1.41
C VAL A 765 39.77 -66.51 0.95
N GLY A 766 40.85 -66.80 0.22
CA GLY A 766 41.78 -65.78 -0.18
C GLY A 766 42.71 -65.32 0.92
N LYS A 767 42.63 -65.93 2.10
CA LYS A 767 43.47 -65.56 3.24
C LYS A 767 43.31 -64.07 3.53
N ILE A 768 42.06 -63.62 3.59
CA ILE A 768 41.74 -62.24 3.91
C ILE A 768 41.53 -62.13 5.41
N GLU A 769 42.27 -61.24 6.06
CA GLU A 769 42.11 -61.03 7.49
C GLU A 769 40.74 -60.46 7.80
N HIS A 770 40.03 -61.12 8.72
CA HIS A 770 38.68 -60.67 9.08
C HIS A 770 38.73 -59.26 9.68
N SER A 771 39.72 -58.99 10.52
CA SER A 771 39.84 -57.66 11.13
C SER A 771 40.00 -56.58 10.08
N PHE A 772 40.71 -56.87 8.99
CA PHE A 772 40.85 -55.92 7.89
C PHE A 772 39.50 -55.65 7.21
N TRP A 773 38.78 -56.73 6.88
CA TRP A 773 37.51 -56.61 6.17
C TRP A 773 36.55 -55.68 6.89
N ARG A 774 36.36 -55.88 8.20
CA ARG A 774 35.40 -55.08 8.94
C ARG A 774 35.95 -53.72 9.38
N SER A 775 37.20 -53.39 9.06
CA SER A 775 37.70 -52.06 9.39
C SER A 775 36.91 -51.01 8.62
N PHE A 776 36.50 -49.95 9.32
CA PHE A 776 35.87 -48.80 8.69
C PHE A 776 36.72 -48.34 7.52
N HIS A 777 36.08 -48.06 6.38
CA HIS A 777 36.87 -47.74 5.20
C HIS A 777 36.18 -46.73 4.29
N THR A 778 36.85 -45.62 4.06
CA THR A 778 36.59 -44.68 2.97
C THR A 778 37.87 -44.53 2.16
N GLU A 779 37.77 -43.84 1.02
CA GLU A 779 38.99 -43.60 0.25
C GLU A 779 40.03 -42.84 1.09
N ARG A 780 39.60 -42.13 2.13
CA ARG A 780 40.46 -41.28 2.91
C ARG A 780 40.80 -41.82 4.29
N LYS A 781 39.98 -42.72 4.83
CA LYS A 781 40.26 -43.29 6.15
C LYS A 781 40.14 -44.80 6.18
N THR A 782 40.87 -45.41 7.11
CA THR A 782 40.68 -46.81 7.49
C THR A 782 40.86 -46.88 9.00
N GLU A 783 39.83 -47.34 9.72
CA GLU A 783 39.87 -47.46 11.15
C GLU A 783 39.50 -48.89 11.54
N PRO A 784 40.05 -49.40 12.64
CA PRO A 784 39.62 -50.72 13.12
C PRO A 784 38.19 -50.65 13.60
N ALA A 785 37.43 -51.72 13.37
CA ALA A 785 36.05 -51.76 13.82
C ALA A 785 35.98 -51.64 15.34
N THR A 786 34.88 -51.09 15.82
CA THR A 786 34.70 -50.95 17.26
C THR A 786 33.21 -50.93 17.60
N GLY A 787 32.89 -51.55 18.73
CA GLY A 787 31.54 -51.51 19.25
C GLY A 787 30.54 -52.40 18.56
N PHE A 788 31.00 -53.25 17.64
CA PHE A 788 30.10 -54.09 16.83
C PHE A 788 30.61 -55.51 16.83
N ILE A 789 29.71 -56.46 17.05
CA ILE A 789 30.01 -57.87 16.99
C ILE A 789 29.55 -58.37 15.64
N ASP A 790 30.48 -58.90 14.85
CA ASP A 790 30.12 -59.48 13.55
C ASP A 790 29.37 -60.78 13.80
N GLY A 791 28.05 -60.70 13.93
CA GLY A 791 27.27 -61.86 14.30
C GLY A 791 27.44 -63.00 13.34
N ASP A 792 27.70 -62.71 12.06
CA ASP A 792 27.87 -63.78 11.09
C ASP A 792 29.16 -64.56 11.35
N LEU A 793 30.15 -63.94 11.98
CA LEU A 793 31.31 -64.70 12.43
C LEU A 793 30.96 -65.55 13.62
N ILE A 794 30.23 -64.99 14.59
CA ILE A 794 29.83 -65.73 15.78
C ILE A 794 28.99 -66.95 15.40
N GLU A 795 28.05 -66.78 14.48
CA GLU A 795 27.19 -67.90 14.13
C GLU A 795 27.89 -68.95 13.27
N SER A 796 29.15 -68.70 12.88
CA SER A 796 29.94 -69.71 12.19
C SER A 796 30.62 -70.67 13.15
N PHE A 797 30.61 -70.37 14.45
CA PHE A 797 31.14 -71.30 15.44
C PHE A 797 30.42 -72.65 15.37
N LEU A 798 29.12 -72.63 15.09
CA LEU A 798 28.34 -73.85 15.02
C LEU A 798 28.75 -74.75 13.85
N ASP A 799 29.35 -74.19 12.80
CA ASP A 799 29.68 -74.96 11.60
C ASP A 799 31.13 -75.45 11.55
N ILE A 800 31.96 -75.09 12.51
CA ILE A 800 33.35 -75.52 12.51
C ILE A 800 33.45 -76.87 13.20
N SER A 801 34.46 -77.66 12.81
CA SER A 801 34.58 -79.02 13.31
C SER A 801 34.88 -79.03 14.81
N ARG A 802 34.55 -80.15 15.44
CA ARG A 802 34.72 -80.26 16.90
C ARG A 802 36.13 -79.95 17.37
N PRO A 803 37.21 -80.45 16.72
CA PRO A 803 38.55 -80.07 17.18
C PRO A 803 38.74 -78.56 17.23
N LYS A 804 38.15 -77.87 16.25
CA LYS A 804 38.28 -76.42 16.16
C LYS A 804 37.47 -75.74 17.25
N MET A 805 36.29 -76.28 17.56
CA MET A 805 35.46 -75.75 18.65
C MET A 805 36.21 -75.76 19.97
N GLN A 806 36.82 -76.90 20.32
CA GLN A 806 37.53 -77.01 21.58
C GLN A 806 38.78 -76.15 21.60
N GLU A 807 39.43 -75.99 20.44
CA GLU A 807 40.57 -75.09 20.35
C GLU A 807 40.14 -73.66 20.62
N VAL A 808 38.90 -73.31 20.26
CA VAL A 808 38.39 -71.95 20.44
C VAL A 808 38.10 -71.67 21.91
N VAL A 809 37.56 -72.66 22.63
CA VAL A 809 37.07 -72.40 23.99
C VAL A 809 38.15 -72.48 25.06
N ALA A 810 39.38 -72.81 24.69
CA ALA A 810 40.46 -72.91 25.66
C ALA A 810 40.67 -71.58 26.37
N ASN A 811 40.69 -71.63 27.71
CA ASN A 811 40.98 -70.47 28.55
C ASN A 811 39.96 -69.36 28.39
N LEU A 812 38.69 -69.67 28.17
CA LEU A 812 37.67 -68.65 27.96
C LEU A 812 36.94 -68.43 29.29
N GLN A 813 36.99 -67.19 29.79
CA GLN A 813 36.44 -66.83 31.10
C GLN A 813 35.46 -65.67 30.96
N TYR A 814 34.20 -65.90 31.35
CA TYR A 814 33.20 -64.83 31.36
C TYR A 814 33.06 -64.18 32.75
N ASP A 815 33.10 -62.85 32.79
CA ASP A 815 32.94 -62.05 34.01
C ASP A 815 31.55 -61.45 34.14
N ASP A 816 31.31 -60.83 35.30
CA ASP A 816 30.06 -60.15 35.67
C ASP A 816 28.96 -61.16 36.01
N GLY A 817 29.27 -62.45 35.99
CA GLY A 817 28.30 -63.50 36.19
C GLY A 817 28.22 -63.87 37.65
N SER A 818 27.65 -65.04 37.90
CA SER A 818 27.69 -65.57 39.25
C SER A 818 29.13 -65.71 39.73
N GLY A 819 30.06 -65.98 38.81
CA GLY A 819 31.48 -66.11 39.15
C GLY A 819 32.28 -65.13 38.33
N MET A 820 33.26 -64.47 38.97
CA MET A 820 34.04 -63.46 38.26
C MET A 820 34.77 -64.04 37.05
N LYS A 821 35.21 -65.29 37.13
CA LYS A 821 35.80 -65.98 35.97
C LYS A 821 35.26 -67.40 35.96
N ARG A 822 34.72 -67.81 34.80
CA ARG A 822 34.10 -69.11 34.63
C ARG A 822 34.56 -69.69 33.30
N GLU A 823 35.27 -70.81 33.33
CA GLU A 823 35.68 -71.46 32.08
C GLU A 823 34.48 -71.93 31.28
N ALA A 824 34.48 -71.62 29.99
CA ALA A 824 33.44 -72.04 29.07
C ALA A 824 33.85 -73.32 28.35
N THR A 825 32.88 -74.22 28.16
CA THR A 825 33.09 -75.43 27.38
C THR A 825 32.49 -75.22 25.99
N ALA A 826 32.85 -76.11 25.05
CA ALA A 826 32.28 -76.00 23.72
C ALA A 826 30.76 -76.17 23.74
N ASP A 827 30.25 -77.14 24.50
CA ASP A 827 28.81 -77.34 24.55
C ASP A 827 28.09 -76.17 25.21
N ASP A 828 28.75 -75.47 26.15
CA ASP A 828 28.14 -74.26 26.71
C ASP A 828 27.92 -73.22 25.63
N LEU A 829 28.93 -73.00 24.78
CA LEU A 829 28.82 -71.97 23.74
C LEU A 829 27.80 -72.36 22.69
N ILE A 830 27.75 -73.65 22.31
CA ILE A 830 26.79 -74.05 21.29
C ILE A 830 25.40 -73.63 21.71
N LYS A 831 25.12 -73.63 23.02
CA LYS A 831 23.86 -73.12 23.52
C LYS A 831 23.73 -71.61 23.32
N VAL A 832 24.79 -70.87 23.64
CA VAL A 832 24.73 -69.41 23.52
C VAL A 832 24.54 -69.02 22.05
N VAL A 833 25.29 -69.63 21.15
CA VAL A 833 25.17 -69.24 19.74
C VAL A 833 23.78 -69.58 19.21
N GLU A 834 23.22 -70.72 19.63
CA GLU A 834 21.89 -71.09 19.17
C GLU A 834 20.83 -70.11 19.64
N GLU A 835 20.94 -69.60 20.87
CA GLU A 835 20.01 -68.57 21.32
C GLU A 835 20.12 -67.32 20.44
N LEU A 836 21.34 -66.98 20.04
CA LEU A 836 21.56 -65.83 19.17
C LEU A 836 20.98 -66.06 17.78
N THR A 837 20.98 -67.32 17.30
CA THR A 837 20.43 -67.59 15.98
C THR A 837 18.93 -67.42 15.92
N ARG A 838 18.24 -67.41 17.06
CA ARG A 838 16.79 -67.27 17.03
C ARG A 838 16.33 -65.84 16.83
N ILE A 839 17.22 -64.85 16.94
CA ILE A 839 16.79 -63.47 16.79
C ILE A 839 16.35 -63.17 15.36
N HIS A 840 16.72 -64.01 14.40
CA HIS A 840 16.32 -63.82 13.01
C HIS A 840 15.83 -65.11 12.36
N THR B 7 31.48 4.26 16.28
CA THR B 7 31.98 4.04 14.93
C THR B 7 32.21 2.54 14.70
N GLU B 8 32.53 2.18 13.45
CA GLU B 8 32.74 0.78 13.09
C GLU B 8 33.93 0.16 13.83
N SER B 9 34.79 0.98 14.42
CA SER B 9 36.06 0.55 14.96
C SER B 9 36.01 0.23 16.45
N ASP B 10 34.92 0.57 17.14
CA ASP B 10 34.82 0.43 18.59
C ASP B 10 34.39 -1.00 18.95
N TRP B 11 35.35 -1.91 18.83
CA TRP B 11 35.08 -3.32 19.04
C TRP B 11 34.93 -3.65 20.52
N GLY B 12 34.29 -4.78 20.78
CA GLY B 12 34.14 -5.30 22.11
C GLY B 12 32.95 -4.80 22.90
N LYS B 13 32.21 -3.82 22.39
CA LYS B 13 31.06 -3.27 23.09
C LYS B 13 29.73 -3.82 22.59
N ARG B 14 29.56 -3.94 21.27
CA ARG B 14 28.28 -4.41 20.74
C ARG B 14 27.94 -5.78 21.31
N CYS B 15 26.67 -6.03 21.56
CA CYS B 15 26.26 -7.28 22.18
C CYS B 15 25.95 -8.35 21.14
N VAL B 16 26.13 -9.60 21.54
CA VAL B 16 25.83 -10.74 20.68
C VAL B 16 24.31 -10.88 20.50
N ASP B 17 23.55 -10.02 21.19
CA ASP B 17 22.12 -10.02 20.95
C ASP B 17 21.81 -9.69 19.50
N LYS B 18 22.74 -9.01 18.83
CA LYS B 18 22.52 -8.53 17.48
C LYS B 18 22.56 -9.65 16.46
N PHE B 19 22.85 -10.87 16.88
CA PHE B 19 22.92 -12.02 16.01
C PHE B 19 21.92 -13.08 16.45
N ASP B 20 21.21 -13.65 15.47
CA ASP B 20 20.38 -14.83 15.69
C ASP B 20 21.25 -16.04 15.42
N ILE B 21 21.44 -16.88 16.43
CA ILE B 21 22.36 -18.02 16.32
C ILE B 21 21.61 -19.13 15.59
N ILE B 22 22.15 -19.55 14.45
CA ILE B 22 21.46 -20.55 13.62
C ILE B 22 21.76 -21.96 14.08
N GLY B 23 23.01 -22.22 14.46
CA GLY B 23 23.41 -23.52 14.94
C GLY B 23 24.87 -23.48 15.31
N ILE B 24 25.42 -24.64 15.62
CA ILE B 24 26.84 -24.76 15.94
C ILE B 24 27.53 -25.35 14.72
N ILE B 25 28.41 -24.57 14.09
CA ILE B 25 29.05 -25.08 12.87
C ILE B 25 30.27 -25.91 13.23
N GLY B 26 30.94 -25.61 14.34
CA GLY B 26 32.22 -26.23 14.60
C GLY B 26 32.61 -26.24 16.06
N GLU B 27 33.44 -27.21 16.40
CA GLU B 27 34.04 -27.36 17.71
C GLU B 27 35.45 -27.89 17.51
N GLY B 28 36.18 -28.01 18.62
CA GLY B 28 37.49 -28.65 18.65
C GLY B 28 38.59 -27.79 19.23
N THR B 29 39.81 -27.92 18.72
CA THR B 29 40.93 -27.15 19.27
C THR B 29 40.70 -25.66 19.06
N TYR B 30 40.10 -25.30 17.93
CA TYR B 30 39.78 -23.90 17.64
C TYR B 30 38.76 -23.36 18.63
N GLY B 31 37.84 -24.21 19.05
CA GLY B 31 36.78 -23.93 20.02
C GLY B 31 35.41 -24.04 19.40
N GLN B 32 34.44 -23.42 20.09
CA GLN B 32 33.06 -23.51 19.65
C GLN B 32 32.79 -22.39 18.67
N VAL B 33 32.34 -22.73 17.48
CA VAL B 33 32.03 -21.75 16.45
C VAL B 33 30.56 -21.94 16.07
N TYR B 34 29.80 -20.83 16.07
CA TYR B 34 28.38 -20.85 15.78
C TYR B 34 28.08 -20.05 14.51
N LYS B 35 27.17 -20.57 13.69
CA LYS B 35 26.63 -19.83 12.55
C LYS B 35 25.47 -18.95 13.01
N ALA B 36 25.52 -17.67 12.63
CA ALA B 36 24.51 -16.72 13.07
C ALA B 36 24.20 -15.75 11.93
N LYS B 37 23.06 -15.07 12.05
CA LYS B 37 22.70 -13.99 11.14
C LYS B 37 22.49 -12.70 11.94
N ASP B 38 23.13 -11.63 11.49
CA ASP B 38 22.91 -10.31 12.08
C ASP B 38 21.48 -9.88 11.80
N LYS B 39 20.78 -9.40 12.83
CA LYS B 39 19.40 -8.97 12.67
C LYS B 39 19.29 -7.69 11.85
N ASP B 40 20.22 -6.76 12.05
CA ASP B 40 20.12 -5.47 11.39
C ASP B 40 20.50 -5.57 9.92
N THR B 41 21.55 -6.34 9.61
CA THR B 41 22.02 -6.44 8.24
C THR B 41 21.48 -7.69 7.52
N GLY B 42 21.06 -8.71 8.27
CA GLY B 42 20.64 -9.95 7.66
C GLY B 42 21.76 -10.78 7.09
N GLU B 43 23.00 -10.47 7.44
CA GLU B 43 24.16 -11.18 6.92
C GLU B 43 24.51 -12.41 7.77
N LEU B 44 24.85 -13.50 7.10
CA LEU B 44 25.30 -14.69 7.79
C LEU B 44 26.76 -14.52 8.22
N VAL B 45 27.02 -14.83 9.49
CA VAL B 45 28.33 -14.69 10.10
C VAL B 45 28.73 -16.00 10.79
N ALA B 46 29.95 -16.02 11.32
CA ALA B 46 30.44 -17.13 12.13
C ALA B 46 31.10 -16.53 13.36
N LEU B 47 30.68 -17.01 14.54
CA LEU B 47 31.09 -16.47 15.84
C LEU B 47 31.95 -17.52 16.55
N LYS B 48 33.19 -17.17 16.89
CA LYS B 48 34.07 -18.03 17.67
C LYS B 48 33.98 -17.61 19.14
N LYS B 49 33.51 -18.51 20.01
CA LYS B 49 33.39 -18.17 21.42
C LYS B 49 34.79 -18.28 22.04
N VAL B 50 35.29 -17.16 22.55
CA VAL B 50 36.54 -17.09 23.29
C VAL B 50 36.18 -16.95 24.76
N ARG B 51 36.64 -17.89 25.58
CA ARG B 51 36.30 -17.91 26.99
C ARG B 51 37.54 -17.49 27.77
N LEU B 52 37.40 -16.39 28.51
CA LEU B 52 38.44 -15.95 29.43
C LEU B 52 38.09 -16.34 30.86
N ASP B 53 37.04 -17.15 31.04
CA ASP B 53 36.59 -17.51 32.37
C ASP B 53 37.59 -18.40 33.09
N ASN B 54 38.40 -19.18 32.35
CA ASN B 54 39.38 -20.04 33.01
C ASN B 54 40.36 -19.22 33.83
N GLU B 55 40.82 -18.09 33.30
CA GLU B 55 41.70 -17.16 34.00
C GLU B 55 43.02 -17.81 34.42
N LYS B 56 43.36 -18.97 33.84
CA LYS B 56 44.71 -19.51 34.02
C LYS B 56 45.75 -18.60 33.38
N GLU B 57 45.48 -18.17 32.15
CA GLU B 57 46.28 -17.18 31.44
C GLU B 57 45.39 -16.08 30.88
N GLY B 58 44.16 -15.98 31.38
CA GLY B 58 43.30 -14.92 30.91
C GLY B 58 42.91 -15.16 29.46
N PHE B 59 42.83 -14.08 28.71
CA PHE B 59 42.42 -14.14 27.32
C PHE B 59 43.34 -15.09 26.56
N PRO B 60 42.80 -16.05 25.81
CA PRO B 60 43.67 -17.02 25.13
C PRO B 60 44.59 -16.35 24.12
N ILE B 61 45.83 -16.86 24.04
CA ILE B 61 46.77 -16.30 23.07
C ILE B 61 46.41 -16.74 21.65
N THR B 62 45.77 -17.90 21.49
CA THR B 62 45.32 -18.29 20.16
C THR B 62 44.43 -17.20 19.58
N ALA B 63 43.49 -16.70 20.37
CA ALA B 63 42.62 -15.61 19.93
C ALA B 63 43.39 -14.30 19.80
N ILE B 64 44.35 -14.03 20.69
CA ILE B 64 45.07 -12.76 20.59
C ILE B 64 45.81 -12.67 19.26
N ARG B 65 46.43 -13.77 18.83
CA ARG B 65 47.10 -13.78 17.53
C ARG B 65 46.10 -13.61 16.40
N GLU B 66 44.96 -14.32 16.47
CA GLU B 66 43.98 -14.23 15.39
C GLU B 66 43.39 -12.84 15.29
N ILE B 67 43.20 -12.15 16.42
CA ILE B 67 42.75 -10.76 16.38
C ILE B 67 43.87 -9.87 15.86
N LYS B 68 45.08 -10.03 16.42
CA LYS B 68 46.22 -9.19 16.06
C LYS B 68 46.53 -9.28 14.57
N ILE B 69 46.51 -10.50 14.01
CA ILE B 69 46.97 -10.69 12.65
C ILE B 69 45.88 -10.37 11.63
N LEU B 70 44.64 -10.79 11.88
CA LEU B 70 43.62 -10.67 10.86
C LEU B 70 43.04 -9.26 10.72
N ARG B 71 43.34 -8.36 11.66
CA ARG B 71 43.05 -6.95 11.46
C ARG B 71 44.13 -6.22 10.68
N GLN B 72 45.28 -6.86 10.48
CA GLN B 72 46.35 -6.32 9.66
C GLN B 72 46.38 -6.87 8.24
N LEU B 73 45.82 -8.06 8.04
CA LEU B 73 45.90 -8.76 6.77
C LEU B 73 44.58 -8.62 6.04
N ILE B 74 44.64 -8.04 4.84
CA ILE B 74 43.46 -7.78 4.02
C ILE B 74 43.76 -8.34 2.64
N HIS B 75 43.16 -9.48 2.29
CA HIS B 75 43.37 -10.11 0.99
C HIS B 75 42.14 -10.94 0.66
N ARG B 76 41.86 -11.09 -0.64
CA ARG B 76 40.67 -11.83 -1.02
C ARG B 76 40.69 -13.24 -0.45
N SER B 77 41.88 -13.82 -0.31
CA SER B 77 42.06 -15.21 0.08
C SER B 77 42.38 -15.34 1.56
N VAL B 78 42.19 -14.28 2.35
CA VAL B 78 42.37 -14.31 3.79
C VAL B 78 41.03 -13.99 4.44
N VAL B 79 40.63 -14.83 5.39
CA VAL B 79 39.33 -14.66 6.02
C VAL B 79 39.28 -13.36 6.79
N ASN B 80 38.12 -12.72 6.79
CA ASN B 80 37.95 -11.41 7.37
C ASN B 80 37.22 -11.52 8.71
N MET B 81 37.84 -11.00 9.78
CA MET B 81 37.19 -10.83 11.07
C MET B 81 36.43 -9.51 11.04
N LYS B 82 35.10 -9.56 11.14
CA LYS B 82 34.35 -8.32 10.96
C LYS B 82 34.29 -7.50 12.25
N GLU B 83 34.13 -8.13 13.41
CA GLU B 83 34.08 -7.40 14.67
C GLU B 83 34.15 -8.40 15.83
N ILE B 84 34.18 -7.87 17.05
CA ILE B 84 34.18 -8.69 18.26
C ILE B 84 33.03 -8.21 19.13
N VAL B 85 32.18 -9.14 19.57
CA VAL B 85 30.99 -8.83 20.35
C VAL B 85 30.99 -9.66 21.62
N THR B 86 30.16 -9.22 22.58
CA THR B 86 30.18 -9.78 23.93
C THR B 86 28.80 -10.24 24.39
N ASP B 87 28.84 -11.11 25.39
CA ASP B 87 27.66 -11.52 26.16
C ASP B 87 27.12 -10.34 26.98
N LYS B 88 25.85 -10.43 27.36
CA LYS B 88 25.30 -9.43 28.28
C LYS B 88 26.19 -9.38 29.52
N GLN B 89 26.78 -8.22 29.79
CA GLN B 89 27.69 -8.10 30.91
C GLN B 89 26.99 -7.64 32.18
N ASP B 90 27.58 -8.00 33.33
CA ASP B 90 27.05 -7.60 34.62
C ASP B 90 27.27 -6.11 34.82
N ALA B 91 26.24 -5.39 35.23
CA ALA B 91 26.34 -3.94 35.36
C ALA B 91 27.12 -3.53 36.61
N LEU B 92 28.07 -2.62 36.43
CA LEU B 92 28.93 -2.07 37.47
C LEU B 92 29.66 -3.13 38.29
N ASP B 93 29.79 -4.35 37.77
CA ASP B 93 30.47 -5.45 38.47
C ASP B 93 31.44 -6.12 37.48
N PHE B 94 32.50 -5.41 37.09
CA PHE B 94 33.44 -6.02 36.15
C PHE B 94 34.16 -7.25 36.73
N LYS B 95 34.36 -7.31 38.05
CA LYS B 95 34.98 -8.48 38.65
C LYS B 95 34.09 -9.71 38.58
N LYS B 96 32.79 -9.55 38.86
CA LYS B 96 31.86 -10.67 38.84
C LYS B 96 31.69 -11.21 37.42
N ASP B 97 31.71 -10.31 36.44
CA ASP B 97 31.43 -10.67 35.06
C ASP B 97 32.35 -11.77 34.55
N LYS B 98 31.75 -12.81 33.98
CA LYS B 98 32.48 -13.88 33.31
C LYS B 98 32.00 -14.10 31.89
N GLY B 99 31.22 -13.18 31.32
CA GLY B 99 30.74 -13.40 29.98
C GLY B 99 31.89 -13.55 29.01
N ALA B 100 31.61 -14.24 27.90
CA ALA B 100 32.65 -14.55 26.94
C ALA B 100 32.54 -13.61 25.75
N PHE B 101 33.64 -13.48 25.03
CA PHE B 101 33.68 -12.67 23.83
C PHE B 101 33.52 -13.57 22.60
N TYR B 102 32.87 -13.04 21.57
CA TYR B 102 32.64 -13.75 20.32
C TYR B 102 33.33 -12.98 19.20
N LEU B 103 34.15 -13.68 18.42
CA LEU B 103 34.83 -13.08 17.27
C LEU B 103 33.97 -13.29 16.04
N VAL B 104 33.57 -12.21 15.39
CA VAL B 104 32.68 -12.30 14.22
C VAL B 104 33.52 -12.46 12.97
N PHE B 105 33.18 -13.48 12.18
CA PHE B 105 33.80 -13.72 10.88
C PHE B 105 32.67 -13.81 9.84
N GLU B 106 33.05 -13.78 8.57
CA GLU B 106 32.14 -14.09 7.48
C GLU B 106 31.92 -15.60 7.40
N TYR B 107 30.70 -15.98 7.02
CA TYR B 107 30.34 -17.39 6.94
C TYR B 107 30.80 -17.93 5.59
N MET B 108 31.69 -18.92 5.61
CA MET B 108 32.14 -19.63 4.42
C MET B 108 31.28 -20.88 4.28
N ASP B 109 30.79 -21.14 3.06
CA ASP B 109 29.79 -22.19 2.88
C ASP B 109 30.34 -23.55 3.28
N HIS B 110 31.59 -23.85 2.93
CA HIS B 110 32.14 -25.17 3.18
C HIS B 110 33.60 -25.06 3.60
N ASP B 111 34.13 -26.17 4.11
CA ASP B 111 35.55 -26.32 4.37
C ASP B 111 36.05 -27.49 3.52
N LEU B 112 37.32 -27.41 3.13
CA LEU B 112 37.83 -28.39 2.17
C LEU B 112 37.77 -29.81 2.73
N MET B 113 38.07 -29.98 4.01
CA MET B 113 38.02 -31.31 4.60
C MET B 113 36.62 -31.89 4.49
N GLY B 114 35.61 -31.11 4.92
CA GLY B 114 34.24 -31.59 4.83
C GLY B 114 33.86 -31.97 3.41
N LEU B 115 34.26 -31.15 2.43
CA LEU B 115 33.95 -31.44 1.05
C LEU B 115 34.63 -32.71 0.58
N LEU B 116 35.89 -32.93 1.00
CA LEU B 116 36.61 -34.11 0.55
C LEU B 116 36.20 -35.36 1.33
N GLU B 117 36.08 -35.25 2.67
CA GLU B 117 35.73 -36.43 3.49
C GLU B 117 34.37 -36.99 3.10
N SER B 118 33.38 -36.12 2.84
CA SER B 118 32.08 -36.62 2.43
C SER B 118 32.09 -37.19 1.02
N GLY B 119 33.20 -37.08 0.30
CA GLY B 119 33.31 -37.65 -1.02
C GLY B 119 32.40 -37.00 -2.04
N LEU B 120 31.97 -35.76 -1.78
CA LEU B 120 30.93 -35.15 -2.58
C LEU B 120 31.47 -34.26 -3.69
N VAL B 121 32.79 -34.08 -3.79
CA VAL B 121 33.34 -33.12 -4.74
C VAL B 121 34.24 -33.83 -5.75
N HIS B 122 34.30 -33.25 -6.95
CA HIS B 122 35.21 -33.62 -8.02
C HIS B 122 35.91 -32.39 -8.55
N PHE B 123 37.22 -32.49 -8.73
CA PHE B 123 38.04 -31.38 -9.21
C PHE B 123 38.63 -31.69 -10.59
N SER B 124 38.37 -30.81 -11.56
CA SER B 124 39.09 -30.82 -12.83
C SER B 124 40.41 -30.06 -12.66
N GLU B 125 41.25 -30.11 -13.70
CA GLU B 125 42.49 -29.35 -13.62
C GLU B 125 42.21 -27.86 -13.44
N ASP B 126 41.21 -27.33 -14.14
CA ASP B 126 40.94 -25.90 -14.07
C ASP B 126 40.37 -25.48 -12.72
N HIS B 127 39.65 -26.36 -12.03
CA HIS B 127 39.20 -26.03 -10.68
C HIS B 127 40.38 -26.00 -9.72
N ILE B 128 41.33 -26.90 -9.91
CA ILE B 128 42.52 -26.94 -9.07
C ILE B 128 43.40 -25.71 -9.33
N LYS B 129 43.45 -25.26 -10.58
CA LYS B 129 44.16 -24.03 -10.90
C LYS B 129 43.55 -22.84 -10.18
N SER B 130 42.22 -22.69 -10.27
CA SER B 130 41.56 -21.57 -9.61
C SER B 130 41.73 -21.65 -8.09
N PHE B 131 41.72 -22.86 -7.55
CA PHE B 131 41.90 -23.07 -6.12
C PHE B 131 43.31 -22.71 -5.67
N MET B 132 44.32 -23.32 -6.27
CA MET B 132 45.70 -23.11 -5.82
C MET B 132 46.14 -21.67 -6.05
N LYS B 133 45.70 -21.05 -7.14
CA LYS B 133 46.12 -19.68 -7.38
C LYS B 133 45.70 -18.75 -6.25
N GLN B 134 44.46 -18.87 -5.78
CA GLN B 134 43.98 -18.04 -4.69
C GLN B 134 44.76 -18.33 -3.40
N LEU B 135 44.87 -19.62 -3.05
CA LEU B 135 45.57 -19.99 -1.82
C LEU B 135 46.99 -19.46 -1.81
N MET B 136 47.73 -19.69 -2.88
CA MET B 136 49.13 -19.27 -2.91
C MET B 136 49.26 -17.77 -3.02
N GLU B 137 48.29 -17.10 -3.66
CA GLU B 137 48.26 -15.64 -3.60
C GLU B 137 48.02 -15.16 -2.17
N GLY B 138 47.09 -15.79 -1.46
CA GLY B 138 46.90 -15.43 -0.06
C GLY B 138 48.13 -15.70 0.78
N LEU B 139 48.72 -16.88 0.60
CA LEU B 139 49.94 -17.20 1.35
C LEU B 139 51.04 -16.21 1.02
N GLU B 140 51.11 -15.80 -0.25
CA GLU B 140 52.06 -14.77 -0.67
C GLU B 140 51.84 -13.47 0.10
N TYR B 141 50.60 -13.00 0.16
CA TYR B 141 50.35 -11.77 0.90
C TYR B 141 50.86 -11.89 2.33
N CYS B 142 50.56 -13.01 2.98
CA CYS B 142 50.97 -13.21 4.37
C CYS B 142 52.47 -13.38 4.48
N HIS B 143 53.07 -14.17 3.60
CA HIS B 143 54.51 -14.38 3.68
C HIS B 143 55.29 -13.10 3.38
N LYS B 144 54.81 -12.28 2.44
CA LYS B 144 55.48 -11.01 2.18
C LYS B 144 55.36 -10.07 3.38
N LYS B 145 54.34 -10.25 4.22
CA LYS B 145 54.20 -9.51 5.47
C LYS B 145 54.94 -10.17 6.64
N ASN B 146 55.75 -11.18 6.34
CA ASN B 146 56.55 -11.92 7.33
C ASN B 146 55.69 -12.59 8.40
N PHE B 147 54.61 -13.23 7.98
CA PHE B 147 53.73 -13.99 8.87
C PHE B 147 53.74 -15.44 8.44
N LEU B 148 53.87 -16.36 9.39
CA LEU B 148 53.85 -17.79 9.12
C LEU B 148 52.56 -18.37 9.66
N HIS B 149 51.78 -19.04 8.80
CA HIS B 149 50.51 -19.61 9.23
C HIS B 149 50.72 -20.71 10.27
N ARG B 150 51.50 -21.73 9.92
CA ARG B 150 51.97 -22.79 10.79
C ARG B 150 50.91 -23.84 11.06
N ASP B 151 49.75 -23.78 10.41
CA ASP B 151 48.76 -24.84 10.57
C ASP B 151 47.94 -25.00 9.30
N ILE B 152 48.61 -25.25 8.18
CA ILE B 152 47.93 -25.40 6.90
C ILE B 152 47.43 -26.85 6.78
N LYS B 153 46.12 -27.03 6.86
CA LYS B 153 45.47 -28.33 6.67
C LYS B 153 44.20 -28.12 5.86
N CYS B 154 43.60 -29.22 5.43
CA CYS B 154 42.38 -29.10 4.62
C CYS B 154 41.22 -28.54 5.41
N SER B 155 41.19 -28.76 6.73
CA SER B 155 40.09 -28.24 7.53
C SER B 155 40.14 -26.73 7.68
N ASN B 156 41.31 -26.12 7.50
CA ASN B 156 41.47 -24.67 7.65
C ASN B 156 41.35 -23.90 6.34
N ILE B 157 41.09 -24.56 5.22
CA ILE B 157 40.80 -23.88 3.95
C ILE B 157 39.29 -23.87 3.73
N LEU B 158 38.74 -22.66 3.59
CA LEU B 158 37.31 -22.44 3.44
C LEU B 158 36.98 -22.00 2.03
N LEU B 159 35.91 -22.57 1.49
CA LEU B 159 35.50 -22.37 0.11
C LEU B 159 34.04 -21.98 0.07
N ASN B 160 33.76 -20.88 -0.62
CA ASN B 160 32.37 -20.56 -0.90
C ASN B 160 31.96 -21.26 -2.19
N ASN B 161 30.65 -21.37 -2.40
CA ASN B 161 30.15 -21.97 -3.63
C ASN B 161 30.55 -21.13 -4.83
N SER B 162 30.82 -19.84 -4.60
CA SER B 162 31.30 -18.96 -5.65
C SER B 162 32.63 -19.41 -6.20
N GLY B 163 33.36 -20.27 -5.49
CA GLY B 163 34.67 -20.70 -5.90
C GLY B 163 35.78 -19.88 -5.28
N GLN B 164 35.43 -18.91 -4.45
CA GLN B 164 36.42 -18.14 -3.72
C GLN B 164 37.00 -18.96 -2.57
N ILE B 165 38.31 -18.88 -2.41
CA ILE B 165 39.04 -19.60 -1.37
C ILE B 165 39.58 -18.59 -0.38
N LYS B 166 39.39 -18.87 0.91
CA LYS B 166 39.93 -18.03 1.98
C LYS B 166 40.60 -18.91 3.03
N LEU B 167 41.71 -18.41 3.57
CA LEU B 167 42.47 -19.05 4.64
C LEU B 167 41.92 -18.63 5.99
N ALA B 168 42.13 -19.47 7.01
CA ALA B 168 41.33 -19.32 8.23
C ALA B 168 42.05 -19.38 9.57
N ASP B 169 42.29 -20.56 10.11
CA ASP B 169 42.76 -20.64 11.50
C ASP B 169 44.16 -20.05 11.67
N PHE B 170 44.25 -18.77 12.01
CA PHE B 170 45.52 -18.13 12.34
C PHE B 170 45.89 -18.21 13.82
N GLY B 171 45.40 -19.22 14.53
CA GLY B 171 45.67 -19.32 15.94
C GLY B 171 47.14 -19.54 16.28
N LEU B 172 47.88 -20.18 15.38
CA LEU B 172 49.27 -20.53 15.61
C LEU B 172 50.25 -19.65 14.82
N ALA B 173 49.81 -18.51 14.28
CA ALA B 173 50.63 -17.69 13.42
C ALA B 173 51.52 -16.71 14.20
N ARG B 174 52.77 -16.55 13.74
CA ARG B 174 53.75 -15.69 14.39
C ARG B 174 54.66 -15.03 13.36
N LEU B 175 55.25 -13.91 13.77
CA LEU B 175 56.09 -13.09 12.91
C LEU B 175 57.46 -13.74 12.70
N TYR B 176 58.00 -13.56 11.49
CA TYR B 176 59.25 -14.16 11.06
C TYR B 176 60.24 -13.04 10.75
N ASN B 177 61.46 -13.14 11.28
CA ASN B 177 62.51 -12.19 10.97
C ASN B 177 63.34 -12.79 9.83
N SER B 178 63.42 -12.05 8.71
CA SER B 178 64.11 -12.56 7.54
C SER B 178 65.62 -12.54 7.74
N GLU B 179 66.12 -11.61 8.54
CA GLU B 179 67.55 -11.55 8.84
C GLU B 179 67.99 -12.42 10.03
N GLU B 180 67.20 -12.52 11.10
CA GLU B 180 67.65 -13.20 12.31
C GLU B 180 66.81 -14.42 12.66
N SER B 181 67.49 -15.50 13.03
CA SER B 181 66.84 -16.73 13.47
C SER B 181 66.23 -16.58 14.85
N ARG B 182 64.97 -17.00 15.00
CA ARG B 182 64.32 -16.94 16.29
C ARG B 182 63.92 -18.34 16.74
N PRO B 183 63.99 -18.65 18.04
CA PRO B 183 63.54 -19.97 18.50
C PRO B 183 62.01 -20.09 18.49
N TYR B 184 61.51 -21.11 17.79
CA TYR B 184 60.05 -21.32 17.72
C TYR B 184 59.60 -22.64 18.37
N TPO B 185 58.29 -22.90 18.39
CA TPO B 185 57.70 -24.15 18.91
CB TPO B 185 56.18 -23.98 19.11
CG2 TPO B 185 55.61 -25.21 19.77
OG1 TPO B 185 56.19 -22.89 20.06
P TPO B 185 55.15 -21.69 19.77
O1P TPO B 185 55.75 -20.81 18.57
O2P TPO B 185 53.67 -22.21 19.38
O3P TPO B 185 55.06 -20.83 20.99
C TPO B 185 58.02 -25.27 17.94
O TPO B 185 57.83 -25.13 16.73
H TPO B 185 57.70 -22.35 18.09
HA TPO B 185 58.05 -24.38 19.80
HB TPO B 185 55.60 -23.80 18.20
HG21 TPO B 185 54.55 -25.07 19.95
HG22 TPO B 185 56.13 -25.40 20.71
HG23 TPO B 185 55.74 -26.07 19.10
N ASN B 186 58.55 -26.38 18.44
CA ASN B 186 59.11 -27.41 17.59
C ASN B 186 58.11 -28.03 16.61
N LYS B 187 56.93 -28.36 17.11
CA LYS B 187 55.87 -29.01 16.34
C LYS B 187 54.69 -28.04 16.22
N VAL B 188 54.36 -27.62 14.99
CA VAL B 188 53.26 -26.69 14.78
C VAL B 188 52.21 -27.24 13.82
N ILE B 189 52.60 -27.95 12.76
CA ILE B 189 51.64 -28.37 11.74
C ILE B 189 51.15 -29.80 12.00
N THR B 190 49.93 -30.11 11.50
CA THR B 190 49.37 -31.45 11.66
C THR B 190 50.27 -32.48 10.99
N LEU B 191 50.30 -33.69 11.56
CA LEU B 191 51.29 -34.67 11.16
C LEU B 191 51.21 -34.96 9.68
N TRP B 192 49.98 -35.05 9.14
CA TRP B 192 49.84 -35.35 7.71
C TRP B 192 50.49 -34.28 6.84
N TYR B 193 50.40 -33.01 7.26
CA TYR B 193 50.90 -31.88 6.50
C TYR B 193 52.18 -31.29 7.08
N ARG B 194 52.85 -31.98 8.01
CA ARG B 194 54.05 -31.42 8.64
C ARG B 194 55.25 -31.52 7.70
N PRO B 195 56.06 -30.47 7.62
CA PRO B 195 57.23 -30.51 6.73
C PRO B 195 58.31 -31.40 7.30
N PRO B 196 59.23 -31.87 6.46
CA PRO B 196 60.27 -32.78 6.96
C PRO B 196 61.19 -32.12 7.97
N GLU B 197 61.51 -30.83 7.78
CA GLU B 197 62.35 -30.11 8.74
C GLU B 197 61.76 -30.15 10.14
N LEU B 198 60.43 -29.97 10.26
CA LEU B 198 59.81 -30.01 11.58
C LEU B 198 59.71 -31.42 12.13
N LEU B 199 59.67 -32.43 11.26
CA LEU B 199 59.77 -33.80 11.76
C LEU B 199 61.13 -34.03 12.40
N LEU B 200 62.17 -33.41 11.84
CA LEU B 200 63.49 -33.47 12.45
C LEU B 200 63.71 -32.33 13.43
N GLY B 201 62.71 -31.50 13.69
CA GLY B 201 62.81 -30.59 14.81
C GLY B 201 63.60 -29.32 14.57
N GLU B 202 63.52 -28.74 13.38
CA GLU B 202 64.33 -27.55 13.10
C GLU B 202 64.17 -26.49 14.18
N GLU B 203 62.93 -26.10 14.48
CA GLU B 203 62.66 -25.14 15.54
C GLU B 203 62.99 -23.72 15.10
N ARG B 204 63.79 -23.56 14.05
CA ARG B 204 64.06 -22.24 13.49
C ARG B 204 63.47 -22.20 12.09
N TYR B 205 62.21 -22.61 11.95
CA TYR B 205 61.70 -22.90 10.62
C TYR B 205 61.51 -21.63 9.82
N THR B 206 61.62 -21.76 8.50
CA THR B 206 61.44 -20.68 7.53
C THR B 206 59.97 -20.65 7.14
N PRO B 207 59.54 -19.66 6.33
CA PRO B 207 58.17 -19.73 5.78
C PRO B 207 57.94 -20.93 4.88
N ALA B 208 59.00 -21.63 4.49
CA ALA B 208 58.85 -22.80 3.61
C ALA B 208 58.03 -23.91 4.24
N ILE B 209 57.82 -23.87 5.57
CA ILE B 209 57.00 -24.91 6.20
C ILE B 209 55.58 -24.87 5.65
N ASP B 210 55.07 -23.67 5.35
CA ASP B 210 53.72 -23.54 4.84
C ASP B 210 53.64 -23.98 3.37
N VAL B 211 54.72 -23.78 2.62
CA VAL B 211 54.71 -24.21 1.22
C VAL B 211 54.63 -25.73 1.14
N TRP B 212 55.35 -26.44 2.01
CA TRP B 212 55.27 -27.89 2.00
C TRP B 212 53.83 -28.35 2.20
N SER B 213 53.13 -27.72 3.14
CA SER B 213 51.77 -28.11 3.46
C SER B 213 50.84 -27.92 2.27
N CYS B 214 50.99 -26.80 1.55
CA CYS B 214 50.13 -26.57 0.40
C CYS B 214 50.42 -27.57 -0.71
N GLY B 215 51.68 -27.97 -0.87
CA GLY B 215 52.00 -29.01 -1.83
C GLY B 215 51.33 -30.34 -1.51
N CYS B 216 51.26 -30.68 -0.22
CA CYS B 216 50.52 -31.88 0.15
C CYS B 216 49.06 -31.78 -0.24
N ILE B 217 48.51 -30.57 -0.17
CA ILE B 217 47.14 -30.36 -0.62
C ILE B 217 47.07 -30.43 -2.14
N LEU B 218 48.03 -29.83 -2.84
CA LEU B 218 48.03 -29.88 -4.30
C LEU B 218 47.95 -31.33 -4.77
N GLY B 219 48.77 -32.20 -4.18
CA GLY B 219 48.67 -33.61 -4.50
C GLY B 219 47.34 -34.20 -4.09
N GLU B 220 46.86 -33.85 -2.90
CA GLU B 220 45.60 -34.40 -2.40
C GLU B 220 44.43 -34.04 -3.30
N LEU B 221 44.48 -32.87 -3.96
CA LEU B 221 43.38 -32.51 -4.84
C LEU B 221 43.34 -33.36 -6.11
N PHE B 222 44.46 -33.96 -6.50
CA PHE B 222 44.50 -34.82 -7.67
C PHE B 222 44.23 -36.28 -7.37
N THR B 223 44.28 -36.67 -6.09
CA THR B 223 44.00 -38.03 -5.70
C THR B 223 42.75 -38.16 -4.82
N LYS B 224 42.28 -37.06 -4.24
CA LYS B 224 41.17 -37.04 -3.29
C LYS B 224 41.52 -37.77 -1.98
N LYS B 225 42.79 -38.12 -1.79
CA LYS B 225 43.32 -38.80 -0.60
C LYS B 225 44.61 -38.11 -0.18
N PRO B 226 44.78 -37.81 1.12
CA PRO B 226 46.04 -37.18 1.55
C PRO B 226 47.24 -38.01 1.14
N ILE B 227 48.35 -37.33 0.89
CA ILE B 227 49.52 -38.01 0.34
C ILE B 227 50.25 -38.79 1.43
N PHE B 228 50.48 -38.15 2.58
CA PHE B 228 51.25 -38.76 3.67
C PHE B 228 50.35 -38.87 4.90
N GLN B 229 49.84 -40.06 5.17
CA GLN B 229 48.99 -40.30 6.33
C GLN B 229 49.72 -41.23 7.28
N ALA B 230 50.02 -40.75 8.49
CA ALA B 230 50.72 -41.55 9.47
C ALA B 230 50.28 -41.09 10.85
N ASN B 231 50.48 -41.96 11.83
CA ASN B 231 50.07 -41.61 13.19
C ASN B 231 51.26 -41.18 14.05
N LEU B 232 52.48 -41.53 13.65
CA LEU B 232 53.66 -41.25 14.45
C LEU B 232 54.68 -40.54 13.59
N GLU B 233 55.50 -39.71 14.24
CA GLU B 233 56.41 -38.85 13.51
C GLU B 233 57.40 -39.65 12.66
N LEU B 234 57.85 -40.80 13.17
CA LEU B 234 58.78 -41.60 12.37
C LEU B 234 58.11 -42.18 11.14
N ALA B 235 56.90 -42.73 11.28
CA ALA B 235 56.21 -43.32 10.14
C ALA B 235 55.91 -42.29 9.07
N GLN B 236 55.66 -41.05 9.48
CA GLN B 236 55.45 -39.98 8.51
C GLN B 236 56.72 -39.71 7.71
N LEU B 237 57.87 -39.64 8.39
CA LEU B 237 59.13 -39.43 7.69
C LEU B 237 59.40 -40.58 6.73
N GLU B 238 59.01 -41.80 7.12
CA GLU B 238 59.15 -42.95 6.23
C GLU B 238 58.32 -42.78 4.97
N LEU B 239 57.07 -42.35 5.12
CA LEU B 239 56.22 -42.16 3.96
C LEU B 239 56.76 -41.06 3.06
N ILE B 240 57.12 -39.91 3.63
CA ILE B 240 57.73 -38.85 2.84
C ILE B 240 58.95 -39.37 2.12
N SER B 241 59.79 -40.14 2.81
CA SER B 241 61.03 -40.63 2.21
C SER B 241 60.74 -41.61 1.08
N ARG B 242 59.72 -42.47 1.23
CA ARG B 242 59.43 -43.40 0.14
C ARG B 242 59.13 -42.65 -1.15
N LEU B 243 58.62 -41.43 -1.04
CA LEU B 243 58.22 -40.64 -2.19
C LEU B 243 59.27 -39.62 -2.58
N CYS B 244 59.71 -38.78 -1.63
CA CYS B 244 60.60 -37.67 -1.95
C CYS B 244 62.07 -38.03 -1.87
N GLY B 245 62.39 -39.16 -1.25
CA GLY B 245 63.77 -39.51 -0.99
C GLY B 245 64.16 -39.27 0.46
N SER B 246 65.07 -40.08 0.95
CA SER B 246 65.46 -39.99 2.35
C SER B 246 66.36 -38.77 2.56
N PRO B 247 66.24 -38.08 3.69
CA PRO B 247 67.15 -36.95 3.94
C PRO B 247 68.61 -37.37 3.84
N CYS B 248 69.32 -36.73 2.91
CA CYS B 248 70.70 -37.04 2.58
C CYS B 248 71.48 -35.75 2.74
N PRO B 249 72.75 -35.82 3.18
CA PRO B 249 73.55 -34.59 3.14
C PRO B 249 73.76 -34.10 1.71
N ALA B 250 73.51 -34.98 0.73
CA ALA B 250 73.70 -34.65 -0.67
C ALA B 250 72.58 -33.78 -1.21
N VAL B 251 71.34 -34.05 -0.82
CA VAL B 251 70.21 -33.23 -1.25
C VAL B 251 69.84 -32.18 -0.21
N TRP B 252 70.27 -32.34 1.04
CA TRP B 252 69.90 -31.46 2.15
C TRP B 252 71.19 -31.17 2.90
N PRO B 253 71.91 -30.12 2.52
CA PRO B 253 73.28 -29.95 3.06
C PRO B 253 73.32 -29.81 4.57
N ASP B 254 72.33 -29.17 5.17
CA ASP B 254 72.33 -28.90 6.60
C ASP B 254 71.50 -29.91 7.38
N VAL B 255 71.13 -31.04 6.76
CA VAL B 255 70.35 -32.05 7.47
C VAL B 255 71.12 -32.55 8.69
N ILE B 256 72.45 -32.53 8.62
CA ILE B 256 73.27 -32.96 9.74
C ILE B 256 73.07 -32.05 10.95
N ARG B 257 72.75 -30.77 10.73
CA ARG B 257 72.51 -29.89 11.86
C ARG B 257 71.18 -30.15 12.56
N LEU B 258 70.22 -30.80 11.91
CA LEU B 258 68.91 -30.99 12.51
C LEU B 258 69.04 -31.95 13.70
N PRO B 259 68.33 -31.69 14.80
CA PRO B 259 68.60 -32.48 16.01
C PRO B 259 68.42 -33.98 15.85
N TYR B 260 67.34 -34.44 15.22
CA TYR B 260 66.98 -35.85 15.23
C TYR B 260 67.43 -36.58 13.96
N PHE B 261 68.34 -35.99 13.18
CA PHE B 261 68.77 -36.60 11.92
C PHE B 261 69.32 -38.00 12.13
N ASN B 262 70.21 -38.16 13.09
CA ASN B 262 70.78 -39.47 13.40
C ASN B 262 69.75 -40.37 14.08
N THR B 263 68.92 -39.80 14.93
CA THR B 263 67.93 -40.57 15.67
C THR B 263 66.86 -41.13 14.74
N MET B 264 66.24 -40.28 13.93
CA MET B 264 65.11 -40.65 13.06
C MET B 264 65.62 -41.04 11.67
N LYS B 265 65.93 -42.33 11.49
CA LYS B 265 66.34 -42.74 10.15
C LYS B 265 65.30 -43.59 9.42
N PRO B 266 65.02 -43.33 8.13
CA PRO B 266 64.10 -44.22 7.40
C PRO B 266 64.71 -45.60 7.13
N LYS B 267 63.82 -46.55 6.81
CA LYS B 267 64.23 -47.93 6.58
C LYS B 267 65.41 -48.02 5.61
N LYS B 268 65.35 -47.25 4.52
CA LYS B 268 66.41 -47.23 3.53
C LYS B 268 66.77 -45.78 3.21
N GLN B 269 67.81 -45.62 2.39
CA GLN B 269 68.10 -44.34 1.76
C GLN B 269 67.39 -44.42 0.41
N TYR B 270 66.15 -43.97 0.40
CA TYR B 270 65.29 -44.14 -0.76
C TYR B 270 65.65 -43.12 -1.84
N ARG B 271 65.46 -43.53 -3.09
CA ARG B 271 65.51 -42.59 -4.20
C ARG B 271 64.17 -41.91 -4.36
N ARG B 272 64.19 -40.72 -4.95
CA ARG B 272 62.96 -39.97 -5.17
C ARG B 272 62.15 -40.67 -6.26
N ARG B 273 60.86 -40.88 -6.00
CA ARG B 273 59.94 -41.47 -6.96
C ARG B 273 58.74 -40.56 -7.26
N LEU B 274 58.79 -39.30 -6.83
CA LEU B 274 57.62 -38.44 -6.89
C LEU B 274 57.06 -38.37 -8.31
N ARG B 275 57.94 -38.13 -9.29
CA ARG B 275 57.46 -38.01 -10.66
C ARG B 275 56.85 -39.31 -11.18
N GLU B 276 57.38 -40.45 -10.75
CA GLU B 276 56.85 -41.72 -11.22
C GLU B 276 55.48 -42.00 -10.61
N GLU B 277 55.36 -41.90 -9.28
CA GLU B 277 54.11 -42.24 -8.63
C GLU B 277 53.01 -41.24 -8.93
N PHE B 278 53.37 -40.00 -9.30
CA PHE B 278 52.39 -39.00 -9.70
C PHE B 278 52.37 -38.79 -11.21
N SER B 279 52.68 -39.84 -11.99
CA SER B 279 52.72 -39.70 -13.44
C SER B 279 51.36 -39.37 -14.03
N PHE B 280 50.28 -39.62 -13.30
CA PHE B 280 48.93 -39.33 -13.77
C PHE B 280 48.57 -37.86 -13.59
N ILE B 281 49.46 -37.05 -13.01
CA ILE B 281 49.23 -35.63 -12.81
C ILE B 281 49.70 -34.89 -14.06
N PRO B 282 49.03 -33.80 -14.43
CA PRO B 282 49.48 -32.99 -15.57
C PRO B 282 50.93 -32.51 -15.42
N SER B 283 51.57 -32.30 -16.56
CA SER B 283 52.98 -31.92 -16.56
C SER B 283 53.21 -30.61 -15.81
N ALA B 284 52.40 -29.60 -16.10
CA ALA B 284 52.58 -28.32 -15.43
C ALA B 284 52.43 -28.45 -13.91
N ALA B 285 51.48 -29.27 -13.46
CA ALA B 285 51.28 -29.45 -12.03
C ALA B 285 52.36 -30.32 -11.42
N LEU B 286 52.76 -31.41 -12.09
CA LEU B 286 53.77 -32.29 -11.52
C LEU B 286 55.04 -31.52 -11.19
N ASP B 287 55.42 -30.57 -12.04
CA ASP B 287 56.54 -29.69 -11.71
C ASP B 287 56.29 -28.90 -10.44
N LEU B 288 55.07 -28.39 -10.27
CA LEU B 288 54.77 -27.61 -9.07
C LEU B 288 54.86 -28.50 -7.85
N LEU B 289 54.39 -29.74 -7.95
CA LEU B 289 54.47 -30.64 -6.80
C LEU B 289 55.91 -30.96 -6.45
N ASP B 290 56.75 -31.23 -7.46
CA ASP B 290 58.14 -31.58 -7.19
C ASP B 290 58.88 -30.43 -6.52
N HIS B 291 58.55 -29.19 -6.86
CA HIS B 291 59.27 -28.09 -6.25
C HIS B 291 58.72 -27.73 -4.87
N MET B 292 57.42 -27.91 -4.65
CA MET B 292 56.84 -27.63 -3.35
C MET B 292 57.18 -28.72 -2.35
N LEU B 293 57.32 -29.96 -2.81
CA LEU B 293 57.68 -31.08 -1.93
C LEU B 293 59.18 -31.36 -2.02
N THR B 294 59.97 -30.29 -1.95
CA THR B 294 61.42 -30.40 -1.88
C THR B 294 61.87 -30.52 -0.43
N LEU B 295 62.80 -31.44 -0.18
CA LEU B 295 63.20 -31.74 1.20
C LEU B 295 63.88 -30.53 1.83
N ASP B 296 64.86 -29.96 1.16
CA ASP B 296 65.66 -28.88 1.72
C ASP B 296 64.81 -27.62 1.85
N PRO B 297 64.66 -27.03 3.05
CA PRO B 297 63.85 -25.81 3.15
C PRO B 297 64.37 -24.71 2.26
N SER B 298 65.69 -24.67 2.05
CA SER B 298 66.29 -23.64 1.20
C SER B 298 66.06 -23.89 -0.28
N LYS B 299 65.92 -25.15 -0.69
CA LYS B 299 65.63 -25.46 -2.07
C LYS B 299 64.13 -25.43 -2.37
N ARG B 300 63.29 -25.55 -1.36
CA ARG B 300 61.84 -25.50 -1.54
C ARG B 300 61.44 -24.12 -2.06
N CYS B 301 60.58 -24.12 -3.07
CA CYS B 301 60.16 -22.89 -3.72
C CYS B 301 59.40 -21.96 -2.77
N THR B 302 59.31 -20.70 -3.15
CA THR B 302 58.57 -19.73 -2.35
C THR B 302 57.10 -19.70 -2.78
N ALA B 303 56.30 -18.90 -2.07
CA ALA B 303 54.92 -18.67 -2.50
C ALA B 303 54.88 -17.94 -3.84
N GLU B 304 55.66 -16.87 -3.97
CA GLU B 304 55.67 -16.11 -5.21
C GLU B 304 56.08 -16.98 -6.39
N GLN B 305 57.06 -17.85 -6.20
CA GLN B 305 57.56 -18.65 -7.31
C GLN B 305 56.47 -19.57 -7.85
N THR B 306 55.59 -20.08 -6.97
CA THR B 306 54.49 -20.90 -7.44
C THR B 306 53.55 -20.09 -8.33
N LEU B 307 53.34 -18.81 -8.01
CA LEU B 307 52.49 -17.96 -8.83
C LEU B 307 53.11 -17.64 -10.19
N GLN B 308 54.44 -17.61 -10.28
CA GLN B 308 55.14 -17.42 -11.55
C GLN B 308 55.57 -18.77 -12.13
N SER B 309 54.65 -19.72 -12.11
CA SER B 309 54.83 -21.06 -12.66
C SER B 309 53.91 -21.25 -13.86
N ASP B 310 54.30 -22.19 -14.72
CA ASP B 310 53.46 -22.49 -15.88
C ASP B 310 52.05 -22.89 -15.47
N PHE B 311 51.89 -23.46 -14.28
CA PHE B 311 50.59 -23.97 -13.86
C PHE B 311 49.65 -22.85 -13.39
N LEU B 312 50.15 -21.90 -12.60
CA LEU B 312 49.29 -20.89 -11.99
C LEU B 312 49.46 -19.49 -12.57
N LYS B 313 50.52 -19.24 -13.34
CA LYS B 313 50.79 -17.88 -13.81
C LYS B 313 49.68 -17.37 -14.72
N ASP B 314 49.24 -18.18 -15.68
CA ASP B 314 48.30 -17.73 -16.69
C ASP B 314 46.87 -18.13 -16.33
N VAL B 315 46.58 -18.25 -15.05
CA VAL B 315 45.24 -18.59 -14.58
C VAL B 315 44.53 -17.27 -14.34
N GLU B 316 43.45 -17.00 -15.09
CA GLU B 316 42.76 -15.74 -14.93
C GLU B 316 41.85 -15.90 -13.73
N LEU B 317 42.04 -15.05 -12.71
CA LEU B 317 41.26 -15.20 -11.50
C LEU B 317 39.83 -14.74 -11.64
N SER B 318 39.48 -14.06 -12.71
CA SER B 318 38.10 -13.67 -12.91
C SER B 318 37.19 -14.86 -13.18
N LYS B 319 37.61 -15.79 -14.04
CA LYS B 319 36.88 -17.02 -14.31
C LYS B 319 37.12 -17.97 -13.13
N MET B 320 36.26 -17.84 -12.12
CA MET B 320 36.46 -18.58 -10.87
C MET B 320 36.43 -20.09 -11.10
N ALA B 321 35.49 -20.56 -11.90
CA ALA B 321 35.24 -21.99 -12.07
C ALA B 321 35.05 -22.64 -10.69
N PRO B 322 33.81 -22.81 -10.25
CA PRO B 322 33.54 -23.43 -8.93
C PRO B 322 33.70 -24.94 -8.98
N PRO B 323 33.98 -25.58 -7.85
CA PRO B 323 34.09 -27.04 -7.83
C PRO B 323 32.76 -27.71 -8.14
N ASP B 324 32.83 -29.02 -8.43
CA ASP B 324 31.60 -29.73 -8.80
C ASP B 324 30.87 -29.99 -7.48
N LEU B 325 29.94 -29.12 -7.16
CA LEU B 325 29.15 -29.29 -5.96
C LEU B 325 28.06 -30.33 -6.19
N PRO B 326 27.73 -31.12 -5.17
CA PRO B 326 26.85 -32.28 -5.41
C PRO B 326 25.37 -31.99 -5.65
N HIS B 327 24.80 -31.09 -4.86
CA HIS B 327 23.36 -30.75 -4.94
C HIS B 327 22.45 -31.97 -5.01
N TRP B 328 21.33 -31.85 -5.75
CA TRP B 328 20.31 -32.89 -5.79
C TRP B 328 20.80 -34.18 -6.46
N GLN B 329 21.71 -34.06 -7.43
CA GLN B 329 22.18 -35.23 -8.16
C GLN B 329 22.76 -36.27 -7.21
N ASP B 330 23.51 -35.83 -6.19
CA ASP B 330 24.10 -36.81 -5.29
C ASP B 330 23.12 -37.29 -4.26
N CYS B 331 22.09 -36.50 -3.94
CA CYS B 331 21.03 -36.96 -3.05
C CYS B 331 20.28 -38.15 -3.66
N HIS B 332 19.97 -38.07 -4.95
CA HIS B 332 19.16 -39.07 -5.63
C HIS B 332 19.94 -40.35 -5.85
N THR C 24 36.61 1.29 10.31
CA THR C 24 37.67 0.31 10.14
C THR C 24 38.57 0.23 11.37
N LYS C 25 39.53 1.18 11.50
CA LYS C 25 40.46 1.25 12.63
C LYS C 25 40.24 2.50 13.48
N PRO C 26 40.45 2.39 14.79
CA PRO C 26 40.19 3.54 15.68
C PRO C 26 41.28 4.60 15.63
N CYS C 27 40.92 5.81 16.06
CA CYS C 27 41.83 6.94 16.11
C CYS C 27 42.42 7.04 17.51
N TRP C 28 43.75 6.97 17.61
CA TRP C 28 44.40 6.93 18.91
C TRP C 28 45.23 8.16 19.24
N TYR C 29 44.93 9.31 18.63
CA TYR C 29 45.73 10.50 18.87
C TYR C 29 44.83 11.66 19.22
N TRP C 30 45.25 12.43 20.24
CA TRP C 30 44.51 13.58 20.73
C TRP C 30 45.41 14.82 20.63
N ASP C 31 44.79 15.99 20.76
CA ASP C 31 45.50 17.26 20.83
C ASP C 31 45.84 17.60 22.27
N LYS C 32 46.99 18.25 22.47
CA LYS C 32 47.42 18.63 23.82
C LYS C 32 46.29 19.28 24.59
N LYS C 33 45.56 20.19 23.95
CA LYS C 33 44.47 20.89 24.60
C LYS C 33 43.43 19.93 25.16
N ASP C 34 43.30 18.75 24.56
CA ASP C 34 42.29 17.82 25.01
C ASP C 34 42.64 17.18 26.34
N LEU C 35 43.93 17.15 26.71
CA LEU C 35 44.31 16.51 27.96
C LEU C 35 43.84 17.29 29.18
N ALA C 36 43.30 18.49 28.99
CA ALA C 36 42.65 19.19 30.10
C ALA C 36 41.33 18.58 30.49
N HIS C 37 40.87 17.57 29.74
CA HIS C 37 39.55 17.00 29.93
C HIS C 37 39.57 15.48 30.01
N THR C 38 40.63 14.89 30.52
CA THR C 38 40.61 13.47 30.81
C THR C 38 39.68 13.24 32.00
N PRO C 39 39.13 12.02 32.14
CA PRO C 39 38.34 11.72 33.36
C PRO C 39 39.05 12.13 34.65
N SER C 40 40.37 11.89 34.70
CA SER C 40 41.14 12.22 35.90
C SER C 40 41.05 13.71 36.19
N GLN C 41 41.21 14.54 35.16
CA GLN C 41 41.14 15.98 35.36
C GLN C 41 39.77 16.38 35.91
N LEU C 42 38.70 15.83 35.34
CA LEU C 42 37.35 16.24 35.67
C LEU C 42 36.86 15.71 37.01
N GLU C 43 37.57 14.78 37.63
CA GLU C 43 37.27 14.36 38.99
C GLU C 43 38.08 15.13 40.02
N GLY C 44 38.71 16.24 39.63
CA GLY C 44 39.39 17.10 40.56
C GLY C 44 40.88 16.88 40.68
N LEU C 45 41.43 15.98 39.88
CA LEU C 45 42.87 15.80 39.83
C LEU C 45 43.47 16.94 39.02
N ASP C 46 44.57 17.52 39.51
CA ASP C 46 45.16 18.65 38.80
C ASP C 46 46.14 18.14 37.74
N PRO C 47 46.50 18.99 36.78
CA PRO C 47 47.35 18.51 35.67
C PRO C 47 48.67 17.92 36.14
N ALA C 48 49.32 18.56 37.10
CA ALA C 48 50.61 18.07 37.56
C ALA C 48 50.49 16.66 38.12
N THR C 49 49.43 16.41 38.90
CA THR C 49 49.27 15.09 39.53
C THR C 49 49.03 14.01 38.50
N GLU C 50 48.18 14.26 37.50
CA GLU C 50 47.97 13.24 36.48
C GLU C 50 49.26 12.96 35.72
N ALA C 51 50.01 14.00 35.39
CA ALA C 51 51.31 13.81 34.76
C ALA C 51 52.21 12.95 35.65
N ARG C 52 52.23 13.24 36.95
CA ARG C 52 53.03 12.44 37.88
C ARG C 52 52.56 11.00 37.89
N TYR C 53 51.24 10.79 37.93
CA TYR C 53 50.71 9.43 37.91
C TYR C 53 51.13 8.71 36.63
N ARG C 54 51.12 9.42 35.50
CA ARG C 54 51.51 8.78 34.24
C ARG C 54 52.97 8.37 34.25
N ARG C 55 53.86 9.25 34.74
CA ARG C 55 55.27 8.88 34.81
C ARG C 55 55.44 7.65 35.70
N GLU C 56 54.83 7.67 36.88
CA GLU C 56 55.00 6.58 37.83
C GLU C 56 54.44 5.28 37.27
N GLY C 57 53.27 5.32 36.66
CA GLY C 57 52.70 4.11 36.09
C GLY C 57 53.56 3.57 34.96
N ALA C 58 53.98 4.45 34.06
CA ALA C 58 54.84 4.04 32.96
C ALA C 58 56.15 3.46 33.48
N ARG C 59 56.81 4.19 34.38
CA ARG C 59 58.10 3.74 34.90
C ARG C 59 57.95 2.43 35.68
N PHE C 60 56.83 2.29 36.40
CA PHE C 60 56.49 1.01 37.03
C PHE C 60 56.46 -0.10 35.99
N ILE C 61 55.74 0.11 34.88
CA ILE C 61 55.71 -0.87 33.81
C ILE C 61 57.12 -1.14 33.30
N PHE C 62 57.89 -0.07 33.06
CA PHE C 62 59.24 -0.21 32.51
C PHE C 62 60.13 -1.00 33.46
N ASP C 63 60.10 -0.65 34.75
CA ASP C 63 60.98 -1.30 35.72
C ASP C 63 60.58 -2.76 35.92
N VAL C 64 59.28 -3.03 36.05
CA VAL C 64 58.82 -4.40 36.26
C VAL C 64 59.26 -5.28 35.10
N GLY C 65 58.99 -4.86 33.87
CA GLY C 65 59.33 -5.67 32.73
C GLY C 65 60.82 -5.81 32.52
N THR C 66 61.57 -4.76 32.82
CA THR C 66 63.02 -4.85 32.71
C THR C 66 63.58 -5.91 33.66
N ARG C 67 63.05 -5.95 34.89
CA ARG C 67 63.49 -6.99 35.82
C ARG C 67 63.16 -8.38 35.29
N LEU C 68 62.03 -8.52 34.60
CA LEU C 68 61.63 -9.82 34.06
C LEU C 68 62.30 -10.15 32.74
N GLY C 69 63.15 -9.27 32.22
CA GLY C 69 63.87 -9.55 30.99
C GLY C 69 63.11 -9.33 29.72
N LEU C 70 62.16 -8.40 29.71
CA LEU C 70 61.28 -8.24 28.56
C LEU C 70 61.90 -7.34 27.49
N HIS C 71 61.62 -7.70 26.24
CA HIS C 71 62.00 -6.94 25.06
C HIS C 71 61.46 -5.52 25.15
N TYR C 72 62.19 -4.57 24.54
CA TYR C 72 61.83 -3.17 24.67
C TYR C 72 60.47 -2.88 24.06
N ASP C 73 60.11 -3.57 22.97
CA ASP C 73 58.77 -3.39 22.39
C ASP C 73 57.68 -3.78 23.38
N THR C 74 57.88 -4.89 24.11
CA THR C 74 56.86 -5.33 25.05
C THR C 74 56.64 -4.29 26.14
N LEU C 75 57.72 -3.67 26.64
CA LEU C 75 57.57 -2.61 27.62
C LEU C 75 56.77 -1.45 27.03
N ALA C 76 57.10 -1.04 25.81
CA ALA C 76 56.44 0.11 25.21
C ALA C 76 54.96 -0.18 24.96
N THR C 77 54.64 -1.38 24.45
CA THR C 77 53.25 -1.71 24.18
C THR C 77 52.41 -1.59 25.45
N GLY C 78 52.90 -2.14 26.55
CA GLY C 78 52.20 -2.01 27.81
C GLY C 78 52.03 -0.55 28.18
N ILE C 79 53.06 0.25 27.98
CA ILE C 79 53.00 1.66 28.32
C ILE C 79 51.98 2.38 27.43
N ILE C 80 51.88 1.98 26.17
CA ILE C 80 50.91 2.61 25.28
C ILE C 80 49.49 2.20 25.68
N TYR C 81 49.28 0.92 25.98
CA TYR C 81 48.01 0.49 26.55
C TYR C 81 47.68 1.32 27.77
N PHE C 82 48.65 1.46 28.68
CA PHE C 82 48.45 2.23 29.90
C PHE C 82 48.04 3.67 29.60
N HIS C 83 48.83 4.36 28.77
CA HIS C 83 48.50 5.75 28.45
C HIS C 83 47.12 5.88 27.82
N ARG C 84 46.78 4.99 26.89
CA ARG C 84 45.46 5.05 26.25
C ARG C 84 44.35 4.79 27.27
N PHE C 85 44.55 3.82 28.16
CA PHE C 85 43.53 3.49 29.16
C PHE C 85 43.04 4.73 29.90
N TYR C 86 43.96 5.56 30.41
CA TYR C 86 43.60 6.69 31.25
C TYR C 86 43.17 7.90 30.45
N MET C 87 42.95 7.72 29.14
CA MET C 87 42.12 8.65 28.40
C MET C 87 40.63 8.29 28.50
N PHE C 88 40.31 7.11 29.01
CA PHE C 88 38.91 6.69 29.13
C PHE C 88 38.46 6.45 30.56
N HIS C 89 39.36 6.47 31.53
CA HIS C 89 39.01 6.19 32.93
C HIS C 89 39.78 7.16 33.82
N SER C 90 39.37 7.23 35.08
CA SER C 90 39.98 8.14 36.03
C SER C 90 40.97 7.39 36.91
N PHE C 91 42.09 8.05 37.22
CA PHE C 91 43.06 7.47 38.14
C PHE C 91 42.50 7.24 39.54
N LYS C 92 41.43 7.96 39.92
CA LYS C 92 40.88 7.79 41.26
C LYS C 92 40.04 6.53 41.41
N GLN C 93 39.58 5.94 40.30
CA GLN C 93 38.80 4.72 40.35
C GLN C 93 39.56 3.48 39.90
N PHE C 94 40.68 3.64 39.21
CA PHE C 94 41.49 2.52 38.77
C PHE C 94 42.92 2.71 39.25
N PRO C 95 43.30 2.04 40.34
CA PRO C 95 44.68 2.17 40.84
C PRO C 95 45.70 1.91 39.76
N ARG C 96 46.69 2.81 39.65
CA ARG C 96 47.54 2.84 38.47
C ARG C 96 48.45 1.62 38.39
N TYR C 97 49.02 1.19 39.52
CA TYR C 97 49.97 0.10 39.47
C TYR C 97 49.28 -1.22 39.13
N VAL C 98 48.02 -1.37 39.51
CA VAL C 98 47.25 -2.52 39.03
C VAL C 98 47.08 -2.43 37.52
N THR C 99 46.60 -1.28 37.04
CA THR C 99 46.48 -1.05 35.61
C THR C 99 47.80 -1.33 34.89
N GLY C 100 48.88 -0.75 35.39
CA GLY C 100 50.18 -1.00 34.78
C GLY C 100 50.50 -2.47 34.68
N ALA C 101 50.36 -3.20 35.79
CA ALA C 101 50.65 -4.62 35.79
C ALA C 101 49.77 -5.36 34.79
N CYS C 102 48.49 -5.01 34.71
CA CYS C 102 47.60 -5.67 33.75
C CYS C 102 48.05 -5.39 32.32
N CYS C 103 48.40 -4.14 32.02
CA CYS C 103 48.86 -3.79 30.67
C CYS C 103 50.07 -4.63 30.28
N LEU C 104 51.08 -4.71 31.16
CA LEU C 104 52.28 -5.47 30.85
C LEU C 104 51.95 -6.94 30.63
N PHE C 105 51.04 -7.48 31.44
CA PHE C 105 50.63 -8.86 31.26
C PHE C 105 50.03 -9.08 29.88
N LEU C 106 49.12 -8.20 29.46
CA LEU C 106 48.54 -8.33 28.13
C LEU C 106 49.59 -8.07 27.06
N ALA C 107 50.40 -7.01 27.23
CA ALA C 107 51.45 -6.71 26.28
C ALA C 107 52.30 -7.94 26.02
N GLY C 108 52.63 -8.69 27.08
CA GLY C 108 53.43 -9.88 26.91
C GLY C 108 52.80 -10.88 25.97
N LYS C 109 51.50 -11.09 26.11
CA LYS C 109 50.82 -12.02 25.20
C LYS C 109 50.73 -11.45 23.79
N VAL C 110 50.52 -10.15 23.68
CA VAL C 110 50.39 -9.54 22.35
C VAL C 110 51.71 -9.65 21.59
N GLU C 111 52.83 -9.30 22.23
CA GLU C 111 54.12 -9.24 21.57
C GLU C 111 54.89 -10.56 21.60
N GLU C 112 54.26 -11.65 22.07
CA GLU C 112 54.87 -12.98 22.10
C GLU C 112 56.11 -13.03 22.99
N THR C 113 56.06 -12.31 24.12
CA THR C 113 57.03 -12.43 25.20
C THR C 113 56.26 -12.67 26.48
N PRO C 114 55.48 -13.75 26.53
CA PRO C 114 54.47 -13.89 27.59
C PRO C 114 55.09 -14.12 28.96
N LYS C 115 54.35 -13.69 29.99
CA LYS C 115 54.74 -13.95 31.37
C LYS C 115 53.50 -14.38 32.14
N LYS C 116 53.72 -15.23 33.15
CA LYS C 116 52.63 -15.63 34.02
C LYS C 116 52.28 -14.48 34.95
N CYS C 117 50.99 -14.33 35.23
CA CYS C 117 50.57 -13.21 36.08
C CYS C 117 51.23 -13.27 37.44
N LYS C 118 51.38 -14.46 38.02
CA LYS C 118 51.97 -14.56 39.35
C LYS C 118 53.40 -14.01 39.37
N ASP C 119 54.13 -14.15 38.26
CA ASP C 119 55.49 -13.63 38.21
C ASP C 119 55.50 -12.10 38.13
N ILE C 120 54.54 -11.52 37.40
CA ILE C 120 54.47 -10.07 37.35
C ILE C 120 54.17 -9.53 38.73
N ILE C 121 53.28 -10.20 39.46
CA ILE C 121 52.94 -9.78 40.82
C ILE C 121 54.16 -9.86 41.72
N LYS C 122 54.89 -10.98 41.65
CA LYS C 122 56.07 -11.15 42.50
C LYS C 122 57.05 -10.01 42.30
N THR C 123 57.32 -9.66 41.04
CA THR C 123 58.25 -8.57 40.75
C THR C 123 57.69 -7.24 41.25
N ALA C 124 56.39 -7.03 41.11
CA ALA C 124 55.78 -5.81 41.60
C ALA C 124 55.98 -5.64 43.09
N ARG C 125 55.89 -6.74 43.84
CA ARG C 125 56.06 -6.65 45.30
C ARG C 125 57.46 -6.18 45.64
N SER C 126 58.46 -6.62 44.86
CA SER C 126 59.84 -6.22 45.10
C SER C 126 60.01 -4.72 44.90
N LEU C 127 59.37 -4.17 43.87
CA LEU C 127 59.62 -2.78 43.49
C LEU C 127 58.65 -1.81 44.15
N LEU C 128 57.54 -2.30 44.70
CA LEU C 128 56.56 -1.43 45.37
C LEU C 128 56.66 -1.57 46.88
N ASN C 129 56.46 -0.46 47.61
CA ASN C 129 56.38 -0.50 49.06
C ASN C 129 55.02 -1.07 49.47
N ASP C 130 54.82 -1.23 50.78
CA ASP C 130 53.60 -1.91 51.21
C ASP C 130 52.37 -1.06 50.93
N VAL C 131 52.45 0.25 51.16
CA VAL C 131 51.32 1.13 50.92
C VAL C 131 50.93 1.09 49.43
N GLN C 132 51.93 1.19 48.55
CA GLN C 132 51.66 1.14 47.12
C GLN C 132 51.05 -0.21 46.74
N PHE C 133 51.64 -1.30 47.22
CA PHE C 133 51.10 -2.61 46.92
C PHE C 133 49.71 -2.78 47.50
N GLY C 134 49.31 -1.91 48.43
CA GLY C 134 47.94 -1.92 48.92
C GLY C 134 46.91 -1.79 47.81
N GLN C 135 47.27 -1.15 46.69
CA GLN C 135 46.36 -1.01 45.57
C GLN C 135 45.90 -2.36 45.04
N PHE C 136 46.76 -3.38 45.07
CA PHE C 136 46.42 -4.71 44.58
C PHE C 136 45.43 -5.44 45.47
N GLY C 137 45.08 -4.86 46.62
CA GLY C 137 44.08 -5.42 47.48
C GLY C 137 44.52 -6.74 48.08
N ASP C 138 43.52 -7.52 48.50
CA ASP C 138 43.78 -8.73 49.26
C ASP C 138 44.28 -9.85 48.37
N ASP C 139 43.92 -9.82 47.09
CA ASP C 139 44.33 -10.85 46.13
C ASP C 139 44.90 -10.14 44.92
N PRO C 140 46.21 -9.90 44.89
CA PRO C 140 46.79 -9.15 43.76
C PRO C 140 46.51 -9.76 42.40
N LYS C 141 46.76 -11.06 42.22
CA LYS C 141 46.54 -11.68 40.91
C LYS C 141 45.12 -11.45 40.43
N GLU C 142 44.14 -11.60 41.31
CA GLU C 142 42.74 -11.44 40.90
C GLU C 142 42.46 -10.02 40.40
N GLU C 143 42.91 -9.01 41.16
CA GLU C 143 42.64 -7.63 40.75
C GLU C 143 43.17 -7.36 39.36
N VAL C 144 44.32 -7.96 39.03
CA VAL C 144 44.93 -7.75 37.71
C VAL C 144 44.17 -8.53 36.64
N MET C 145 43.96 -9.83 36.86
CA MET C 145 43.33 -10.64 35.83
C MET C 145 41.91 -10.16 35.52
N VAL C 146 41.21 -9.67 36.55
CA VAL C 146 39.85 -9.16 36.35
C VAL C 146 39.87 -7.97 35.41
N LEU C 147 40.87 -7.10 35.53
CA LEU C 147 40.92 -5.89 34.74
C LEU C 147 41.12 -6.15 33.26
N GLU C 148 41.65 -7.32 32.90
CA GLU C 148 41.91 -7.61 31.48
C GLU C 148 40.66 -7.44 30.63
N ARG C 149 39.50 -7.81 31.16
CA ARG C 149 38.26 -7.62 30.42
C ARG C 149 38.06 -6.14 30.08
N ILE C 150 38.25 -5.27 31.06
CA ILE C 150 38.07 -3.84 30.82
C ILE C 150 39.16 -3.32 29.88
N LEU C 151 40.40 -3.74 30.09
CA LEU C 151 41.47 -3.24 29.24
C LEU C 151 41.20 -3.53 27.78
N LEU C 152 40.85 -4.77 27.45
CA LEU C 152 40.61 -5.12 26.05
C LEU C 152 39.48 -4.28 25.45
N GLN C 153 38.37 -4.14 26.18
CA GLN C 153 37.28 -3.31 25.69
C GLN C 153 37.71 -1.87 25.56
N THR C 154 38.52 -1.38 26.51
CA THR C 154 38.94 0.02 26.49
C THR C 154 39.81 0.32 25.27
N ILE C 155 40.78 -0.55 24.99
CA ILE C 155 41.66 -0.33 23.85
C ILE C 155 41.01 -0.84 22.57
N LYS C 156 39.71 -1.13 22.63
CA LYS C 156 38.91 -1.43 21.45
C LYS C 156 39.51 -2.58 20.65
N PHE C 157 40.15 -3.51 21.35
CA PHE C 157 40.77 -4.70 20.75
C PHE C 157 41.74 -4.35 19.61
N ASP C 158 42.24 -3.11 19.57
CA ASP C 158 43.28 -2.73 18.62
C ASP C 158 44.62 -2.97 19.29
N LEU C 159 45.13 -4.19 19.12
CA LEU C 159 46.30 -4.64 19.88
C LEU C 159 47.63 -4.31 19.20
N GLN C 160 47.66 -4.24 17.87
CA GLN C 160 48.92 -3.98 17.17
C GLN C 160 49.35 -2.54 17.39
N VAL C 161 50.60 -2.36 17.80
CA VAL C 161 51.13 -1.04 18.07
C VAL C 161 52.53 -0.94 17.46
N GLU C 162 52.83 0.21 16.89
CA GLU C 162 54.13 0.53 16.35
C GLU C 162 54.80 1.54 17.28
N HIS C 163 56.12 1.47 17.37
CA HIS C 163 56.85 2.27 18.34
C HIS C 163 57.97 3.03 17.66
N PRO C 164 58.38 4.17 18.23
CA PRO C 164 59.44 4.97 17.59
C PRO C 164 60.73 4.21 17.31
N TYR C 165 60.97 3.12 18.03
CA TYR C 165 62.24 2.41 17.87
C TYR C 165 62.46 1.93 16.45
N GLN C 166 61.45 1.25 15.86
CA GLN C 166 61.68 0.64 14.56
C GLN C 166 61.98 1.70 13.49
N PHE C 167 61.41 2.90 13.64
CA PHE C 167 61.65 3.96 12.67
C PHE C 167 63.01 4.62 12.89
N LEU C 168 63.42 4.76 14.14
CA LEU C 168 64.76 5.24 14.44
C LEU C 168 65.81 4.40 13.71
N LEU C 169 65.62 3.08 13.69
CA LEU C 169 66.57 2.20 13.02
C LEU C 169 66.35 2.19 11.50
N LYS C 170 65.09 2.10 11.05
CA LYS C 170 64.84 2.13 9.62
C LYS C 170 65.44 3.39 8.99
N TYR C 171 65.27 4.54 9.66
CA TYR C 171 65.80 5.79 9.12
C TYR C 171 67.31 5.87 9.31
N ALA C 172 67.82 5.49 10.48
CA ALA C 172 69.25 5.55 10.71
C ALA C 172 70.00 4.69 9.69
N LYS C 173 69.40 3.57 9.28
CA LYS C 173 70.06 2.69 8.31
C LYS C 173 70.31 3.40 6.98
N GLN C 174 69.47 4.36 6.61
CA GLN C 174 69.65 5.07 5.35
C GLN C 174 70.64 6.21 5.46
N LEU C 175 71.16 6.48 6.66
CA LEU C 175 72.23 7.46 6.84
C LEU C 175 73.58 6.80 6.57
N LYS C 176 74.43 7.50 5.82
CA LYS C 176 75.76 7.02 5.51
C LYS C 176 76.76 8.11 5.85
N GLY C 177 77.78 7.74 6.62
CA GLY C 177 78.76 8.71 7.05
C GLY C 177 79.61 8.13 8.16
N ASP C 178 80.12 9.02 9.01
CA ASP C 178 80.93 8.60 10.14
C ASP C 178 80.16 7.60 11.01
N LYS C 179 80.70 6.38 11.12
CA LYS C 179 80.02 5.33 11.86
C LYS C 179 79.78 5.76 13.30
N ASN C 180 80.76 6.42 13.90
CA ASN C 180 80.72 6.78 15.31
C ASN C 180 79.80 7.96 15.59
N LYS C 181 79.75 8.93 14.69
CA LYS C 181 78.82 10.03 14.89
C LYS C 181 77.37 9.55 14.75
N ILE C 182 77.08 8.68 13.78
CA ILE C 182 75.73 8.17 13.61
C ILE C 182 75.33 7.25 14.76
N GLN C 183 76.26 6.48 15.30
CA GLN C 183 75.91 5.62 16.42
C GLN C 183 75.67 6.45 17.68
N LYS C 184 76.42 7.54 17.86
CA LYS C 184 76.11 8.45 18.96
C LYS C 184 74.72 9.07 18.79
N LEU C 185 74.36 9.45 17.57
CA LEU C 185 73.04 10.01 17.33
C LEU C 185 71.96 9.00 17.69
N VAL C 186 72.12 7.75 17.23
CA VAL C 186 71.09 6.74 17.48
C VAL C 186 70.90 6.52 18.97
N GLN C 187 71.99 6.26 19.70
CA GLN C 187 71.84 5.95 21.12
C GLN C 187 71.21 7.12 21.87
N MET C 188 71.64 8.35 21.57
CA MET C 188 71.05 9.50 22.24
C MET C 188 69.56 9.59 21.94
N ALA C 189 69.18 9.42 20.66
CA ALA C 189 67.78 9.43 20.30
C ALA C 189 67.03 8.28 20.96
N TRP C 190 67.64 7.09 20.99
CA TRP C 190 67.03 5.94 21.67
C TRP C 190 66.71 6.27 23.12
N THR C 191 67.64 6.93 23.82
CA THR C 191 67.35 7.37 25.18
C THR C 191 66.16 8.31 25.21
N PHE C 192 66.08 9.23 24.25
CA PHE C 192 64.94 10.15 24.19
C PHE C 192 63.63 9.39 23.99
N VAL C 193 63.66 8.31 23.20
CA VAL C 193 62.44 7.51 23.03
C VAL C 193 62.04 6.89 24.36
N ASN C 194 62.98 6.24 25.05
CA ASN C 194 62.65 5.64 26.35
C ASN C 194 62.07 6.69 27.29
N ASP C 195 62.58 7.92 27.21
CA ASP C 195 62.10 8.97 28.11
C ASP C 195 60.73 9.48 27.69
N SER C 196 60.42 9.49 26.39
CA SER C 196 59.13 9.98 25.93
C SER C 196 57.98 9.04 26.30
N LEU C 197 58.28 7.81 26.72
CA LEU C 197 57.21 6.91 27.17
C LEU C 197 56.57 7.37 28.46
N CYS C 198 57.26 8.19 29.25
CA CYS C 198 56.69 8.72 30.49
C CYS C 198 55.73 9.88 30.25
N THR C 199 55.57 10.30 28.99
CA THR C 199 54.75 11.45 28.63
C THR C 199 53.59 11.04 27.74
N THR C 200 52.72 12.01 27.49
CA THR C 200 51.56 11.82 26.63
C THR C 200 51.90 12.03 25.15
N LEU C 201 53.18 12.10 24.80
CA LEU C 201 53.55 12.21 23.39
C LEU C 201 53.06 10.99 22.62
N SER C 202 53.12 9.81 23.23
CA SER C 202 52.58 8.61 22.62
C SER C 202 51.13 8.80 22.21
N LEU C 203 50.42 9.73 22.85
CA LEU C 203 49.02 10.01 22.56
C LEU C 203 48.83 11.20 21.63
N GLN C 204 49.89 11.95 21.32
CA GLN C 204 49.75 13.14 20.48
C GLN C 204 50.24 12.95 19.06
N TRP C 205 51.28 12.15 18.85
CA TRP C 205 51.96 12.09 17.55
C TRP C 205 52.23 10.64 17.21
N GLU C 206 52.07 10.31 15.94
CA GLU C 206 52.40 8.97 15.47
C GLU C 206 53.87 8.67 15.79
N PRO C 207 54.21 7.38 15.97
CA PRO C 207 55.60 7.04 16.33
C PRO C 207 56.62 7.52 15.29
N GLU C 208 56.26 7.49 14.01
CA GLU C 208 57.22 7.93 12.99
C GLU C 208 57.72 9.33 13.28
N ILE C 209 56.81 10.22 13.70
CA ILE C 209 57.19 11.60 14.01
C ILE C 209 58.10 11.63 15.24
N ILE C 210 57.79 10.80 16.23
CA ILE C 210 58.62 10.74 17.43
C ILE C 210 60.06 10.37 17.05
N ALA C 211 60.21 9.33 16.22
CA ALA C 211 61.54 8.89 15.82
C ALA C 211 62.29 10.03 15.15
N VAL C 212 61.63 10.73 14.25
CA VAL C 212 62.28 11.87 13.61
C VAL C 212 62.60 12.95 14.64
N ALA C 213 61.65 13.25 15.51
CA ALA C 213 61.86 14.31 16.51
C ALA C 213 63.09 14.01 17.38
N VAL C 214 63.24 12.75 17.82
CA VAL C 214 64.37 12.44 18.68
C VAL C 214 65.68 12.48 17.89
N MET C 215 65.65 12.10 16.61
CA MET C 215 66.84 12.28 15.78
C MET C 215 67.19 13.76 15.68
N TYR C 216 66.17 14.61 15.47
CA TYR C 216 66.34 16.06 15.39
C TYR C 216 66.95 16.62 16.67
N LEU C 217 66.45 16.18 17.83
CA LEU C 217 66.96 16.68 19.08
C LEU C 217 68.39 16.21 19.31
N ALA C 218 68.67 14.94 19.01
CA ALA C 218 70.04 14.44 19.14
C ALA C 218 70.98 15.19 18.20
N GLY C 219 70.54 15.48 16.99
CA GLY C 219 71.35 16.25 16.07
C GLY C 219 71.63 17.66 16.59
N ARG C 220 70.59 18.36 17.01
CA ARG C 220 70.78 19.70 17.53
C ARG C 220 71.77 19.71 18.70
N LEU C 221 71.61 18.79 19.65
CA LEU C 221 72.47 18.76 20.82
C LEU C 221 73.90 18.32 20.47
N CYS C 222 74.06 17.40 19.51
CA CYS C 222 75.41 16.97 19.12
C CYS C 222 76.08 17.91 18.12
N LYS C 223 75.41 19.00 17.72
CA LYS C 223 75.93 19.90 16.68
C LYS C 223 76.29 19.12 15.41
N PHE C 224 75.39 18.19 15.05
CA PHE C 224 75.47 17.44 13.80
C PHE C 224 74.47 18.02 12.80
N GLU C 225 74.78 17.87 11.51
CA GLU C 225 73.89 18.27 10.42
C GLU C 225 73.49 17.05 9.59
N ILE C 226 72.34 16.47 9.95
CA ILE C 226 71.94 15.16 9.44
C ILE C 226 71.77 15.15 7.93
N GLN C 227 71.44 16.28 7.31
CA GLN C 227 71.18 16.25 5.88
C GLN C 227 72.37 15.69 5.11
N GLU C 228 73.59 15.93 5.59
CA GLU C 228 74.78 15.47 4.88
C GLU C 228 74.82 13.96 4.76
N TRP C 229 74.22 13.25 5.72
CA TRP C 229 74.19 11.80 5.68
C TRP C 229 73.09 11.22 4.81
N THR C 230 72.15 12.05 4.35
CA THR C 230 71.04 11.55 3.56
C THR C 230 71.44 11.44 2.08
N SER C 231 70.57 10.76 1.30
CA SER C 231 70.77 10.69 -0.14
C SER C 231 70.58 12.06 -0.80
N LYS C 232 69.96 13.02 -0.07
CA LYS C 232 69.71 14.38 -0.57
C LYS C 232 70.44 15.35 0.35
N PRO C 233 71.76 15.50 0.19
CA PRO C 233 72.55 16.28 1.16
C PRO C 233 72.31 17.77 1.13
N MET C 234 71.61 18.29 0.12
CA MET C 234 71.31 19.71 0.02
C MET C 234 69.84 20.00 0.30
N TYR C 235 69.12 19.01 0.81
CA TYR C 235 67.73 19.10 1.26
C TYR C 235 67.80 19.34 2.77
N ARG C 236 67.74 20.61 3.16
CA ARG C 236 68.02 20.97 4.55
C ARG C 236 66.96 20.43 5.52
N ARG C 237 65.73 20.23 5.05
CA ARG C 237 64.68 19.60 5.86
C ARG C 237 64.81 18.10 5.63
N TRP C 238 65.83 17.53 6.25
CA TRP C 238 66.21 16.15 5.96
C TRP C 238 65.09 15.17 6.24
N TRP C 239 64.26 15.44 7.25
CA TRP C 239 63.26 14.47 7.64
C TRP C 239 62.17 14.27 6.61
N GLU C 240 61.94 15.25 5.71
CA GLU C 240 60.79 15.16 4.83
C GLU C 240 60.85 13.95 3.90
N GLN C 241 62.02 13.35 3.72
CA GLN C 241 62.19 12.14 2.93
C GLN C 241 61.98 10.87 3.74
N PHE C 242 61.69 11.01 5.03
CA PHE C 242 61.25 9.92 5.88
C PHE C 242 59.80 10.04 6.27
N VAL C 243 59.38 11.24 6.65
CA VAL C 243 58.05 11.52 7.17
C VAL C 243 57.53 12.73 6.42
N GLN C 244 56.54 12.50 5.55
CA GLN C 244 55.96 13.59 4.79
C GLN C 244 55.02 14.42 5.67
N ASP C 245 55.02 15.72 5.40
CA ASP C 245 54.05 16.65 5.97
C ASP C 245 54.31 16.96 7.44
N VAL C 246 55.56 17.01 7.88
CA VAL C 246 55.80 17.31 9.29
C VAL C 246 56.42 18.71 9.39
N PRO C 247 55.71 19.68 9.97
CA PRO C 247 56.32 20.98 10.19
C PRO C 247 57.29 20.94 11.36
N VAL C 248 58.28 21.82 11.32
CA VAL C 248 59.23 21.88 12.41
C VAL C 248 58.49 22.17 13.72
N ASP C 249 57.41 22.95 13.65
CA ASP C 249 56.62 23.26 14.83
C ASP C 249 56.33 22.00 15.63
N VAL C 250 55.90 20.95 14.94
CA VAL C 250 55.63 19.68 15.61
C VAL C 250 56.92 19.13 16.20
N LEU C 251 57.99 19.10 15.41
CA LEU C 251 59.25 18.57 15.92
C LEU C 251 59.77 19.38 17.10
N GLU C 252 59.62 20.69 17.06
CA GLU C 252 60.10 21.52 18.15
C GLU C 252 59.24 21.34 19.40
N ASP C 253 57.93 21.20 19.23
CA ASP C 253 57.08 20.93 20.38
C ASP C 253 57.47 19.61 21.03
N ILE C 254 57.68 18.57 20.23
CA ILE C 254 58.05 17.27 20.80
C ILE C 254 59.36 17.39 21.56
N CYS C 255 60.36 18.03 20.94
CA CYS C 255 61.65 18.21 21.60
C CYS C 255 61.50 18.99 22.90
N HIS C 256 60.76 20.11 22.86
CA HIS C 256 60.59 20.92 24.06
C HIS C 256 60.03 20.08 25.20
N GLN C 257 59.03 19.25 24.90
CA GLN C 257 58.42 18.41 25.93
C GLN C 257 59.40 17.36 26.43
N ILE C 258 60.24 16.80 25.55
CA ILE C 258 61.20 15.81 26.04
C ILE C 258 62.19 16.45 26.99
N LEU C 259 62.75 17.60 26.61
CA LEU C 259 63.73 18.25 27.47
C LEU C 259 63.10 18.75 28.76
N ASP C 260 61.78 19.00 28.79
CA ASP C 260 61.14 19.43 30.02
C ASP C 260 61.35 18.40 31.12
N LEU C 261 61.23 17.12 30.78
CA LEU C 261 61.42 16.08 31.78
C LEU C 261 62.80 16.17 32.41
N TYR C 262 63.83 16.46 31.59
CA TYR C 262 65.18 16.56 32.15
C TYR C 262 65.34 17.80 33.03
N SER C 263 64.74 18.93 32.64
CA SER C 263 64.89 20.14 33.43
C SER C 263 64.11 20.05 34.75
N GLN C 264 62.91 19.47 34.70
CA GLN C 264 62.12 19.30 35.93
C GLN C 264 62.86 18.40 36.91
N GLY C 265 63.40 17.29 36.44
CA GLY C 265 64.11 16.40 37.32
C GLY C 265 65.49 16.94 37.66
N LYS C 266 66.34 16.05 38.15
CA LYS C 266 67.74 16.38 38.40
C LYS C 266 68.62 15.89 37.27
N GLN C 267 68.14 14.95 36.48
CA GLN C 267 68.87 14.37 35.36
C GLN C 267 69.08 15.39 34.24
N GLN C 268 70.16 15.20 33.46
CA GLN C 268 70.53 16.09 32.38
C GLN C 268 70.57 15.33 31.06
N MET C 269 70.75 16.07 29.97
CA MET C 269 70.79 15.45 28.65
C MET C 269 71.91 14.42 28.57
N PRO C 270 71.71 13.27 27.92
CA PRO C 270 72.74 12.21 28.01
C PRO C 270 74.10 12.60 27.46
N HIS C 271 74.15 13.17 26.25
CA HIS C 271 75.40 13.51 25.57
C HIS C 271 76.56 12.58 25.91
N MET D 5 -15.35 40.98 45.97
CA MET D 5 -13.90 41.15 46.31
C MET D 5 -13.45 40.05 47.26
N SER D 6 -12.14 39.82 47.33
CA SER D 6 -11.56 38.79 48.17
C SER D 6 -10.63 39.44 49.19
N TYR D 7 -10.48 38.77 50.34
CA TYR D 7 -9.76 39.31 51.48
C TYR D 7 -8.79 38.26 51.98
N ASN D 8 -7.50 38.61 52.01
CA ASN D 8 -6.46 37.69 52.42
C ASN D 8 -5.40 38.42 53.24
N TYR D 9 -4.56 37.61 53.91
CA TYR D 9 -3.57 37.98 54.90
C TYR D 9 -2.28 37.26 54.55
N VAL D 10 -1.16 37.97 54.56
CA VAL D 10 0.12 37.40 54.16
C VAL D 10 1.16 37.68 55.24
N VAL D 11 1.81 36.62 55.73
CA VAL D 11 2.82 36.74 56.76
C VAL D 11 4.07 35.97 56.38
N THR D 12 5.18 36.37 57.00
CA THR D 12 6.46 35.66 56.84
C THR D 12 6.60 34.63 57.94
N ALA D 13 6.74 33.36 57.56
CA ALA D 13 7.02 32.29 58.51
C ALA D 13 8.52 32.12 58.76
N GLN D 14 9.34 32.18 57.72
CA GLN D 14 10.79 32.23 57.86
C GLN D 14 11.30 33.39 57.02
N LYS D 15 12.15 34.23 57.61
CA LYS D 15 12.64 35.40 56.91
C LYS D 15 13.63 34.98 55.83
N PRO D 16 13.91 35.87 54.88
CA PRO D 16 14.90 35.56 53.84
C PRO D 16 16.23 35.14 54.45
N THR D 17 16.78 34.03 53.96
CA THR D 17 18.04 33.50 54.47
C THR D 17 19.20 33.67 53.51
N ALA D 18 18.95 33.98 52.25
CA ALA D 18 20.01 34.07 51.25
C ALA D 18 20.73 35.41 51.36
N VAL D 19 22.05 35.38 51.18
CA VAL D 19 22.88 36.57 51.24
C VAL D 19 22.90 37.21 49.86
N ASN D 20 22.48 38.47 49.79
CA ASN D 20 22.44 39.20 48.53
C ASN D 20 23.59 40.20 48.40
N GLY D 21 24.24 40.53 49.50
CA GLY D 21 25.44 41.36 49.50
C GLY D 21 25.93 41.60 50.91
N CYS D 22 27.23 41.87 51.10
CA CYS D 22 27.75 42.11 52.43
C CYS D 22 28.95 43.03 52.34
N VAL D 23 29.07 43.95 53.30
CA VAL D 23 30.13 44.95 53.32
C VAL D 23 30.78 44.95 54.70
N THR D 24 31.98 45.52 54.78
CA THR D 24 32.68 45.73 56.04
C THR D 24 33.03 47.20 56.18
N GLY D 25 33.00 47.68 57.42
CA GLY D 25 33.31 49.07 57.66
C GLY D 25 33.15 49.40 59.13
N HIS D 26 33.17 50.69 59.43
CA HIS D 26 33.06 51.22 60.79
C HIS D 26 31.76 52.01 60.90
N PHE D 27 30.65 51.30 60.99
CA PHE D 27 29.32 51.88 60.94
C PHE D 27 28.76 52.22 62.32
N THR D 28 28.88 51.31 63.29
CA THR D 28 28.31 51.56 64.60
C THR D 28 29.20 52.45 65.46
N SER D 29 30.52 52.33 65.32
CA SER D 29 31.45 53.19 66.03
C SER D 29 32.73 53.26 65.19
N ALA D 30 33.46 54.37 65.32
CA ALA D 30 34.72 54.47 64.62
C ALA D 30 35.72 53.41 65.07
N GLU D 31 35.44 52.75 66.19
CA GLU D 31 36.31 51.72 66.74
C GLU D 31 35.91 50.33 66.32
N ASP D 32 34.60 50.06 66.25
CA ASP D 32 34.14 48.72 65.92
C ASP D 32 34.39 48.40 64.45
N LEU D 33 34.72 47.15 64.18
CA LEU D 33 34.74 46.61 62.83
C LEU D 33 33.41 45.92 62.58
N ASN D 34 32.66 46.39 61.59
CA ASN D 34 31.32 45.91 61.32
C ASN D 34 31.28 45.05 60.06
N LEU D 35 30.37 44.08 60.07
CA LEU D 35 29.98 43.32 58.90
C LEU D 35 28.48 43.52 58.73
N LEU D 36 28.08 44.17 57.64
CA LEU D 36 26.67 44.36 57.32
C LEU D 36 26.30 43.35 56.24
N ILE D 37 25.36 42.46 56.54
CA ILE D 37 24.91 41.43 55.62
C ILE D 37 23.49 41.80 55.21
N ALA D 38 23.23 41.80 53.90
CA ALA D 38 21.92 42.14 53.35
C ALA D 38 21.20 40.89 52.84
N LYS D 39 20.00 40.66 53.36
CA LYS D 39 19.00 39.75 52.82
C LYS D 39 17.93 40.58 52.13
N ASN D 40 17.12 39.91 51.31
CA ASN D 40 16.29 40.64 50.36
C ASN D 40 15.67 41.91 50.94
N THR D 41 14.98 41.76 52.07
CA THR D 41 14.36 42.89 52.75
C THR D 41 14.98 43.15 54.13
N ARG D 42 15.95 42.36 54.56
CA ARG D 42 16.49 42.44 55.90
C ARG D 42 17.95 42.87 55.87
N LEU D 43 18.29 43.83 56.73
CA LEU D 43 19.65 44.27 56.95
C LEU D 43 20.11 43.82 58.34
N GLU D 44 21.21 43.08 58.39
CA GLU D 44 21.78 42.56 59.63
C GLU D 44 23.11 43.24 59.89
N ILE D 45 23.30 43.72 61.12
CA ILE D 45 24.52 44.41 61.52
C ILE D 45 25.24 43.57 62.56
N TYR D 46 26.54 43.32 62.33
CA TYR D 46 27.36 42.52 63.23
C TYR D 46 28.62 43.28 63.62
N VAL D 47 29.28 42.81 64.66
CA VAL D 47 30.59 43.29 65.06
C VAL D 47 31.58 42.14 65.10
N VAL D 48 32.77 42.37 64.57
CA VAL D 48 33.79 41.34 64.41
C VAL D 48 34.54 41.15 65.72
N THR D 49 34.63 39.90 66.17
CA THR D 49 35.45 39.50 67.30
C THR D 49 36.49 38.49 66.83
N ALA D 50 37.29 37.99 67.77
CA ALA D 50 38.21 36.89 67.47
C ALA D 50 37.49 35.54 67.47
N GLU D 51 36.20 35.53 67.84
CA GLU D 51 35.42 34.32 68.02
C GLU D 51 34.43 34.07 66.88
N GLY D 52 33.98 35.12 66.21
CA GLY D 52 32.93 35.03 65.22
C GLY D 52 32.30 36.40 65.04
N LEU D 53 30.98 36.43 64.94
CA LEU D 53 30.25 37.67 64.74
C LEU D 53 29.35 37.91 65.95
N ARG D 54 29.34 39.13 66.45
CA ARG D 54 28.44 39.51 67.52
C ARG D 54 27.29 40.34 66.98
N PRO D 55 26.05 39.86 67.04
CA PRO D 55 24.92 40.65 66.54
C PRO D 55 24.66 41.87 67.41
N VAL D 56 24.21 42.95 66.75
CA VAL D 56 23.93 44.20 67.47
C VAL D 56 22.51 44.69 67.17
N LYS D 57 22.08 44.61 65.91
CA LYS D 57 20.81 45.17 65.51
C LYS D 57 20.40 44.57 64.17
N GLU D 58 19.11 44.34 63.99
CA GLU D 58 18.54 43.92 62.71
C GLU D 58 17.29 44.73 62.42
N VAL D 59 17.21 45.25 61.19
CA VAL D 59 16.05 46.02 60.76
C VAL D 59 15.51 45.47 59.45
N GLY D 60 14.21 45.68 59.24
CA GLY D 60 13.58 45.45 57.96
C GLY D 60 13.35 46.78 57.25
N MET D 61 13.35 46.72 55.93
CA MET D 61 13.06 47.87 55.08
C MET D 61 11.89 47.57 54.16
N TYR D 62 11.16 48.62 53.79
CA TYR D 62 10.03 48.50 52.86
C TYR D 62 10.53 48.58 51.42
N GLY D 63 11.35 47.59 51.05
CA GLY D 63 12.01 47.61 49.76
C GLY D 63 13.05 46.52 49.63
N LYS D 64 13.32 46.12 48.39
CA LYS D 64 14.41 45.19 48.10
C LYS D 64 15.73 45.94 48.04
N ILE D 65 16.70 45.51 48.83
CA ILE D 65 17.99 46.21 48.91
C ILE D 65 18.78 45.92 47.64
N ALA D 66 18.97 46.95 46.81
CA ALA D 66 19.72 46.80 45.56
C ALA D 66 21.17 47.22 45.72
N VAL D 67 21.43 48.37 46.34
CA VAL D 67 22.78 48.86 46.57
C VAL D 67 22.97 49.04 48.07
N MET D 68 24.10 48.58 48.59
CA MET D 68 24.47 48.76 49.99
C MET D 68 25.97 49.03 50.06
N GLU D 69 26.36 50.20 50.58
CA GLU D 69 27.76 50.58 50.62
C GLU D 69 28.01 51.45 51.84
N LEU D 70 29.22 51.34 52.40
CA LEU D 70 29.61 52.14 53.54
C LEU D 70 30.60 53.20 53.08
N PHE D 71 30.40 54.45 53.50
CA PHE D 71 31.27 55.56 53.14
C PHE D 71 31.38 56.50 54.34
N ARG D 72 32.43 57.32 54.34
CA ARG D 72 32.68 58.25 55.44
C ARG D 72 33.07 59.62 54.90
N PRO D 73 32.11 60.54 54.77
CA PRO D 73 32.41 61.84 54.19
C PRO D 73 33.26 62.71 55.11
N LYS D 74 34.03 63.60 54.49
CA LYS D 74 34.89 64.51 55.23
C LYS D 74 34.10 65.20 56.33
N GLY D 75 34.61 65.09 57.56
CA GLY D 75 33.96 65.69 58.70
C GLY D 75 33.20 64.74 59.61
N GLU D 76 32.95 63.51 59.17
CA GLU D 76 32.17 62.57 59.97
C GLU D 76 33.03 61.76 60.94
N SER D 77 32.40 61.38 62.06
CA SER D 77 33.07 60.59 63.08
C SER D 77 33.23 59.12 62.67
N LYS D 78 32.26 58.58 61.92
CA LYS D 78 32.21 57.17 61.61
C LYS D 78 31.49 56.98 60.28
N ASP D 79 31.50 55.75 59.78
CA ASP D 79 30.93 55.49 58.47
C ASP D 79 29.41 55.66 58.47
N LEU D 80 28.90 56.14 57.34
CA LEU D 80 27.47 56.17 57.05
C LEU D 80 27.16 55.09 56.02
N LEU D 81 25.89 54.71 55.95
CA LEU D 81 25.43 53.62 55.09
C LEU D 81 24.52 54.15 54.00
N PHE D 82 24.81 53.81 52.76
CA PHE D 82 23.92 54.11 51.64
C PHE D 82 23.18 52.87 51.18
N ILE D 83 21.87 53.00 50.93
CA ILE D 83 21.05 51.90 50.41
C ILE D 83 20.10 52.41 49.34
N LEU D 84 19.99 51.65 48.25
CA LEU D 84 19.06 51.90 47.17
C LEU D 84 18.23 50.64 46.92
N THR D 85 16.92 50.79 46.87
CA THR D 85 16.04 49.63 46.67
C THR D 85 15.71 49.42 45.20
N ALA D 86 15.13 48.24 44.92
CA ALA D 86 14.75 47.87 43.56
C ALA D 86 13.60 48.71 43.03
N LYS D 87 12.83 49.33 43.91
CA LYS D 87 11.85 50.32 43.50
C LYS D 87 12.45 51.71 43.45
N TYR D 88 13.77 51.81 43.57
CA TYR D 88 14.51 53.06 43.44
C TYR D 88 14.33 53.97 44.66
N ASN D 89 14.14 53.38 45.85
CA ASN D 89 14.15 54.15 47.09
C ASN D 89 15.59 54.27 47.58
N ALA D 90 16.08 55.49 47.65
CA ALA D 90 17.43 55.78 48.11
C ALA D 90 17.39 56.38 49.51
N CYS D 91 18.45 56.14 50.28
CA CYS D 91 18.54 56.72 51.61
C CYS D 91 19.97 56.61 52.09
N ILE D 92 20.32 57.49 53.03
CA ILE D 92 21.59 57.42 53.76
C ILE D 92 21.24 57.24 55.23
N LEU D 93 21.87 56.25 55.86
CA LEU D 93 21.51 55.83 57.21
C LEU D 93 22.67 56.04 58.18
N GLU D 94 22.32 56.31 59.44
CA GLU D 94 23.28 56.46 60.52
C GLU D 94 22.89 55.57 61.70
N TYR D 95 23.89 54.91 62.28
CA TYR D 95 23.70 54.16 63.52
C TYR D 95 23.87 55.12 64.68
N LYS D 96 22.86 55.16 65.57
CA LYS D 96 22.92 56.02 66.74
C LYS D 96 22.42 55.24 67.94
N GLN D 97 23.23 55.18 69.00
CA GLN D 97 22.89 54.39 70.17
C GLN D 97 23.15 55.20 71.43
N SER D 98 22.14 55.24 72.31
CA SER D 98 22.20 55.92 73.60
C SER D 98 21.85 54.89 74.67
N GLY D 99 22.86 54.31 75.32
CA GLY D 99 22.63 53.23 76.24
C GLY D 99 22.09 52.02 75.51
N GLU D 100 20.92 51.54 75.91
CA GLU D 100 20.31 50.38 75.27
C GLU D 100 19.39 50.73 74.11
N SER D 101 19.09 52.02 73.89
CA SER D 101 18.13 52.40 72.86
C SER D 101 18.87 52.48 71.53
N ILE D 102 18.56 51.59 70.62
CA ILE D 102 19.19 51.56 69.30
C ILE D 102 18.17 52.01 68.27
N ASP D 103 18.57 52.98 67.45
CA ASP D 103 17.74 53.48 66.38
C ASP D 103 18.62 53.60 65.13
N ILE D 104 17.99 53.57 63.97
CA ILE D 104 18.64 53.81 62.70
C ILE D 104 18.02 55.08 62.13
N ILE D 105 18.84 56.11 61.94
CA ILE D 105 18.36 57.44 61.57
C ILE D 105 18.44 57.60 60.06
N THR D 106 17.41 58.22 59.49
CA THR D 106 17.38 58.54 58.06
C THR D 106 17.96 59.93 57.88
N ARG D 107 19.20 59.99 57.39
CA ARG D 107 19.86 61.29 57.20
C ARG D 107 19.44 61.93 55.88
N ALA D 108 19.18 61.14 54.86
CA ALA D 108 18.76 61.64 53.55
C ALA D 108 17.90 60.57 52.90
N HIS D 109 16.93 61.00 52.10
CA HIS D 109 16.08 60.02 51.43
C HIS D 109 15.34 60.65 50.26
N GLY D 110 14.97 59.80 49.30
CA GLY D 110 14.22 60.20 48.14
C GLY D 110 14.18 59.05 47.16
N ASN D 111 13.36 59.22 46.12
CA ASN D 111 13.22 58.22 45.08
C ASN D 111 13.90 58.73 43.81
N VAL D 112 14.81 57.93 43.26
CA VAL D 112 15.71 58.39 42.20
C VAL D 112 15.27 57.90 40.82
N GLN D 113 14.05 57.38 40.68
CA GLN D 113 13.59 56.86 39.40
C GLN D 113 13.43 57.96 38.37
N ASP D 114 13.79 57.64 37.13
CA ASP D 114 13.63 58.58 36.02
C ASP D 114 12.32 58.30 35.29
N ARG D 115 11.67 59.36 34.81
CA ARG D 115 10.43 59.16 34.07
C ARG D 115 10.68 58.30 32.84
N ILE D 116 11.81 58.51 32.16
CA ILE D 116 12.13 57.82 30.92
C ILE D 116 13.52 57.26 31.04
N GLY D 117 13.66 55.97 30.75
CA GLY D 117 14.94 55.29 30.75
C GLY D 117 14.76 53.80 30.57
N ARG D 118 15.75 53.12 29.99
CA ARG D 118 15.67 51.68 29.82
C ARG D 118 16.46 51.00 30.92
N PRO D 119 15.83 50.22 31.80
CA PRO D 119 16.59 49.49 32.82
C PRO D 119 17.69 48.64 32.17
N SER D 120 18.88 48.68 32.75
CA SER D 120 20.04 48.04 32.15
C SER D 120 19.97 46.52 32.31
N GLU D 121 20.67 45.83 31.41
CA GLU D 121 20.63 44.38 31.40
C GLU D 121 21.26 43.79 32.65
N THR D 122 22.43 44.28 33.05
CA THR D 122 23.15 43.75 34.20
C THR D 122 22.69 44.36 35.53
N GLY D 123 21.54 45.04 35.56
CA GLY D 123 20.94 45.45 36.81
C GLY D 123 21.52 46.73 37.37
N ILE D 124 20.93 47.16 38.50
CA ILE D 124 21.38 48.38 39.15
C ILE D 124 22.81 48.22 39.63
N ILE D 125 23.64 49.23 39.40
CA ILE D 125 24.98 49.31 39.96
C ILE D 125 25.09 50.60 40.76
N GLY D 126 25.68 50.49 41.96
CA GLY D 126 25.93 51.65 42.80
C GLY D 126 27.37 51.76 43.25
N ILE D 127 27.98 52.94 43.09
CA ILE D 127 29.37 53.18 43.45
C ILE D 127 29.49 54.56 44.09
N ILE D 128 30.55 54.75 44.88
CA ILE D 128 30.81 56.02 45.55
C ILE D 128 32.26 56.42 45.34
N ASP D 129 32.50 57.73 45.19
CA ASP D 129 33.83 58.28 44.99
C ASP D 129 34.72 57.93 46.18
N PRO D 130 36.02 57.69 45.96
CA PRO D 130 36.90 57.41 47.11
C PRO D 130 36.96 58.56 48.09
N GLU D 131 36.86 59.78 47.60
CA GLU D 131 36.83 60.98 48.42
C GLU D 131 35.42 61.34 48.86
N CYS D 132 34.47 60.42 48.66
CA CYS D 132 33.10 60.58 49.12
C CYS D 132 32.52 61.92 48.66
N ARG D 133 32.75 62.23 47.38
CA ARG D 133 32.19 63.43 46.80
C ARG D 133 30.82 63.23 46.18
N MET D 134 30.52 62.01 45.71
CA MET D 134 29.27 61.79 45.00
C MET D 134 28.93 60.31 45.04
N ILE D 135 27.68 60.00 44.75
CA ILE D 135 27.21 58.63 44.57
C ILE D 135 26.92 58.45 43.10
N GLY D 136 27.55 57.44 42.49
CA GLY D 136 27.28 57.10 41.11
C GLY D 136 26.27 55.98 41.04
N LEU D 137 25.27 56.15 40.18
CA LEU D 137 24.24 55.15 39.98
C LEU D 137 24.12 54.85 38.49
N ARG D 138 24.13 53.57 38.14
CA ARG D 138 23.86 53.13 36.78
C ARG D 138 22.50 52.46 36.82
N LEU D 139 21.46 53.23 36.52
CA LEU D 139 20.09 52.72 36.54
C LEU D 139 19.57 52.36 35.15
N TYR D 140 19.89 53.16 34.14
CA TYR D 140 19.34 52.99 32.81
C TYR D 140 20.44 52.95 31.78
N ASP D 141 20.20 52.21 30.70
CA ASP D 141 21.12 52.18 29.59
C ASP D 141 21.29 53.58 29.03
N GLY D 142 22.53 54.04 28.91
CA GLY D 142 22.79 55.31 28.29
C GLY D 142 22.68 56.52 29.19
N LEU D 143 22.41 56.32 30.47
CA LEU D 143 22.31 57.42 31.41
C LEU D 143 23.07 57.01 32.67
N PHE D 144 23.84 57.96 33.21
CA PHE D 144 24.59 57.81 34.45
C PHE D 144 24.06 58.86 35.41
N LYS D 145 23.62 58.43 36.59
CA LYS D 145 23.00 59.32 37.57
C LYS D 145 24.00 59.63 38.68
N VAL D 146 24.13 60.90 39.03
CA VAL D 146 25.08 61.35 40.04
C VAL D 146 24.29 61.99 41.17
N ILE D 147 24.50 61.48 42.38
CA ILE D 147 24.04 62.13 43.60
C ILE D 147 25.27 62.79 44.27
N PRO D 148 25.35 64.12 44.28
CA PRO D 148 26.50 64.75 44.96
C PRO D 148 26.36 64.62 46.48
N LEU D 149 27.47 64.31 47.14
CA LEU D 149 27.48 64.11 48.58
C LEU D 149 27.72 65.46 49.26
N ASP D 150 26.71 66.31 49.14
CA ASP D 150 26.65 67.61 49.79
C ASP D 150 26.02 67.46 51.17
N ARG D 151 26.41 68.37 52.08
CA ARG D 151 25.86 68.32 53.43
C ARG D 151 24.37 68.58 53.42
N ASP D 152 23.90 69.45 52.51
CA ASP D 152 22.51 69.88 52.46
C ASP D 152 21.63 69.01 51.56
N ASN D 153 22.21 68.09 50.79
CA ASN D 153 21.43 67.33 49.81
C ASN D 153 20.60 66.26 50.53
N LYS D 154 19.71 66.75 51.38
CA LYS D 154 18.90 65.87 52.23
C LYS D 154 17.82 65.15 51.44
N GLU D 155 17.52 65.61 50.22
CA GLU D 155 16.57 64.92 49.37
C GLU D 155 17.24 64.02 48.34
N LEU D 156 18.57 63.91 48.35
CA LEU D 156 19.29 63.08 47.40
C LEU D 156 18.91 63.45 45.97
N LYS D 157 18.94 64.75 45.68
CA LYS D 157 18.72 65.24 44.33
C LYS D 157 19.86 64.79 43.42
N ALA D 158 19.54 64.55 42.15
CA ALA D 158 20.54 64.02 41.23
C ALA D 158 20.31 64.51 39.82
N PHE D 159 21.36 64.40 39.01
CA PHE D 159 21.35 64.75 37.60
C PHE D 159 21.93 63.58 36.82
N ASN D 160 21.57 63.48 35.54
CA ASN D 160 21.99 62.39 34.69
C ASN D 160 22.96 62.90 33.62
N ILE D 161 24.05 62.19 33.41
CA ILE D 161 25.02 62.49 32.36
C ILE D 161 24.83 61.46 31.26
N ARG D 162 24.70 61.93 30.02
CA ARG D 162 24.48 60.98 28.93
C ARG D 162 25.72 60.12 28.72
N LEU D 163 25.50 58.83 28.47
CA LEU D 163 26.57 57.88 28.21
C LEU D 163 26.41 57.30 26.82
N GLU D 164 27.43 57.48 25.97
CA GLU D 164 27.35 56.97 24.61
C GLU D 164 27.33 55.45 24.60
N GLU D 165 28.10 54.82 25.50
CA GLU D 165 28.21 53.37 25.57
C GLU D 165 26.95 52.85 26.27
N LEU D 166 26.00 52.35 25.48
CA LEU D 166 24.70 52.01 26.04
C LEU D 166 24.78 50.78 26.92
N HIS D 167 25.61 49.80 26.56
CA HIS D 167 25.68 48.53 27.26
C HIS D 167 26.92 48.52 28.15
N VAL D 168 26.73 48.75 29.44
CA VAL D 168 27.83 48.77 30.40
C VAL D 168 27.78 47.45 31.17
N ILE D 169 28.89 46.71 31.19
CA ILE D 169 28.95 45.47 31.94
C ILE D 169 29.19 45.74 33.42
N ASP D 170 30.17 46.60 33.72
CA ASP D 170 30.48 46.96 35.10
C ASP D 170 31.20 48.30 35.14
N VAL D 171 31.08 48.98 36.28
CA VAL D 171 31.72 50.28 36.48
C VAL D 171 32.16 50.39 37.93
N LYS D 172 33.28 51.09 38.16
CA LYS D 172 33.77 51.41 39.48
C LYS D 172 34.40 52.80 39.45
N PHE D 173 34.44 53.46 40.61
CA PHE D 173 35.21 54.70 40.75
C PHE D 173 36.69 54.35 41.02
N LEU D 174 37.60 54.93 40.23
CA LEU D 174 39.01 54.60 40.38
C LEU D 174 39.66 55.34 41.54
N TYR D 175 40.81 54.83 41.95
CA TYR D 175 41.59 55.36 43.07
C TYR D 175 42.83 56.10 42.57
N GLY D 176 43.23 57.12 43.32
CA GLY D 176 44.49 57.79 43.09
C GLY D 176 44.46 58.86 42.03
N CYS D 177 43.28 59.24 41.55
CA CYS D 177 43.15 60.21 40.49
C CYS D 177 42.85 61.57 41.10
N GLN D 178 43.27 62.64 40.42
CA GLN D 178 42.98 63.97 40.95
C GLN D 178 41.51 64.37 40.78
N ALA D 179 40.85 63.89 39.73
CA ALA D 179 39.46 64.17 39.51
C ALA D 179 38.70 62.87 39.65
N PRO D 180 37.41 62.91 40.01
CA PRO D 180 36.62 61.67 40.06
C PRO D 180 36.68 60.93 38.74
N THR D 181 37.01 59.64 38.79
CA THR D 181 37.18 58.85 37.58
C THR D 181 36.41 57.54 37.69
N ILE D 182 35.71 57.21 36.61
CA ILE D 182 34.98 55.96 36.49
C ILE D 182 35.73 55.09 35.49
N CYS D 183 35.81 53.80 35.78
CA CYS D 183 36.39 52.80 34.88
C CYS D 183 35.32 51.76 34.63
N PHE D 184 34.94 51.57 33.36
CA PHE D 184 33.86 50.66 33.06
C PHE D 184 34.16 49.80 31.86
N VAL D 185 33.77 48.54 31.95
CA VAL D 185 33.77 47.61 30.82
C VAL D 185 32.41 47.67 30.15
N TYR D 186 32.41 47.87 28.84
CA TYR D 186 31.17 48.00 28.08
C TYR D 186 31.26 47.07 26.88
N GLN D 187 30.10 46.79 26.29
CA GLN D 187 29.99 45.90 25.16
C GLN D 187 29.36 46.62 23.98
N ASP D 188 30.03 46.59 22.83
CA ASP D 188 29.47 47.12 21.60
C ASP D 188 29.61 46.00 20.58
N PRO D 189 29.22 46.22 19.32
CA PRO D 189 29.35 45.14 18.32
C PRO D 189 30.80 44.70 18.09
N GLN D 190 31.78 45.49 18.50
CA GLN D 190 33.18 45.21 18.24
C GLN D 190 33.84 44.35 19.32
N GLY D 191 33.09 43.87 20.30
CA GLY D 191 33.64 43.16 21.43
C GLY D 191 33.53 43.97 22.72
N ARG D 192 34.10 43.41 23.78
CA ARG D 192 34.12 44.13 25.05
C ARG D 192 35.39 44.96 25.17
N HIS D 193 35.25 46.10 25.84
CA HIS D 193 36.30 47.08 25.98
C HIS D 193 36.24 47.65 27.39
N VAL D 194 37.34 48.26 27.82
CA VAL D 194 37.41 48.99 29.09
C VAL D 194 37.74 50.44 28.75
N LYS D 195 36.96 51.37 29.29
CA LYS D 195 37.10 52.79 29.01
C LYS D 195 37.04 53.53 30.34
N THR D 196 37.57 54.75 30.35
CA THR D 196 37.54 55.60 31.53
C THR D 196 36.99 56.96 31.15
N TYR D 197 36.12 57.50 31.99
CA TYR D 197 35.65 58.88 31.86
C TYR D 197 35.89 59.56 33.19
N GLU D 198 35.96 60.89 33.17
CA GLU D 198 35.99 61.67 34.40
C GLU D 198 34.65 62.37 34.61
N VAL D 199 34.35 62.66 35.87
CA VAL D 199 33.07 63.24 36.27
C VAL D 199 33.34 64.60 36.90
N SER D 200 32.75 65.65 36.33
CA SER D 200 32.91 67.01 36.86
C SER D 200 31.56 67.40 37.45
N LEU D 201 31.51 67.47 38.78
CA LEU D 201 30.28 67.88 39.44
C LEU D 201 29.92 69.33 39.13
N ARG D 202 30.92 70.18 38.93
CA ARG D 202 30.65 71.58 38.63
C ARG D 202 29.98 71.74 37.27
N GLU D 203 30.52 71.07 36.25
CA GLU D 203 29.97 71.15 34.91
C GLU D 203 28.77 70.24 34.70
N LYS D 204 28.62 69.21 35.55
CA LYS D 204 27.56 68.22 35.38
C LYS D 204 27.70 67.50 34.05
N GLU D 205 28.91 67.06 33.74
CA GLU D 205 29.13 66.32 32.50
C GLU D 205 30.37 65.46 32.63
N PHE D 206 30.63 64.66 31.59
CA PHE D 206 31.82 63.84 31.49
C PHE D 206 32.93 64.61 30.76
N ASN D 207 34.16 64.46 31.25
CA ASN D 207 35.34 64.93 30.54
C ASN D 207 36.27 63.76 30.25
N LYS D 208 37.22 64.00 29.34
CA LYS D 208 38.09 62.95 28.83
C LYS D 208 38.78 62.20 29.96
N GLY D 209 38.95 60.89 29.76
CA GLY D 209 39.44 60.03 30.82
C GLY D 209 40.94 59.91 30.89
N PRO D 210 41.43 59.36 31.99
CA PRO D 210 42.90 59.30 32.19
C PRO D 210 43.64 58.41 31.20
N TRP D 211 43.14 57.21 30.92
CA TRP D 211 43.93 56.29 30.09
C TRP D 211 43.10 55.62 29.00
N LYS D 212 43.86 55.12 28.01
CA LYS D 212 43.29 54.64 26.77
C LYS D 212 42.22 53.56 26.95
N GLN D 213 41.21 53.62 26.08
CA GLN D 213 40.29 52.50 25.98
C GLN D 213 41.09 51.33 25.44
N GLU D 214 40.74 50.13 25.88
CA GLU D 214 41.47 48.95 25.45
C GLU D 214 40.52 47.81 25.15
N ASN D 215 40.85 47.04 24.11
CA ASN D 215 40.11 45.86 23.69
C ASN D 215 40.38 44.70 24.64
N VAL D 216 39.42 44.40 25.51
CA VAL D 216 39.56 43.39 26.55
C VAL D 216 38.83 42.09 26.18
N GLU D 217 39.01 41.09 27.04
CA GLU D 217 38.40 39.79 26.87
C GLU D 217 36.91 39.89 26.61
N ALA D 218 36.41 38.97 25.77
CA ALA D 218 35.00 38.94 25.41
C ALA D 218 34.11 38.69 26.61
N GLU D 219 34.60 37.95 27.60
CA GLU D 219 33.82 37.62 28.80
C GLU D 219 34.27 38.42 30.00
N ALA D 220 34.79 39.62 29.79
CA ALA D 220 35.12 40.50 30.89
C ALA D 220 33.90 40.70 31.77
N SER D 221 34.00 40.30 33.03
CA SER D 221 32.85 40.25 33.91
C SER D 221 32.87 41.32 35.00
N MET D 222 34.02 41.60 35.59
CA MET D 222 34.06 42.47 36.78
C MET D 222 35.23 43.44 36.73
N VAL D 223 35.00 44.61 37.33
CA VAL D 223 36.00 45.66 37.44
C VAL D 223 36.36 45.82 38.90
N ILE D 224 37.65 45.85 39.20
CA ILE D 224 38.17 46.04 40.55
C ILE D 224 38.93 47.36 40.58
N ALA D 225 38.59 48.23 41.53
CA ALA D 225 39.31 49.48 41.72
C ALA D 225 40.49 49.23 42.67
N VAL D 226 41.69 49.18 42.12
CA VAL D 226 42.89 48.87 42.92
C VAL D 226 43.26 50.10 43.75
N PRO D 227 43.72 49.91 44.99
CA PRO D 227 43.95 51.06 45.88
C PRO D 227 45.13 51.90 45.44
N GLU D 228 45.33 53.00 46.17
CA GLU D 228 46.26 54.03 45.74
C GLU D 228 47.69 53.53 45.63
N PRO D 229 48.19 52.65 46.49
CA PRO D 229 49.59 52.19 46.35
C PRO D 229 49.90 51.67 44.96
N PHE D 230 48.96 50.95 44.33
CA PHE D 230 49.12 50.48 42.95
C PHE D 230 48.39 51.37 41.95
N GLY D 231 47.13 51.71 42.22
CA GLY D 231 46.34 52.46 41.28
C GLY D 231 45.85 51.62 40.11
N GLY D 232 44.99 52.22 39.34
CA GLY D 232 44.48 51.55 38.16
C GLY D 232 43.33 50.60 38.46
N ALA D 233 43.14 49.60 37.59
CA ALA D 233 42.01 48.67 37.72
C ALA D 233 42.44 47.27 37.27
N ILE D 234 41.74 46.27 37.79
CA ILE D 234 41.87 44.88 37.37
C ILE D 234 40.55 44.46 36.75
N ILE D 235 40.63 43.67 35.68
CA ILE D 235 39.47 43.21 34.95
C ILE D 235 39.43 41.69 35.04
N ILE D 236 38.34 41.14 35.57
CA ILE D 236 38.17 39.70 35.75
C ILE D 236 37.36 39.16 34.58
N GLY D 237 37.85 38.09 33.97
CA GLY D 237 37.12 37.48 32.87
C GLY D 237 36.81 36.02 33.07
N GLN D 238 36.61 35.29 31.99
CA GLN D 238 36.39 33.85 32.03
C GLN D 238 37.70 33.09 31.98
N GLU D 239 38.63 33.55 31.15
CA GLU D 239 39.92 32.90 30.94
C GLU D 239 41.10 33.70 31.48
N SER D 240 40.98 35.02 31.57
CA SER D 240 42.13 35.86 31.89
C SER D 240 41.77 36.95 32.89
N ILE D 241 42.80 37.42 33.60
CA ILE D 241 42.74 38.57 34.50
C ILE D 241 43.74 39.60 34.01
N THR D 242 43.31 40.86 33.89
CA THR D 242 44.17 41.91 33.37
C THR D 242 44.22 43.09 34.33
N TYR D 243 45.33 43.83 34.29
CA TYR D 243 45.51 45.06 35.04
C TYR D 243 45.83 46.18 34.07
N HIS D 244 45.06 47.27 34.16
CA HIS D 244 45.25 48.44 33.30
C HIS D 244 45.45 49.64 34.22
N ASN D 245 46.60 50.30 34.12
CA ASN D 245 46.78 51.62 34.72
C ASN D 245 47.64 52.46 33.79
N GLY D 246 47.06 53.52 33.25
CA GLY D 246 47.79 54.39 32.33
C GLY D 246 48.38 53.56 31.20
N ASP D 247 49.70 53.64 31.06
CA ASP D 247 50.40 52.85 30.04
C ASP D 247 50.63 51.41 30.48
N LYS D 248 50.74 51.18 31.79
CA LYS D 248 51.02 49.83 32.28
C LYS D 248 49.92 48.87 31.86
N TYR D 249 50.31 47.70 31.36
CA TYR D 249 49.37 46.66 30.97
C TYR D 249 49.90 45.30 31.38
N LEU D 250 49.11 44.56 32.15
CA LEU D 250 49.48 43.21 32.55
C LEU D 250 48.32 42.26 32.29
N ALA D 251 48.63 41.03 31.90
CA ALA D 251 47.60 40.02 31.67
C ALA D 251 48.11 38.65 32.09
N ILE D 252 47.37 37.98 32.96
CA ILE D 252 47.66 36.61 33.38
C ILE D 252 46.45 35.76 33.02
N ALA D 253 46.70 34.60 32.40
CA ALA D 253 45.65 33.71 31.95
C ALA D 253 45.94 32.29 32.43
N PRO D 254 45.84 32.04 33.72
CA PRO D 254 46.15 30.70 34.25
C PRO D 254 45.07 29.71 33.88
N PRO D 255 45.44 28.49 33.50
CA PRO D 255 44.43 27.53 33.02
C PRO D 255 43.37 27.19 34.07
N ILE D 256 43.63 27.52 35.35
CA ILE D 256 42.79 27.03 36.43
C ILE D 256 41.44 27.73 36.45
N ILE D 257 41.42 29.03 36.17
CA ILE D 257 40.17 29.77 36.29
C ILE D 257 39.21 29.51 35.14
N LYS D 258 39.72 29.09 33.98
CA LYS D 258 38.85 28.78 32.86
C LYS D 258 37.89 27.67 33.22
N GLN D 259 38.25 26.83 34.20
CA GLN D 259 37.39 25.69 34.52
C GLN D 259 36.03 26.13 35.06
N SER D 260 35.98 27.22 35.80
CA SER D 260 34.70 27.65 36.36
C SER D 260 34.69 29.17 36.44
N THR D 261 33.56 29.75 36.05
CA THR D 261 33.44 31.20 36.01
C THR D 261 33.65 31.81 37.39
N ILE D 262 34.48 32.85 37.45
CA ILE D 262 34.70 33.60 38.69
C ILE D 262 33.63 34.66 38.78
N VAL D 263 32.94 34.71 39.93
CA VAL D 263 31.76 35.54 40.07
C VAL D 263 31.89 36.63 41.11
N CYS D 264 32.81 36.53 42.07
CA CYS D 264 32.91 37.54 43.11
C CYS D 264 34.37 37.79 43.49
N HIS D 265 34.60 38.97 44.09
CA HIS D 265 35.93 39.38 44.51
C HIS D 265 35.84 40.22 45.76
N ASN D 266 36.95 40.27 46.51
CA ASN D 266 37.07 41.19 47.64
C ASN D 266 38.52 41.56 47.88
N ARG D 267 38.73 42.74 48.45
CA ARG D 267 40.06 43.28 48.73
C ARG D 267 40.44 42.80 50.13
N VAL D 268 41.58 42.13 50.25
CA VAL D 268 42.07 41.65 51.53
C VAL D 268 42.93 42.73 52.19
N ASP D 269 44.02 43.11 51.50
CA ASP D 269 44.99 44.04 52.04
C ASP D 269 44.66 45.45 51.60
N PRO D 270 44.50 46.42 52.50
CA PRO D 270 44.20 47.79 52.04
C PRO D 270 45.21 48.36 51.04
N ASN D 271 46.50 47.96 51.09
CA ASN D 271 47.43 48.45 50.06
C ASN D 271 47.09 47.88 48.68
N GLY D 272 46.26 46.84 48.61
CA GLY D 272 45.91 46.21 47.34
C GLY D 272 46.78 45.05 46.91
N SER D 273 47.64 44.55 47.79
CA SER D 273 48.55 43.47 47.40
C SER D 273 47.81 42.15 47.15
N ARG D 274 46.72 41.88 47.86
CA ARG D 274 46.06 40.59 47.77
C ARG D 274 44.56 40.75 47.69
N TYR D 275 43.93 39.93 46.84
CA TYR D 275 42.49 39.91 46.66
C TYR D 275 42.00 38.47 46.74
N LEU D 276 40.75 38.29 47.17
CA LEU D 276 40.10 36.99 47.13
C LEU D 276 39.19 36.90 45.90
N LEU D 277 39.10 35.70 45.33
CA LEU D 277 38.20 35.43 44.21
C LEU D 277 37.42 34.15 44.45
N GLY D 278 36.16 34.15 44.06
CA GLY D 278 35.34 32.95 44.12
C GLY D 278 34.69 32.66 42.79
N ASP D 279 34.47 31.37 42.54
CA ASP D 279 33.91 30.92 41.28
C ASP D 279 32.74 29.99 41.54
N MET D 280 32.01 29.67 40.47
CA MET D 280 30.74 28.97 40.60
C MET D 280 30.89 27.57 41.17
N GLU D 281 32.05 26.94 41.04
CA GLU D 281 32.25 25.62 41.63
C GLU D 281 32.64 25.71 43.10
N GLY D 282 32.60 26.90 43.66
CA GLY D 282 32.88 27.09 45.07
C GLY D 282 34.35 27.25 45.40
N ARG D 283 35.21 27.37 44.40
CA ARG D 283 36.63 27.45 44.67
C ARG D 283 36.99 28.85 45.14
N LEU D 284 37.95 28.92 46.05
CA LEU D 284 38.40 30.19 46.62
C LEU D 284 39.85 30.40 46.22
N PHE D 285 40.13 31.52 45.57
CA PHE D 285 41.47 31.84 45.12
C PHE D 285 42.00 33.08 45.83
N MET D 286 43.32 33.20 45.80
CA MET D 286 44.00 34.42 46.22
C MET D 286 44.66 35.05 45.00
N LEU D 287 44.31 36.31 44.72
CA LEU D 287 44.94 37.08 43.65
C LEU D 287 46.03 37.95 44.27
N LEU D 288 47.25 37.80 43.78
CA LEU D 288 48.42 38.45 44.37
C LEU D 288 48.95 39.49 43.39
N LEU D 289 49.14 40.72 43.88
CA LEU D 289 49.78 41.77 43.10
C LEU D 289 51.22 41.93 43.60
N GLU D 290 52.18 41.59 42.73
CA GLU D 290 53.59 41.63 43.09
C GLU D 290 54.16 43.01 42.76
N LYS D 291 54.61 43.69 43.80
CA LYS D 291 55.08 45.07 43.72
C LYS D 291 56.56 45.13 43.36
N GLU D 292 56.91 46.16 42.58
CA GLU D 292 58.30 46.48 42.27
C GLU D 292 58.55 47.94 42.60
N GLU D 293 59.46 48.20 43.55
CA GLU D 293 59.81 49.57 43.89
C GLU D 293 60.82 50.06 42.85
N GLN D 294 60.59 51.25 42.31
CA GLN D 294 61.51 51.88 41.38
C GLN D 294 62.61 52.61 42.12
N MET D 295 63.70 52.91 41.41
CA MET D 295 64.73 53.74 42.00
C MET D 295 64.18 55.11 42.38
N ASP D 296 63.01 55.47 41.85
CA ASP D 296 62.32 56.70 42.23
C ASP D 296 61.82 56.73 43.67
N GLY D 297 61.68 55.58 44.31
CA GLY D 297 60.88 55.47 45.50
C GLY D 297 59.42 55.16 45.23
N THR D 298 58.99 55.22 43.97
CA THR D 298 57.64 54.90 43.55
C THR D 298 57.57 53.40 43.27
N VAL D 299 56.40 52.82 43.50
CA VAL D 299 56.21 51.37 43.36
C VAL D 299 55.28 51.12 42.18
N THR D 300 55.67 50.16 41.33
CA THR D 300 54.87 49.75 40.19
C THR D 300 54.51 48.27 40.33
N LEU D 301 53.44 47.88 39.66
CA LEU D 301 53.01 46.49 39.67
C LEU D 301 53.89 45.70 38.71
N LYS D 302 54.56 44.67 39.21
CA LYS D 302 55.45 43.86 38.38
C LYS D 302 54.70 42.69 37.76
N ASP D 303 53.89 41.98 38.54
CA ASP D 303 53.25 40.77 38.07
C ASP D 303 52.03 40.42 38.90
N LEU D 304 51.22 39.52 38.34
CA LEU D 304 50.01 38.99 38.96
C LEU D 304 50.18 37.49 39.18
N ARG D 305 49.64 37.00 40.29
CA ARG D 305 49.68 35.59 40.62
C ARG D 305 48.33 35.17 41.21
N VAL D 306 47.93 33.95 40.91
CA VAL D 306 46.70 33.37 41.46
C VAL D 306 47.05 32.07 42.18
N GLU D 307 46.55 31.93 43.40
CA GLU D 307 46.79 30.73 44.19
C GLU D 307 45.46 30.17 44.66
N LEU D 308 45.28 28.86 44.51
CA LEU D 308 44.07 28.19 44.94
C LEU D 308 44.12 27.97 46.45
N LEU D 309 43.13 28.49 47.17
CA LEU D 309 43.11 28.34 48.62
C LEU D 309 42.35 27.11 49.06
N GLY D 310 41.21 26.83 48.46
CA GLY D 310 40.42 25.68 48.86
C GLY D 310 39.00 25.78 48.31
N GLU D 311 38.07 25.25 49.09
CA GLU D 311 36.66 25.24 48.73
C GLU D 311 35.84 25.92 49.81
N THR D 312 34.87 26.70 49.36
CA THR D 312 33.87 27.36 50.19
C THR D 312 32.50 27.01 49.61
N SER D 313 31.44 27.54 50.21
CA SER D 313 30.15 27.49 49.55
C SER D 313 30.12 28.45 48.36
N ILE D 314 29.25 28.15 47.39
CA ILE D 314 29.15 29.01 46.21
C ILE D 314 28.81 30.43 46.66
N ALA D 315 29.75 31.36 46.44
CA ALA D 315 29.65 32.66 47.06
C ALA D 315 28.96 33.67 46.14
N GLU D 316 27.99 34.39 46.68
CA GLU D 316 27.47 35.55 45.98
C GLU D 316 28.40 36.73 46.19
N CYS D 317 28.92 36.87 47.40
CA CYS D 317 29.90 37.89 47.74
C CYS D 317 30.84 37.34 48.80
N LEU D 318 32.06 37.86 48.80
CA LEU D 318 33.06 37.51 49.80
C LEU D 318 33.45 38.77 50.54
N THR D 319 33.76 38.63 51.82
CA THR D 319 34.34 39.76 52.54
C THR D 319 35.36 39.27 53.57
N TYR D 320 36.57 39.80 53.49
CA TYR D 320 37.61 39.45 54.43
C TYR D 320 37.33 40.28 55.69
N LEU D 321 37.30 39.62 56.85
CA LEU D 321 37.10 40.33 58.12
C LEU D 321 38.45 40.65 58.73
N ASP D 322 39.10 39.68 59.36
CA ASP D 322 40.41 39.94 59.94
C ASP D 322 41.01 38.64 60.46
N ASN D 323 42.32 38.67 60.66
CA ASN D 323 43.04 37.54 61.25
C ASN D 323 42.74 36.24 60.52
N GLY D 324 42.59 36.34 59.20
CA GLY D 324 42.40 35.18 58.34
C GLY D 324 40.98 34.67 58.28
N VAL D 325 40.00 35.44 58.73
CA VAL D 325 38.60 35.02 58.76
C VAL D 325 37.88 35.68 57.60
N VAL D 326 37.17 34.87 56.80
CA VAL D 326 36.42 35.36 55.64
C VAL D 326 34.97 34.91 55.76
N PHE D 327 34.04 35.80 55.36
CA PHE D 327 32.61 35.49 55.35
C PHE D 327 32.19 35.10 53.93
N VAL D 328 31.71 33.88 53.78
CA VAL D 328 31.24 33.36 52.49
C VAL D 328 29.73 33.57 52.49
N GLY D 329 29.27 34.70 51.94
CA GLY D 329 27.85 34.95 51.79
C GLY D 329 27.29 34.28 50.56
N SER D 330 26.37 33.34 50.75
CA SER D 330 25.90 32.49 49.68
C SER D 330 24.40 32.65 49.46
N ARG D 331 23.98 32.59 48.19
CA ARG D 331 22.58 32.66 47.83
C ARG D 331 22.02 31.32 47.37
N LEU D 332 22.88 30.35 47.06
CA LEU D 332 22.46 29.03 46.63
C LEU D 332 22.67 27.96 47.70
N GLY D 333 23.56 28.19 48.66
CA GLY D 333 23.82 27.24 49.70
C GLY D 333 24.04 27.95 51.01
N ASP D 334 24.60 27.26 52.00
CA ASP D 334 24.78 27.86 53.31
C ASP D 334 25.90 28.90 53.28
N SER D 335 25.63 30.05 53.88
CA SER D 335 26.65 31.04 54.09
C SER D 335 27.63 30.54 55.15
N GLN D 336 28.86 31.04 55.11
CA GLN D 336 29.90 30.42 55.94
C GLN D 336 30.86 31.46 56.49
N LEU D 337 31.55 31.06 57.56
CA LEU D 337 32.72 31.74 58.11
C LEU D 337 33.90 30.78 58.04
N VAL D 338 34.95 31.19 57.34
CA VAL D 338 36.08 30.29 57.09
C VAL D 338 37.40 30.92 57.53
N LYS D 339 38.30 30.06 57.97
CA LYS D 339 39.64 30.45 58.41
C LYS D 339 40.64 30.16 57.31
N LEU D 340 41.42 31.17 56.96
CA LEU D 340 42.52 31.04 56.01
C LEU D 340 43.82 30.85 56.78
N ASN D 341 44.51 29.76 56.53
CA ASN D 341 45.75 29.42 57.22
C ASN D 341 46.95 29.64 56.32
N VAL D 342 48.10 29.90 56.95
CA VAL D 342 49.33 30.09 56.18
C VAL D 342 49.83 28.75 55.63
N ASP D 343 49.75 27.69 56.44
CA ASP D 343 50.13 26.36 56.02
C ASP D 343 48.88 25.57 55.61
N SER D 344 49.01 24.78 54.56
CA SER D 344 47.94 23.90 54.10
C SER D 344 47.79 22.69 55.02
N ASN D 345 46.59 22.10 55.01
CA ASN D 345 46.33 20.90 55.78
C ASN D 345 46.76 19.67 54.99
N GLU D 346 46.43 18.48 55.50
CA GLU D 346 46.91 17.25 54.85
C GLU D 346 46.30 17.05 53.47
N GLN D 347 45.23 17.76 53.15
CA GLN D 347 44.54 17.63 51.87
C GLN D 347 45.00 18.64 50.84
N GLY D 348 45.88 19.55 51.20
CA GLY D 348 46.33 20.61 50.31
C GLY D 348 45.51 21.87 50.41
N SER D 349 44.56 21.93 51.35
CA SER D 349 43.67 23.08 51.49
C SER D 349 44.20 24.01 52.55
N TYR D 350 44.05 25.31 52.31
CA TYR D 350 44.37 26.35 53.27
C TYR D 350 43.13 26.89 53.96
N VAL D 351 41.97 26.30 53.68
CA VAL D 351 40.68 26.82 54.14
C VAL D 351 40.08 25.82 55.11
N VAL D 352 39.66 26.30 56.27
CA VAL D 352 39.10 25.45 57.32
C VAL D 352 37.83 26.13 57.80
N ALA D 353 36.70 25.44 57.67
CA ALA D 353 35.43 26.04 58.03
C ALA D 353 35.38 26.29 59.53
N MET D 354 34.81 27.43 59.90
CA MET D 354 34.57 27.79 61.30
C MET D 354 33.10 27.66 61.65
N GLU D 355 32.22 28.39 60.97
CA GLU D 355 30.80 28.39 61.26
C GLU D 355 30.00 28.33 59.96
N THR D 356 28.83 27.71 60.05
CA THR D 356 27.89 27.57 58.94
C THR D 356 26.54 28.14 59.33
N PHE D 357 26.05 29.07 58.51
CA PHE D 357 24.78 29.74 58.74
C PHE D 357 23.72 29.22 57.78
N THR D 358 22.60 28.77 58.33
CA THR D 358 21.60 28.08 57.54
C THR D 358 20.99 29.02 56.51
N ASN D 359 20.97 28.56 55.26
CA ASN D 359 20.35 29.25 54.13
C ASN D 359 19.43 28.26 53.43
N LEU D 360 18.12 28.51 53.50
CA LEU D 360 17.20 27.66 52.74
C LEU D 360 17.39 27.78 51.24
N GLY D 361 18.15 28.77 50.76
CA GLY D 361 18.55 28.85 49.37
C GLY D 361 17.34 28.90 48.49
N PRO D 362 17.53 28.68 47.20
CA PRO D 362 16.37 28.55 46.30
C PRO D 362 15.53 27.36 46.72
N ILE D 363 14.24 27.60 46.97
CA ILE D 363 13.31 26.52 47.31
C ILE D 363 12.58 26.18 46.01
N VAL D 364 13.06 25.15 45.30
CA VAL D 364 12.44 24.82 44.03
C VAL D 364 11.07 24.18 44.23
N ASP D 365 10.94 23.36 45.26
CA ASP D 365 9.68 22.67 45.52
C ASP D 365 9.66 22.30 47.00
N MET D 366 8.48 21.93 47.49
CA MET D 366 8.35 21.49 48.88
C MET D 366 7.01 20.80 49.09
N CYS D 367 6.95 19.93 50.10
CA CYS D 367 5.74 19.23 50.48
C CYS D 367 5.60 19.25 52.00
N VAL D 368 4.34 19.26 52.45
CA VAL D 368 4.01 19.30 53.86
C VAL D 368 3.59 17.90 54.27
N VAL D 369 4.28 17.30 55.23
CA VAL D 369 3.98 15.95 55.69
C VAL D 369 4.14 15.90 57.20
N ASP D 370 3.21 15.20 57.86
CA ASP D 370 3.27 15.01 59.31
C ASP D 370 4.00 13.69 59.55
N LEU D 371 5.32 13.76 59.70
CA LEU D 371 6.11 12.55 59.89
C LEU D 371 5.79 11.91 61.22
N GLU D 372 5.49 12.73 62.23
CA GLU D 372 5.21 12.25 63.57
C GLU D 372 3.76 11.79 63.72
N ARG D 373 2.95 11.94 62.67
CA ARG D 373 1.53 11.65 62.61
C ARG D 373 0.69 12.46 63.60
N GLN D 374 1.27 13.48 64.23
CA GLN D 374 0.55 14.44 65.05
C GLN D 374 -0.06 15.51 64.16
N GLY D 375 -0.87 16.39 64.76
CA GLY D 375 -1.49 17.44 63.98
C GLY D 375 -0.51 18.44 63.42
N GLN D 376 0.72 18.45 63.93
CA GLN D 376 1.75 19.40 63.54
C GLN D 376 2.51 18.80 62.37
N GLY D 377 2.59 19.58 61.29
CA GLY D 377 3.22 19.16 60.06
C GLY D 377 4.63 19.69 59.89
N GLN D 378 5.42 18.98 59.10
CA GLN D 378 6.79 19.37 58.81
C GLN D 378 6.91 19.65 57.31
N LEU D 379 7.93 20.46 56.96
CA LEU D 379 8.12 20.93 55.58
C LEU D 379 9.47 20.43 55.07
N VAL D 380 9.44 19.58 54.05
CA VAL D 380 10.66 19.10 53.40
C VAL D 380 10.81 19.83 52.06
N THR D 381 11.88 20.61 51.91
CA THR D 381 12.06 21.48 50.76
C THR D 381 13.17 20.97 49.85
N CYS D 382 13.00 21.22 48.55
CA CYS D 382 14.06 21.05 47.56
C CYS D 382 14.85 22.35 47.52
N SER D 383 15.99 22.39 48.19
CA SER D 383 16.71 23.64 48.38
C SER D 383 18.13 23.56 47.85
N GLY D 384 18.59 24.68 47.30
CA GLY D 384 19.96 24.79 46.85
C GLY D 384 20.14 24.44 45.39
N ALA D 385 21.37 24.63 44.91
CA ALA D 385 21.74 24.28 43.55
C ALA D 385 23.16 23.75 43.54
N PHE D 386 23.41 22.84 42.61
CA PHE D 386 24.73 22.25 42.35
C PHE D 386 25.22 21.55 43.61
N LYS D 387 26.47 21.77 44.05
CA LYS D 387 27.00 21.05 45.19
C LYS D 387 26.31 21.44 46.49
N GLU D 388 25.56 22.53 46.49
CA GLU D 388 24.82 22.96 47.66
C GLU D 388 23.43 22.34 47.75
N GLY D 389 23.08 21.48 46.79
CA GLY D 389 21.77 20.85 46.77
C GLY D 389 21.50 20.10 48.06
N SER D 390 20.30 20.30 48.61
CA SER D 390 19.94 19.71 49.88
C SER D 390 18.43 19.50 49.90
N LEU D 391 18.00 18.76 50.91
CA LEU D 391 16.60 18.65 51.31
C LEU D 391 16.55 19.19 52.73
N ARG D 392 15.63 20.10 53.01
CA ARG D 392 15.57 20.73 54.32
C ARG D 392 14.25 20.39 54.98
N ILE D 393 14.33 19.67 56.11
CA ILE D 393 13.18 19.36 56.94
C ILE D 393 13.05 20.46 57.97
N ILE D 394 11.93 21.17 57.93
CA ILE D 394 11.66 22.32 58.77
C ILE D 394 10.45 21.98 59.61
N ARG D 395 10.56 22.14 60.92
CA ARG D 395 9.46 21.83 61.81
C ARG D 395 9.30 23.03 62.72
N ASN D 396 8.08 23.29 63.16
CA ASN D 396 7.82 24.34 64.12
C ASN D 396 8.06 23.73 65.48
N GLY D 397 8.95 24.32 66.27
CA GLY D 397 9.40 23.70 67.50
C GLY D 397 8.51 24.03 68.67
N ILE D 398 8.90 23.51 69.83
CA ILE D 398 8.15 23.76 71.05
C ILE D 398 9.14 23.87 72.21
N GLN D 408 11.49 31.04 70.57
CA GLN D 408 10.70 30.55 69.44
C GLN D 408 11.56 30.59 68.16
N LYS D 409 11.67 29.43 67.52
CA LYS D 409 12.47 29.26 66.32
C LYS D 409 11.95 28.04 65.57
N LEU D 410 12.37 27.92 64.31
CA LEU D 410 12.11 26.72 63.51
C LEU D 410 13.33 25.80 63.66
N HIS D 411 13.08 24.51 63.83
CA HIS D 411 14.15 23.52 63.91
C HIS D 411 14.33 22.95 62.51
N ILE D 412 15.54 23.07 61.98
CA ILE D 412 15.82 22.75 60.59
C ILE D 412 16.87 21.65 60.56
N ARG D 413 16.52 20.52 59.95
CA ARG D 413 17.43 19.43 59.68
C ARG D 413 17.83 19.50 58.21
N THR D 414 19.11 19.33 57.93
CA THR D 414 19.65 19.50 56.58
C THR D 414 20.12 18.15 56.04
N VAL D 415 19.72 17.85 54.81
CA VAL D 415 20.08 16.62 54.12
C VAL D 415 20.85 16.94 52.85
N PRO D 416 22.18 16.85 52.89
CA PRO D 416 22.99 17.13 51.69
C PRO D 416 22.75 16.15 50.57
N LEU D 417 22.59 16.69 49.36
CA LEU D 417 22.51 15.90 48.14
C LEU D 417 23.69 16.10 47.20
N TYR D 418 24.36 17.27 47.25
CA TYR D 418 25.52 17.60 46.44
C TYR D 418 25.21 17.61 44.94
N GLU D 419 23.92 17.62 44.57
CA GLU D 419 23.46 17.82 43.21
C GLU D 419 22.15 18.59 43.29
N SER D 420 21.71 19.13 42.17
CA SER D 420 20.60 20.09 42.20
C SER D 420 19.26 19.38 42.35
N PRO D 421 18.45 19.75 43.35
CA PRO D 421 17.10 19.20 43.48
C PRO D 421 16.05 20.07 42.78
N ARG D 422 15.08 19.39 42.15
CA ARG D 422 14.08 20.11 41.37
C ARG D 422 12.65 19.87 41.81
N LYS D 423 12.26 18.63 42.08
CA LYS D 423 10.88 18.34 42.50
C LYS D 423 10.93 17.28 43.59
N ILE D 424 10.03 17.39 44.58
CA ILE D 424 9.95 16.43 45.66
C ILE D 424 8.51 15.96 45.83
N CYS D 425 8.34 14.68 46.07
CA CYS D 425 7.01 14.11 46.29
C CYS D 425 7.10 13.12 47.43
N TYR D 426 6.01 13.04 48.19
CA TYR D 426 5.92 12.12 49.32
C TYR D 426 4.98 10.98 48.96
N GLN D 427 5.43 9.76 49.24
CA GLN D 427 4.66 8.54 48.99
C GLN D 427 4.53 7.84 50.34
N GLU D 428 3.39 8.01 51.01
CA GLU D 428 3.26 7.43 52.36
C GLU D 428 3.39 5.91 52.32
N VAL D 429 2.78 5.27 51.32
CA VAL D 429 2.72 3.81 51.29
C VAL D 429 4.11 3.20 51.46
N SER D 430 5.12 3.83 50.89
CA SER D 430 6.47 3.31 50.94
C SER D 430 7.33 3.99 51.99
N GLN D 431 6.74 4.86 52.81
CA GLN D 431 7.49 5.60 53.82
C GLN D 431 8.75 6.22 53.21
N CYS D 432 8.59 6.83 52.04
CA CYS D 432 9.71 7.39 51.32
C CYS D 432 9.30 8.65 50.58
N PHE D 433 10.31 9.40 50.13
CA PHE D 433 10.14 10.58 49.32
C PHE D 433 10.68 10.33 47.90
N GLY D 434 10.07 10.83 46.94
CA GLY D 434 10.58 10.82 45.56
C GLY D 434 11.07 12.22 45.22
N VAL D 435 12.32 12.30 44.80
CA VAL D 435 12.96 13.57 44.50
C VAL D 435 13.57 13.49 43.10
N LEU D 436 13.24 14.47 42.26
CA LEU D 436 13.88 14.65 40.97
C LEU D 436 15.10 15.58 41.16
N SER D 437 16.24 15.16 40.60
CA SER D 437 17.50 15.86 40.78
C SER D 437 18.25 15.88 39.45
N SER D 438 19.16 16.84 39.31
CA SER D 438 20.07 16.86 38.18
C SER D 438 21.46 17.23 38.63
N ARG D 439 22.45 16.53 38.09
CA ARG D 439 23.85 16.77 38.35
C ARG D 439 24.57 17.11 37.05
N ILE D 440 25.65 17.89 37.17
CA ILE D 440 26.40 18.34 36.00
C ILE D 440 27.54 17.37 35.71
N GLU D 441 27.59 16.84 34.49
CA GLU D 441 28.75 16.12 33.98
C GLU D 441 29.33 16.90 32.81
N VAL D 442 30.59 16.62 32.49
CA VAL D 442 31.34 17.37 31.50
C VAL D 442 31.90 16.44 30.44
N GLN D 443 31.86 16.89 29.18
CA GLN D 443 32.38 16.12 28.06
C GLN D 443 33.87 15.89 28.21
N ASP D 444 34.27 14.62 28.20
CA ASP D 444 35.65 14.22 28.43
C ASP D 444 36.20 13.49 27.20
N THR D 445 37.46 13.07 27.31
CA THR D 445 38.20 12.48 26.20
C THR D 445 37.72 11.08 25.84
N SER D 446 36.90 10.44 26.66
CA SER D 446 36.39 9.12 26.31
C SER D 446 35.21 9.18 25.34
N GLY D 447 34.67 10.37 25.09
CA GLY D 447 33.45 10.54 24.36
C GLY D 447 32.22 10.66 25.22
N GLY D 448 32.25 10.12 26.43
CA GLY D 448 31.18 10.28 27.40
C GLY D 448 31.33 11.54 28.22
N THR D 449 30.80 11.49 29.43
CA THR D 449 30.91 12.61 30.36
C THR D 449 31.31 12.08 31.73
N THR D 450 31.82 12.98 32.56
CA THR D 450 32.34 12.67 33.88
C THR D 450 31.75 13.62 34.90
N ALA D 451 31.35 13.08 36.04
CA ALA D 451 30.78 13.90 37.10
C ALA D 451 31.88 14.66 37.83
N LEU D 452 31.61 15.93 38.13
CA LEU D 452 32.63 16.76 38.76
C LEU D 452 32.86 16.36 40.20
N ARG D 453 31.93 15.63 40.80
CA ARG D 453 32.06 15.20 42.19
C ARG D 453 31.03 14.13 42.45
N PRO D 454 31.26 13.24 43.42
CA PRO D 454 30.23 12.27 43.77
C PRO D 454 29.05 12.99 44.40
N SER D 455 27.86 12.47 44.14
CA SER D 455 26.64 13.08 44.66
C SER D 455 25.58 12.01 44.86
N ALA D 456 24.41 12.45 45.32
CA ALA D 456 23.38 11.52 45.77
C ALA D 456 23.06 10.47 44.72
N SER D 457 22.91 10.88 43.46
CA SER D 457 22.54 9.93 42.42
C SER D 457 23.65 8.92 42.14
N THR D 458 24.90 9.33 42.32
CA THR D 458 26.04 8.47 42.05
C THR D 458 26.41 7.56 43.22
N GLN D 459 26.02 7.94 44.44
CA GLN D 459 26.38 7.21 45.65
C GLN D 459 25.19 6.44 46.20
N ALA D 460 24.16 6.28 45.39
CA ALA D 460 22.97 5.56 45.81
C ALA D 460 23.26 4.07 45.98
N LEU D 461 22.56 3.48 46.95
CA LEU D 461 22.73 2.06 47.26
C LEU D 461 22.32 1.20 46.07
N SER D 462 21.12 1.40 45.54
CA SER D 462 20.65 0.74 44.34
C SER D 462 20.52 1.79 43.25
N SER D 463 20.77 1.38 42.01
CA SER D 463 20.74 2.34 40.91
C SER D 463 20.27 1.64 39.65
N SER D 464 19.78 2.44 38.70
CA SER D 464 19.31 1.92 37.43
C SER D 464 19.37 3.03 36.40
N VAL D 465 19.36 2.64 35.13
CA VAL D 465 19.36 3.58 34.02
C VAL D 465 18.28 3.18 33.04
N SER D 466 17.48 4.15 32.61
CA SER D 466 16.42 3.89 31.64
C SER D 466 17.01 3.33 30.35
N SER D 467 16.37 2.29 29.84
CA SER D 467 16.73 1.67 28.56
C SER D 467 15.70 1.94 27.48
N SER D 468 14.92 3.02 27.64
CA SER D 468 13.82 3.30 26.73
C SER D 468 14.34 3.48 25.31
N LYS D 469 13.59 2.94 24.35
CA LYS D 469 13.93 3.03 22.95
C LYS D 469 12.97 3.94 22.20
N LEU D 470 12.11 4.68 22.90
CA LEU D 470 11.06 5.45 22.24
C LEU D 470 11.63 6.47 21.25
N PHE D 471 12.57 7.28 21.70
CA PHE D 471 13.21 8.22 20.80
C PHE D 471 14.32 7.56 20.01
N SER D 472 14.77 6.39 20.46
CA SER D 472 15.68 5.57 19.70
C SER D 472 16.75 6.43 19.05
N SER D 473 17.27 5.96 17.93
CA SER D 473 18.18 6.74 17.09
C SER D 473 17.46 7.71 16.17
N SER D 474 16.12 7.72 16.18
CA SER D 474 15.35 8.63 15.33
C SER D 474 15.93 10.04 15.33
N THR D 475 16.21 10.59 16.51
CA THR D 475 16.79 11.93 16.61
C THR D 475 18.27 11.88 16.23
N ALA D 476 18.67 12.75 15.30
CA ALA D 476 20.07 12.82 14.89
C ALA D 476 20.95 13.27 16.05
N PRO D 477 22.15 12.67 16.21
CA PRO D 477 23.02 13.05 17.33
C PRO D 477 23.68 14.39 17.05
N HIS D 478 23.79 15.19 18.10
CA HIS D 478 24.32 16.54 18.04
C HIS D 478 25.79 16.55 18.42
N GLU D 479 26.51 17.50 17.85
CA GLU D 479 27.95 17.49 18.00
C GLU D 479 28.27 17.76 19.47
N THR D 480 29.32 17.11 19.96
CA THR D 480 29.77 17.27 21.34
C THR D 480 31.24 17.67 21.32
N SER D 481 31.56 18.72 22.06
CA SER D 481 32.91 19.25 22.17
C SER D 481 33.40 19.00 23.60
N PHE D 482 34.67 18.63 23.73
CA PHE D 482 35.22 18.38 25.06
C PHE D 482 35.09 19.63 25.92
N GLY D 483 34.69 19.42 27.18
CA GLY D 483 34.57 20.49 28.15
C GLY D 483 33.18 21.06 28.33
N GLU D 484 32.24 20.76 27.44
CA GLU D 484 30.89 21.29 27.58
C GLU D 484 30.14 20.59 28.71
N GLU D 485 29.29 21.35 29.38
CA GLU D 485 28.48 20.84 30.47
C GLU D 485 27.17 20.26 29.96
N VAL D 486 26.71 19.20 30.62
CA VAL D 486 25.42 18.60 30.34
C VAL D 486 24.77 18.19 31.66
N GLU D 487 23.45 18.30 31.72
CA GLU D 487 22.69 17.89 32.89
C GLU D 487 22.27 16.43 32.79
N VAL D 488 22.42 15.71 33.89
CA VAL D 488 21.97 14.32 34.00
C VAL D 488 20.89 14.27 35.08
N HIS D 489 19.70 13.82 34.69
CA HIS D 489 18.54 13.82 35.58
C HIS D 489 18.27 12.42 36.12
N ASN D 490 17.95 12.36 37.41
CA ASN D 490 17.71 11.10 38.09
C ASN D 490 16.46 11.22 38.96
N LEU D 491 15.87 10.07 39.28
CA LEU D 491 14.82 9.97 40.28
C LEU D 491 15.43 9.34 41.53
N LEU D 492 15.29 10.01 42.67
CA LEU D 492 15.85 9.53 43.92
C LEU D 492 14.74 9.11 44.89
N ILE D 493 14.87 7.92 45.44
CA ILE D 493 13.99 7.43 46.48
C ILE D 493 14.72 7.58 47.81
N ILE D 494 14.15 8.36 48.72
CA ILE D 494 14.80 8.69 49.99
C ILE D 494 13.88 8.28 51.14
N ASP D 495 14.47 7.66 52.17
CA ASP D 495 13.67 7.20 53.30
C ASP D 495 13.25 8.38 54.16
N GLN D 496 12.02 8.34 54.68
CA GLN D 496 11.46 9.51 55.36
C GLN D 496 12.10 9.75 56.72
N HIS D 497 12.69 8.73 57.34
CA HIS D 497 13.40 8.88 58.60
C HIS D 497 14.92 9.02 58.47
N THR D 498 15.54 8.09 57.75
CA THR D 498 16.99 8.12 57.63
C THR D 498 17.46 9.12 56.60
N PHE D 499 16.60 9.43 55.61
CA PHE D 499 16.94 10.30 54.50
C PHE D 499 18.18 9.81 53.79
N GLU D 500 18.26 8.48 53.65
CA GLU D 500 19.28 7.81 52.85
C GLU D 500 18.73 7.55 51.46
N VAL D 501 19.56 7.73 50.45
CA VAL D 501 19.11 7.45 49.09
C VAL D 501 19.06 5.94 48.93
N LEU D 502 17.84 5.41 48.79
CA LEU D 502 17.65 3.98 48.62
C LEU D 502 17.91 3.57 47.19
N HIS D 503 17.43 4.38 46.25
CA HIS D 503 17.57 4.08 44.83
C HIS D 503 17.81 5.36 44.04
N ALA D 504 18.50 5.22 42.92
CA ALA D 504 18.72 6.32 41.98
C ALA D 504 18.44 5.79 40.58
N HIS D 505 17.51 6.42 39.88
CA HIS D 505 17.18 6.06 38.51
C HIS D 505 17.70 7.17 37.60
N GLN D 506 18.54 6.81 36.65
CA GLN D 506 19.11 7.77 35.71
C GLN D 506 18.30 7.77 34.43
N PHE D 507 17.82 8.95 34.04
CA PHE D 507 17.02 9.08 32.83
C PHE D 507 17.90 9.12 31.58
N LEU D 508 17.23 9.10 30.43
CA LEU D 508 17.92 9.02 29.16
C LEU D 508 18.89 10.19 28.99
N GLN D 509 19.87 9.98 28.12
CA GLN D 509 20.79 11.05 27.77
C GLN D 509 20.03 12.22 27.17
N ASN D 510 20.25 13.40 27.73
CA ASN D 510 19.60 14.64 27.32
C ASN D 510 18.12 14.68 27.71
N GLU D 511 17.68 13.82 28.63
CA GLU D 511 16.30 13.84 29.10
C GLU D 511 16.25 14.62 30.41
N TYR D 512 15.36 15.61 30.48
CA TYR D 512 15.17 16.43 31.68
C TYR D 512 13.88 16.00 32.36
N ALA D 513 13.97 15.68 33.66
CA ALA D 513 12.79 15.37 34.46
C ALA D 513 12.23 16.67 35.03
N LEU D 514 10.97 16.94 34.71
CA LEU D 514 10.31 18.20 35.05
C LEU D 514 9.14 18.01 36.00
N SER D 515 8.56 16.82 36.08
CA SER D 515 7.29 16.60 36.75
C SER D 515 7.32 15.30 37.53
N LEU D 516 6.74 15.33 38.74
CA LEU D 516 6.72 14.15 39.58
C LEU D 516 5.39 14.13 40.34
N VAL D 517 4.76 12.95 40.38
CA VAL D 517 3.53 12.73 41.12
C VAL D 517 3.58 11.37 41.79
N SER D 518 2.99 11.30 42.97
CA SER D 518 2.78 10.04 43.69
C SER D 518 1.29 9.84 43.87
N CYS D 519 0.76 8.74 43.35
CA CYS D 519 -0.69 8.55 43.43
C CYS D 519 -1.08 7.14 43.03
N LYS D 520 -2.33 6.79 43.33
CA LYS D 520 -3.00 5.61 42.81
C LYS D 520 -3.84 6.07 41.63
N LEU D 521 -3.98 5.22 40.62
CA LEU D 521 -4.79 5.55 39.45
C LEU D 521 -5.80 4.47 39.13
N GLY D 522 -6.92 4.89 38.55
CA GLY D 522 -7.91 3.96 38.04
C GLY D 522 -8.36 2.97 39.09
N LYS D 523 -8.44 1.69 38.69
CA LYS D 523 -8.76 0.60 39.59
C LYS D 523 -7.52 -0.15 40.06
N ASP D 524 -6.34 0.44 39.87
CA ASP D 524 -5.08 -0.17 40.30
C ASP D 524 -4.79 0.24 41.73
N PRO D 525 -4.72 -0.70 42.69
CA PRO D 525 -4.41 -0.32 44.07
C PRO D 525 -2.95 0.04 44.29
N ASN D 526 -2.07 -0.25 43.34
CA ASN D 526 -0.65 0.04 43.53
C ASN D 526 -0.41 1.54 43.47
N THR D 527 0.45 2.02 44.36
CA THR D 527 0.83 3.43 44.41
C THR D 527 2.14 3.65 43.67
N TYR D 528 2.13 4.57 42.71
CA TYR D 528 3.24 4.74 41.80
C TYR D 528 3.90 6.10 41.97
N PHE D 529 5.16 6.17 41.54
CA PHE D 529 5.86 7.42 41.27
C PHE D 529 5.77 7.65 39.76
N ILE D 530 5.21 8.78 39.34
CA ILE D 530 5.06 9.07 37.91
C ILE D 530 5.87 10.33 37.62
N VAL D 531 6.70 10.26 36.58
CA VAL D 531 7.65 11.31 36.25
C VAL D 531 7.38 11.81 34.83
N GLY D 532 7.37 13.12 34.66
CA GLY D 532 7.20 13.74 33.36
C GLY D 532 8.48 14.40 32.89
N THR D 533 8.86 14.10 31.65
CA THR D 533 10.18 14.46 31.13
C THR D 533 10.05 15.28 29.85
N ALA D 534 11.19 15.75 29.35
CA ALA D 534 11.29 16.48 28.09
C ALA D 534 12.67 16.20 27.49
N MET D 535 12.72 15.91 26.20
CA MET D 535 14.00 15.78 25.51
C MET D 535 14.52 17.15 25.16
N VAL D 536 15.66 17.51 25.74
CA VAL D 536 16.24 18.84 25.63
C VAL D 536 17.44 18.71 24.72
N TYR D 537 17.33 19.28 23.52
CA TYR D 537 18.46 19.40 22.61
C TYR D 537 18.75 20.88 22.40
N PRO D 538 20.02 21.28 22.44
CA PRO D 538 20.33 22.72 22.43
C PRO D 538 19.75 23.49 21.25
N GLU D 539 19.54 22.85 20.10
CA GLU D 539 19.07 23.56 18.92
C GLU D 539 17.61 23.97 19.00
N GLU D 540 16.80 23.24 19.75
CA GLU D 540 15.36 23.41 19.71
C GLU D 540 14.92 24.54 20.62
N ALA D 541 14.06 25.41 20.09
CA ALA D 541 13.51 26.49 20.91
C ALA D 541 12.59 25.97 22.01
N GLU D 542 11.84 24.91 21.71
CA GLU D 542 10.88 24.32 22.63
C GLU D 542 11.00 22.82 22.40
N PRO D 543 11.11 22.01 23.45
CA PRO D 543 11.24 20.56 23.24
C PRO D 543 10.07 20.05 22.40
N LYS D 544 10.35 19.07 21.55
CA LYS D 544 9.33 18.46 20.72
C LYS D 544 9.11 16.99 21.08
N GLN D 545 9.85 16.46 22.04
CA GLN D 545 9.70 15.07 22.48
C GLN D 545 9.69 14.99 24.00
N GLY D 546 9.06 13.93 24.50
CA GLY D 546 9.02 13.72 25.93
C GLY D 546 8.39 12.40 26.30
N ARG D 547 8.45 12.11 27.59
CA ARG D 547 7.88 10.88 28.13
C ARG D 547 7.13 11.16 29.44
N ILE D 548 6.11 10.34 29.69
CA ILE D 548 5.55 10.15 31.01
C ILE D 548 5.90 8.73 31.42
N VAL D 549 6.55 8.58 32.58
CA VAL D 549 7.05 7.30 33.05
C VAL D 549 6.40 6.97 34.38
N VAL D 550 5.92 5.73 34.52
CA VAL D 550 5.28 5.24 35.73
C VAL D 550 6.23 4.24 36.40
N PHE D 551 6.62 4.53 37.63
CA PHE D 551 7.47 3.66 38.43
C PHE D 551 6.69 3.11 39.61
N GLN D 552 7.14 1.97 40.14
CA GLN D 552 6.66 1.47 41.42
C GLN D 552 7.84 1.10 42.31
N TYR D 553 7.89 1.65 43.53
CA TYR D 553 8.89 1.24 44.52
C TYR D 553 8.24 0.23 45.47
N SER D 554 8.69 -1.03 45.41
CA SER D 554 8.19 -2.09 46.28
C SER D 554 9.32 -3.08 46.51
N ASP D 555 9.49 -3.51 47.76
CA ASP D 555 10.51 -4.51 48.11
C ASP D 555 11.91 -4.02 47.76
N GLY D 556 12.18 -2.76 48.07
CA GLY D 556 13.51 -2.22 47.89
C GLY D 556 14.01 -2.10 46.46
N LYS D 557 13.13 -2.25 45.47
CA LYS D 557 13.54 -2.16 44.07
C LYS D 557 12.52 -1.32 43.31
N LEU D 558 13.02 -0.51 42.38
CA LEU D 558 12.17 0.29 41.50
C LEU D 558 11.99 -0.42 40.16
N GLN D 559 10.74 -0.68 39.80
CA GLN D 559 10.41 -1.29 38.52
C GLN D 559 9.61 -0.32 37.68
N THR D 560 10.06 -0.13 36.46
CA THR D 560 9.36 0.73 35.51
C THR D 560 8.12 0.00 35.02
N VAL D 561 6.96 0.61 35.25
CA VAL D 561 5.70 -0.07 34.98
C VAL D 561 5.21 0.24 33.58
N ALA D 562 5.31 1.50 33.16
CA ALA D 562 4.79 1.92 31.87
C ALA D 562 5.41 3.25 31.46
N GLU D 563 5.51 3.44 30.15
CA GLU D 563 5.99 4.69 29.58
C GLU D 563 5.04 5.12 28.47
N LYS D 564 4.75 6.42 28.43
CA LYS D 564 3.87 7.03 27.44
C LYS D 564 4.65 8.10 26.71
N GLU D 565 4.70 8.00 25.39
CA GLU D 565 5.40 9.01 24.61
C GLU D 565 4.50 10.20 24.36
N VAL D 566 5.06 11.40 24.49
CA VAL D 566 4.36 12.64 24.17
C VAL D 566 5.27 13.47 23.28
N LYS D 567 4.67 14.48 22.65
CA LYS D 567 5.36 15.32 21.68
C LYS D 567 5.71 16.69 22.28
N GLY D 568 6.35 16.69 23.45
CA GLY D 568 6.68 17.94 24.11
C GLY D 568 7.13 17.69 25.54
N ALA D 569 7.26 18.78 26.30
CA ALA D 569 7.75 18.72 27.66
C ALA D 569 6.59 18.58 28.64
N VAL D 570 6.70 17.61 29.53
CA VAL D 570 5.66 17.38 30.56
C VAL D 570 5.99 18.28 31.74
N TYR D 571 5.62 19.55 31.59
CA TYR D 571 5.95 20.55 32.61
C TYR D 571 5.22 20.28 33.92
N SER D 572 3.96 19.88 33.85
CA SER D 572 3.17 19.65 35.04
C SER D 572 2.30 18.40 34.95
N MET D 573 2.15 17.74 36.10
CA MET D 573 1.23 16.62 36.26
C MET D 573 0.59 16.74 37.64
N VAL D 574 -0.62 16.22 37.76
CA VAL D 574 -1.33 16.19 39.02
C VAL D 574 -2.40 15.11 38.94
N GLU D 575 -2.59 14.40 40.04
CA GLU D 575 -3.64 13.38 40.10
C GLU D 575 -5.01 14.05 40.13
N PHE D 576 -5.94 13.50 39.34
CA PHE D 576 -7.24 14.11 39.10
C PHE D 576 -8.30 13.02 39.07
N ASN D 577 -8.95 12.79 40.22
CA ASN D 577 -10.07 11.86 40.33
C ASN D 577 -9.72 10.51 39.72
N GLY D 578 -8.59 9.96 40.14
CA GLY D 578 -8.13 8.68 39.65
C GLY D 578 -7.56 8.71 38.25
N LYS D 579 -7.52 9.87 37.62
CA LYS D 579 -6.90 10.05 36.32
C LYS D 579 -5.68 10.95 36.45
N LEU D 580 -4.82 10.89 35.44
CA LEU D 580 -3.56 11.64 35.44
C LEU D 580 -3.73 12.87 34.57
N LEU D 581 -3.63 14.05 35.18
CA LEU D 581 -3.71 15.32 34.47
C LEU D 581 -2.28 15.82 34.23
N ALA D 582 -1.92 15.98 32.95
CA ALA D 582 -0.56 16.37 32.57
C ALA D 582 -0.62 17.49 31.54
N SER D 583 0.36 18.36 31.59
CA SER D 583 0.47 19.48 30.66
C SER D 583 1.67 19.25 29.77
N ILE D 584 1.43 19.12 28.47
CA ILE D 584 2.49 18.97 27.46
C ILE D 584 2.51 20.23 26.60
N ASN D 585 3.54 21.08 26.77
CA ASN D 585 3.63 22.36 26.06
C ASN D 585 2.33 23.14 26.18
N SER D 586 1.68 23.44 25.05
CA SER D 586 0.41 24.17 25.10
C SER D 586 -0.76 23.28 25.53
N THR D 587 -0.65 21.97 25.35
CA THR D 587 -1.77 21.06 25.54
C THR D 587 -1.89 20.65 27.00
N VAL D 588 -3.13 20.57 27.48
CA VAL D 588 -3.45 20.00 28.78
C VAL D 588 -4.25 18.73 28.54
N ARG D 589 -3.76 17.60 29.03
CA ARG D 589 -4.36 16.30 28.73
C ARG D 589 -4.82 15.61 30.01
N LEU D 590 -5.91 14.86 29.90
CA LEU D 590 -6.38 13.97 30.95
C LEU D 590 -6.17 12.56 30.45
N TYR D 591 -5.40 11.77 31.19
CA TYR D 591 -5.10 10.39 30.86
C TYR D 591 -5.87 9.45 31.79
N GLU D 592 -6.34 8.33 31.25
CA GLU D 592 -6.91 7.26 32.04
C GLU D 592 -5.93 6.10 32.14
N TRP D 593 -6.02 5.34 33.23
CA TRP D 593 -5.14 4.22 33.52
C TRP D 593 -5.91 2.93 33.24
N THR D 594 -5.51 2.22 32.19
CA THR D 594 -6.28 1.08 31.74
C THR D 594 -6.03 -0.13 32.65
N THR D 595 -6.83 -1.17 32.48
CA THR D 595 -6.60 -2.43 33.17
C THR D 595 -5.37 -3.16 32.65
N GLU D 596 -4.81 -2.77 31.50
CA GLU D 596 -3.54 -3.30 31.02
C GLU D 596 -2.35 -2.46 31.50
N LYS D 597 -2.57 -1.57 32.46
CA LYS D 597 -1.51 -0.75 33.08
C LYS D 597 -0.78 0.12 32.06
N GLU D 598 -1.54 0.88 31.26
CA GLU D 598 -0.96 1.87 30.37
C GLU D 598 -1.86 3.09 30.28
N LEU D 599 -1.27 4.23 29.97
CA LEU D 599 -1.99 5.48 29.92
C LEU D 599 -2.71 5.66 28.58
N ARG D 600 -3.97 6.10 28.64
CA ARG D 600 -4.80 6.31 27.46
C ARG D 600 -5.42 7.70 27.55
N THR D 601 -5.30 8.47 26.49
CA THR D 601 -5.82 9.83 26.48
C THR D 601 -7.34 9.81 26.45
N GLU D 602 -7.97 10.64 27.29
CA GLU D 602 -9.41 10.82 27.27
C GLU D 602 -9.81 12.09 26.55
N CYS D 603 -9.23 13.23 26.93
CA CYS D 603 -9.58 14.51 26.34
C CYS D 603 -8.41 15.45 26.49
N ASN D 604 -8.43 16.52 25.70
CA ASN D 604 -7.35 17.49 25.65
C ASN D 604 -7.92 18.90 25.63
N HIS D 605 -7.09 19.85 26.08
CA HIS D 605 -7.35 21.28 25.93
C HIS D 605 -6.12 21.93 25.35
N TYR D 606 -6.31 22.76 24.32
CA TYR D 606 -5.16 23.27 23.58
C TYR D 606 -4.95 24.78 23.68
N ASN D 607 -5.87 25.53 24.27
CA ASN D 607 -5.77 26.99 24.21
C ASN D 607 -4.82 27.52 25.29
N ASN D 608 -3.54 27.25 25.10
CA ASN D 608 -2.50 27.75 25.99
C ASN D 608 -1.27 28.12 25.18
N ILE D 609 -0.36 28.86 25.80
CA ILE D 609 0.94 29.12 25.22
C ILE D 609 1.93 28.13 25.84
N MET D 610 2.06 28.15 27.16
CA MET D 610 2.83 27.13 27.85
C MET D 610 2.17 26.85 29.20
N ALA D 611 1.64 25.65 29.37
CA ALA D 611 0.89 25.29 30.56
C ALA D 611 1.85 24.82 31.65
N LEU D 612 2.53 25.79 32.25
CA LEU D 612 3.61 25.49 33.18
C LEU D 612 3.08 24.90 34.49
N TYR D 613 1.95 25.39 34.98
CA TYR D 613 1.47 25.01 36.30
C TYR D 613 0.02 24.54 36.26
N LEU D 614 -0.27 23.52 37.09
CA LEU D 614 -1.59 22.92 37.20
C LEU D 614 -1.93 22.70 38.67
N LYS D 615 -3.18 23.02 39.04
CA LYS D 615 -3.72 22.69 40.35
C LYS D 615 -5.17 22.28 40.15
N THR D 616 -5.69 21.45 41.06
CA THR D 616 -7.06 20.95 40.93
C THR D 616 -7.84 21.02 42.23
N LYS D 617 -9.17 20.97 42.09
CA LYS D 617 -10.10 20.85 43.21
C LYS D 617 -11.41 20.33 42.63
N GLY D 618 -11.80 19.12 43.01
CA GLY D 618 -12.98 18.52 42.41
C GLY D 618 -12.79 18.28 40.93
N ASP D 619 -13.77 18.66 40.13
CA ASP D 619 -13.70 18.53 38.68
C ASP D 619 -13.15 19.80 38.02
N PHE D 620 -12.66 20.75 38.81
CA PHE D 620 -12.10 22.00 38.33
C PHE D 620 -10.58 21.93 38.24
N ILE D 621 -10.03 22.55 37.20
CA ILE D 621 -8.58 22.60 36.98
C ILE D 621 -8.15 24.05 36.82
N LEU D 622 -7.08 24.43 37.49
CA LEU D 622 -6.47 25.75 37.33
C LEU D 622 -5.16 25.60 36.59
N VAL D 623 -5.03 26.30 35.46
CA VAL D 623 -3.85 26.21 34.59
C VAL D 623 -3.10 27.53 34.67
N GLY D 624 -1.78 27.45 34.81
CA GLY D 624 -0.91 28.62 34.82
C GLY D 624 -0.06 28.66 33.57
N ASP D 625 -0.07 29.81 32.89
CA ASP D 625 0.57 29.94 31.59
C ASP D 625 1.78 30.86 31.68
N LEU D 626 2.64 30.77 30.67
CA LEU D 626 3.85 31.57 30.65
C LEU D 626 3.54 33.06 30.57
N MET D 627 2.53 33.45 29.78
CA MET D 627 2.19 34.86 29.64
C MET D 627 0.71 35.17 29.75
N ARG D 628 -0.17 34.17 29.81
CA ARG D 628 -1.61 34.42 29.82
C ARG D 628 -2.20 34.15 31.21
N SER D 629 -1.39 34.32 32.26
CA SER D 629 -1.81 34.27 33.68
C SER D 629 -2.54 32.94 33.90
N VAL D 630 -3.74 32.94 34.46
CA VAL D 630 -4.40 31.73 34.90
C VAL D 630 -5.73 31.55 34.20
N LEU D 631 -6.08 30.28 34.00
CA LEU D 631 -7.32 29.86 33.37
C LEU D 631 -7.96 28.78 34.23
N LEU D 632 -9.27 28.86 34.40
CA LEU D 632 -10.03 27.85 35.12
C LEU D 632 -10.68 26.92 34.12
N LEU D 633 -10.28 25.65 34.16
CA LEU D 633 -10.84 24.59 33.34
C LEU D 633 -11.72 23.67 34.16
N ALA D 634 -12.69 23.05 33.49
CA ALA D 634 -13.54 22.07 34.13
C ALA D 634 -13.71 20.84 33.24
N TYR D 635 -13.64 19.68 33.87
CA TYR D 635 -13.95 18.40 33.24
C TYR D 635 -15.46 18.20 33.35
N LYS D 636 -16.15 18.15 32.20
CA LYS D 636 -17.58 17.85 32.20
C LYS D 636 -17.71 16.34 32.06
N PRO D 637 -17.85 15.60 33.17
CA PRO D 637 -17.82 14.12 33.05
C PRO D 637 -18.90 13.56 32.15
N MET D 638 -20.07 14.21 32.04
CA MET D 638 -21.11 13.69 31.16
C MET D 638 -20.63 13.60 29.72
N GLU D 639 -19.73 14.49 29.29
CA GLU D 639 -19.30 14.51 27.91
C GLU D 639 -17.91 13.94 27.69
N GLY D 640 -17.08 13.88 28.72
CA GLY D 640 -15.73 13.38 28.55
C GLY D 640 -14.81 14.34 27.83
N ASN D 641 -14.88 15.63 28.16
CA ASN D 641 -14.06 16.63 27.49
C ASN D 641 -13.77 17.74 28.50
N PHE D 642 -13.12 18.81 28.03
CA PHE D 642 -12.83 19.97 28.88
C PHE D 642 -13.73 21.13 28.45
N GLU D 643 -14.02 22.02 29.40
CA GLU D 643 -14.75 23.26 29.14
C GLU D 643 -14.00 24.39 29.83
N GLU D 644 -13.90 25.53 29.15
CA GLU D 644 -13.18 26.69 29.66
C GLU D 644 -14.14 27.54 30.49
N ILE D 645 -14.03 27.42 31.83
CA ILE D 645 -14.96 28.15 32.68
C ILE D 645 -14.67 29.65 32.66
N ALA D 646 -13.43 30.03 32.97
CA ALA D 646 -13.10 31.45 33.01
C ALA D 646 -11.60 31.66 32.96
N ARG D 647 -11.19 32.74 32.32
CA ARG D 647 -9.77 33.05 32.16
C ARG D 647 -9.50 34.46 32.64
N ASP D 648 -8.33 34.66 33.24
CA ASP D 648 -7.85 35.99 33.56
C ASP D 648 -7.20 36.52 32.29
N PHE D 649 -7.82 37.53 31.67
CA PHE D 649 -7.28 38.03 30.41
C PHE D 649 -6.09 38.94 30.60
N ASN D 650 -5.86 39.45 31.80
CA ASN D 650 -4.69 40.27 32.04
C ASN D 650 -3.44 39.42 31.83
N PRO D 651 -2.45 39.90 31.07
CA PRO D 651 -1.25 39.09 30.80
C PRO D 651 -0.26 39.20 31.96
N ASN D 652 0.14 38.04 32.50
CA ASN D 652 1.07 37.96 33.61
C ASN D 652 2.04 36.83 33.35
N TRP D 653 3.28 37.02 33.77
CA TRP D 653 4.29 35.96 33.70
C TRP D 653 4.24 35.19 35.01
N MET D 654 3.68 33.99 34.97
CA MET D 654 3.41 33.25 36.19
C MET D 654 4.67 32.53 36.69
N SER D 655 4.77 32.44 38.02
CA SER D 655 5.78 31.63 38.69
C SER D 655 5.19 30.47 39.46
N ALA D 656 3.93 30.57 39.90
CA ALA D 656 3.23 29.50 40.59
C ALA D 656 1.77 29.90 40.67
N VAL D 657 0.89 28.91 40.78
CA VAL D 657 -0.53 29.14 40.92
C VAL D 657 -1.01 28.29 42.09
N GLU D 658 -2.15 28.67 42.64
CA GLU D 658 -2.76 27.87 43.70
C GLU D 658 -4.25 28.17 43.74
N ILE D 659 -5.04 27.18 44.13
CA ILE D 659 -6.47 27.32 44.32
C ILE D 659 -6.70 27.55 45.80
N LEU D 660 -7.38 28.65 46.13
CA LEU D 660 -7.71 28.94 47.52
C LEU D 660 -9.02 28.30 47.94
N ASP D 661 -10.05 28.44 47.12
CA ASP D 661 -11.35 27.82 47.34
C ASP D 661 -12.06 27.77 45.99
N ASP D 662 -13.30 27.30 45.98
CA ASP D 662 -13.97 27.08 44.71
C ASP D 662 -14.10 28.34 43.88
N ASP D 663 -14.03 29.52 44.50
CA ASP D 663 -14.21 30.77 43.79
C ASP D 663 -12.99 31.69 43.78
N ASN D 664 -11.96 31.42 44.60
CA ASN D 664 -10.75 32.25 44.62
C ASN D 664 -9.52 31.46 44.21
N PHE D 665 -8.66 32.11 43.42
CA PHE D 665 -7.44 31.49 42.89
C PHE D 665 -6.27 32.46 43.09
N LEU D 666 -5.16 31.95 43.58
CA LEU D 666 -4.00 32.75 43.94
C LEU D 666 -2.88 32.52 42.93
N GLY D 667 -2.21 33.60 42.55
CA GLY D 667 -1.13 33.52 41.58
C GLY D 667 0.10 34.32 42.00
N ALA D 668 1.23 33.96 41.42
CA ALA D 668 2.50 34.63 41.70
C ALA D 668 3.17 34.97 40.37
N GLU D 669 3.66 36.20 40.25
CA GLU D 669 4.25 36.75 39.04
C GLU D 669 5.76 36.85 39.15
N ASN D 670 6.41 36.94 37.98
CA ASN D 670 7.86 37.13 37.96
C ASN D 670 8.26 38.53 38.39
N ALA D 671 7.29 39.40 38.62
CA ALA D 671 7.53 40.76 39.11
C ALA D 671 7.56 40.82 40.63
N PHE D 672 7.57 39.66 41.29
CA PHE D 672 7.52 39.57 42.73
C PHE D 672 6.16 40.01 43.26
N ASN D 673 5.10 39.79 42.49
CA ASN D 673 3.77 40.20 42.92
C ASN D 673 2.87 38.97 43.10
N LEU D 674 1.89 39.13 43.99
CA LEU D 674 0.86 38.13 44.22
C LEU D 674 -0.47 38.75 43.81
N PHE D 675 -1.34 37.97 43.16
CA PHE D 675 -2.67 38.45 42.82
C PHE D 675 -3.67 37.32 42.98
N VAL D 676 -4.93 37.66 43.21
CA VAL D 676 -6.00 36.71 43.42
C VAL D 676 -7.11 36.99 42.42
N CYS D 677 -7.58 35.93 41.76
CA CYS D 677 -8.65 36.00 40.77
C CYS D 677 -9.92 35.33 41.30
N GLN D 678 -11.06 35.93 40.98
CA GLN D 678 -12.37 35.46 41.44
C GLN D 678 -13.33 35.34 40.26
N LYS D 679 -14.12 34.27 40.22
CA LYS D 679 -15.24 34.21 39.30
C LYS D 679 -16.15 35.39 39.60
N ASP D 680 -16.54 36.12 38.55
CA ASP D 680 -17.23 37.39 38.77
C ASP D 680 -18.61 37.20 39.38
N SER D 681 -19.38 36.23 38.90
CA SER D 681 -20.71 35.93 39.45
C SER D 681 -21.56 37.20 39.51
N ALA D 682 -21.44 38.04 38.48
CA ALA D 682 -22.26 39.24 38.38
C ALA D 682 -22.61 39.53 36.92
N ALA D 683 -23.79 40.08 36.71
CA ALA D 683 -24.32 40.54 35.42
C ALA D 683 -24.88 39.39 34.58
N THR D 684 -24.61 38.12 34.91
CA THR D 684 -25.26 36.95 34.29
C THR D 684 -25.13 36.87 32.77
N THR D 685 -24.08 37.43 32.18
CA THR D 685 -23.80 37.27 30.76
C THR D 685 -22.60 36.35 30.61
N ASP D 686 -22.59 35.55 29.54
CA ASP D 686 -21.50 34.60 29.37
C ASP D 686 -20.14 35.28 29.39
N GLU D 687 -20.05 36.49 28.84
CA GLU D 687 -18.77 37.20 28.84
C GLU D 687 -18.32 37.53 30.26
N GLU D 688 -19.27 37.92 31.13
CA GLU D 688 -18.93 38.22 32.52
C GLU D 688 -18.51 36.98 33.30
N ARG D 689 -19.13 35.83 33.02
CA ARG D 689 -18.74 34.58 33.66
C ARG D 689 -17.31 34.19 33.28
N GLN D 690 -16.99 34.29 31.99
CA GLN D 690 -15.67 33.88 31.50
C GLN D 690 -14.54 34.80 31.95
N HIS D 691 -14.84 36.01 32.45
CA HIS D 691 -13.81 36.96 32.82
C HIS D 691 -13.45 36.75 34.29
N LEU D 692 -12.24 36.26 34.55
CA LEU D 692 -11.71 36.22 35.91
C LEU D 692 -11.17 37.58 36.28
N GLN D 693 -11.60 38.10 37.42
CA GLN D 693 -11.24 39.45 37.82
C GLN D 693 -10.16 39.40 38.89
N GLU D 694 -9.07 40.12 38.63
CA GLU D 694 -7.95 40.26 39.56
C GLU D 694 -8.40 41.14 40.72
N VAL D 695 -8.93 40.52 41.78
CA VAL D 695 -9.50 41.28 42.89
C VAL D 695 -8.47 41.62 43.96
N GLY D 696 -7.36 40.91 44.01
CA GLY D 696 -6.31 41.19 44.97
C GLY D 696 -4.97 41.39 44.30
N LEU D 697 -4.23 42.39 44.75
CA LEU D 697 -2.91 42.73 44.24
C LEU D 697 -2.00 43.06 45.40
N PHE D 698 -0.77 42.54 45.38
CA PHE D 698 0.15 42.72 46.50
C PHE D 698 1.57 42.51 46.02
N HIS D 699 2.45 43.46 46.32
CA HIS D 699 3.87 43.31 46.02
C HIS D 699 4.52 42.52 47.14
N LEU D 700 4.90 41.27 46.85
CA LEU D 700 5.46 40.42 47.89
C LEU D 700 6.92 40.77 48.16
N GLY D 701 7.69 41.03 47.12
CA GLY D 701 9.10 41.26 47.24
C GLY D 701 9.94 40.01 47.16
N GLU D 702 9.32 38.84 47.07
CA GLU D 702 10.00 37.58 46.95
C GLU D 702 9.52 36.89 45.68
N PHE D 703 10.30 35.93 45.21
CA PHE D 703 9.95 35.14 44.03
C PHE D 703 9.41 33.78 44.46
N VAL D 704 8.15 33.51 44.16
CA VAL D 704 7.48 32.32 44.65
C VAL D 704 7.62 31.21 43.63
N ASN D 705 8.33 30.14 43.99
CA ASN D 705 8.47 28.98 43.13
C ASN D 705 7.38 27.95 43.35
N VAL D 706 6.88 27.80 44.59
CA VAL D 706 6.00 26.71 44.95
C VAL D 706 4.92 27.17 45.91
N PHE D 707 3.68 26.75 45.63
CA PHE D 707 2.54 26.93 46.52
C PHE D 707 2.05 25.58 47.04
N CYS D 708 1.89 25.43 48.35
CA CYS D 708 1.39 24.19 48.93
C CYS D 708 0.48 24.46 50.13
N HIS D 709 -0.62 23.70 50.20
CA HIS D 709 -1.59 23.80 51.28
C HIS D 709 -1.11 23.07 52.53
N GLY D 710 -1.21 23.74 53.68
CA GLY D 710 -0.86 23.13 54.95
C GLY D 710 -0.38 24.18 55.94
N SER D 711 -0.11 23.72 57.16
CA SER D 711 0.43 24.60 58.18
C SER D 711 1.34 23.80 59.10
N LEU D 712 2.37 24.48 59.60
CA LEU D 712 3.35 23.85 60.48
C LEU D 712 2.96 23.92 61.96
N VAL D 713 1.82 24.51 62.28
CA VAL D 713 1.33 24.60 63.65
C VAL D 713 0.49 23.37 63.96
N MET D 714 0.35 23.07 65.26
CA MET D 714 -0.42 21.93 65.71
C MET D 714 -1.91 22.16 65.43
N GLN D 715 -2.54 21.20 64.75
CA GLN D 715 -3.95 21.30 64.39
C GLN D 715 -4.78 20.46 65.35
N ASN D 716 -5.33 21.09 66.38
CA ASN D 716 -6.21 20.37 67.29
C ASN D 716 -7.48 19.95 66.57
N LEU D 717 -7.81 18.66 66.61
CA LEU D 717 -9.08 18.22 66.02
C LEU D 717 -10.23 18.98 66.66
N GLY D 718 -10.02 19.47 67.88
CA GLY D 718 -11.03 20.26 68.57
C GLY D 718 -11.25 21.58 67.87
N GLU D 719 -12.49 21.81 67.42
CA GLU D 719 -12.84 23.04 66.72
C GLU D 719 -12.38 24.27 67.49
N THR D 720 -11.81 25.23 66.77
CA THR D 720 -11.27 26.46 67.33
C THR D 720 -11.58 27.58 66.35
N SER D 721 -12.51 28.46 66.69
CA SER D 721 -12.89 29.56 65.82
C SER D 721 -11.75 30.55 65.59
N THR D 722 -10.92 30.25 64.55
CA THR D 722 -9.80 31.13 64.31
C THR D 722 -10.32 32.26 63.43
N PRO D 723 -9.71 33.45 63.50
CA PRO D 723 -10.10 34.51 62.54
C PRO D 723 -9.73 34.18 61.11
N THR D 724 -8.62 33.47 60.92
CA THR D 724 -8.12 33.13 59.61
C THR D 724 -8.77 31.85 59.12
N GLN D 725 -8.99 31.78 57.82
CA GLN D 725 -9.56 30.61 57.16
C GLN D 725 -8.60 30.17 56.07
N GLY D 726 -8.17 28.92 56.12
CA GLY D 726 -7.27 28.40 55.12
C GLY D 726 -5.81 28.61 55.48
N SER D 727 -4.95 27.80 54.88
CA SER D 727 -3.51 27.91 55.09
C SER D 727 -2.78 27.47 53.83
N VAL D 728 -2.07 28.40 53.19
CA VAL D 728 -1.20 28.13 52.04
C VAL D 728 0.21 28.59 52.39
N LEU D 729 1.18 27.69 52.28
CA LEU D 729 2.59 28.01 52.48
C LEU D 729 3.27 28.19 51.13
N PHE D 730 4.19 29.14 51.04
CA PHE D 730 4.90 29.35 49.79
C PHE D 730 6.39 29.52 50.05
N GLY D 731 7.19 28.93 49.17
CA GLY D 731 8.64 29.00 49.24
C GLY D 731 9.18 29.91 48.15
N THR D 732 10.29 30.57 48.44
CA THR D 732 10.82 31.59 47.54
C THR D 732 12.29 31.31 47.22
N VAL D 733 12.80 32.12 46.29
CA VAL D 733 14.17 31.98 45.83
C VAL D 733 15.16 32.30 46.95
N ASN D 734 14.83 33.30 47.77
CA ASN D 734 15.71 33.75 48.83
C ASN D 734 15.57 32.94 50.12
N GLY D 735 14.86 31.81 50.09
CA GLY D 735 14.69 30.99 51.27
C GLY D 735 13.54 31.42 52.15
N MET D 736 12.95 32.57 51.87
CA MET D 736 11.82 33.04 52.65
C MET D 736 10.65 32.08 52.48
N ILE D 737 10.07 31.67 53.60
CA ILE D 737 8.85 30.86 53.61
C ILE D 737 7.72 31.71 54.16
N GLY D 738 6.56 31.65 53.51
CA GLY D 738 5.44 32.50 53.87
C GLY D 738 4.14 31.76 54.05
N LEU D 739 3.05 32.49 54.31
CA LEU D 739 1.76 31.88 54.53
C LEU D 739 0.69 32.82 54.00
N VAL D 740 -0.25 32.26 53.25
CA VAL D 740 -1.38 33.00 52.70
C VAL D 740 -2.66 32.42 53.29
N THR D 741 -3.51 33.28 53.83
CA THR D 741 -4.79 32.86 54.38
C THR D 741 -5.83 33.91 54.01
N SER D 742 -7.09 33.50 54.06
CA SER D 742 -8.22 34.38 53.77
C SER D 742 -8.79 34.93 55.07
N LEU D 743 -9.49 36.07 54.94
CA LEU D 743 -10.09 36.74 56.08
C LEU D 743 -11.57 36.96 55.82
N SER D 744 -12.32 37.16 56.90
CA SER D 744 -13.71 37.53 56.76
C SER D 744 -13.81 38.98 56.31
N GLU D 745 -14.95 39.31 55.71
CA GLU D 745 -15.12 40.69 55.26
C GLU D 745 -14.90 41.65 56.42
N SER D 746 -15.51 41.36 57.57
CA SER D 746 -15.35 42.23 58.73
C SER D 746 -13.89 42.33 59.16
N TRP D 747 -13.20 41.18 59.23
CA TRP D 747 -11.81 41.17 59.69
C TRP D 747 -10.89 41.99 58.78
N TYR D 748 -11.05 41.89 57.47
CA TYR D 748 -10.18 42.63 56.56
C TYR D 748 -10.29 44.13 56.81
N ASN D 749 -11.52 44.64 56.91
CA ASN D 749 -11.70 46.07 57.11
C ASN D 749 -11.05 46.53 58.41
N LEU D 750 -11.15 45.72 59.47
CA LEU D 750 -10.53 46.07 60.73
C LEU D 750 -9.01 46.13 60.62
N LEU D 751 -8.40 45.06 60.08
CA LEU D 751 -6.94 44.97 60.00
C LEU D 751 -6.38 46.00 59.03
N LEU D 752 -7.12 46.31 57.96
CA LEU D 752 -6.68 47.35 57.04
C LEU D 752 -6.62 48.69 57.76
N ASP D 753 -7.66 48.99 58.54
CA ASP D 753 -7.68 50.24 59.32
C ASP D 753 -6.47 50.35 60.22
N MET D 754 -6.02 49.25 60.81
CA MET D 754 -4.85 49.31 61.68
C MET D 754 -3.58 49.59 60.89
N GLN D 755 -3.48 49.02 59.68
CA GLN D 755 -2.33 49.30 58.84
C GLN D 755 -2.18 50.80 58.63
N ASN D 756 -3.25 51.46 58.21
CA ASN D 756 -3.21 52.91 58.01
C ASN D 756 -2.88 53.65 59.31
N ARG D 757 -3.29 53.11 60.45
CA ARG D 757 -2.95 53.68 61.75
C ARG D 757 -1.50 53.38 62.12
N LEU D 758 -1.09 52.14 61.91
CA LEU D 758 0.27 51.74 62.25
C LEU D 758 1.27 52.51 61.38
N ASN D 759 0.91 52.76 60.12
CA ASN D 759 1.83 53.44 59.21
C ASN D 759 2.11 54.87 59.66
N LYS D 760 1.14 55.53 60.31
CA LYS D 760 1.39 56.86 60.85
C LYS D 760 2.31 56.81 62.05
N VAL D 761 2.34 55.69 62.77
CA VAL D 761 3.05 55.58 64.04
C VAL D 761 4.49 55.11 63.86
N ILE D 762 4.72 54.12 62.99
CA ILE D 762 5.99 53.45 62.90
C ILE D 762 6.91 54.21 61.95
N LYS D 763 8.16 54.42 62.38
CA LYS D 763 9.17 55.08 61.57
C LYS D 763 9.89 53.99 60.78
N SER D 764 9.91 54.11 59.46
CA SER D 764 10.56 53.12 58.62
C SER D 764 12.00 53.55 58.30
N VAL D 765 12.85 52.54 58.07
CA VAL D 765 14.23 52.81 57.67
C VAL D 765 14.23 53.45 56.29
N GLY D 766 14.92 54.58 56.17
CA GLY D 766 14.92 55.33 54.93
C GLY D 766 13.67 56.13 54.68
N LYS D 767 12.70 56.07 55.59
CA LYS D 767 11.43 56.79 55.45
C LYS D 767 10.75 56.47 54.14
N ILE D 768 10.62 55.16 53.87
CA ILE D 768 9.90 54.66 52.69
C ILE D 768 8.45 54.44 53.07
N GLU D 769 7.54 55.03 52.29
CA GLU D 769 6.10 54.86 52.51
C GLU D 769 5.69 53.41 52.31
N HIS D 770 5.02 52.84 53.31
CA HIS D 770 4.62 51.44 53.23
C HIS D 770 3.66 51.18 52.07
N SER D 771 2.71 52.07 51.87
CA SER D 771 1.74 51.87 50.80
C SER D 771 2.43 51.73 49.46
N PHE D 772 3.49 52.51 49.25
CA PHE D 772 4.28 52.41 48.02
C PHE D 772 4.95 51.05 47.91
N TRP D 773 5.61 50.62 48.98
CA TRP D 773 6.36 49.37 48.98
C TRP D 773 5.48 48.19 48.57
N ARG D 774 4.32 48.05 49.21
CA ARG D 774 3.45 46.93 48.91
C ARG D 774 2.57 47.15 47.68
N SER D 775 2.69 48.29 46.99
CA SER D 775 1.94 48.51 45.76
C SER D 775 2.41 47.57 44.65
N PHE D 776 1.44 46.99 43.93
CA PHE D 776 1.72 46.18 42.75
C PHE D 776 2.65 46.91 41.79
N HIS D 777 3.66 46.19 41.28
CA HIS D 777 4.66 46.86 40.45
C HIS D 777 5.27 45.91 39.43
N THR D 778 5.14 46.26 38.15
CA THR D 778 5.95 45.77 37.05
C THR D 778 6.64 46.96 36.41
N GLU D 779 7.56 46.69 35.48
CA GLU D 779 8.19 47.80 34.77
C GLU D 779 7.17 48.71 34.10
N ARG D 780 5.99 48.19 33.80
CA ARG D 780 4.98 48.89 33.02
C ARG D 780 3.82 49.39 33.85
N LYS D 781 3.54 48.77 34.99
CA LYS D 781 2.43 49.22 35.83
C LYS D 781 2.83 49.33 37.29
N THR D 782 2.15 50.24 37.97
CA THR D 782 2.21 50.36 39.42
C THR D 782 0.78 50.63 39.86
N GLU D 783 0.22 49.75 40.68
CA GLU D 783 -1.12 49.86 41.18
C GLU D 783 -1.09 49.78 42.70
N PRO D 784 -2.02 50.44 43.39
CA PRO D 784 -2.09 50.28 44.85
C PRO D 784 -2.52 48.87 45.21
N ALA D 785 -1.94 48.35 46.30
CA ALA D 785 -2.31 47.02 46.76
C ALA D 785 -3.79 47.01 47.16
N THR D 786 -4.43 45.87 47.01
CA THR D 786 -5.83 45.73 47.35
C THR D 786 -6.10 44.27 47.71
N GLY D 787 -6.94 44.06 48.73
CA GLY D 787 -7.35 42.73 49.10
C GLY D 787 -6.35 41.94 49.92
N PHE D 788 -5.27 42.56 50.37
CA PHE D 788 -4.21 41.85 51.09
C PHE D 788 -3.83 42.63 52.34
N ILE D 789 -3.72 41.92 53.46
CA ILE D 789 -3.24 42.50 54.71
C ILE D 789 -1.79 42.11 54.90
N ASP D 790 -0.91 43.10 55.04
CA ASP D 790 0.50 42.84 55.29
C ASP D 790 0.67 42.30 56.70
N GLY D 791 0.59 40.97 56.84
CA GLY D 791 0.61 40.37 58.16
C GLY D 791 1.84 40.73 58.96
N ASP D 792 2.97 40.96 58.29
CA ASP D 792 4.17 41.32 59.03
C ASP D 792 4.04 42.71 59.65
N LEU D 793 3.23 43.59 59.04
CA LEU D 793 2.93 44.88 59.64
C LEU D 793 1.99 44.74 60.82
N ILE D 794 0.93 43.95 60.71
CA ILE D 794 0.01 43.77 61.83
C ILE D 794 0.76 43.23 63.04
N GLU D 795 1.66 42.27 62.82
CA GLU D 795 2.38 41.65 63.94
C GLU D 795 3.46 42.53 64.54
N SER D 796 3.72 43.72 63.99
CA SER D 796 4.63 44.65 64.64
C SER D 796 3.94 45.54 65.66
N PHE D 797 2.60 45.54 65.69
CA PHE D 797 1.86 46.27 66.72
C PHE D 797 2.26 45.80 68.11
N LEU D 798 2.54 44.50 68.25
CA LEU D 798 2.93 43.96 69.54
C LEU D 798 4.27 44.49 70.01
N ASP D 799 5.12 44.96 69.10
CA ASP D 799 6.48 45.37 69.43
C ASP D 799 6.65 46.88 69.61
N ILE D 800 5.62 47.69 69.39
CA ILE D 800 5.73 49.14 69.60
C ILE D 800 5.41 49.44 71.05
N SER D 801 5.97 50.53 71.56
CA SER D 801 5.84 50.85 72.98
C SER D 801 4.39 51.13 73.33
N ARG D 802 4.08 50.98 74.62
CA ARG D 802 2.71 51.18 75.09
C ARG D 802 2.17 52.54 74.67
N PRO D 803 2.93 53.63 74.75
CA PRO D 803 2.40 54.92 74.26
C PRO D 803 1.93 54.88 72.82
N LYS D 804 2.68 54.22 71.93
CA LYS D 804 2.29 54.19 70.52
C LYS D 804 1.08 53.30 70.28
N MET D 805 0.97 52.18 71.01
CA MET D 805 -0.22 51.35 70.93
C MET D 805 -1.47 52.17 71.25
N GLN D 806 -1.41 53.00 72.29
CA GLN D 806 -2.54 53.82 72.68
C GLN D 806 -2.83 54.86 71.61
N GLU D 807 -1.79 55.34 70.92
CA GLU D 807 -2.01 56.23 69.79
C GLU D 807 -2.66 55.51 68.61
N VAL D 808 -2.40 54.22 68.44
CA VAL D 808 -2.93 53.51 67.28
C VAL D 808 -4.44 53.34 67.41
N VAL D 809 -4.93 53.08 68.63
CA VAL D 809 -6.33 52.75 68.84
C VAL D 809 -7.23 53.97 69.01
N ALA D 810 -6.68 55.18 68.97
CA ALA D 810 -7.50 56.38 69.16
C ALA D 810 -8.62 56.43 68.13
N ASN D 811 -9.85 56.68 68.62
CA ASN D 811 -11.06 56.81 67.78
C ASN D 811 -11.36 55.54 67.01
N LEU D 812 -10.95 54.41 67.55
CA LEU D 812 -11.19 53.10 66.95
C LEU D 812 -12.30 52.40 67.72
N GLN D 813 -13.26 51.84 67.00
CA GLN D 813 -14.33 51.06 67.62
C GLN D 813 -14.00 49.60 67.40
N TYR D 814 -13.72 48.89 68.51
CA TYR D 814 -13.39 47.48 68.46
C TYR D 814 -14.71 46.76 68.39
N ASP D 815 -14.84 45.84 67.45
CA ASP D 815 -16.06 45.06 67.34
C ASP D 815 -15.84 43.81 68.19
N ASP D 816 -16.42 43.80 69.39
CA ASP D 816 -16.23 42.68 70.28
C ASP D 816 -16.57 41.36 69.61
N GLY D 817 -17.35 41.41 68.54
CA GLY D 817 -17.93 40.21 67.99
C GLY D 817 -19.08 39.69 68.81
N SER D 818 -19.41 40.38 69.91
CA SER D 818 -20.56 40.09 70.75
C SER D 818 -21.73 40.98 70.37
N GLY D 819 -21.79 41.39 69.11
CA GLY D 819 -22.78 42.33 68.65
C GLY D 819 -22.59 43.74 69.16
N MET D 820 -21.56 43.97 69.98
CA MET D 820 -21.32 45.24 70.64
C MET D 820 -20.02 45.82 70.09
N LYS D 821 -20.02 47.10 69.75
CA LYS D 821 -18.82 47.82 69.35
C LYS D 821 -18.54 48.87 70.41
N ARG D 822 -17.29 48.91 70.88
CA ARG D 822 -16.90 49.76 71.99
C ARG D 822 -15.58 50.39 71.61
N GLU D 823 -15.27 51.56 72.20
CA GLU D 823 -13.99 52.20 71.94
C GLU D 823 -12.91 51.15 72.22
N ALA D 824 -11.94 51.04 71.32
CA ALA D 824 -10.98 49.95 71.39
C ALA D 824 -9.85 50.29 72.36
N THR D 825 -9.45 49.31 73.16
CA THR D 825 -8.31 49.44 74.04
C THR D 825 -7.10 48.72 73.45
N ALA D 826 -5.93 49.05 73.99
CA ALA D 826 -4.71 48.41 73.51
C ALA D 826 -4.76 46.91 73.71
N ASP D 827 -5.26 46.45 74.86
CA ASP D 827 -5.30 45.03 75.12
C ASP D 827 -6.31 44.32 74.23
N ASP D 828 -7.39 44.98 73.82
CA ASP D 828 -8.32 44.35 72.88
C ASP D 828 -7.58 44.00 71.59
N LEU D 829 -6.81 44.95 71.05
CA LEU D 829 -6.05 44.70 69.83
C LEU D 829 -4.89 43.74 70.11
N ILE D 830 -4.23 43.84 71.27
CA ILE D 830 -3.15 42.91 71.57
C ILE D 830 -3.64 41.47 71.50
N LYS D 831 -4.89 41.23 71.92
CA LYS D 831 -5.48 39.90 71.81
C LYS D 831 -5.66 39.51 70.36
N VAL D 832 -6.12 40.45 69.52
CA VAL D 832 -6.34 40.16 68.11
C VAL D 832 -5.03 39.81 67.42
N VAL D 833 -4.02 40.66 67.59
CA VAL D 833 -2.75 40.42 66.91
C VAL D 833 -2.08 39.17 67.46
N GLU D 834 -2.20 38.93 68.77
CA GLU D 834 -1.57 37.75 69.33
C GLU D 834 -2.14 36.47 68.74
N GLU D 835 -3.46 36.41 68.54
CA GLU D 835 -4.02 35.23 67.91
C GLU D 835 -3.51 35.06 66.48
N LEU D 836 -3.33 36.16 65.76
CA LEU D 836 -2.83 36.06 64.38
C LEU D 836 -1.41 35.51 64.36
N THR D 837 -0.61 35.77 65.41
CA THR D 837 0.73 35.19 65.44
C THR D 837 0.71 33.67 65.55
N ARG D 838 -0.42 33.08 65.94
CA ARG D 838 -0.55 31.65 66.10
C ARG D 838 -0.78 30.92 64.78
N ILE D 839 -1.08 31.64 63.69
CA ILE D 839 -1.36 30.93 62.46
C ILE D 839 -0.11 30.32 61.84
N HIS D 840 1.06 30.83 62.22
CA HIS D 840 2.33 30.41 61.64
C HIS D 840 3.32 30.07 62.76
N THR E 7 -18.76 29.39 -4.09
CA THR E 7 -17.48 30.00 -4.44
C THR E 7 -16.91 30.71 -3.21
N GLU E 8 -15.66 31.18 -3.34
CA GLU E 8 -14.94 31.82 -2.24
C GLU E 8 -15.58 33.12 -1.78
N SER E 9 -16.48 33.69 -2.57
CA SER E 9 -16.99 35.03 -2.31
C SER E 9 -18.32 35.05 -1.55
N ASP E 10 -18.99 33.91 -1.41
CA ASP E 10 -20.36 33.87 -0.90
C ASP E 10 -20.34 33.84 0.63
N TRP E 11 -20.04 35.00 1.20
CA TRP E 11 -19.92 35.13 2.65
C TRP E 11 -21.30 35.12 3.30
N GLY E 12 -21.31 34.77 4.58
CA GLY E 12 -22.52 34.79 5.38
C GLY E 12 -23.37 33.54 5.30
N LYS E 13 -23.01 32.59 4.44
CA LYS E 13 -23.80 31.39 4.22
C LYS E 13 -23.26 30.19 4.98
N ARG E 14 -21.94 29.97 4.92
CA ARG E 14 -21.32 28.83 5.57
C ARG E 14 -21.52 28.89 7.08
N CYS E 15 -21.68 27.72 7.71
CA CYS E 15 -21.98 27.64 9.13
C CYS E 15 -20.70 27.57 9.95
N VAL E 16 -20.77 28.10 11.18
CA VAL E 16 -19.62 28.04 12.08
C VAL E 16 -19.31 26.63 12.57
N ASP E 17 -20.17 25.66 12.26
CA ASP E 17 -19.86 24.27 12.56
C ASP E 17 -18.62 23.77 11.83
N LYS E 18 -18.22 24.44 10.76
CA LYS E 18 -17.03 24.03 10.02
C LYS E 18 -15.74 24.38 10.76
N PHE E 19 -15.84 25.05 11.91
CA PHE E 19 -14.69 25.42 12.73
C PHE E 19 -14.82 24.75 14.09
N ASP E 20 -13.71 24.19 14.57
CA ASP E 20 -13.60 23.69 15.94
C ASP E 20 -13.00 24.77 16.82
N ILE E 21 -13.74 25.16 17.85
CA ILE E 21 -13.31 26.25 18.71
C ILE E 21 -12.28 25.72 19.70
N ILE E 22 -11.08 26.32 19.70
CA ILE E 22 -10.04 25.87 20.63
C ILE E 22 -10.19 26.54 21.99
N GLY E 23 -10.50 27.83 22.02
CA GLY E 23 -10.69 28.54 23.27
C GLY E 23 -11.08 29.98 22.97
N ILE E 24 -11.22 30.76 24.04
CA ILE E 24 -11.58 32.17 23.93
C ILE E 24 -10.32 33.00 24.18
N ILE E 25 -9.83 33.67 23.13
CA ILE E 25 -8.61 34.45 23.25
C ILE E 25 -8.82 35.93 23.56
N GLY E 26 -9.99 36.49 23.30
CA GLY E 26 -10.19 37.91 23.50
C GLY E 26 -11.60 38.24 23.90
N GLU E 27 -11.72 39.33 24.66
CA GLU E 27 -13.01 39.80 25.17
C GLU E 27 -12.96 41.30 25.31
N GLY E 28 -14.11 41.87 25.60
CA GLY E 28 -14.10 43.27 25.93
C GLY E 28 -14.93 44.10 25.03
N THR E 29 -14.44 45.25 24.70
CA THR E 29 -15.04 46.19 23.78
C THR E 29 -15.11 45.64 22.34
N TYR E 30 -14.04 44.99 21.87
CA TYR E 30 -14.04 44.45 20.51
C TYR E 30 -15.07 43.33 20.37
N GLY E 31 -15.35 42.62 21.46
CA GLY E 31 -16.32 41.56 21.54
C GLY E 31 -15.67 40.30 22.02
N GLN E 32 -16.28 39.17 21.67
CA GLN E 32 -15.77 37.88 22.06
C GLN E 32 -14.99 37.35 20.88
N VAL E 33 -13.72 37.04 21.10
CA VAL E 33 -12.86 36.51 20.05
C VAL E 33 -12.44 35.10 20.45
N TYR E 34 -12.64 34.14 19.56
CA TYR E 34 -12.33 32.75 19.80
C TYR E 34 -11.28 32.28 18.80
N LYS E 35 -10.31 31.53 19.30
CA LYS E 35 -9.34 30.83 18.44
C LYS E 35 -9.95 29.51 18.03
N ALA E 36 -9.93 29.22 16.73
CA ALA E 36 -10.56 28.02 16.20
C ALA E 36 -9.67 27.41 15.12
N LYS E 37 -9.93 26.14 14.81
CA LYS E 37 -9.23 25.45 13.73
C LYS E 37 -10.28 24.97 12.73
N ASP E 38 -10.04 25.28 11.46
CA ASP E 38 -10.94 24.81 10.40
C ASP E 38 -10.85 23.31 10.29
N LYS E 39 -12.01 22.64 10.20
CA LYS E 39 -11.99 21.20 10.05
C LYS E 39 -11.38 20.80 8.71
N ASP E 40 -11.67 21.57 7.66
CA ASP E 40 -11.32 21.13 6.30
C ASP E 40 -9.83 21.32 6.01
N THR E 41 -9.28 22.49 6.33
CA THR E 41 -7.90 22.78 5.96
C THR E 41 -6.90 22.64 7.09
N GLY E 42 -7.35 22.65 8.34
CA GLY E 42 -6.42 22.69 9.44
C GLY E 42 -5.84 24.05 9.73
N GLU E 43 -6.45 25.11 9.20
CA GLU E 43 -5.92 26.45 9.42
C GLU E 43 -6.42 26.98 10.76
N LEU E 44 -5.51 27.59 11.53
CA LEU E 44 -5.89 28.30 12.74
C LEU E 44 -6.45 29.67 12.35
N VAL E 45 -7.62 29.99 12.88
CA VAL E 45 -8.31 31.23 12.60
C VAL E 45 -8.69 31.88 13.92
N ALA E 46 -9.27 33.07 13.83
CA ALA E 46 -9.82 33.75 15.00
C ALA E 46 -11.22 34.20 14.65
N LEU E 47 -12.18 33.83 15.48
CA LEU E 47 -13.58 34.14 15.22
C LEU E 47 -14.03 35.21 16.20
N LYS E 48 -14.43 36.36 15.66
CA LYS E 48 -15.04 37.44 16.42
C LYS E 48 -16.54 37.29 16.33
N LYS E 49 -17.19 37.07 17.47
CA LYS E 49 -18.63 36.91 17.49
C LYS E 49 -19.26 38.30 17.40
N VAL E 50 -20.05 38.52 16.35
CA VAL E 50 -20.85 39.73 16.24
C VAL E 50 -22.28 39.34 16.58
N ARG E 51 -22.83 39.98 17.59
CA ARG E 51 -24.13 39.64 18.13
C ARG E 51 -25.13 40.71 17.73
N LEU E 52 -26.17 40.32 17.00
CA LEU E 52 -27.31 41.18 16.77
C LEU E 52 -28.52 40.78 17.61
N ASP E 53 -28.37 39.84 18.56
CA ASP E 53 -29.52 39.40 19.34
C ASP E 53 -30.07 40.52 20.21
N ASN E 54 -29.23 41.47 20.62
CA ASN E 54 -29.72 42.64 21.33
C ASN E 54 -30.69 43.44 20.44
N GLU E 55 -30.35 43.61 19.16
CA GLU E 55 -31.26 44.23 18.20
C GLU E 55 -31.67 45.64 18.62
N LYS E 56 -30.90 46.28 19.49
CA LYS E 56 -31.20 47.68 19.80
C LYS E 56 -31.16 48.51 18.52
N GLU E 57 -30.11 48.30 17.72
CA GLU E 57 -29.97 48.91 16.39
C GLU E 57 -29.54 47.86 15.37
N GLY E 58 -29.73 46.59 15.66
CA GLY E 58 -29.36 45.51 14.77
C GLY E 58 -27.85 45.33 14.67
N PHE E 59 -27.40 44.96 13.48
CA PHE E 59 -25.99 44.67 13.25
C PHE E 59 -25.12 45.85 13.67
N PRO E 60 -24.07 45.61 14.49
CA PRO E 60 -23.29 46.75 14.99
C PRO E 60 -22.63 47.52 13.86
N ILE E 61 -22.58 48.84 14.00
CA ILE E 61 -21.90 49.65 12.99
C ILE E 61 -20.40 49.41 13.09
N THR E 62 -19.92 49.04 14.29
CA THR E 62 -18.51 48.66 14.44
C THR E 62 -18.15 47.53 13.49
N ALA E 63 -18.97 46.49 13.47
CA ALA E 63 -18.73 45.36 12.59
C ALA E 63 -18.90 45.73 11.12
N ILE E 64 -19.87 46.60 10.82
CA ILE E 64 -20.06 47.00 9.44
C ILE E 64 -18.82 47.74 8.94
N ARG E 65 -18.24 48.59 9.78
CA ARG E 65 -17.05 49.32 9.35
C ARG E 65 -15.90 48.36 9.09
N GLU E 66 -15.69 47.41 10.02
CA GLU E 66 -14.56 46.50 9.86
C GLU E 66 -14.75 45.57 8.66
N ILE E 67 -15.99 45.18 8.37
CA ILE E 67 -16.24 44.35 7.19
C ILE E 67 -15.99 45.17 5.93
N LYS E 68 -16.57 46.36 5.89
CA LYS E 68 -16.43 47.24 4.73
C LYS E 68 -14.98 47.60 4.48
N ILE E 69 -14.23 47.93 5.54
CA ILE E 69 -12.89 48.44 5.34
C ILE E 69 -11.91 47.32 5.06
N LEU E 70 -11.99 46.23 5.80
CA LEU E 70 -11.01 45.17 5.62
C LEU E 70 -11.25 44.29 4.39
N ARG E 71 -12.43 44.39 3.75
CA ARG E 71 -12.59 43.77 2.43
C ARG E 71 -12.10 44.68 1.32
N GLN E 72 -11.75 45.93 1.65
CA GLN E 72 -11.13 46.83 0.69
C GLN E 72 -9.60 46.88 0.82
N LEU E 73 -9.09 46.56 2.00
CA LEU E 73 -7.68 46.72 2.30
C LEU E 73 -6.99 45.38 2.17
N ILE E 74 -6.00 45.32 1.27
CA ILE E 74 -5.18 44.14 1.05
C ILE E 74 -3.74 44.60 1.23
N HIS E 75 -3.14 44.25 2.36
CA HIS E 75 -1.75 44.60 2.60
C HIS E 75 -1.18 43.60 3.59
N ARG E 76 0.13 43.35 3.46
CA ARG E 76 0.78 42.37 4.32
C ARG E 76 0.65 42.79 5.79
N SER E 77 0.55 44.09 6.05
CA SER E 77 0.52 44.62 7.41
C SER E 77 -0.89 44.96 7.87
N VAL E 78 -1.92 44.55 7.13
CA VAL E 78 -3.31 44.75 7.54
C VAL E 78 -3.95 43.38 7.71
N VAL E 79 -4.60 43.17 8.85
CA VAL E 79 -5.16 41.85 9.14
C VAL E 79 -6.22 41.52 8.10
N ASN E 80 -6.26 40.26 7.68
CA ASN E 80 -7.10 39.85 6.57
C ASN E 80 -8.34 39.13 7.12
N MET E 81 -9.52 39.62 6.74
CA MET E 81 -10.77 38.94 7.06
C MET E 81 -11.01 37.90 5.97
N LYS E 82 -11.01 36.63 6.36
CA LYS E 82 -11.11 35.59 5.36
C LYS E 82 -12.55 35.36 4.94
N GLU E 83 -13.48 35.37 5.90
CA GLU E 83 -14.89 35.17 5.60
C GLU E 83 -15.74 35.45 6.83
N ILE E 84 -17.05 35.36 6.65
CA ILE E 84 -18.04 35.54 7.70
C ILE E 84 -18.95 34.33 7.72
N VAL E 85 -19.14 33.73 8.89
CA VAL E 85 -19.94 32.53 9.04
C VAL E 85 -21.01 32.76 10.09
N THR E 86 -22.00 31.88 10.10
CA THR E 86 -23.22 32.07 10.88
C THR E 86 -23.39 30.92 11.87
N ASP E 87 -24.07 31.24 12.98
CA ASP E 87 -24.53 30.21 13.91
C ASP E 87 -25.54 29.33 13.20
N LYS E 88 -25.67 28.10 13.68
CA LYS E 88 -26.63 27.20 13.06
C LYS E 88 -28.01 27.84 13.03
N GLN E 89 -28.55 28.02 11.81
CA GLN E 89 -29.89 28.57 11.63
C GLN E 89 -30.85 27.38 11.64
N ASP E 90 -31.18 26.93 12.87
CA ASP E 90 -32.06 25.78 13.01
C ASP E 90 -33.51 26.12 12.67
N ALA E 91 -33.95 27.33 12.98
CA ALA E 91 -35.35 27.71 12.78
C ALA E 91 -35.63 27.90 11.29
N LEU E 92 -36.79 27.38 10.85
CA LEU E 92 -37.13 27.50 9.44
C LEU E 92 -37.48 28.93 9.02
N ASP E 93 -37.93 29.76 9.98
CA ASP E 93 -38.42 31.10 9.69
C ASP E 93 -37.30 32.10 9.96
N PHE E 94 -36.96 32.92 8.96
CA PHE E 94 -35.90 33.90 9.16
C PHE E 94 -36.24 34.85 10.30
N LYS E 95 -37.55 35.07 10.57
CA LYS E 95 -37.93 35.90 11.71
C LYS E 95 -37.56 35.23 13.02
N LYS E 96 -37.74 33.91 13.13
CA LYS E 96 -37.38 33.24 14.39
C LYS E 96 -35.87 33.29 14.62
N ASP E 97 -35.07 33.23 13.56
CA ASP E 97 -33.62 33.14 13.72
C ASP E 97 -33.11 34.28 14.58
N LYS E 98 -32.36 33.94 15.63
CA LYS E 98 -31.64 34.92 16.43
C LYS E 98 -30.16 34.54 16.55
N GLY E 99 -29.69 33.61 15.72
CA GLY E 99 -28.30 33.24 15.75
C GLY E 99 -27.39 34.40 15.39
N ALA E 100 -26.13 34.29 15.81
CA ALA E 100 -25.15 35.34 15.62
C ALA E 100 -24.19 34.99 14.48
N PHE E 101 -23.55 36.03 13.96
CA PHE E 101 -22.53 35.91 12.94
C PHE E 101 -21.14 36.00 13.58
N TYR E 102 -20.20 35.23 13.01
CA TYR E 102 -18.83 35.19 13.46
C TYR E 102 -17.94 35.64 12.31
N LEU E 103 -17.06 36.58 12.58
CA LEU E 103 -16.13 37.08 11.57
C LEU E 103 -14.84 36.28 11.63
N VAL E 104 -14.47 35.65 10.53
CA VAL E 104 -13.26 34.84 10.48
C VAL E 104 -12.10 35.74 10.10
N PHE E 105 -11.04 35.69 10.91
CA PHE E 105 -9.79 36.40 10.66
C PHE E 105 -8.66 35.36 10.66
N GLU E 106 -7.47 35.78 10.21
CA GLU E 106 -6.28 34.95 10.39
C GLU E 106 -5.80 35.04 11.83
N TYR E 107 -5.22 33.93 12.33
CA TYR E 107 -4.72 33.88 13.70
C TYR E 107 -3.30 34.44 13.76
N MET E 108 -3.13 35.51 14.54
CA MET E 108 -1.81 36.07 14.84
C MET E 108 -1.36 35.51 16.18
N ASP E 109 -0.11 35.05 16.24
CA ASP E 109 0.33 34.30 17.42
C ASP E 109 0.27 35.15 18.68
N HIS E 110 0.69 36.41 18.59
CA HIS E 110 0.80 37.26 19.77
C HIS E 110 0.37 38.68 19.42
N ASP E 111 0.16 39.48 20.46
CA ASP E 111 -0.04 40.91 20.34
C ASP E 111 1.09 41.61 21.08
N LEU E 112 1.39 42.85 20.69
CA LEU E 112 2.54 43.53 21.27
C LEU E 112 2.37 43.72 22.78
N MET E 113 1.17 44.08 23.22
CA MET E 113 0.96 44.37 24.64
C MET E 113 1.23 43.13 25.49
N GLY E 114 0.67 42.00 25.11
CA GLY E 114 0.91 40.79 25.88
C GLY E 114 2.39 40.48 25.99
N LEU E 115 3.13 40.65 24.90
CA LEU E 115 4.56 40.36 24.90
C LEU E 115 5.31 41.32 25.82
N LEU E 116 4.92 42.60 25.82
CA LEU E 116 5.63 43.55 26.67
C LEU E 116 5.17 43.47 28.13
N GLU E 117 3.87 43.31 28.38
CA GLU E 117 3.36 43.31 29.75
C GLU E 117 4.00 42.18 30.55
N SER E 118 4.10 40.99 29.95
CA SER E 118 4.74 39.86 30.61
C SER E 118 6.25 40.00 30.68
N GLY E 119 6.82 41.02 30.05
CA GLY E 119 8.26 41.20 30.12
C GLY E 119 9.06 40.14 29.39
N LEU E 120 8.44 39.46 28.43
CA LEU E 120 9.03 38.28 27.80
C LEU E 120 9.74 38.55 26.48
N VAL E 121 9.74 39.77 25.95
CA VAL E 121 10.41 39.99 24.67
C VAL E 121 11.52 41.03 24.86
N HIS E 122 12.53 40.96 24.00
CA HIS E 122 13.56 41.98 23.92
C HIS E 122 13.73 42.39 22.47
N PHE E 123 13.75 43.70 22.22
CA PHE E 123 13.89 44.25 20.88
C PHE E 123 15.26 44.90 20.74
N SER E 124 16.05 44.45 19.76
CA SER E 124 17.26 45.14 19.37
C SER E 124 16.91 46.26 18.39
N GLU E 125 17.91 47.05 17.99
CA GLU E 125 17.62 48.11 17.04
C GLU E 125 17.01 47.54 15.76
N ASP E 126 17.51 46.40 15.29
CA ASP E 126 17.02 45.85 14.04
C ASP E 126 15.62 45.27 14.17
N HIS E 127 15.26 44.75 15.35
CA HIS E 127 13.90 44.25 15.50
C HIS E 127 12.93 45.40 15.48
N ILE E 128 13.31 46.53 16.06
CA ILE E 128 12.44 47.70 16.05
C ILE E 128 12.31 48.25 14.63
N LYS E 129 13.38 48.15 13.85
CA LYS E 129 13.31 48.60 12.47
C LYS E 129 12.29 47.79 11.68
N SER E 130 12.38 46.47 11.74
CA SER E 130 11.45 45.65 10.98
C SER E 130 10.02 45.86 11.46
N PHE E 131 9.84 46.04 12.77
CA PHE E 131 8.51 46.27 13.31
C PHE E 131 7.95 47.60 12.82
N MET E 132 8.69 48.69 13.03
CA MET E 132 8.18 50.00 12.65
C MET E 132 8.03 50.10 11.13
N LYS E 133 8.97 49.50 10.39
CA LYS E 133 8.87 49.54 8.93
C LYS E 133 7.57 48.91 8.46
N GLN E 134 7.23 47.74 9.00
CA GLN E 134 5.97 47.12 8.63
C GLN E 134 4.78 47.95 9.09
N LEU E 135 4.79 48.39 10.35
CA LEU E 135 3.67 49.16 10.88
C LEU E 135 3.42 50.41 10.04
N MET E 136 4.46 51.14 9.72
CA MET E 136 4.30 52.36 8.95
C MET E 136 3.97 52.09 7.49
N GLU E 137 4.46 50.99 6.93
CA GLU E 137 4.04 50.61 5.60
C GLU E 137 2.56 50.28 5.58
N GLY E 138 2.09 49.54 6.59
CA GLY E 138 0.67 49.30 6.69
C GLY E 138 -0.11 50.59 6.90
N LEU E 139 0.38 51.46 7.78
CA LEU E 139 -0.33 52.70 8.04
C LEU E 139 -0.40 53.58 6.80
N GLU E 140 0.68 53.68 6.03
CA GLU E 140 0.61 54.48 4.80
C GLU E 140 -0.43 53.93 3.84
N TYR E 141 -0.45 52.61 3.65
CA TYR E 141 -1.44 52.01 2.76
C TYR E 141 -2.84 52.47 3.15
N CYS E 142 -3.15 52.43 4.44
CA CYS E 142 -4.47 52.86 4.89
C CYS E 142 -4.69 54.34 4.63
N HIS E 143 -3.67 55.16 4.89
CA HIS E 143 -3.82 56.60 4.67
C HIS E 143 -3.91 56.95 3.19
N LYS E 144 -3.16 56.27 2.31
CA LYS E 144 -3.32 56.54 0.88
C LYS E 144 -4.70 56.13 0.40
N LYS E 145 -5.36 55.19 1.10
CA LYS E 145 -6.74 54.83 0.83
C LYS E 145 -7.72 55.73 1.60
N ASN E 146 -7.21 56.78 2.25
CA ASN E 146 -8.05 57.77 2.92
C ASN E 146 -8.86 57.16 4.06
N PHE E 147 -8.22 56.29 4.84
CA PHE E 147 -8.82 55.68 6.00
C PHE E 147 -8.01 55.99 7.25
N LEU E 148 -8.70 56.31 8.33
CA LEU E 148 -8.06 56.56 9.62
C LEU E 148 -8.37 55.43 10.58
N HIS E 149 -7.34 54.83 11.17
CA HIS E 149 -7.59 53.78 12.15
C HIS E 149 -8.29 54.32 13.39
N ARG E 150 -7.66 55.30 14.04
CA ARG E 150 -8.22 56.06 15.15
C ARG E 150 -8.20 55.32 16.47
N ASP E 151 -7.59 54.15 16.56
CA ASP E 151 -7.47 53.46 17.85
C ASP E 151 -6.18 52.64 17.86
N ILE E 152 -5.06 53.29 17.61
CA ILE E 152 -3.78 52.58 17.53
C ILE E 152 -3.23 52.42 18.95
N LYS E 153 -3.22 51.18 19.43
CA LYS E 153 -2.62 50.87 20.72
C LYS E 153 -1.81 49.60 20.56
N CYS E 154 -1.05 49.25 21.61
CA CYS E 154 -0.25 48.03 21.57
C CYS E 154 -1.12 46.80 21.45
N SER E 155 -2.36 46.85 21.95
CA SER E 155 -3.23 45.69 21.87
C SER E 155 -3.72 45.45 20.45
N ASN E 156 -3.78 46.50 19.63
CA ASN E 156 -4.28 46.36 18.26
C ASN E 156 -3.17 46.12 17.24
N ILE E 157 -1.91 46.06 17.67
CA ILE E 157 -0.81 45.67 16.81
C ILE E 157 -0.50 44.21 17.14
N LEU E 158 -0.65 43.34 16.16
CA LEU E 158 -0.49 41.90 16.33
C LEU E 158 0.74 41.47 15.55
N LEU E 159 1.60 40.66 16.16
CA LEU E 159 2.78 40.15 15.49
C LEU E 159 2.86 38.65 15.74
N ASN E 160 3.00 37.88 14.66
CA ASN E 160 3.26 36.45 14.77
C ASN E 160 4.77 36.18 14.88
N ASN E 161 5.10 34.94 15.19
CA ASN E 161 6.50 34.60 15.48
C ASN E 161 7.41 34.81 14.27
N SER E 162 6.88 34.75 13.06
CA SER E 162 7.72 34.96 11.89
C SER E 162 8.32 36.36 11.84
N GLY E 163 7.76 37.32 12.58
CA GLY E 163 8.19 38.71 12.51
C GLY E 163 7.33 39.61 11.65
N GLN E 164 6.28 39.09 11.03
CA GLN E 164 5.31 39.89 10.30
C GLN E 164 4.41 40.59 11.30
N ILE E 165 4.13 41.86 11.06
CA ILE E 165 3.32 42.67 11.94
C ILE E 165 2.04 43.00 11.19
N LYS E 166 0.89 42.89 11.85
CA LYS E 166 -0.38 43.24 11.24
C LYS E 166 -1.22 44.14 12.15
N LEU E 167 -1.94 45.10 11.55
CA LEU E 167 -2.85 45.98 12.27
C LEU E 167 -4.27 45.46 12.30
N ALA E 168 -5.00 45.80 13.38
CA ALA E 168 -6.32 45.22 13.58
C ALA E 168 -7.26 46.23 14.26
N ASP E 169 -8.42 45.72 14.69
CA ASP E 169 -9.57 46.48 15.19
C ASP E 169 -9.73 47.79 14.44
N PHE E 170 -10.25 47.71 13.23
CA PHE E 170 -10.60 48.86 12.44
C PHE E 170 -12.04 49.26 12.69
N GLY E 171 -12.59 48.88 13.84
CA GLY E 171 -13.98 49.16 14.13
C GLY E 171 -14.28 50.64 14.24
N LEU E 172 -13.28 51.43 14.62
CA LEU E 172 -13.45 52.85 14.76
C LEU E 172 -12.90 53.61 13.56
N ALA E 173 -12.60 52.90 12.47
CA ALA E 173 -11.95 53.49 11.30
C ALA E 173 -12.99 54.14 10.41
N ARG E 174 -12.66 55.30 9.86
CA ARG E 174 -13.58 56.03 9.02
C ARG E 174 -12.81 56.70 7.88
N LEU E 175 -13.54 56.98 6.81
CA LEU E 175 -12.97 57.63 5.63
C LEU E 175 -12.70 59.11 5.92
N TYR E 176 -11.60 59.62 5.37
CA TYR E 176 -11.17 60.99 5.63
C TYR E 176 -11.18 61.79 4.35
N ASN E 177 -11.92 62.91 4.36
CA ASN E 177 -11.91 63.90 3.30
C ASN E 177 -11.34 65.21 3.80
N SER E 178 -10.33 65.74 3.09
CA SER E 178 -9.75 67.02 3.49
C SER E 178 -10.66 68.18 3.12
N GLU E 179 -11.36 68.06 1.99
CA GLU E 179 -12.37 69.02 1.60
C GLU E 179 -13.67 68.66 2.30
N GLU E 180 -14.57 69.64 2.38
CA GLU E 180 -15.86 69.46 3.06
C GLU E 180 -15.64 68.74 4.40
N SER E 181 -14.77 69.32 5.22
CA SER E 181 -14.49 68.73 6.53
C SER E 181 -15.70 68.91 7.44
N ARG E 182 -16.18 67.80 7.97
CA ARG E 182 -17.35 67.71 8.84
C ARG E 182 -17.01 67.09 10.19
N PRO E 183 -17.89 67.24 11.17
CA PRO E 183 -17.58 66.75 12.52
C PRO E 183 -17.40 65.24 12.59
N TYR E 184 -16.30 64.82 13.22
CA TYR E 184 -15.97 63.42 13.46
C TYR E 184 -16.16 63.11 14.94
N TPO E 185 -15.99 61.85 15.33
CA TPO E 185 -16.18 61.45 16.73
CB TPO E 185 -16.67 59.95 16.81
CG2 TPO E 185 -17.16 59.60 18.21
OG1 TPO E 185 -17.64 59.75 15.77
P TPO E 185 -17.83 58.21 15.35
O1P TPO E 185 -18.01 58.11 13.88
O2P TPO E 185 -19.22 57.69 15.99
O3P TPO E 185 -16.62 57.25 15.87
C TPO E 185 -14.91 61.69 17.57
O TPO E 185 -13.91 60.98 17.40
H TPO E 185 -15.77 61.20 14.81
HA TPO E 185 -16.87 62.02 17.13
HB TPO E 185 -15.84 59.27 16.65
HG21 TPO E 185 -17.37 58.52 18.26
HG22 TPO E 185 -18.08 60.15 18.42
HG23 TPO E 185 -16.41 59.85 18.95
N ASN E 186 -14.95 62.69 18.44
CA ASN E 186 -13.74 63.11 19.15
C ASN E 186 -13.37 62.16 20.28
N LYS E 187 -12.13 62.25 20.76
CA LYS E 187 -11.64 61.38 21.84
C LYS E 187 -11.65 59.91 21.40
N VAL E 188 -11.23 59.64 20.18
CA VAL E 188 -11.41 58.30 19.63
C VAL E 188 -10.31 57.33 20.05
N ILE E 189 -9.08 57.80 20.24
CA ILE E 189 -7.98 56.88 20.55
C ILE E 189 -7.86 56.70 22.06
N THR E 190 -7.29 55.57 22.49
CA THR E 190 -7.10 55.32 23.92
C THR E 190 -6.21 56.39 24.52
N LEU E 191 -6.44 56.69 25.79
CA LEU E 191 -5.84 57.89 26.36
C LEU E 191 -4.32 57.88 26.23
N TRP E 192 -3.69 56.73 26.47
CA TRP E 192 -2.23 56.73 26.49
C TRP E 192 -1.63 57.11 25.14
N TYR E 193 -2.28 56.73 24.05
CA TYR E 193 -1.75 56.99 22.71
C TYR E 193 -2.49 58.13 22.00
N ARG E 194 -3.32 58.89 22.71
CA ARG E 194 -4.11 59.95 22.08
C ARG E 194 -3.25 61.20 21.85
N PRO E 195 -3.37 61.82 20.69
CA PRO E 195 -2.55 63.01 20.38
C PRO E 195 -3.05 64.24 21.10
N PRO E 196 -2.22 65.28 21.19
CA PRO E 196 -2.66 66.50 21.90
C PRO E 196 -3.85 67.19 21.26
N GLU E 197 -3.98 67.17 19.93
CA GLU E 197 -5.11 67.83 19.30
C GLU E 197 -6.45 67.27 19.79
N LEU E 198 -6.54 65.95 19.94
CA LEU E 198 -7.80 65.35 20.38
C LEU E 198 -8.06 65.61 21.86
N LEU E 199 -6.99 65.78 22.65
CA LEU E 199 -7.16 66.16 24.06
C LEU E 199 -7.69 67.59 24.18
N LEU E 200 -7.28 68.47 23.27
CA LEU E 200 -7.70 69.85 23.25
C LEU E 200 -8.98 70.06 22.43
N GLY E 201 -9.64 68.96 22.02
CA GLY E 201 -10.97 69.01 21.46
C GLY E 201 -11.10 69.30 19.98
N GLU E 202 -10.12 68.91 19.18
CA GLU E 202 -10.21 69.03 17.72
C GLU E 202 -11.28 68.06 17.21
N GLU E 203 -12.41 68.61 16.73
CA GLU E 203 -13.48 67.74 16.26
C GLU E 203 -13.26 67.23 14.83
N ARG E 204 -12.49 67.96 14.02
CA ARG E 204 -12.17 67.56 12.65
C ARG E 204 -10.67 67.34 12.50
N TYR E 205 -10.21 66.14 12.86
CA TYR E 205 -8.79 65.83 12.93
C TYR E 205 -8.21 65.24 11.63
N THR E 206 -6.89 65.35 11.52
CA THR E 206 -6.14 64.83 10.39
C THR E 206 -5.74 63.39 10.62
N PRO E 207 -5.16 62.74 9.60
CA PRO E 207 -4.58 61.41 9.81
C PRO E 207 -3.38 61.41 10.75
N ALA E 208 -2.83 62.58 11.09
CA ALA E 208 -1.69 62.63 11.98
C ALA E 208 -1.98 62.03 13.35
N ILE E 209 -3.26 61.80 13.66
CA ILE E 209 -3.60 61.17 14.93
C ILE E 209 -3.04 59.76 15.01
N ASP E 210 -3.03 59.04 13.88
CA ASP E 210 -2.50 57.70 13.88
C ASP E 210 -0.99 57.71 13.93
N VAL E 211 -0.36 58.72 13.33
CA VAL E 211 1.10 58.83 13.39
C VAL E 211 1.55 59.12 14.81
N TRP E 212 0.84 60.00 15.51
CA TRP E 212 1.21 60.29 16.90
C TRP E 212 1.20 59.00 17.73
N SER E 213 0.17 58.16 17.54
CA SER E 213 0.07 56.93 18.31
C SER E 213 1.27 56.03 18.05
N CYS E 214 1.67 55.92 16.78
CA CYS E 214 2.80 55.06 16.44
C CYS E 214 4.10 55.61 16.99
N GLY E 215 4.23 56.93 17.07
CA GLY E 215 5.38 57.49 17.75
C GLY E 215 5.45 57.08 19.21
N CYS E 216 4.30 57.01 19.87
CA CYS E 216 4.25 56.51 21.24
C CYS E 216 4.69 55.05 21.32
N ILE E 217 4.35 54.25 20.30
CA ILE E 217 4.81 52.87 20.28
C ILE E 217 6.31 52.80 20.07
N LEU E 218 6.82 53.61 19.14
CA LEU E 218 8.25 53.61 18.88
C LEU E 218 9.02 53.91 20.15
N GLY E 219 8.60 54.94 20.90
CA GLY E 219 9.26 55.25 22.16
C GLY E 219 9.15 54.11 23.15
N GLU E 220 7.96 53.53 23.25
CA GLU E 220 7.76 52.42 24.18
C GLU E 220 8.65 51.24 23.83
N LEU E 221 8.97 51.07 22.55
CA LEU E 221 9.85 49.98 22.13
C LEU E 221 11.30 50.17 22.54
N PHE E 222 11.74 51.40 22.79
CA PHE E 222 13.10 51.62 23.27
C PHE E 222 13.20 51.65 24.80
N THR E 223 12.07 51.77 25.51
CA THR E 223 12.07 51.77 26.97
C THR E 223 11.35 50.58 27.59
N LYS E 224 10.52 49.87 26.82
CA LYS E 224 9.66 48.80 27.32
C LYS E 224 8.57 49.32 28.26
N LYS E 225 8.42 50.63 28.39
CA LYS E 225 7.39 51.20 29.25
C LYS E 225 6.73 52.32 28.45
N PRO E 226 5.39 52.38 28.42
CA PRO E 226 4.72 53.44 27.66
C PRO E 226 5.21 54.82 28.07
N ILE E 227 5.16 55.75 27.11
CA ILE E 227 5.72 57.07 27.35
C ILE E 227 4.78 57.92 28.19
N PHE E 228 3.49 57.92 27.86
CA PHE E 228 2.52 58.78 28.54
C PHE E 228 1.48 57.91 29.22
N GLN E 229 1.62 57.74 30.55
CA GLN E 229 0.70 56.96 31.36
C GLN E 229 -0.07 57.91 32.27
N ALA E 230 -1.39 58.01 32.06
CA ALA E 230 -2.22 58.94 32.79
C ALA E 230 -3.64 58.38 32.89
N ASN E 231 -4.41 58.96 33.80
CA ASN E 231 -5.78 58.56 34.06
C ASN E 231 -6.84 59.51 33.54
N LEU E 232 -6.54 60.80 33.41
CA LEU E 232 -7.49 61.80 32.96
C LEU E 232 -6.84 62.68 31.89
N GLU E 233 -7.68 63.28 31.04
CA GLU E 233 -7.14 64.02 29.90
C GLU E 233 -6.20 65.14 30.32
N LEU E 234 -6.48 65.83 31.43
CA LEU E 234 -5.57 66.90 31.83
C LEU E 234 -4.21 66.34 32.24
N ALA E 235 -4.18 65.23 32.97
CA ALA E 235 -2.91 64.66 33.40
C ALA E 235 -2.09 64.18 32.20
N GLN E 236 -2.77 63.69 31.16
CA GLN E 236 -2.08 63.24 29.96
C GLN E 236 -1.46 64.42 29.22
N LEU E 237 -2.18 65.53 29.09
CA LEU E 237 -1.62 66.70 28.43
C LEU E 237 -0.41 67.25 29.18
N GLU E 238 -0.42 67.17 30.50
CA GLU E 238 0.73 67.62 31.29
C GLU E 238 1.96 66.79 30.99
N LEU E 239 1.81 65.46 30.92
CA LEU E 239 2.96 64.61 30.62
C LEU E 239 3.52 64.93 29.23
N ILE E 240 2.64 65.03 28.24
CA ILE E 240 3.07 65.39 26.89
C ILE E 240 3.86 66.70 26.92
N SER E 241 3.38 67.68 27.69
CA SER E 241 4.02 68.99 27.71
C SER E 241 5.41 68.92 28.33
N ARG E 242 5.59 68.12 29.39
CA ARG E 242 6.89 68.04 30.03
C ARG E 242 7.97 67.55 29.07
N LEU E 243 7.58 66.77 28.08
CA LEU E 243 8.49 66.16 27.11
C LEU E 243 8.55 66.93 25.80
N CYS E 244 7.39 67.20 25.20
CA CYS E 244 7.33 67.78 23.87
C CYS E 244 7.29 69.31 23.89
N GLY E 245 7.04 69.91 25.05
CA GLY E 245 6.80 71.33 25.13
C GLY E 245 5.32 71.67 25.24
N SER E 246 5.03 72.76 25.91
CA SER E 246 3.60 73.00 26.10
C SER E 246 2.97 73.51 24.81
N PRO E 247 1.75 73.07 24.50
CA PRO E 247 1.04 73.61 23.33
C PRO E 247 0.89 75.13 23.43
N CYS E 248 1.51 75.84 22.49
CA CYS E 248 1.49 77.29 22.46
C CYS E 248 1.51 77.71 21.00
N PRO E 249 0.95 78.88 20.68
CA PRO E 249 1.01 79.36 19.28
C PRO E 249 2.42 79.52 18.75
N ALA E 250 3.44 79.46 19.61
CA ALA E 250 4.80 79.66 19.13
C ALA E 250 5.23 78.50 18.24
N VAL E 251 4.86 77.28 18.60
CA VAL E 251 5.16 76.10 17.81
C VAL E 251 3.92 75.56 17.08
N TRP E 252 2.72 75.96 17.48
CA TRP E 252 1.47 75.43 16.94
C TRP E 252 0.54 76.61 16.69
N PRO E 253 0.61 77.23 15.50
CA PRO E 253 -0.11 78.49 15.31
C PRO E 253 -1.61 78.39 15.50
N ASP E 254 -2.23 77.26 15.16
CA ASP E 254 -3.68 77.14 15.21
C ASP E 254 -4.18 76.50 16.51
N VAL E 255 -3.31 76.36 17.51
CA VAL E 255 -3.75 75.78 18.77
C VAL E 255 -4.83 76.63 19.41
N ILE E 256 -4.79 77.94 19.17
CA ILE E 256 -5.74 78.86 19.77
C ILE E 256 -7.17 78.58 19.32
N ARG E 257 -7.32 77.97 18.14
CA ARG E 257 -8.68 77.69 17.67
C ARG E 257 -9.34 76.55 18.45
N LEU E 258 -8.55 75.73 19.13
CA LEU E 258 -9.08 74.53 19.77
C LEU E 258 -9.94 74.88 20.97
N PRO E 259 -11.05 74.15 21.19
CA PRO E 259 -11.95 74.52 22.29
C PRO E 259 -11.28 74.55 23.67
N TYR E 260 -10.48 73.53 24.01
CA TYR E 260 -9.95 73.42 25.36
C TYR E 260 -8.54 74.01 25.51
N PHE E 261 -8.10 74.83 24.56
CA PHE E 261 -6.75 75.38 24.67
C PHE E 261 -6.58 76.16 25.97
N ASN E 262 -7.50 77.08 26.24
CA ASN E 262 -7.45 77.84 27.49
C ASN E 262 -7.90 76.99 28.67
N THR E 263 -8.87 76.10 28.46
CA THR E 263 -9.37 75.30 29.57
C THR E 263 -8.27 74.41 30.13
N MET E 264 -7.65 73.61 29.27
CA MET E 264 -6.64 72.65 29.69
C MET E 264 -5.29 73.33 29.49
N LYS E 265 -4.93 74.16 30.42
CA LYS E 265 -3.60 74.76 30.32
C LYS E 265 -2.67 73.93 31.17
N PRO E 266 -1.50 73.58 30.66
CA PRO E 266 -0.55 72.80 31.45
C PRO E 266 -0.04 73.63 32.62
N LYS E 267 0.48 72.91 33.62
CA LYS E 267 0.99 73.57 34.82
C LYS E 267 1.96 74.68 34.47
N LYS E 268 2.86 74.44 33.51
CA LYS E 268 3.81 75.43 33.07
C LYS E 268 3.80 75.49 31.54
N GLN E 269 4.54 76.47 31.01
CA GLN E 269 4.86 76.50 29.58
C GLN E 269 6.23 75.84 29.46
N TYR E 270 6.22 74.53 29.26
CA TYR E 270 7.45 73.75 29.26
C TYR E 270 8.15 73.87 27.91
N ARG E 271 9.47 73.79 27.94
CA ARG E 271 10.22 73.66 26.70
C ARG E 271 10.29 72.18 26.32
N ARG E 272 10.53 71.94 25.04
CA ARG E 272 10.68 70.57 24.56
C ARG E 272 11.98 69.98 25.09
N ARG E 273 11.88 68.78 25.68
CA ARG E 273 13.05 68.11 26.21
C ARG E 273 13.23 66.73 25.61
N LEU E 274 12.48 66.41 24.55
CA LEU E 274 12.39 65.03 24.05
C LEU E 274 13.76 64.44 23.78
N ARG E 275 14.60 65.17 23.06
CA ARG E 275 15.91 64.66 22.68
C ARG E 275 16.79 64.40 23.89
N GLU E 276 16.63 65.22 24.93
CA GLU E 276 17.42 65.04 26.14
C GLU E 276 16.96 63.80 26.87
N GLU E 277 15.63 63.64 27.02
CA GLU E 277 15.10 62.53 27.80
C GLU E 277 15.34 61.19 27.11
N PHE E 278 15.46 61.19 25.78
CA PHE E 278 15.71 59.99 24.99
C PHE E 278 17.12 59.92 24.42
N SER E 279 18.09 60.48 25.13
CA SER E 279 19.44 60.61 24.58
C SER E 279 20.09 59.26 24.28
N PHE E 280 19.60 58.19 24.87
CA PHE E 280 20.16 56.85 24.64
C PHE E 280 19.64 56.18 23.37
N ILE E 281 18.76 56.81 22.62
CA ILE E 281 18.22 56.19 21.41
C ILE E 281 19.18 56.47 20.27
N PRO E 282 19.36 55.55 19.34
CA PRO E 282 20.21 55.84 18.18
C PRO E 282 19.73 57.10 17.47
N SER E 283 20.67 57.84 16.90
CA SER E 283 20.33 59.14 16.32
C SER E 283 19.31 58.99 15.19
N ALA E 284 19.52 58.02 14.31
CA ALA E 284 18.59 57.86 13.19
C ALA E 284 17.16 57.63 13.70
N ALA E 285 17.00 56.86 14.77
CA ALA E 285 15.67 56.63 15.34
C ALA E 285 15.18 57.84 16.11
N LEU E 286 16.06 58.46 16.90
CA LEU E 286 15.66 59.63 17.67
C LEU E 286 15.08 60.71 16.77
N ASP E 287 15.66 60.89 15.59
CA ASP E 287 15.11 61.83 14.62
C ASP E 287 13.68 61.45 14.23
N LEU E 288 13.44 60.15 14.05
CA LEU E 288 12.09 59.69 13.72
C LEU E 288 11.11 59.97 14.85
N LEU E 289 11.52 59.72 16.09
CA LEU E 289 10.64 59.97 17.21
C LEU E 289 10.29 61.44 17.33
N ASP E 290 11.28 62.31 17.13
CA ASP E 290 11.05 63.73 17.29
C ASP E 290 9.99 64.23 16.31
N HIS E 291 9.95 63.65 15.11
CA HIS E 291 9.04 64.10 14.07
C HIS E 291 7.65 63.52 14.24
N MET E 292 7.56 62.28 14.76
CA MET E 292 6.25 61.68 14.99
C MET E 292 5.57 62.29 16.20
N LEU E 293 6.35 62.71 17.19
CA LEU E 293 5.83 63.39 18.38
C LEU E 293 5.99 64.90 18.29
N THR E 294 5.68 65.46 17.12
CA THR E 294 5.60 66.90 16.94
C THR E 294 4.19 67.33 17.32
N LEU E 295 4.08 68.41 18.10
CA LEU E 295 2.79 68.76 18.65
C LEU E 295 1.79 69.13 17.56
N ASP E 296 2.14 70.07 16.71
CA ASP E 296 1.21 70.53 15.68
C ASP E 296 0.98 69.44 14.64
N PRO E 297 -0.26 68.98 14.45
CA PRO E 297 -0.50 67.93 13.44
C PRO E 297 -0.09 68.35 12.03
N SER E 298 -0.17 69.64 11.72
CA SER E 298 0.22 70.11 10.39
C SER E 298 1.73 70.06 10.21
N LYS E 299 2.50 70.14 11.30
CA LYS E 299 3.95 69.99 11.23
C LYS E 299 4.42 68.54 11.40
N ARG E 300 3.63 67.71 12.06
CA ARG E 300 4.01 66.32 12.28
C ARG E 300 4.16 65.56 10.97
N CYS E 301 5.20 64.73 10.89
CA CYS E 301 5.47 63.97 9.69
C CYS E 301 4.32 62.99 9.40
N THR E 302 4.24 62.57 8.15
CA THR E 302 3.25 61.62 7.71
C THR E 302 3.80 60.19 7.80
N ALA E 303 2.96 59.22 7.44
CA ALA E 303 3.44 57.85 7.32
C ALA E 303 4.48 57.74 6.21
N GLU E 304 4.19 58.32 5.05
CA GLU E 304 5.14 58.22 3.95
C GLU E 304 6.50 58.78 4.34
N GLN E 305 6.52 59.90 5.08
CA GLN E 305 7.78 60.55 5.43
C GLN E 305 8.64 59.67 6.35
N THR E 306 8.01 58.93 7.26
CA THR E 306 8.78 58.05 8.14
C THR E 306 9.49 56.95 7.35
N LEU E 307 8.86 56.43 6.29
CA LEU E 307 9.49 55.45 5.43
C LEU E 307 10.68 56.05 4.70
N GLN E 308 10.71 57.37 4.52
CA GLN E 308 11.85 58.06 3.94
C GLN E 308 12.71 58.69 5.03
N SER E 309 12.98 57.93 6.09
CA SER E 309 13.84 58.40 7.17
C SER E 309 15.13 57.59 7.17
N ASP E 310 16.20 58.19 7.71
CA ASP E 310 17.46 57.46 7.83
C ASP E 310 17.26 56.16 8.59
N PHE E 311 16.24 56.09 9.44
CA PHE E 311 16.03 54.92 10.28
C PHE E 311 15.40 53.77 9.50
N LEU E 312 14.39 54.05 8.69
CA LEU E 312 13.66 52.99 8.01
C LEU E 312 13.89 52.94 6.49
N LYS E 313 14.52 53.95 5.91
CA LYS E 313 14.61 54.07 4.47
C LYS E 313 15.27 52.82 3.88
N ASP E 314 16.39 52.39 4.46
CA ASP E 314 17.17 51.27 3.96
C ASP E 314 16.90 49.99 4.73
N VAL E 315 15.66 49.78 5.16
CA VAL E 315 15.29 48.54 5.85
C VAL E 315 14.66 47.55 4.87
N GLU E 316 15.29 46.39 4.74
CA GLU E 316 14.79 45.30 3.91
C GLU E 316 13.91 44.38 4.73
N LEU E 317 12.64 44.27 4.35
CA LEU E 317 11.76 43.33 5.03
C LEU E 317 12.04 41.90 4.59
N SER E 318 12.90 41.74 3.59
CA SER E 318 13.34 40.39 3.23
C SER E 318 14.04 39.73 4.40
N LYS E 319 14.91 40.47 5.08
CA LYS E 319 15.48 40.09 6.37
C LYS E 319 14.46 40.45 7.47
N MET E 320 13.64 39.47 7.88
CA MET E 320 12.59 39.76 8.85
C MET E 320 13.15 40.23 10.18
N ALA E 321 14.19 39.58 10.69
CA ALA E 321 14.69 39.86 12.03
C ALA E 321 13.57 39.68 13.05
N PRO E 322 13.22 38.43 13.39
CA PRO E 322 12.09 38.20 14.33
C PRO E 322 12.48 38.49 15.77
N PRO E 323 11.54 38.94 16.60
CA PRO E 323 11.89 39.22 18.00
C PRO E 323 12.17 37.96 18.81
N ASP E 324 12.93 38.16 19.88
CA ASP E 324 13.40 37.10 20.76
C ASP E 324 12.39 36.71 21.84
N LEU E 325 12.07 35.42 21.94
CA LEU E 325 11.21 34.95 23.01
C LEU E 325 11.89 33.90 23.88
N PRO E 326 11.77 34.00 25.23
CA PRO E 326 12.38 33.01 26.14
C PRO E 326 11.47 31.80 26.37
N HIS E 327 11.34 30.94 25.36
CA HIS E 327 10.45 29.79 25.52
C HIS E 327 10.99 28.82 26.57
N TRP E 328 12.27 28.49 26.53
CA TRP E 328 12.77 27.45 27.43
C TRP E 328 13.77 27.92 28.47
N GLN E 329 14.62 28.91 28.16
CA GLN E 329 15.63 29.32 29.12
C GLN E 329 15.01 29.83 30.42
N ASP E 330 14.01 30.70 30.31
CA ASP E 330 13.32 31.30 31.46
C ASP E 330 12.17 30.45 31.98
N CYS E 331 11.75 29.43 31.26
CA CYS E 331 10.68 28.56 31.73
C CYS E 331 11.02 28.01 33.11
N THR F 24 -12.22 36.21 -5.27
CA THR F 24 -12.05 37.17 -4.16
C THR F 24 -13.39 37.84 -3.86
N LYS F 25 -13.82 38.76 -4.75
CA LYS F 25 -15.05 39.51 -4.57
C LYS F 25 -16.13 38.96 -5.50
N PRO F 26 -17.39 38.93 -5.11
CA PRO F 26 -18.42 38.30 -5.97
C PRO F 26 -18.78 39.21 -7.14
N CYS F 27 -19.36 38.58 -8.15
CA CYS F 27 -19.76 39.26 -9.38
C CYS F 27 -21.22 39.69 -9.25
N TRP F 28 -21.47 40.99 -9.39
CA TRP F 28 -22.80 41.56 -9.18
C TRP F 28 -23.44 42.05 -10.48
N TYR F 29 -23.07 41.44 -11.62
CA TYR F 29 -23.60 41.85 -12.91
C TYR F 29 -24.11 40.65 -13.69
N TRP F 30 -25.28 40.82 -14.30
CA TRP F 30 -25.99 39.83 -15.11
C TRP F 30 -26.23 40.40 -16.52
N ASP F 31 -26.65 39.52 -17.43
CA ASP F 31 -27.07 39.95 -18.76
C ASP F 31 -28.57 40.21 -18.78
N LYS F 32 -29.00 41.18 -19.60
CA LYS F 32 -30.44 41.45 -19.66
C LYS F 32 -31.25 40.19 -19.90
N LYS F 33 -30.78 39.33 -20.82
CA LYS F 33 -31.50 38.10 -21.14
C LYS F 33 -31.70 37.24 -19.89
N ASP F 34 -30.84 37.40 -18.87
CA ASP F 34 -30.99 36.64 -17.64
C ASP F 34 -32.13 37.15 -16.78
N LEU F 35 -32.53 38.42 -16.94
CA LEU F 35 -33.60 38.95 -16.10
C LEU F 35 -34.95 38.31 -16.39
N ALA F 36 -35.07 37.55 -17.47
CA ALA F 36 -36.26 36.73 -17.73
C ALA F 36 -36.34 35.53 -16.80
N HIS F 37 -35.31 35.31 -15.96
CA HIS F 37 -35.20 34.13 -15.13
C HIS F 37 -34.94 34.48 -13.67
N THR F 38 -35.41 35.64 -13.22
CA THR F 38 -35.34 35.97 -11.81
C THR F 38 -36.31 35.09 -11.02
N PRO F 39 -36.08 34.90 -9.72
CA PRO F 39 -37.09 34.20 -8.90
C PRO F 39 -38.48 34.77 -9.13
N SER F 40 -38.59 36.10 -9.25
CA SER F 40 -39.89 36.73 -9.43
C SER F 40 -40.56 36.26 -10.71
N GLN F 41 -39.82 36.26 -11.83
CA GLN F 41 -40.39 35.79 -13.08
C GLN F 41 -40.85 34.34 -12.96
N LEU F 42 -40.01 33.49 -12.36
CA LEU F 42 -40.29 32.07 -12.33
C LEU F 42 -41.40 31.71 -11.36
N GLU F 43 -41.84 32.63 -10.53
CA GLU F 43 -43.04 32.44 -9.73
C GLU F 43 -44.27 33.02 -10.41
N GLY F 44 -44.19 33.38 -11.68
CA GLY F 44 -45.34 33.81 -12.43
C GLY F 44 -45.56 35.30 -12.55
N LEU F 45 -44.65 36.11 -12.02
CA LEU F 45 -44.70 37.55 -12.26
C LEU F 45 -44.22 37.86 -13.67
N ASP F 46 -44.94 38.74 -14.37
CA ASP F 46 -44.59 39.04 -15.75
C ASP F 46 -43.53 40.13 -15.83
N PRO F 47 -42.88 40.28 -17.00
CA PRO F 47 -41.77 41.24 -17.07
C PRO F 47 -42.16 42.66 -16.68
N ALA F 48 -43.32 43.13 -17.14
CA ALA F 48 -43.73 44.48 -16.81
C ALA F 48 -43.92 44.67 -15.31
N THR F 49 -44.55 43.71 -14.65
CA THR F 49 -44.85 43.87 -13.23
C THR F 49 -43.57 43.93 -12.41
N GLU F 50 -42.60 43.07 -12.70
CA GLU F 50 -41.37 43.15 -11.94
C GLU F 50 -40.66 44.48 -12.21
N ALA F 51 -40.66 44.93 -13.46
CA ALA F 51 -40.10 46.25 -13.74
C ALA F 51 -40.80 47.32 -12.92
N ARG F 52 -42.13 47.24 -12.85
CA ARG F 52 -42.88 48.19 -12.04
C ARG F 52 -42.55 48.05 -10.57
N TYR F 53 -42.48 46.82 -10.05
CA TYR F 53 -42.15 46.64 -8.63
C TYR F 53 -40.76 47.22 -8.33
N ARG F 54 -39.81 47.08 -9.25
CA ARG F 54 -38.47 47.66 -9.02
C ARG F 54 -38.52 49.19 -9.00
N ARG F 55 -39.23 49.80 -9.95
CA ARG F 55 -39.40 51.25 -9.94
C ARG F 55 -40.02 51.72 -8.63
N GLU F 56 -41.11 51.08 -8.21
CA GLU F 56 -41.78 51.51 -6.98
C GLU F 56 -40.85 51.40 -5.79
N GLY F 57 -40.11 50.29 -5.68
CA GLY F 57 -39.20 50.13 -4.57
C GLY F 57 -38.08 51.16 -4.60
N ALA F 58 -37.49 51.37 -5.76
CA ALA F 58 -36.40 52.34 -5.86
C ALA F 58 -36.86 53.73 -5.45
N ARG F 59 -37.98 54.19 -6.03
CA ARG F 59 -38.45 55.54 -5.73
C ARG F 59 -38.89 55.66 -4.26
N PHE F 60 -39.47 54.60 -3.69
CA PHE F 60 -39.79 54.56 -2.27
C PHE F 60 -38.54 54.81 -1.42
N ILE F 61 -37.47 54.04 -1.69
CA ILE F 61 -36.21 54.27 -1.00
C ILE F 61 -35.74 55.70 -1.22
N PHE F 62 -35.82 56.15 -2.48
CA PHE F 62 -35.37 57.49 -2.84
C PHE F 62 -36.15 58.55 -2.08
N ASP F 63 -37.48 58.44 -2.08
CA ASP F 63 -38.31 59.45 -1.44
C ASP F 63 -38.18 59.39 0.08
N VAL F 64 -38.19 58.19 0.66
CA VAL F 64 -38.06 58.07 2.11
C VAL F 64 -36.74 58.70 2.56
N GLY F 65 -35.64 58.33 1.92
CA GLY F 65 -34.36 58.85 2.34
C GLY F 65 -34.23 60.34 2.10
N THR F 66 -34.83 60.84 1.00
CA THR F 66 -34.82 62.28 0.74
C THR F 66 -35.54 63.03 1.85
N ARG F 67 -36.71 62.52 2.26
CA ARG F 67 -37.45 63.12 3.36
C ARG F 67 -36.65 63.09 4.66
N LEU F 68 -35.83 62.05 4.86
CA LEU F 68 -34.97 61.95 6.03
C LEU F 68 -33.69 62.76 5.92
N GLY F 69 -33.47 63.42 4.79
CA GLY F 69 -32.30 64.27 4.63
C GLY F 69 -31.02 63.54 4.29
N LEU F 70 -31.10 62.40 3.63
CA LEU F 70 -29.95 61.54 3.44
C LEU F 70 -29.11 61.94 2.22
N HIS F 71 -27.79 61.75 2.36
CA HIS F 71 -26.83 61.96 1.28
C HIS F 71 -27.15 61.08 0.08
N TYR F 72 -26.78 61.57 -1.11
CA TYR F 72 -27.18 60.89 -2.34
C TYR F 72 -26.55 59.51 -2.45
N ASP F 73 -25.30 59.35 -1.97
CA ASP F 73 -24.70 58.03 -2.00
C ASP F 73 -25.50 57.05 -1.16
N THR F 74 -26.01 57.51 -0.03
CA THR F 74 -26.76 56.62 0.85
C THR F 74 -28.03 56.12 0.16
N LEU F 75 -28.73 56.98 -0.56
CA LEU F 75 -29.93 56.54 -1.27
C LEU F 75 -29.58 55.46 -2.30
N ALA F 76 -28.51 55.69 -3.06
CA ALA F 76 -28.13 54.75 -4.10
C ALA F 76 -27.71 53.41 -3.50
N THR F 77 -26.92 53.43 -2.44
CA THR F 77 -26.48 52.17 -1.84
C THR F 77 -27.67 51.32 -1.46
N GLY F 78 -28.67 51.92 -0.82
CA GLY F 78 -29.87 51.19 -0.50
C GLY F 78 -30.57 50.66 -1.73
N ILE F 79 -30.65 51.48 -2.78
CA ILE F 79 -31.36 51.03 -3.97
C ILE F 79 -30.63 49.85 -4.60
N ILE F 80 -29.30 49.88 -4.61
CA ILE F 80 -28.54 48.80 -5.23
C ILE F 80 -28.60 47.54 -4.38
N TYR F 81 -28.57 47.69 -3.05
CA TYR F 81 -28.89 46.54 -2.21
C TYR F 81 -30.25 45.97 -2.60
N PHE F 82 -31.23 46.86 -2.71
CA PHE F 82 -32.59 46.46 -3.05
C PHE F 82 -32.62 45.70 -4.37
N HIS F 83 -32.04 46.28 -5.42
CA HIS F 83 -32.08 45.61 -6.71
C HIS F 83 -31.43 44.23 -6.65
N ARG F 84 -30.28 44.15 -5.96
CA ARG F 84 -29.57 42.87 -5.86
C ARG F 84 -30.41 41.84 -5.11
N PHE F 85 -31.08 42.26 -4.04
CA PHE F 85 -31.90 41.35 -3.24
C PHE F 85 -32.84 40.51 -4.11
N TYR F 86 -33.54 41.15 -5.04
CA TYR F 86 -34.56 40.45 -5.82
C TYR F 86 -34.01 39.72 -7.03
N MET F 87 -32.69 39.58 -7.10
CA MET F 87 -32.09 38.57 -7.96
C MET F 87 -32.00 37.23 -7.27
N PHE F 88 -32.23 37.18 -5.96
CA PHE F 88 -32.16 35.96 -5.20
C PHE F 88 -33.48 35.58 -4.57
N HIS F 89 -34.48 36.47 -4.63
CA HIS F 89 -35.75 36.24 -3.99
C HIS F 89 -36.87 36.73 -4.89
N SER F 90 -38.10 36.34 -4.54
CA SER F 90 -39.28 36.69 -5.32
C SER F 90 -39.99 37.86 -4.66
N PHE F 91 -40.51 38.77 -5.49
CA PHE F 91 -41.32 39.85 -4.96
C PHE F 91 -42.56 39.32 -4.25
N LYS F 92 -42.99 38.11 -4.57
CA LYS F 92 -44.17 37.54 -3.94
C LYS F 92 -43.88 37.03 -2.53
N GLN F 93 -42.60 36.83 -2.19
CA GLN F 93 -42.24 36.34 -0.87
C GLN F 93 -41.72 37.43 0.05
N PHE F 94 -41.22 38.53 -0.49
CA PHE F 94 -40.66 39.62 0.30
C PHE F 94 -41.33 40.91 -0.17
N PRO F 95 -42.32 41.42 0.55
CA PRO F 95 -42.95 42.69 0.16
C PRO F 95 -41.90 43.77 -0.08
N ARG F 96 -42.06 44.47 -1.21
CA ARG F 96 -40.99 45.31 -1.71
C ARG F 96 -40.71 46.48 -0.78
N TYR F 97 -41.74 47.09 -0.21
CA TYR F 97 -41.51 48.29 0.59
C TYR F 97 -40.86 47.95 1.93
N VAL F 98 -41.13 46.76 2.47
CA VAL F 98 -40.41 46.33 3.67
C VAL F 98 -38.93 46.14 3.36
N THR F 99 -38.62 45.36 2.31
CA THR F 99 -37.25 45.21 1.88
C THR F 99 -36.57 46.57 1.69
N GLY F 100 -37.24 47.48 0.99
CA GLY F 100 -36.68 48.81 0.76
C GLY F 100 -36.25 49.48 2.05
N ALA F 101 -37.16 49.53 3.02
CA ALA F 101 -36.82 50.18 4.29
C ALA F 101 -35.60 49.54 4.92
N CYS F 102 -35.50 48.21 4.85
CA CYS F 102 -34.34 47.51 5.37
C CYS F 102 -33.07 47.92 4.61
N CYS F 103 -33.15 48.00 3.28
CA CYS F 103 -32.00 48.43 2.49
C CYS F 103 -31.55 49.82 2.92
N LEU F 104 -32.50 50.75 3.03
CA LEU F 104 -32.14 52.10 3.45
C LEU F 104 -31.58 52.08 4.87
N PHE F 105 -32.17 51.28 5.75
CA PHE F 105 -31.69 51.20 7.12
C PHE F 105 -30.23 50.74 7.15
N LEU F 106 -29.92 49.66 6.43
CA LEU F 106 -28.55 49.18 6.41
C LEU F 106 -27.63 50.15 5.69
N ALA F 107 -28.08 50.67 4.54
CA ALA F 107 -27.26 51.61 3.77
C ALA F 107 -26.76 52.75 4.63
N GLY F 108 -27.63 53.28 5.50
CA GLY F 108 -27.22 54.36 6.39
C GLY F 108 -26.05 53.97 7.28
N LYS F 109 -26.07 52.75 7.81
CA LYS F 109 -24.96 52.30 8.64
C LYS F 109 -23.69 52.10 7.82
N VAL F 110 -23.84 51.62 6.58
CA VAL F 110 -22.66 51.39 5.74
C VAL F 110 -22.01 52.71 5.36
N GLU F 111 -22.82 53.68 4.93
CA GLU F 111 -22.31 54.94 4.41
C GLU F 111 -22.09 55.98 5.49
N GLU F 112 -22.26 55.61 6.76
CA GLU F 112 -22.04 56.53 7.87
C GLU F 112 -23.00 57.71 7.83
N THR F 113 -24.24 57.46 7.42
CA THR F 113 -25.32 58.43 7.53
C THR F 113 -26.51 57.76 8.23
N PRO F 114 -26.30 57.28 9.45
CA PRO F 114 -27.31 56.39 10.06
C PRO F 114 -28.57 57.13 10.51
N LYS F 115 -29.68 56.39 10.49
CA LYS F 115 -30.97 56.84 11.01
C LYS F 115 -31.57 55.70 11.81
N LYS F 116 -32.38 56.04 12.81
CA LYS F 116 -33.04 55.03 13.62
C LYS F 116 -34.13 54.35 12.82
N CYS F 117 -34.30 53.05 13.04
CA CYS F 117 -35.30 52.31 12.30
C CYS F 117 -36.69 52.93 12.47
N LYS F 118 -36.99 53.43 13.67
CA LYS F 118 -38.31 54.00 13.92
C LYS F 118 -38.57 55.22 13.05
N ASP F 119 -37.53 56.01 12.73
CA ASP F 119 -37.74 57.18 11.89
C ASP F 119 -38.07 56.79 10.46
N ILE F 120 -37.42 55.72 9.96
CA ILE F 120 -37.70 55.25 8.61
C ILE F 120 -39.15 54.80 8.51
N ILE F 121 -39.63 54.07 9.53
CA ILE F 121 -41.02 53.63 9.52
C ILE F 121 -41.96 54.83 9.51
N LYS F 122 -41.69 55.81 10.37
CA LYS F 122 -42.54 56.99 10.43
C LYS F 122 -42.67 57.64 9.06
N THR F 123 -41.52 57.81 8.38
CA THR F 123 -41.53 58.42 7.06
C THR F 123 -42.23 57.54 6.05
N ALA F 124 -42.01 56.21 6.12
CA ALA F 124 -42.69 55.31 5.21
C ALA F 124 -44.20 55.39 5.36
N ARG F 125 -44.68 55.48 6.60
CA ARG F 125 -46.12 55.64 6.82
C ARG F 125 -46.62 56.93 6.19
N SER F 126 -45.78 57.97 6.22
CA SER F 126 -46.13 59.23 5.58
C SER F 126 -46.33 59.04 4.09
N LEU F 127 -45.48 58.21 3.44
CA LEU F 127 -45.48 58.11 1.99
C LEU F 127 -46.35 56.98 1.43
N LEU F 128 -46.74 56.00 2.24
CA LEU F 128 -47.50 54.86 1.75
C LEU F 128 -48.97 54.98 2.15
N ASN F 129 -49.85 54.51 1.27
CA ASN F 129 -51.27 54.43 1.62
C ASN F 129 -51.49 53.22 2.55
N ASP F 130 -52.74 53.01 2.96
CA ASP F 130 -53.02 51.94 3.91
C ASP F 130 -52.79 50.56 3.31
N VAL F 131 -53.18 50.36 2.04
CA VAL F 131 -52.95 49.06 1.41
C VAL F 131 -51.45 48.75 1.38
N GLN F 132 -50.65 49.74 0.95
CA GLN F 132 -49.22 49.54 0.84
C GLN F 132 -48.59 49.29 2.20
N PHE F 133 -48.92 50.12 3.18
CA PHE F 133 -48.34 49.92 4.51
C PHE F 133 -48.79 48.63 5.18
N GLY F 134 -49.86 48.00 4.70
CA GLY F 134 -50.23 46.70 5.23
C GLY F 134 -49.09 45.70 5.18
N GLN F 135 -48.16 45.89 4.23
CA GLN F 135 -47.03 45.00 4.12
C GLN F 135 -46.24 44.91 5.42
N PHE F 136 -46.16 46.01 6.16
CA PHE F 136 -45.38 46.01 7.39
C PHE F 136 -46.06 45.29 8.54
N GLY F 137 -47.32 44.86 8.36
CA GLY F 137 -47.95 44.06 9.39
C GLY F 137 -48.14 44.79 10.71
N ASP F 138 -48.25 43.98 11.78
CA ASP F 138 -48.61 44.53 13.09
C ASP F 138 -47.45 45.22 13.77
N ASP F 139 -46.21 44.82 13.48
CA ASP F 139 -45.03 45.43 14.08
C ASP F 139 -44.05 45.78 12.97
N PRO F 140 -44.19 46.98 12.38
CA PRO F 140 -43.30 47.34 11.27
C PRO F 140 -41.82 47.30 11.61
N LYS F 141 -41.40 47.94 12.71
CA LYS F 141 -39.99 47.92 13.03
C LYS F 141 -39.45 46.50 13.06
N GLU F 142 -40.22 45.59 13.66
CA GLU F 142 -39.78 44.20 13.75
C GLU F 142 -39.61 43.59 12.36
N GLU F 143 -40.60 43.78 11.48
CA GLU F 143 -40.48 43.21 10.14
C GLU F 143 -39.22 43.71 9.44
N VAL F 144 -38.84 44.96 9.67
CA VAL F 144 -37.64 45.49 9.03
C VAL F 144 -36.39 44.94 9.69
N MET F 145 -36.31 45.01 11.02
CA MET F 145 -35.11 44.54 11.70
C MET F 145 -34.87 43.06 11.45
N VAL F 146 -35.94 42.27 11.32
CA VAL F 146 -35.81 40.84 11.08
C VAL F 146 -35.11 40.59 9.75
N LEU F 147 -35.46 41.37 8.72
CA LEU F 147 -34.95 41.17 7.37
C LEU F 147 -33.47 41.50 7.25
N GLU F 148 -32.93 42.31 8.16
CA GLU F 148 -31.51 42.68 8.04
C GLU F 148 -30.60 41.45 7.97
N ARG F 149 -30.93 40.40 8.71
CA ARG F 149 -30.12 39.18 8.64
C ARG F 149 -30.08 38.64 7.21
N ILE F 150 -31.25 38.52 6.57
CA ILE F 150 -31.30 37.98 5.23
C ILE F 150 -30.63 38.92 4.25
N LEU F 151 -30.85 40.23 4.41
CA LEU F 151 -30.24 41.19 3.50
C LEU F 151 -28.73 41.01 3.46
N LEU F 152 -28.09 40.98 4.63
CA LEU F 152 -26.64 40.87 4.69
C LEU F 152 -26.15 39.61 4.01
N GLN F 153 -26.79 38.47 4.27
CA GLN F 153 -26.35 37.24 3.63
C GLN F 153 -26.52 37.31 2.12
N THR F 154 -27.65 37.84 1.68
CA THR F 154 -27.92 37.89 0.24
C THR F 154 -26.92 38.78 -0.49
N ILE F 155 -26.58 39.93 0.10
CA ILE F 155 -25.57 40.79 -0.53
C ILE F 155 -24.18 40.30 -0.18
N LYS F 156 -24.10 39.08 0.38
CA LYS F 156 -22.82 38.39 0.59
C LYS F 156 -21.84 39.26 1.38
N PHE F 157 -22.39 40.09 2.27
CA PHE F 157 -21.61 40.99 3.12
C PHE F 157 -20.62 41.83 2.31
N ASP F 158 -20.87 41.97 1.01
CA ASP F 158 -20.10 42.88 0.19
C ASP F 158 -20.78 44.23 0.31
N LEU F 159 -20.41 44.98 1.35
CA LEU F 159 -21.11 46.20 1.71
C LEU F 159 -20.64 47.39 0.91
N GLN F 160 -19.39 47.39 0.45
CA GLN F 160 -18.89 48.54 -0.28
C GLN F 160 -19.56 48.58 -1.64
N VAL F 161 -20.11 49.74 -1.99
CA VAL F 161 -20.74 49.94 -3.30
C VAL F 161 -20.33 51.32 -3.79
N GLU F 162 -19.99 51.41 -5.07
CA GLU F 162 -19.73 52.69 -5.72
C GLU F 162 -20.80 53.03 -6.74
N HIS F 163 -20.98 54.33 -6.97
CA HIS F 163 -22.08 54.83 -7.78
C HIS F 163 -21.58 55.73 -8.89
N PRO F 164 -22.34 55.82 -9.98
CA PRO F 164 -21.91 56.61 -11.13
C PRO F 164 -21.56 58.05 -10.78
N TYR F 165 -22.11 58.57 -9.67
CA TYR F 165 -21.93 59.98 -9.37
C TYR F 165 -20.46 60.34 -9.27
N GLN F 166 -19.69 59.58 -8.48
CA GLN F 166 -18.31 59.97 -8.26
C GLN F 166 -17.51 59.97 -9.54
N PHE F 167 -17.86 59.09 -10.48
CA PHE F 167 -17.15 59.04 -11.76
C PHE F 167 -17.61 60.15 -12.69
N LEU F 168 -18.90 60.49 -12.66
CA LEU F 168 -19.38 61.63 -13.41
C LEU F 168 -18.58 62.88 -13.07
N LEU F 169 -18.25 63.05 -11.79
CA LEU F 169 -17.50 64.21 -11.35
C LEU F 169 -16.01 64.09 -11.65
N LYS F 170 -15.43 62.93 -11.33
CA LYS F 170 -14.01 62.71 -11.62
C LYS F 170 -13.73 62.98 -13.08
N TYR F 171 -14.60 62.49 -13.97
CA TYR F 171 -14.40 62.68 -15.40
C TYR F 171 -14.67 64.12 -15.79
N ALA F 172 -15.74 64.71 -15.26
CA ALA F 172 -16.07 66.08 -15.61
C ALA F 172 -14.96 67.06 -15.21
N LYS F 173 -14.28 66.79 -14.09
CA LYS F 173 -13.23 67.70 -13.63
C LYS F 173 -12.11 67.82 -14.65
N GLN F 174 -11.88 66.76 -15.42
CA GLN F 174 -10.82 66.75 -16.40
C GLN F 174 -11.21 67.40 -17.72
N LEU F 175 -12.45 67.80 -17.87
CA LEU F 175 -12.90 68.56 -19.03
C LEU F 175 -12.62 70.04 -18.79
N LYS F 176 -12.12 70.71 -19.82
CA LYS F 176 -11.83 72.13 -19.75
C LYS F 176 -12.48 72.84 -20.91
N GLY F 177 -13.24 73.88 -20.59
CA GLY F 177 -13.96 74.63 -21.60
C GLY F 177 -14.96 75.56 -20.94
N ASP F 178 -16.00 75.91 -21.70
CA ASP F 178 -17.04 76.80 -21.18
C ASP F 178 -17.66 76.21 -19.93
N LYS F 179 -17.55 76.94 -18.81
CA LYS F 179 -18.03 76.41 -17.54
C LYS F 179 -19.54 76.11 -17.60
N ASN F 180 -20.31 76.94 -18.29
CA ASN F 180 -21.74 76.79 -18.30
C ASN F 180 -22.18 75.60 -19.16
N LYS F 181 -21.51 75.36 -20.27
CA LYS F 181 -21.84 74.16 -21.03
C LYS F 181 -21.44 72.91 -20.26
N ILE F 182 -20.26 72.92 -19.65
CA ILE F 182 -19.81 71.77 -18.87
C ILE F 182 -20.75 71.54 -17.68
N GLN F 183 -21.29 72.63 -17.11
CA GLN F 183 -22.20 72.46 -15.98
C GLN F 183 -23.59 72.00 -16.45
N LYS F 184 -24.06 72.49 -17.59
CA LYS F 184 -25.34 71.99 -18.10
C LYS F 184 -25.22 70.49 -18.39
N LEU F 185 -24.08 70.07 -18.92
CA LEU F 185 -23.84 68.66 -19.15
C LEU F 185 -23.91 67.86 -17.86
N VAL F 186 -23.20 68.31 -16.83
CA VAL F 186 -23.13 67.53 -15.60
C VAL F 186 -24.53 67.38 -15.00
N GLN F 187 -25.26 68.49 -14.84
CA GLN F 187 -26.55 68.40 -14.19
C GLN F 187 -27.49 67.46 -14.96
N MET F 188 -27.52 67.59 -16.28
CA MET F 188 -28.37 66.69 -17.05
C MET F 188 -27.92 65.24 -16.86
N ALA F 189 -26.61 64.99 -16.92
CA ALA F 189 -26.10 63.64 -16.70
C ALA F 189 -26.46 63.16 -15.30
N TRP F 190 -26.30 64.03 -14.31
CA TRP F 190 -26.66 63.68 -12.93
C TRP F 190 -28.12 63.28 -12.84
N THR F 191 -29.01 64.05 -13.47
CA THR F 191 -30.42 63.68 -13.46
C THR F 191 -30.60 62.29 -14.08
N PHE F 192 -29.87 62.00 -15.15
CA PHE F 192 -29.98 60.68 -15.76
C PHE F 192 -29.53 59.60 -14.80
N VAL F 193 -28.51 59.87 -13.98
CA VAL F 193 -28.11 58.87 -12.99
C VAL F 193 -29.23 58.62 -11.99
N ASN F 194 -29.82 59.69 -11.44
CA ASN F 194 -30.92 59.53 -10.50
C ASN F 194 -32.05 58.72 -11.09
N ASP F 195 -32.35 58.93 -12.37
CA ASP F 195 -33.43 58.19 -13.02
C ASP F 195 -33.01 56.75 -13.34
N SER F 196 -31.73 56.52 -13.59
CA SER F 196 -31.27 55.18 -13.94
C SER F 196 -31.35 54.22 -12.77
N LEU F 197 -31.48 54.74 -11.54
CA LEU F 197 -31.57 53.86 -10.38
C LEU F 197 -32.85 53.04 -10.37
N CYS F 198 -33.86 53.51 -11.09
CA CYS F 198 -35.13 52.80 -11.22
C CYS F 198 -35.05 51.64 -12.20
N THR F 199 -33.90 51.44 -12.83
CA THR F 199 -33.72 50.41 -13.84
C THR F 199 -32.76 49.35 -13.34
N THR F 200 -32.66 48.28 -14.12
CA THR F 200 -31.74 47.20 -13.85
C THR F 200 -30.35 47.48 -14.38
N LEU F 201 -30.09 48.72 -14.80
CA LEU F 201 -28.76 49.10 -15.27
C LEU F 201 -27.70 48.97 -14.17
N SER F 202 -28.06 49.27 -12.92
CA SER F 202 -27.12 49.08 -11.82
C SER F 202 -26.61 47.64 -11.78
N LEU F 203 -27.37 46.70 -12.32
CA LEU F 203 -27.02 45.31 -12.32
C LEU F 203 -26.39 44.84 -13.63
N GLN F 204 -26.38 45.68 -14.67
CA GLN F 204 -25.86 45.28 -15.96
C GLN F 204 -24.47 45.84 -16.24
N TRP F 205 -24.17 47.03 -15.73
CA TRP F 205 -22.95 47.74 -16.09
C TRP F 205 -22.29 48.34 -14.86
N GLU F 206 -20.97 48.30 -14.86
CA GLU F 206 -20.20 48.95 -13.82
C GLU F 206 -20.59 50.42 -13.73
N PRO F 207 -20.44 51.03 -12.56
CA PRO F 207 -20.84 52.44 -12.43
C PRO F 207 -20.08 53.36 -13.39
N GLU F 208 -18.79 53.09 -13.60
CA GLU F 208 -18.00 53.91 -14.52
C GLU F 208 -18.65 53.98 -15.89
N ILE F 209 -19.16 52.84 -16.38
CA ILE F 209 -19.78 52.81 -17.70
C ILE F 209 -21.05 53.62 -17.71
N ILE F 210 -21.85 53.52 -16.64
CA ILE F 210 -23.07 54.32 -16.56
C ILE F 210 -22.72 55.80 -16.61
N ALA F 211 -21.70 56.20 -15.84
CA ALA F 211 -21.31 57.60 -15.79
C ALA F 211 -20.96 58.11 -17.19
N VAL F 212 -20.20 57.31 -17.94
CA VAL F 212 -19.89 57.71 -19.32
C VAL F 212 -21.18 57.79 -20.14
N ALA F 213 -22.05 56.78 -20.00
CA ALA F 213 -23.27 56.75 -20.79
C ALA F 213 -24.13 57.99 -20.55
N VAL F 214 -24.28 58.41 -19.30
CA VAL F 214 -25.13 59.56 -19.03
C VAL F 214 -24.50 60.84 -19.57
N MET F 215 -23.16 60.93 -19.53
CA MET F 215 -22.48 62.03 -20.19
C MET F 215 -22.70 61.96 -21.70
N TYR F 216 -22.56 60.76 -22.26
CA TYR F 216 -22.80 60.54 -23.69
C TYR F 216 -24.19 61.00 -24.07
N LEU F 217 -25.19 60.64 -23.26
CA LEU F 217 -26.56 61.04 -23.57
C LEU F 217 -26.72 62.55 -23.42
N ALA F 218 -26.19 63.11 -22.34
CA ALA F 218 -26.30 64.55 -22.12
C ALA F 218 -25.63 65.31 -23.25
N GLY F 219 -24.49 64.80 -23.74
CA GLY F 219 -23.84 65.43 -24.87
C GLY F 219 -24.72 65.44 -26.10
N ARG F 220 -25.28 64.29 -26.46
CA ARG F 220 -26.11 64.21 -27.65
C ARG F 220 -27.28 65.18 -27.56
N LEU F 221 -27.96 65.20 -26.42
CA LEU F 221 -29.18 66.02 -26.33
C LEU F 221 -28.84 67.50 -26.36
N CYS F 222 -27.73 67.90 -25.75
CA CYS F 222 -27.33 69.30 -25.70
C CYS F 222 -26.59 69.75 -26.95
N LYS F 223 -26.44 68.88 -27.96
CA LYS F 223 -25.67 69.20 -29.15
C LYS F 223 -24.25 69.60 -28.77
N PHE F 224 -23.68 68.91 -27.78
CA PHE F 224 -22.30 69.14 -27.35
C PHE F 224 -21.37 68.10 -27.95
N GLU F 225 -20.12 68.49 -28.11
CA GLU F 225 -19.04 67.64 -28.59
C GLU F 225 -18.05 67.51 -27.43
N ILE F 226 -18.28 66.52 -26.57
CA ILE F 226 -17.51 66.47 -25.33
C ILE F 226 -16.03 66.34 -25.63
N GLN F 227 -15.70 65.80 -26.81
CA GLN F 227 -14.31 65.56 -27.14
C GLN F 227 -13.47 66.82 -27.10
N GLU F 228 -14.05 67.96 -27.49
CA GLU F 228 -13.26 69.18 -27.54
C GLU F 228 -12.74 69.57 -26.17
N TRP F 229 -13.48 69.23 -25.12
CA TRP F 229 -13.08 69.55 -23.76
C TRP F 229 -12.07 68.56 -23.19
N THR F 230 -11.83 67.45 -23.88
CA THR F 230 -10.91 66.45 -23.39
C THR F 230 -9.48 66.86 -23.70
N SER F 231 -8.53 66.10 -23.14
CA SER F 231 -7.13 66.36 -23.41
C SER F 231 -6.75 66.09 -24.86
N LYS F 232 -7.55 65.30 -25.57
CA LYS F 232 -7.30 64.91 -26.95
C LYS F 232 -8.47 65.40 -27.80
N PRO F 233 -8.49 66.68 -28.18
CA PRO F 233 -9.72 67.25 -28.77
C PRO F 233 -10.11 66.62 -30.09
N MET F 234 -9.22 65.84 -30.70
CA MET F 234 -9.46 65.20 -31.98
C MET F 234 -9.63 63.69 -31.85
N TYR F 235 -9.81 63.19 -30.63
CA TYR F 235 -10.09 61.79 -30.35
C TYR F 235 -11.59 61.65 -30.35
N ARG F 236 -12.18 61.22 -31.47
CA ARG F 236 -13.64 61.28 -31.57
C ARG F 236 -14.29 60.37 -30.55
N ARG F 237 -13.56 59.34 -30.11
CA ARG F 237 -14.02 58.42 -29.07
C ARG F 237 -13.57 58.91 -27.70
N TRP F 238 -14.25 59.95 -27.22
CA TRP F 238 -13.79 60.62 -26.01
C TRP F 238 -13.81 59.70 -24.80
N TRP F 239 -14.79 58.79 -24.71
CA TRP F 239 -14.93 57.99 -23.49
C TRP F 239 -13.72 57.08 -23.28
N GLU F 240 -12.99 56.76 -24.34
CA GLU F 240 -11.87 55.83 -24.21
C GLU F 240 -10.75 56.37 -23.33
N GLN F 241 -10.73 57.67 -23.04
CA GLN F 241 -9.69 58.18 -22.15
C GLN F 241 -10.10 58.10 -20.69
N PHE F 242 -11.33 57.69 -20.40
CA PHE F 242 -11.79 57.43 -19.04
C PHE F 242 -12.06 55.97 -18.75
N VAL F 243 -12.72 55.28 -19.66
CA VAL F 243 -13.13 53.91 -19.49
C VAL F 243 -12.70 53.15 -20.74
N GLN F 244 -11.70 52.30 -20.60
CA GLN F 244 -11.21 51.53 -21.73
C GLN F 244 -12.17 50.40 -22.03
N ASP F 245 -12.24 50.05 -23.30
CA ASP F 245 -12.94 48.85 -23.76
C ASP F 245 -14.46 48.96 -23.74
N VAL F 246 -15.00 50.15 -23.99
CA VAL F 246 -16.45 50.31 -24.04
C VAL F 246 -16.87 50.63 -25.47
N PRO F 247 -17.61 49.74 -26.13
CA PRO F 247 -18.13 50.06 -27.46
C PRO F 247 -19.37 50.94 -27.41
N VAL F 248 -19.61 51.61 -28.53
CA VAL F 248 -20.80 52.46 -28.64
C VAL F 248 -22.05 51.63 -28.42
N ASP F 249 -22.02 50.35 -28.81
CA ASP F 249 -23.18 49.49 -28.61
C ASP F 249 -23.68 49.58 -27.18
N VAL F 250 -22.77 49.49 -26.22
CA VAL F 250 -23.14 49.55 -24.82
C VAL F 250 -23.70 50.92 -24.47
N LEU F 251 -23.02 51.99 -24.89
CA LEU F 251 -23.51 53.32 -24.57
C LEU F 251 -24.90 53.57 -25.15
N GLU F 252 -25.17 53.05 -26.35
CA GLU F 252 -26.49 53.25 -26.94
C GLU F 252 -27.54 52.40 -26.22
N ASP F 253 -27.17 51.18 -25.84
CA ASP F 253 -28.09 50.34 -25.06
C ASP F 253 -28.47 51.04 -23.76
N ILE F 254 -27.49 51.58 -23.04
CA ILE F 254 -27.76 52.29 -21.79
C ILE F 254 -28.60 53.52 -22.06
N CYS F 255 -28.22 54.31 -23.07
CA CYS F 255 -29.02 55.49 -23.39
C CYS F 255 -30.44 55.11 -23.73
N HIS F 256 -30.62 54.06 -24.53
CA HIS F 256 -31.96 53.65 -24.93
C HIS F 256 -32.81 53.32 -23.70
N GLN F 257 -32.23 52.60 -22.74
CA GLN F 257 -32.99 52.22 -21.55
C GLN F 257 -33.33 53.44 -20.71
N ILE F 258 -32.42 54.41 -20.64
CA ILE F 258 -32.73 55.62 -19.88
C ILE F 258 -33.86 56.41 -20.53
N LEU F 259 -33.78 56.62 -21.84
CA LEU F 259 -34.81 57.40 -22.52
C LEU F 259 -36.18 56.74 -22.50
N ASP F 260 -36.26 55.42 -22.34
CA ASP F 260 -37.56 54.76 -22.26
C ASP F 260 -38.39 55.27 -21.10
N LEU F 261 -37.76 55.48 -19.93
CA LEU F 261 -38.49 55.96 -18.76
C LEU F 261 -39.21 57.28 -19.04
N TYR F 262 -38.56 58.16 -19.80
CA TYR F 262 -39.15 59.46 -20.12
C TYR F 262 -40.36 59.30 -21.04
N SER F 263 -40.27 58.38 -22.01
CA SER F 263 -41.38 58.19 -22.93
C SER F 263 -42.57 57.50 -22.26
N GLN F 264 -42.31 56.48 -21.43
CA GLN F 264 -43.40 55.78 -20.75
C GLN F 264 -44.06 56.69 -19.72
N GLY F 265 -43.27 57.39 -18.91
CA GLY F 265 -43.83 58.19 -17.85
C GLY F 265 -44.46 59.47 -18.38
N LYS F 266 -44.67 60.41 -17.47
CA LYS F 266 -45.19 61.71 -17.85
C LYS F 266 -44.08 62.71 -18.05
N GLN F 267 -42.97 62.51 -17.36
CA GLN F 267 -41.81 63.38 -17.49
C GLN F 267 -41.20 63.20 -18.87
N GLN F 268 -40.60 64.28 -19.37
CA GLN F 268 -39.95 64.33 -20.68
C GLN F 268 -38.48 64.68 -20.46
N MET F 269 -37.69 64.61 -21.53
CA MET F 269 -36.25 64.75 -21.39
C MET F 269 -35.92 66.05 -20.66
N PRO F 270 -34.93 66.05 -19.76
CA PRO F 270 -34.74 67.25 -18.92
C PRO F 270 -34.45 68.50 -19.71
N HIS F 271 -33.55 68.46 -20.68
CA HIS F 271 -33.16 69.65 -21.43
C HIS F 271 -33.17 70.94 -20.61
N MET G 5 -53.59 -22.82 -26.42
CA MET G 5 -52.96 -23.46 -25.22
C MET G 5 -53.25 -22.66 -23.95
N SER G 6 -53.38 -21.34 -24.06
CA SER G 6 -53.79 -20.50 -22.93
C SER G 6 -55.04 -19.74 -23.32
N TYR G 7 -55.88 -19.43 -22.32
CA TYR G 7 -57.20 -18.85 -22.55
C TYR G 7 -57.44 -17.70 -21.57
N ASN G 8 -57.73 -16.51 -22.11
CA ASN G 8 -57.94 -15.34 -21.26
C ASN G 8 -59.04 -14.45 -21.83
N TYR G 9 -59.51 -13.53 -20.97
CA TYR G 9 -60.67 -12.67 -21.21
C TYR G 9 -60.25 -11.25 -20.83
N VAL G 10 -60.54 -10.29 -21.70
CA VAL G 10 -60.20 -8.89 -21.48
C VAL G 10 -61.47 -8.07 -21.64
N VAL G 11 -61.79 -7.27 -20.63
CA VAL G 11 -63.00 -6.46 -20.62
C VAL G 11 -62.61 -5.06 -20.19
N THR G 12 -63.37 -4.10 -20.68
CA THR G 12 -63.17 -2.70 -20.33
C THR G 12 -64.04 -2.39 -19.12
N ALA G 13 -63.41 -2.01 -18.02
CA ALA G 13 -64.16 -1.59 -16.84
C ALA G 13 -64.48 -0.10 -16.88
N GLN G 14 -63.50 0.71 -17.28
CA GLN G 14 -63.67 2.15 -17.49
C GLN G 14 -63.14 2.51 -18.86
N LYS G 15 -63.91 3.28 -19.61
CA LYS G 15 -63.52 3.64 -20.97
C LYS G 15 -62.41 4.68 -20.96
N PRO G 16 -61.75 4.87 -22.11
CA PRO G 16 -60.74 5.94 -22.21
C PRO G 16 -61.32 7.29 -21.86
N THR G 17 -60.59 8.03 -21.02
CA THR G 17 -61.04 9.34 -20.56
C THR G 17 -60.23 10.50 -21.14
N ALA G 18 -59.05 10.24 -21.69
CA ALA G 18 -58.22 11.32 -22.20
C ALA G 18 -58.73 11.76 -23.56
N VAL G 19 -58.71 13.07 -23.79
CA VAL G 19 -59.17 13.64 -25.05
C VAL G 19 -57.99 13.70 -26.02
N ASN G 20 -58.15 13.08 -27.18
CA ASN G 20 -57.11 13.03 -28.20
C ASN G 20 -57.36 13.97 -29.37
N GLY G 21 -58.57 14.49 -29.52
CA GLY G 21 -58.85 15.49 -30.53
C GLY G 21 -60.33 15.85 -30.49
N CYS G 22 -60.63 17.06 -30.96
CA CYS G 22 -62.01 17.50 -30.97
C CYS G 22 -62.27 18.49 -32.09
N VAL G 23 -63.46 18.37 -32.71
CA VAL G 23 -63.86 19.21 -33.82
C VAL G 23 -65.26 19.76 -33.55
N THR G 24 -65.60 20.83 -34.28
CA THR G 24 -66.94 21.42 -34.26
C THR G 24 -67.49 21.48 -35.67
N GLY G 25 -68.80 21.34 -35.78
CA GLY G 25 -69.42 21.40 -37.09
C GLY G 25 -70.91 21.15 -36.99
N HIS G 26 -71.51 20.94 -38.16
CA HIS G 26 -72.94 20.70 -38.30
C HIS G 26 -73.14 19.29 -38.85
N PHE G 27 -72.92 18.30 -37.98
CA PHE G 27 -72.88 16.90 -38.36
C PHE G 27 -74.23 16.22 -38.19
N THR G 28 -74.94 16.47 -37.08
CA THR G 28 -76.22 15.81 -36.86
C THR G 28 -77.34 16.47 -37.65
N SER G 29 -77.30 17.79 -37.82
CA SER G 29 -78.29 18.52 -38.62
C SER G 29 -77.64 19.80 -39.12
N ALA G 30 -78.10 20.28 -40.29
CA ALA G 30 -77.55 21.51 -40.83
C ALA G 30 -77.76 22.71 -39.92
N GLU G 31 -78.63 22.61 -38.92
CA GLU G 31 -78.94 23.70 -38.00
C GLU G 31 -78.17 23.61 -36.70
N ASP G 32 -78.05 22.41 -36.14
CA ASP G 32 -77.41 22.27 -34.84
C ASP G 32 -75.91 22.49 -34.96
N LEU G 33 -75.32 23.06 -33.91
CA LEU G 33 -73.88 23.15 -33.75
C LEU G 33 -73.41 21.98 -32.89
N ASN G 34 -72.51 21.16 -33.43
CA ASN G 34 -72.05 19.93 -32.79
C ASN G 34 -70.63 20.07 -32.26
N LEU G 35 -70.36 19.30 -31.21
CA LEU G 35 -69.01 19.06 -30.71
C LEU G 35 -68.76 17.56 -30.75
N LEU G 36 -67.82 17.14 -31.60
CA LEU G 36 -67.40 15.75 -31.68
C LEU G 36 -66.08 15.58 -30.92
N ILE G 37 -66.09 14.75 -29.89
CA ILE G 37 -64.90 14.48 -29.08
C ILE G 37 -64.45 13.05 -29.34
N ALA G 38 -63.16 12.89 -29.64
CA ALA G 38 -62.56 11.58 -29.83
C ALA G 38 -61.70 11.31 -28.60
N LYS G 39 -62.04 10.25 -27.88
CA LYS G 39 -61.16 9.62 -26.91
C LYS G 39 -60.72 8.32 -27.56
N ASN G 40 -59.58 7.78 -27.13
CA ASN G 40 -59.00 6.68 -27.90
C ASN G 40 -60.04 5.61 -28.18
N THR G 41 -60.44 5.49 -29.44
CA THR G 41 -61.39 4.51 -29.98
C THR G 41 -62.86 4.89 -29.73
N ARG G 42 -63.16 5.95 -28.99
CA ARG G 42 -64.53 6.32 -28.66
C ARG G 42 -64.85 7.64 -29.36
N LEU G 43 -65.98 7.71 -30.04
CA LEU G 43 -66.43 8.96 -30.64
C LEU G 43 -67.66 9.40 -29.87
N GLU G 44 -67.60 10.60 -29.31
CA GLU G 44 -68.69 11.19 -28.55
C GLU G 44 -69.26 12.35 -29.36
N ILE G 45 -70.58 12.37 -29.53
CA ILE G 45 -71.28 13.41 -30.27
C ILE G 45 -72.12 14.19 -29.30
N TYR G 46 -71.99 15.52 -29.35
CA TYR G 46 -72.76 16.41 -28.52
C TYR G 46 -73.44 17.45 -29.40
N VAL G 47 -74.44 18.12 -28.84
CA VAL G 47 -75.06 19.28 -29.46
C VAL G 47 -74.84 20.47 -28.53
N VAL G 48 -74.38 21.58 -29.09
CA VAL G 48 -74.05 22.75 -28.32
C VAL G 48 -75.33 23.51 -28.02
N THR G 49 -75.58 23.79 -26.75
CA THR G 49 -76.73 24.57 -26.31
C THR G 49 -76.23 25.85 -25.65
N ALA G 50 -77.18 26.66 -25.15
CA ALA G 50 -76.82 27.87 -24.42
C ALA G 50 -76.38 27.59 -22.99
N GLU G 51 -76.59 26.37 -22.49
CA GLU G 51 -76.24 26.00 -21.13
C GLU G 51 -75.02 25.09 -21.03
N GLY G 52 -74.67 24.40 -22.11
CA GLY G 52 -73.58 23.44 -22.09
C GLY G 52 -73.66 22.50 -23.28
N LEU G 53 -73.40 21.22 -23.03
CA LEU G 53 -73.41 20.19 -24.06
C LEU G 53 -74.51 19.18 -23.77
N ARG G 54 -75.27 18.83 -24.81
CA ARG G 54 -76.30 17.79 -24.72
C ARG G 54 -75.80 16.54 -25.44
N PRO G 55 -75.58 15.42 -24.74
CA PRO G 55 -75.12 14.21 -25.44
C PRO G 55 -76.17 13.69 -26.41
N VAL G 56 -75.70 13.09 -27.50
CA VAL G 56 -76.55 12.64 -28.58
C VAL G 56 -76.37 11.14 -28.86
N LYS G 57 -75.11 10.71 -28.97
CA LYS G 57 -74.78 9.34 -29.35
C LYS G 57 -73.32 9.14 -29.03
N GLU G 58 -72.98 7.92 -28.63
CA GLU G 58 -71.59 7.50 -28.50
C GLU G 58 -71.45 6.18 -29.20
N VAL G 59 -70.44 6.07 -30.04
CA VAL G 59 -70.14 4.84 -30.76
C VAL G 59 -68.71 4.47 -30.45
N GLY G 60 -68.43 3.18 -30.50
CA GLY G 60 -67.07 2.69 -30.47
C GLY G 60 -66.61 2.36 -31.88
N MET G 61 -65.30 2.46 -32.09
CA MET G 61 -64.71 2.06 -33.36
C MET G 61 -63.65 1.00 -33.09
N TYR G 62 -63.50 0.10 -34.07
CA TYR G 62 -62.50 -0.96 -33.99
C TYR G 62 -61.17 -0.43 -34.54
N GLY G 63 -60.61 0.56 -33.82
CA GLY G 63 -59.38 1.20 -34.24
C GLY G 63 -59.07 2.43 -33.40
N LYS G 64 -57.79 2.81 -33.29
CA LYS G 64 -57.45 4.05 -32.60
C LYS G 64 -57.67 5.22 -33.55
N ILE G 65 -58.46 6.21 -33.11
CA ILE G 65 -58.83 7.34 -33.98
C ILE G 65 -57.63 8.27 -34.13
N ALA G 66 -57.05 8.33 -35.32
CA ALA G 66 -55.89 9.18 -35.60
C ALA G 66 -56.28 10.52 -36.23
N VAL G 67 -57.15 10.52 -37.22
CA VAL G 67 -57.61 11.72 -37.88
C VAL G 67 -59.11 11.82 -37.67
N MET G 68 -59.58 13.00 -37.30
CA MET G 68 -61.02 13.25 -37.17
C MET G 68 -61.26 14.65 -37.73
N GLU G 69 -62.07 14.72 -38.78
CA GLU G 69 -62.31 15.97 -39.49
C GLU G 69 -63.72 15.98 -40.04
N LEU G 70 -64.34 17.15 -40.04
CA LEU G 70 -65.68 17.35 -40.57
C LEU G 70 -65.61 18.15 -41.86
N PHE G 71 -66.38 17.71 -42.86
CA PHE G 71 -66.41 18.38 -44.16
C PHE G 71 -67.81 18.28 -44.75
N ARG G 72 -68.10 19.19 -45.69
CA ARG G 72 -69.40 19.28 -46.35
C ARG G 72 -69.25 19.43 -47.85
N PRO G 73 -69.29 18.32 -48.60
CA PRO G 73 -69.16 18.44 -50.07
C PRO G 73 -70.42 19.03 -50.69
N LYS G 74 -70.21 19.71 -51.82
CA LYS G 74 -71.33 20.35 -52.53
C LYS G 74 -72.45 19.36 -52.78
N GLY G 75 -73.66 19.74 -52.38
CA GLY G 75 -74.83 18.92 -52.54
C GLY G 75 -75.31 18.26 -51.26
N GLU G 76 -74.50 18.25 -50.21
CA GLU G 76 -74.90 17.65 -48.95
C GLU G 76 -75.66 18.69 -48.13
N SER G 77 -76.69 18.22 -47.41
CA SER G 77 -77.46 19.12 -46.56
C SER G 77 -76.69 19.47 -45.29
N LYS G 78 -75.81 18.57 -44.84
CA LYS G 78 -75.14 18.74 -43.57
C LYS G 78 -73.75 18.11 -43.66
N ASP G 79 -72.97 18.30 -42.60
CA ASP G 79 -71.58 17.86 -42.59
C ASP G 79 -71.45 16.33 -42.55
N LEU G 80 -70.41 15.84 -43.18
CA LEU G 80 -69.96 14.45 -43.09
C LEU G 80 -68.69 14.38 -42.25
N LEU G 81 -68.40 13.18 -41.74
CA LEU G 81 -67.28 12.96 -40.84
C LEU G 81 -66.25 12.05 -41.51
N PHE G 82 -64.99 12.47 -41.50
CA PHE G 82 -63.87 11.65 -41.94
C PHE G 82 -63.08 11.16 -40.74
N ILE G 83 -62.74 9.88 -40.73
CA ILE G 83 -61.92 9.29 -39.68
C ILE G 83 -60.92 8.32 -40.30
N LEU G 84 -59.68 8.38 -39.83
CA LEU G 84 -58.62 7.46 -40.20
C LEU G 84 -58.05 6.88 -38.92
N THR G 85 -57.99 5.56 -38.82
CA THR G 85 -57.51 4.92 -37.60
C THR G 85 -55.98 4.74 -37.65
N ALA G 86 -55.42 4.39 -36.51
CA ALA G 86 -53.98 4.20 -36.42
C ALA G 86 -53.48 3.02 -37.25
N LYS G 87 -54.35 2.09 -37.59
CA LYS G 87 -54.03 1.01 -38.51
C LYS G 87 -54.38 1.35 -39.95
N TYR G 88 -54.68 2.62 -40.24
CA TYR G 88 -54.93 3.11 -41.60
C TYR G 88 -56.28 2.66 -42.15
N ASN G 89 -57.28 2.53 -41.27
CA ASN G 89 -58.67 2.30 -41.69
C ASN G 89 -59.31 3.66 -41.92
N ALA G 90 -59.74 3.91 -43.16
CA ALA G 90 -60.37 5.16 -43.53
C ALA G 90 -61.85 4.95 -43.73
N CYS G 91 -62.63 5.99 -43.46
CA CYS G 91 -64.06 5.93 -43.67
C CYS G 91 -64.65 7.34 -43.66
N ILE G 92 -65.76 7.50 -44.36
CA ILE G 92 -66.58 8.71 -44.32
C ILE G 92 -67.92 8.32 -43.73
N LEU G 93 -68.34 9.04 -42.71
CA LEU G 93 -69.50 8.66 -41.90
C LEU G 93 -70.57 9.71 -42.04
N GLU G 94 -71.82 9.27 -41.96
CA GLU G 94 -72.96 10.15 -42.00
C GLU G 94 -73.81 9.83 -40.78
N TYR G 95 -74.26 10.89 -40.10
CA TYR G 95 -75.21 10.75 -39.02
C TYR G 95 -76.61 10.66 -39.61
N LYS G 96 -77.34 9.60 -39.26
CA LYS G 96 -78.71 9.44 -39.75
C LYS G 96 -79.58 8.97 -38.60
N GLN G 97 -80.66 9.72 -38.35
CA GLN G 97 -81.59 9.45 -37.27
C GLN G 97 -83.02 9.55 -37.77
N SER G 98 -83.82 8.52 -37.48
CA SER G 98 -85.23 8.48 -37.82
C SER G 98 -86.01 8.15 -36.55
N GLY G 99 -86.62 9.17 -35.95
CA GLY G 99 -87.27 9.01 -34.66
C GLY G 99 -86.26 8.79 -33.55
N GLU G 100 -86.40 7.70 -32.79
CA GLU G 100 -85.47 7.43 -31.69
C GLU G 100 -84.26 6.62 -32.11
N SER G 101 -84.27 6.08 -33.32
CA SER G 101 -83.22 5.17 -33.79
C SER G 101 -82.08 5.98 -34.39
N ILE G 102 -80.91 5.91 -33.77
CA ILE G 102 -79.73 6.63 -34.23
C ILE G 102 -78.77 5.65 -34.87
N ASP G 103 -78.29 5.99 -36.06
CA ASP G 103 -77.32 5.19 -36.77
C ASP G 103 -76.19 6.11 -37.21
N ILE G 104 -75.01 5.53 -37.43
CA ILE G 104 -73.92 6.22 -38.11
C ILE G 104 -73.64 5.40 -39.36
N ILE G 105 -73.89 5.99 -40.51
CA ILE G 105 -73.85 5.29 -41.78
C ILE G 105 -72.45 5.45 -42.34
N THR G 106 -71.89 4.36 -42.84
CA THR G 106 -70.59 4.37 -43.48
C THR G 106 -70.82 4.52 -44.98
N ARG G 107 -70.57 5.72 -45.51
CA ARG G 107 -70.79 5.99 -46.93
C ARG G 107 -69.61 5.54 -47.78
N ALA G 108 -68.40 5.55 -47.22
CA ALA G 108 -67.21 5.11 -47.93
C ALA G 108 -66.25 4.52 -46.90
N HIS G 109 -65.47 3.54 -47.32
CA HIS G 109 -64.50 2.95 -46.39
C HIS G 109 -63.41 2.26 -47.22
N GLY G 110 -62.25 2.14 -46.59
CA GLY G 110 -61.13 1.45 -47.21
C GLY G 110 -59.89 1.64 -46.36
N ASN G 111 -58.85 0.89 -46.72
CA ASN G 111 -57.57 0.93 -46.02
C ASN G 111 -56.52 1.56 -46.92
N VAL G 112 -55.85 2.60 -46.42
CA VAL G 112 -54.96 3.40 -47.24
C VAL G 112 -53.49 3.06 -47.01
N GLN G 113 -53.20 1.94 -46.35
CA GLN G 113 -51.82 1.58 -46.07
C GLN G 113 -51.08 1.30 -47.38
N ASP G 114 -49.84 1.76 -47.47
CA ASP G 114 -48.98 1.49 -48.60
C ASP G 114 -48.06 0.32 -48.28
N ARG G 115 -47.82 -0.54 -49.27
CA ARG G 115 -46.94 -1.69 -49.06
C ARG G 115 -45.56 -1.24 -48.63
N ILE G 116 -45.07 -0.13 -49.17
CA ILE G 116 -43.73 0.36 -48.88
C ILE G 116 -43.82 1.82 -48.50
N GLY G 117 -43.22 2.16 -47.37
CA GLY G 117 -43.17 3.54 -46.92
C GLY G 117 -42.59 3.66 -45.52
N ARG G 118 -41.95 4.81 -45.22
CA ARG G 118 -41.40 5.03 -43.89
C ARG G 118 -42.37 5.89 -43.10
N PRO G 119 -42.95 5.37 -42.00
CA PRO G 119 -43.83 6.20 -41.16
C PRO G 119 -43.12 7.48 -40.73
N SER G 120 -43.84 8.60 -40.79
CA SER G 120 -43.25 9.90 -40.54
C SER G 120 -43.03 10.14 -39.06
N GLU G 121 -42.10 11.04 -38.77
CA GLU G 121 -41.76 11.36 -37.39
C GLU G 121 -42.89 12.08 -36.68
N THR G 122 -43.50 13.09 -37.32
CA THR G 122 -44.54 13.87 -36.68
C THR G 122 -45.93 13.26 -36.83
N GLY G 123 -46.02 12.00 -37.27
CA GLY G 123 -47.27 11.26 -37.25
C GLY G 123 -48.24 11.52 -38.40
N ILE G 124 -49.35 10.76 -38.36
CA ILE G 124 -50.37 10.87 -39.39
C ILE G 124 -50.94 12.28 -39.37
N ILE G 125 -51.03 12.91 -40.53
CA ILE G 125 -51.69 14.19 -40.68
C ILE G 125 -52.80 14.02 -41.71
N GLY G 126 -53.99 14.51 -41.37
CA GLY G 126 -55.09 14.47 -42.29
C GLY G 126 -55.68 15.86 -42.44
N ILE G 127 -55.82 16.30 -43.69
CA ILE G 127 -56.33 17.63 -44.01
C ILE G 127 -57.30 17.46 -45.17
N ILE G 128 -58.24 18.38 -45.28
CA ILE G 128 -59.25 18.34 -46.32
C ILE G 128 -59.30 19.70 -47.01
N ASP G 129 -59.46 19.67 -48.32
CA ASP G 129 -59.50 20.86 -49.12
C ASP G 129 -60.69 21.74 -48.71
N PRO G 130 -60.54 23.07 -48.77
CA PRO G 130 -61.70 23.93 -48.48
C PRO G 130 -62.86 23.70 -49.42
N GLU G 131 -62.59 23.30 -50.66
CA GLU G 131 -63.64 23.00 -51.63
C GLU G 131 -64.12 21.55 -51.55
N CYS G 132 -63.71 20.80 -50.53
CA CYS G 132 -64.08 19.39 -50.39
C CYS G 132 -63.87 18.64 -51.70
N ARG G 133 -62.74 18.93 -52.34
CA ARG G 133 -62.32 18.27 -53.57
C ARG G 133 -61.51 17.01 -53.31
N MET G 134 -60.78 16.99 -52.20
CA MET G 134 -59.89 15.87 -51.90
C MET G 134 -59.57 15.85 -50.42
N ILE G 135 -59.08 14.69 -49.97
CA ILE G 135 -58.52 14.51 -48.64
C ILE G 135 -57.02 14.31 -48.81
N GLY G 136 -56.23 15.14 -48.10
CA GLY G 136 -54.79 14.97 -48.06
C GLY G 136 -54.37 14.23 -46.86
N LEU G 137 -53.47 13.25 -47.03
CA LEU G 137 -52.91 12.46 -45.94
C LEU G 137 -51.39 12.50 -46.03
N ARG G 138 -50.72 12.79 -44.92
CA ARG G 138 -49.27 12.68 -44.82
C ARG G 138 -49.03 11.44 -43.94
N LEU G 139 -48.83 10.30 -44.58
CA LEU G 139 -48.62 9.04 -43.85
C LEU G 139 -47.16 8.64 -43.77
N TYR G 140 -46.38 8.83 -44.83
CA TYR G 140 -45.01 8.35 -44.87
C TYR G 140 -44.09 9.50 -45.29
N ASP G 141 -42.85 9.44 -44.80
CA ASP G 141 -41.85 10.41 -45.20
C ASP G 141 -41.66 10.35 -46.71
N GLY G 142 -41.75 11.50 -47.36
CA GLY G 142 -41.48 11.60 -48.78
C GLY G 142 -42.62 11.30 -49.72
N LEU G 143 -43.82 11.03 -49.20
CA LEU G 143 -44.97 10.75 -50.04
C LEU G 143 -46.20 11.47 -49.50
N PHE G 144 -47.02 11.97 -50.42
CA PHE G 144 -48.28 12.63 -50.13
C PHE G 144 -49.41 11.84 -50.80
N LYS G 145 -50.40 11.45 -50.02
CA LYS G 145 -51.50 10.61 -50.51
C LYS G 145 -52.74 11.47 -50.70
N VAL G 146 -53.42 11.31 -51.84
CA VAL G 146 -54.63 12.05 -52.16
C VAL G 146 -55.77 11.07 -52.36
N ILE G 147 -56.84 11.25 -51.59
CA ILE G 147 -58.11 10.58 -51.85
C ILE G 147 -59.03 11.63 -52.53
N PRO G 148 -59.32 11.48 -53.81
CA PRO G 148 -60.23 12.47 -54.44
C PRO G 148 -61.66 12.25 -53.97
N LEU G 149 -62.35 13.34 -53.69
CA LEU G 149 -63.71 13.30 -53.15
C LEU G 149 -64.73 13.29 -54.29
N ASP G 150 -64.74 12.19 -55.03
CA ASP G 150 -65.76 11.91 -56.03
C ASP G 150 -66.93 11.22 -55.32
N ARG G 151 -68.15 11.45 -55.82
CA ARG G 151 -69.30 10.83 -55.19
C ARG G 151 -69.23 9.31 -55.28
N ASP G 152 -68.57 8.79 -56.32
CA ASP G 152 -68.52 7.35 -56.55
C ASP G 152 -67.36 6.66 -55.84
N ASN G 153 -66.43 7.41 -55.26
CA ASN G 153 -65.24 6.82 -54.66
C ASN G 153 -65.56 6.21 -53.29
N LYS G 154 -66.49 5.24 -53.29
CA LYS G 154 -66.93 4.61 -52.05
C LYS G 154 -65.89 3.66 -51.48
N GLU G 155 -64.85 3.30 -52.24
CA GLU G 155 -63.75 2.50 -51.72
C GLU G 155 -62.55 3.36 -51.29
N LEU G 156 -62.65 4.69 -51.40
CA LEU G 156 -61.58 5.59 -51.02
C LEU G 156 -60.26 5.20 -51.68
N LYS G 157 -60.32 4.92 -52.98
CA LYS G 157 -59.10 4.66 -53.73
C LYS G 157 -58.26 5.92 -53.77
N ALA G 158 -56.95 5.75 -53.75
CA ALA G 158 -56.08 6.91 -53.63
C ALA G 158 -54.78 6.67 -54.37
N PHE G 159 -54.11 7.78 -54.67
CA PHE G 159 -52.83 7.79 -55.34
C PHE G 159 -51.87 8.63 -54.51
N ASN G 160 -50.58 8.35 -54.66
CA ASN G 160 -49.54 9.06 -53.91
C ASN G 160 -48.76 9.96 -54.84
N ILE G 161 -48.52 11.19 -54.39
CA ILE G 161 -47.68 12.14 -55.10
C ILE G 161 -46.37 12.22 -54.34
N ARG G 162 -45.25 12.10 -55.07
CA ARG G 162 -43.94 12.16 -54.44
C ARG G 162 -43.71 13.54 -53.84
N LEU G 163 -43.14 13.56 -52.64
CA LEU G 163 -42.86 14.79 -51.92
C LEU G 163 -41.35 14.89 -51.79
N GLU G 164 -40.77 15.93 -52.40
CA GLU G 164 -39.31 16.05 -52.38
C GLU G 164 -38.80 16.28 -50.96
N GLU G 165 -39.52 17.07 -50.17
CA GLU G 165 -39.11 17.43 -48.81
C GLU G 165 -39.47 16.25 -47.90
N LEU G 166 -38.45 15.48 -47.51
CA LEU G 166 -38.72 14.22 -46.83
C LEU G 166 -39.25 14.43 -45.42
N HIS G 167 -38.72 15.41 -44.69
CA HIS G 167 -39.08 15.63 -43.29
C HIS G 167 -40.07 16.78 -43.21
N VAL G 168 -41.35 16.45 -43.08
CA VAL G 168 -42.43 17.44 -43.04
C VAL G 168 -42.92 17.55 -41.61
N ILE G 169 -42.96 18.77 -41.09
CA ILE G 169 -43.40 18.97 -39.72
C ILE G 169 -44.91 19.08 -39.63
N ASP G 170 -45.51 19.95 -40.45
CA ASP G 170 -46.95 20.11 -40.43
C ASP G 170 -47.43 20.66 -41.78
N VAL G 171 -48.71 20.38 -42.10
CA VAL G 171 -49.28 20.80 -43.38
C VAL G 171 -50.74 21.16 -43.21
N LYS G 172 -51.20 22.10 -44.03
CA LYS G 172 -52.61 22.47 -44.12
C LYS G 172 -52.94 22.79 -45.57
N PHE G 173 -54.23 22.70 -45.90
CA PHE G 173 -54.71 23.21 -47.18
C PHE G 173 -54.94 24.70 -47.04
N LEU G 174 -54.37 25.50 -47.94
CA LEU G 174 -54.52 26.94 -47.80
C LEU G 174 -55.91 27.36 -48.27
N TYR G 175 -56.32 28.55 -47.85
CA TYR G 175 -57.62 29.10 -48.19
C TYR G 175 -57.46 30.17 -49.27
N GLY G 176 -58.45 30.29 -50.14
CA GLY G 176 -58.51 31.40 -51.05
C GLY G 176 -57.70 31.25 -52.32
N CYS G 177 -57.23 30.06 -52.64
CA CYS G 177 -56.34 29.89 -53.78
C CYS G 177 -57.10 29.50 -55.04
N GLN G 178 -56.49 29.84 -56.18
CA GLN G 178 -57.09 29.59 -57.48
C GLN G 178 -57.21 28.09 -57.75
N ALA G 179 -56.29 27.31 -57.22
CA ALA G 179 -56.31 25.85 -57.25
C ALA G 179 -56.11 25.30 -55.84
N PRO G 180 -56.49 24.05 -55.60
CA PRO G 180 -56.17 23.45 -54.30
C PRO G 180 -54.68 23.51 -54.00
N THR G 181 -54.32 24.08 -52.83
CA THR G 181 -52.93 24.35 -52.48
C THR G 181 -52.62 23.93 -51.05
N ILE G 182 -51.41 23.37 -50.85
CA ILE G 182 -50.94 22.96 -49.53
C ILE G 182 -49.80 23.85 -49.05
N CYS G 183 -49.75 24.06 -47.74
CA CYS G 183 -48.66 24.77 -47.08
C CYS G 183 -48.04 23.88 -46.03
N PHE G 184 -46.72 23.67 -46.10
CA PHE G 184 -46.07 22.79 -45.15
C PHE G 184 -44.75 23.36 -44.66
N VAL G 185 -44.48 23.17 -43.35
CA VAL G 185 -43.18 23.44 -42.76
C VAL G 185 -42.40 22.13 -42.80
N TYR G 186 -41.20 22.16 -43.36
CA TYR G 186 -40.39 20.97 -43.49
C TYR G 186 -39.00 21.27 -42.94
N GLN G 187 -38.27 20.22 -42.60
CA GLN G 187 -36.94 20.38 -42.04
C GLN G 187 -35.91 19.60 -42.86
N ASP G 188 -34.86 20.29 -43.27
CA ASP G 188 -33.71 19.70 -43.95
C ASP G 188 -32.46 20.18 -43.22
N PRO G 189 -31.26 19.81 -43.68
CA PRO G 189 -30.05 20.21 -42.95
C PRO G 189 -29.85 21.71 -42.86
N GLN G 190 -30.50 22.50 -43.72
CA GLN G 190 -30.29 23.95 -43.79
C GLN G 190 -31.21 24.73 -42.87
N GLY G 191 -31.97 24.05 -42.02
CA GLY G 191 -32.97 24.67 -41.16
C GLY G 191 -34.37 24.29 -41.60
N ARG G 192 -35.35 24.89 -40.93
CA ARG G 192 -36.74 24.69 -41.33
C ARG G 192 -37.20 25.77 -42.29
N HIS G 193 -38.12 25.39 -43.17
CA HIS G 193 -38.62 26.25 -44.21
C HIS G 193 -40.11 26.03 -44.40
N VAL G 194 -40.75 27.00 -45.04
CA VAL G 194 -42.15 26.91 -45.44
C VAL G 194 -42.20 26.98 -46.96
N LYS G 195 -42.90 26.04 -47.58
CA LYS G 195 -43.03 25.91 -49.03
C LYS G 195 -44.50 25.67 -49.35
N THR G 196 -44.88 25.95 -50.59
CA THR G 196 -46.23 25.68 -51.06
C THR G 196 -46.17 24.91 -52.36
N TYR G 197 -47.06 23.95 -52.49
CA TYR G 197 -47.29 23.21 -53.72
C TYR G 197 -48.77 23.29 -54.07
N GLU G 198 -49.08 23.12 -55.35
CA GLU G 198 -50.45 23.01 -55.84
C GLU G 198 -50.70 21.57 -56.22
N VAL G 199 -51.96 21.14 -56.14
CA VAL G 199 -52.32 19.75 -56.33
C VAL G 199 -53.27 19.64 -57.53
N SER G 200 -52.87 18.87 -58.54
CA SER G 200 -53.65 18.66 -59.76
C SER G 200 -54.16 17.22 -59.77
N LEU G 201 -55.47 17.05 -59.61
CA LEU G 201 -56.06 15.72 -59.64
C LEU G 201 -55.93 15.11 -61.03
N ARG G 202 -56.04 15.93 -62.08
CA ARG G 202 -55.91 15.42 -63.45
C ARG G 202 -54.48 14.95 -63.71
N GLU G 203 -53.49 15.75 -63.33
CA GLU G 203 -52.10 15.37 -63.54
C GLU G 203 -51.60 14.41 -62.48
N LYS G 204 -52.27 14.32 -61.33
CA LYS G 204 -51.80 13.48 -60.22
C LYS G 204 -50.35 13.80 -59.86
N GLU G 205 -50.07 15.09 -59.72
CA GLU G 205 -48.74 15.54 -59.35
C GLU G 205 -48.86 16.91 -58.70
N PHE G 206 -47.72 17.40 -58.19
CA PHE G 206 -47.61 18.75 -57.63
C PHE G 206 -47.13 19.70 -58.72
N ASN G 207 -47.63 20.94 -58.71
CA ASN G 207 -47.16 22.01 -59.57
C ASN G 207 -46.58 23.10 -58.68
N LYS G 208 -45.76 23.98 -59.27
CA LYS G 208 -45.12 24.99 -58.44
C LYS G 208 -46.17 25.78 -57.67
N GLY G 209 -45.85 26.12 -56.43
CA GLY G 209 -46.83 26.67 -55.52
C GLY G 209 -47.00 28.17 -55.63
N PRO G 210 -48.03 28.68 -54.94
CA PRO G 210 -48.34 30.12 -55.08
C PRO G 210 -47.21 31.05 -54.64
N TRP G 211 -46.56 30.80 -53.51
CA TRP G 211 -45.58 31.74 -53.02
C TRP G 211 -44.28 31.08 -52.58
N LYS G 212 -43.25 31.94 -52.53
CA LYS G 212 -41.87 31.51 -52.45
C LYS G 212 -41.50 31.02 -51.06
N GLN G 213 -40.67 29.98 -51.03
CA GLN G 213 -40.11 29.50 -49.78
C GLN G 213 -39.65 30.68 -48.91
N GLU G 214 -39.71 30.47 -47.60
CA GLU G 214 -39.21 31.41 -46.62
C GLU G 214 -38.52 30.57 -45.54
N ASN G 215 -37.52 31.15 -44.88
CA ASN G 215 -36.88 30.46 -43.76
C ASN G 215 -37.66 30.75 -42.49
N VAL G 216 -38.00 29.69 -41.75
CA VAL G 216 -38.76 29.82 -40.53
C VAL G 216 -37.91 29.49 -39.30
N GLU G 217 -38.47 29.77 -38.13
CA GLU G 217 -37.83 29.44 -36.86
C GLU G 217 -37.38 27.99 -36.83
N ALA G 218 -36.28 27.74 -36.13
CA ALA G 218 -35.73 26.39 -36.07
C ALA G 218 -36.72 25.40 -35.47
N GLU G 219 -37.58 25.86 -34.57
CA GLU G 219 -38.57 25.01 -33.94
C GLU G 219 -39.99 25.32 -34.40
N ALA G 220 -40.15 25.76 -35.65
CA ALA G 220 -41.48 25.96 -36.22
C ALA G 220 -42.30 24.68 -36.09
N SER G 221 -43.43 24.76 -35.39
CA SER G 221 -44.18 23.57 -35.00
C SER G 221 -45.50 23.38 -35.71
N MET G 222 -46.26 24.45 -35.96
CA MET G 222 -47.62 24.27 -36.45
C MET G 222 -47.95 25.25 -37.56
N VAL G 223 -48.84 24.83 -38.46
CA VAL G 223 -49.33 25.65 -39.56
C VAL G 223 -50.81 25.92 -39.35
N ILE G 224 -51.18 27.19 -39.49
CA ILE G 224 -52.58 27.63 -39.40
C ILE G 224 -52.97 28.15 -40.77
N ALA G 225 -54.07 27.64 -41.31
CA ALA G 225 -54.62 28.11 -42.59
C ALA G 225 -55.54 29.28 -42.29
N VAL G 226 -55.07 30.50 -42.56
CA VAL G 226 -55.89 31.67 -42.21
C VAL G 226 -57.07 31.74 -43.17
N PRO G 227 -58.27 32.08 -42.71
CA PRO G 227 -59.45 32.04 -43.59
C PRO G 227 -59.34 33.09 -44.68
N GLU G 228 -60.29 33.03 -45.60
CA GLU G 228 -60.15 33.79 -46.84
C GLU G 228 -60.07 35.30 -46.67
N PRO G 229 -60.79 35.95 -45.74
CA PRO G 229 -60.63 37.42 -45.63
C PRO G 229 -59.18 37.85 -45.50
N PHE G 230 -58.36 37.08 -44.78
CA PHE G 230 -56.93 37.33 -44.69
C PHE G 230 -56.15 36.48 -45.67
N GLY G 231 -56.44 35.18 -45.70
CA GLY G 231 -55.73 34.27 -46.56
C GLY G 231 -54.34 33.98 -46.03
N GLY G 232 -53.66 33.02 -46.65
CA GLY G 232 -52.30 32.73 -46.25
C GLY G 232 -52.26 31.82 -45.04
N ALA G 233 -51.15 31.89 -44.31
CA ALA G 233 -50.94 31.02 -43.17
C ALA G 233 -50.17 31.72 -42.07
N ILE G 234 -50.37 31.23 -40.84
CA ILE G 234 -49.60 31.63 -39.68
C ILE G 234 -48.81 30.40 -39.22
N ILE G 235 -47.55 30.62 -38.86
CA ILE G 235 -46.65 29.53 -38.44
C ILE G 235 -46.20 29.81 -37.01
N ILE G 236 -46.51 28.86 -36.12
CA ILE G 236 -46.28 28.98 -34.69
C ILE G 236 -45.00 28.22 -34.34
N GLY G 237 -44.12 28.88 -33.59
CA GLY G 237 -42.90 28.24 -33.13
C GLY G 237 -42.75 28.26 -31.63
N GLN G 238 -41.50 28.22 -31.15
CA GLN G 238 -41.21 28.37 -29.73
C GLN G 238 -41.06 29.82 -29.32
N GLU G 239 -40.42 30.63 -30.17
CA GLU G 239 -40.15 32.02 -29.86
C GLU G 239 -40.93 33.02 -30.70
N SER G 240 -41.35 32.66 -31.90
CA SER G 240 -41.94 33.64 -32.81
C SER G 240 -43.19 33.08 -33.49
N ILE G 241 -44.08 33.99 -33.86
CA ILE G 241 -45.25 33.69 -34.67
C ILE G 241 -45.17 34.54 -35.95
N THR G 242 -45.32 33.89 -37.10
CA THR G 242 -45.17 34.56 -38.38
C THR G 242 -46.37 34.30 -39.27
N TYR G 243 -46.65 35.25 -40.16
CA TYR G 243 -47.70 35.15 -41.15
C TYR G 243 -47.09 35.34 -42.54
N HIS G 244 -47.36 34.40 -43.44
CA HIS G 244 -46.80 34.45 -44.79
C HIS G 244 -47.93 34.34 -45.80
N ASN G 245 -48.12 35.37 -46.63
CA ASN G 245 -48.92 35.19 -47.85
C ASN G 245 -48.35 36.06 -48.95
N GLY G 246 -47.97 35.43 -50.06
CA GLY G 246 -47.46 36.20 -51.19
C GLY G 246 -46.29 37.06 -50.75
N ASP G 247 -46.43 38.38 -50.92
CA ASP G 247 -45.35 39.27 -50.51
C ASP G 247 -45.38 39.55 -49.02
N LYS G 248 -46.56 39.52 -48.41
CA LYS G 248 -46.70 39.89 -47.01
C LYS G 248 -45.91 38.94 -46.11
N TYR G 249 -45.14 39.54 -45.20
CA TYR G 249 -44.39 38.78 -44.19
C TYR G 249 -44.55 39.56 -42.89
N LEU G 250 -45.09 38.89 -41.88
CA LEU G 250 -45.26 39.44 -40.55
C LEU G 250 -44.63 38.50 -39.54
N ALA G 251 -43.97 39.07 -38.54
CA ALA G 251 -43.34 38.29 -37.50
C ALA G 251 -43.45 39.04 -36.19
N ILE G 252 -44.06 38.40 -35.19
CA ILE G 252 -44.13 38.91 -33.82
C ILE G 252 -43.47 37.86 -32.94
N ALA G 253 -42.61 38.31 -32.02
CA ALA G 253 -41.85 37.42 -31.14
C ALA G 253 -41.98 37.90 -29.71
N PRO G 254 -43.16 37.76 -29.11
CA PRO G 254 -43.37 38.23 -27.72
C PRO G 254 -42.64 37.32 -26.73
N PRO G 255 -41.98 37.89 -25.72
CA PRO G 255 -41.18 37.06 -24.82
C PRO G 255 -41.98 36.05 -24.02
N ILE G 256 -43.30 36.24 -23.92
CA ILE G 256 -44.10 35.44 -23.01
C ILE G 256 -44.29 34.03 -23.53
N ILE G 257 -44.40 33.84 -24.84
CA ILE G 257 -44.62 32.50 -25.36
C ILE G 257 -43.36 31.64 -25.26
N LYS G 258 -42.17 32.27 -25.21
CA LYS G 258 -40.92 31.53 -25.08
C LYS G 258 -40.90 30.70 -23.80
N GLN G 259 -41.66 31.10 -22.79
CA GLN G 259 -41.60 30.44 -21.48
C GLN G 259 -42.08 29.00 -21.57
N SER G 260 -43.09 28.74 -22.41
CA SER G 260 -43.65 27.41 -22.55
C SER G 260 -44.09 27.16 -23.99
N THR G 261 -43.81 25.97 -24.48
CA THR G 261 -44.12 25.59 -25.85
C THR G 261 -45.61 25.65 -26.12
N ILE G 262 -45.98 26.24 -27.26
CA ILE G 262 -47.37 26.28 -27.70
C ILE G 262 -47.67 24.98 -28.44
N VAL G 263 -48.72 24.28 -28.04
CA VAL G 263 -48.98 22.95 -28.56
C VAL G 263 -50.28 22.84 -29.35
N CYS G 264 -51.26 23.72 -29.13
CA CYS G 264 -52.54 23.60 -29.82
C CYS G 264 -53.07 24.97 -30.20
N HIS G 265 -53.96 24.98 -31.19
CA HIS G 265 -54.57 26.21 -31.67
C HIS G 265 -55.99 25.95 -32.11
N ASN G 266 -56.83 26.99 -32.03
CA ASN G 266 -58.19 26.97 -32.51
C ASN G 266 -58.59 28.39 -32.92
N ARG G 267 -59.49 28.47 -33.89
CA ARG G 267 -59.96 29.74 -34.45
C ARG G 267 -61.25 30.21 -33.77
N VAL G 268 -61.26 31.44 -33.30
CA VAL G 268 -62.46 32.00 -32.69
C VAL G 268 -63.32 32.65 -33.76
N ASP G 269 -62.77 33.65 -34.46
CA ASP G 269 -63.56 34.36 -35.47
C ASP G 269 -63.43 33.68 -36.82
N PRO G 270 -64.54 33.28 -37.48
CA PRO G 270 -64.44 32.73 -38.84
C PRO G 270 -63.71 33.70 -39.76
N ASN G 271 -63.76 34.99 -39.40
CA ASN G 271 -63.05 35.99 -40.19
C ASN G 271 -61.54 35.78 -40.15
N GLY G 272 -61.06 35.03 -39.17
CA GLY G 272 -59.64 34.88 -38.98
C GLY G 272 -59.06 35.98 -38.13
N SER G 273 -59.90 36.85 -37.58
CA SER G 273 -59.42 37.96 -36.77
C SER G 273 -58.80 37.49 -35.48
N ARG G 274 -59.29 36.37 -34.93
CA ARG G 274 -58.90 35.94 -33.60
C ARG G 274 -58.69 34.43 -33.56
N TYR G 275 -57.62 34.02 -32.88
CA TYR G 275 -57.28 32.62 -32.67
C TYR G 275 -56.94 32.38 -31.19
N LEU G 276 -57.17 31.16 -30.72
CA LEU G 276 -56.72 30.74 -29.38
C LEU G 276 -55.44 29.91 -29.49
N LEU G 277 -54.58 30.02 -28.47
CA LEU G 277 -53.34 29.24 -28.39
C LEU G 277 -53.19 28.62 -27.00
N GLY G 278 -52.68 27.40 -26.96
CA GLY G 278 -52.42 26.74 -25.69
C GLY G 278 -50.99 26.24 -25.59
N ASP G 279 -50.50 26.17 -24.35
CA ASP G 279 -49.11 25.78 -24.09
C ASP G 279 -49.00 24.71 -23.01
N MET G 280 -47.78 24.16 -22.88
CA MET G 280 -47.55 23.03 -22.00
C MET G 280 -47.71 23.37 -20.52
N GLU G 281 -47.56 24.64 -20.13
CA GLU G 281 -47.77 25.03 -18.74
C GLU G 281 -49.23 25.36 -18.43
N GLY G 282 -50.14 25.13 -19.38
CA GLY G 282 -51.54 25.33 -19.15
C GLY G 282 -52.07 26.72 -19.44
N ARG G 283 -51.26 27.60 -20.02
CA ARG G 283 -51.69 28.97 -20.31
C ARG G 283 -52.47 29.03 -21.62
N LEU G 284 -53.45 29.93 -21.67
CA LEU G 284 -54.29 30.15 -22.85
C LEU G 284 -54.11 31.57 -23.36
N PHE G 285 -53.75 31.69 -24.63
CA PHE G 285 -53.53 32.98 -25.27
C PHE G 285 -54.57 33.23 -26.35
N MET G 286 -54.74 34.51 -26.69
CA MET G 286 -55.52 34.94 -27.84
C MET G 286 -54.55 35.52 -28.86
N LEU G 287 -54.56 34.99 -30.08
CA LEU G 287 -53.81 35.54 -31.19
C LEU G 287 -54.74 36.43 -32.01
N LEU G 288 -54.38 37.69 -32.14
CA LEU G 288 -55.21 38.68 -32.81
C LEU G 288 -54.54 39.15 -34.09
N LEU G 289 -55.32 39.15 -35.17
CA LEU G 289 -54.89 39.69 -36.45
C LEU G 289 -55.46 41.10 -36.56
N GLU G 290 -54.59 42.09 -36.63
CA GLU G 290 -55.04 43.47 -36.67
C GLU G 290 -55.38 43.86 -38.09
N LYS G 291 -56.65 44.15 -38.32
CA LYS G 291 -57.15 44.44 -39.66
C LYS G 291 -56.99 45.93 -39.92
N GLU G 292 -56.64 46.26 -41.16
CA GLU G 292 -56.57 47.65 -41.60
C GLU G 292 -57.66 47.85 -42.65
N GLU G 293 -58.61 48.73 -42.36
CA GLU G 293 -59.72 49.02 -43.27
C GLU G 293 -59.27 49.99 -44.36
N GLN G 294 -59.45 49.59 -45.62
CA GLN G 294 -59.18 50.44 -46.76
C GLN G 294 -60.46 51.14 -47.19
N MET G 295 -60.32 52.24 -47.94
CA MET G 295 -61.48 52.92 -48.50
C MET G 295 -62.20 52.10 -49.56
N ASP G 296 -61.52 51.11 -50.15
CA ASP G 296 -62.16 50.18 -51.07
C ASP G 296 -63.22 49.37 -50.36
N GLY G 297 -63.16 49.38 -49.04
CA GLY G 297 -63.81 48.38 -48.25
C GLY G 297 -62.95 47.17 -47.99
N THR G 298 -61.78 47.08 -48.61
CA THR G 298 -60.96 45.89 -48.43
C THR G 298 -60.17 45.98 -47.13
N VAL G 299 -59.87 44.80 -46.57
CA VAL G 299 -59.15 44.64 -45.33
C VAL G 299 -57.80 43.96 -45.59
N THR G 300 -56.73 44.54 -45.05
CA THR G 300 -55.38 43.97 -45.11
C THR G 300 -54.84 43.82 -43.70
N LEU G 301 -53.93 42.87 -43.52
CA LEU G 301 -53.36 42.63 -42.19
C LEU G 301 -52.22 43.59 -41.88
N LYS G 302 -52.38 44.32 -40.76
CA LYS G 302 -51.39 45.30 -40.31
C LYS G 302 -50.38 44.67 -39.35
N ASP G 303 -50.84 43.94 -38.35
CA ASP G 303 -49.96 43.37 -37.34
C ASP G 303 -50.67 42.24 -36.60
N LEU G 304 -49.88 41.48 -35.86
CA LEU G 304 -50.34 40.36 -35.05
C LEU G 304 -50.12 40.67 -33.58
N ARG G 305 -51.01 40.16 -32.74
CA ARG G 305 -50.90 40.39 -31.31
C ARG G 305 -51.22 39.11 -30.54
N VAL G 306 -50.50 38.91 -29.44
CA VAL G 306 -50.71 37.77 -28.56
C VAL G 306 -51.02 38.27 -27.16
N GLU G 307 -52.08 37.73 -26.56
CA GLU G 307 -52.54 38.13 -25.25
C GLU G 307 -52.85 36.94 -24.36
N LEU G 308 -52.34 36.99 -23.14
CA LEU G 308 -52.57 35.93 -22.19
C LEU G 308 -53.96 36.08 -21.58
N LEU G 309 -54.77 35.04 -21.67
CA LEU G 309 -56.10 35.07 -21.09
C LEU G 309 -56.12 34.52 -19.67
N GLY G 310 -55.42 33.42 -19.44
CA GLY G 310 -55.43 32.77 -18.13
C GLY G 310 -54.85 31.37 -18.23
N GLU G 311 -55.38 30.49 -17.38
CA GLU G 311 -54.95 29.10 -17.33
C GLU G 311 -56.11 28.15 -17.53
N THR G 312 -55.86 27.04 -18.23
CA THR G 312 -56.79 25.93 -18.37
C THR G 312 -56.02 24.68 -17.94
N SER G 313 -56.66 23.52 -18.00
CA SER G 313 -55.88 22.29 -17.85
C SER G 313 -54.99 22.14 -19.08
N ILE G 314 -53.86 21.47 -18.91
CA ILE G 314 -52.90 21.34 -20.00
C ILE G 314 -53.63 20.74 -21.20
N ALA G 315 -53.80 21.53 -22.25
CA ALA G 315 -54.74 21.19 -23.32
C ALA G 315 -54.04 20.43 -24.43
N GLU G 316 -54.64 19.32 -24.85
CA GLU G 316 -54.22 18.67 -26.08
C GLU G 316 -54.78 19.39 -27.30
N CYS G 317 -56.04 19.82 -27.23
CA CYS G 317 -56.70 20.55 -28.29
C CYS G 317 -57.72 21.51 -27.68
N LEU G 318 -57.97 22.58 -28.41
CA LEU G 318 -58.94 23.59 -28.04
C LEU G 318 -59.99 23.66 -29.13
N THR G 319 -61.25 23.90 -28.74
CA THR G 319 -62.29 24.21 -29.72
C THR G 319 -63.25 25.22 -29.11
N TYR G 320 -63.43 26.35 -29.78
CA TYR G 320 -64.32 27.41 -29.33
C TYR G 320 -65.76 27.10 -29.73
N LEU G 321 -66.63 26.92 -28.74
CA LEU G 321 -68.07 26.81 -28.95
C LEU G 321 -68.59 28.24 -29.03
N ASP G 322 -69.87 28.45 -29.28
CA ASP G 322 -70.34 29.82 -29.38
C ASP G 322 -70.61 30.45 -28.01
N ASN G 323 -70.87 31.76 -28.02
CA ASN G 323 -71.17 32.56 -26.83
C ASN G 323 -70.03 32.52 -25.80
N GLY G 324 -68.79 32.41 -26.27
CA GLY G 324 -67.67 32.51 -25.36
C GLY G 324 -67.29 31.28 -24.59
N VAL G 325 -67.78 30.11 -25.01
CA VAL G 325 -67.53 28.84 -24.34
C VAL G 325 -66.45 28.07 -25.11
N VAL G 326 -65.44 27.59 -24.41
CA VAL G 326 -64.36 26.82 -25.03
C VAL G 326 -64.27 25.46 -24.39
N PHE G 327 -64.06 24.43 -25.23
CA PHE G 327 -63.83 23.09 -24.73
C PHE G 327 -62.33 22.83 -24.71
N VAL G 328 -61.80 22.58 -23.53
CA VAL G 328 -60.37 22.30 -23.34
C VAL G 328 -60.23 20.79 -23.28
N GLY G 329 -59.86 20.18 -24.39
CA GLY G 329 -59.60 18.76 -24.41
C GLY G 329 -58.21 18.46 -23.87
N SER G 330 -58.15 17.69 -22.78
CA SER G 330 -56.90 17.45 -22.07
C SER G 330 -56.59 15.96 -22.09
N ARG G 331 -55.31 15.65 -22.34
CA ARG G 331 -54.82 14.28 -22.36
C ARG G 331 -54.02 13.96 -21.12
N LEU G 332 -53.60 15.00 -20.37
CA LEU G 332 -52.82 14.84 -19.16
C LEU G 332 -53.59 15.16 -17.88
N GLY G 333 -54.67 15.93 -17.96
CA GLY G 333 -55.44 16.29 -16.80
C GLY G 333 -56.92 16.33 -17.12
N ASP G 334 -57.72 16.94 -16.25
CA ASP G 334 -59.16 16.92 -16.46
C ASP G 334 -59.53 17.84 -17.63
N SER G 335 -60.35 17.32 -18.55
CA SER G 335 -60.93 18.13 -19.61
C SER G 335 -62.05 19.00 -19.05
N GLN G 336 -62.28 20.15 -19.69
CA GLN G 336 -63.16 21.14 -19.10
C GLN G 336 -63.84 21.98 -20.17
N LEU G 337 -64.88 22.68 -19.74
CA LEU G 337 -65.56 23.71 -20.49
C LEU G 337 -65.30 25.02 -19.77
N VAL G 338 -64.73 25.99 -20.46
CA VAL G 338 -64.34 27.23 -19.80
C VAL G 338 -65.05 28.40 -20.44
N LYS G 339 -65.34 29.42 -19.62
CA LYS G 339 -66.00 30.63 -20.07
C LYS G 339 -64.93 31.69 -20.28
N LEU G 340 -64.89 32.27 -21.47
CA LEU G 340 -63.99 33.38 -21.76
C LEU G 340 -64.78 34.66 -21.53
N ASN G 341 -64.30 35.48 -20.61
CA ASN G 341 -65.01 36.69 -20.25
C ASN G 341 -64.32 37.94 -20.82
N VAL G 342 -65.14 38.97 -21.04
CA VAL G 342 -64.59 40.27 -21.41
C VAL G 342 -63.92 40.90 -20.19
N ASP G 343 -64.43 40.62 -19.00
CA ASP G 343 -63.88 41.18 -17.78
C ASP G 343 -62.86 40.26 -17.13
N SER G 344 -61.76 40.87 -16.64
CA SER G 344 -60.78 40.14 -15.86
C SER G 344 -61.31 39.94 -14.44
N ASN G 345 -60.89 38.85 -13.81
CA ASN G 345 -61.33 38.57 -12.44
C ASN G 345 -60.37 39.21 -11.43
N GLU G 346 -60.54 38.84 -10.15
CA GLU G 346 -59.78 39.45 -9.07
C GLU G 346 -58.29 39.12 -9.15
N GLN G 347 -57.92 38.08 -9.89
CA GLN G 347 -56.52 37.71 -10.08
C GLN G 347 -55.96 38.21 -11.41
N GLY G 348 -56.78 38.86 -12.24
CA GLY G 348 -56.35 39.30 -13.55
C GLY G 348 -56.67 38.37 -14.70
N SER G 349 -57.42 37.30 -14.45
CA SER G 349 -57.71 36.28 -15.45
C SER G 349 -59.07 36.53 -16.12
N TYR G 350 -59.12 36.21 -17.42
CA TYR G 350 -60.35 36.28 -18.20
C TYR G 350 -61.01 34.92 -18.37
N VAL G 351 -60.49 33.88 -17.70
CA VAL G 351 -60.94 32.50 -17.91
C VAL G 351 -61.59 32.00 -16.62
N VAL G 352 -62.79 31.44 -16.75
CA VAL G 352 -63.59 30.96 -15.64
C VAL G 352 -64.17 29.59 -15.95
N ALA G 353 -63.91 28.63 -15.07
CA ALA G 353 -64.39 27.27 -15.29
C ALA G 353 -65.91 27.20 -15.25
N MET G 354 -66.47 26.40 -16.14
CA MET G 354 -67.90 26.08 -16.10
C MET G 354 -68.13 24.66 -15.58
N GLU G 355 -67.55 23.68 -16.26
CA GLU G 355 -67.70 22.27 -15.94
C GLU G 355 -66.35 21.60 -15.99
N THR G 356 -66.18 20.57 -15.19
CA THR G 356 -64.95 19.79 -15.16
C THR G 356 -65.32 18.35 -15.51
N PHE G 357 -64.71 17.83 -16.56
CA PHE G 357 -64.95 16.47 -17.03
C PHE G 357 -63.80 15.60 -16.58
N THR G 358 -64.11 14.55 -15.83
CA THR G 358 -63.08 13.76 -15.20
C THR G 358 -62.24 13.08 -16.28
N ASN G 359 -60.93 13.19 -16.15
CA ASN G 359 -59.98 12.51 -17.01
C ASN G 359 -59.04 11.75 -16.09
N LEU G 360 -59.12 10.42 -16.08
CA LEU G 360 -58.16 9.67 -15.28
C LEU G 360 -56.74 9.86 -15.78
N GLY G 361 -56.58 10.48 -16.95
CA GLY G 361 -55.30 10.94 -17.44
C GLY G 361 -54.28 9.83 -17.53
N PRO G 362 -53.01 10.20 -17.69
CA PRO G 362 -51.95 9.17 -17.64
C PRO G 362 -51.99 8.49 -16.28
N ILE G 363 -52.13 7.17 -16.30
CA ILE G 363 -52.10 6.36 -15.09
C ILE G 363 -50.69 5.79 -15.00
N VAL G 364 -49.83 6.45 -14.22
CA VAL G 364 -48.47 5.97 -14.09
C VAL G 364 -48.42 4.72 -13.24
N ASP G 365 -49.27 4.64 -12.20
CA ASP G 365 -49.27 3.51 -11.27
C ASP G 365 -50.63 3.44 -10.57
N MET G 366 -50.86 2.32 -9.88
CA MET G 366 -52.07 2.17 -9.08
C MET G 366 -51.90 0.97 -8.14
N CYS G 367 -52.63 1.03 -7.01
CA CYS G 367 -52.68 -0.08 -6.07
C CYS G 367 -54.12 -0.27 -5.60
N VAL G 368 -54.45 -1.52 -5.25
CA VAL G 368 -55.77 -1.87 -4.75
C VAL G 368 -55.72 -2.02 -3.23
N VAL G 369 -56.58 -1.28 -2.53
CA VAL G 369 -56.70 -1.33 -1.09
C VAL G 369 -58.18 -1.34 -0.75
N ASP G 370 -58.58 -2.23 0.14
CA ASP G 370 -59.95 -2.31 0.65
C ASP G 370 -59.95 -1.56 1.98
N LEU G 371 -60.19 -0.24 1.90
CA LEU G 371 -60.10 0.61 3.10
C LEU G 371 -61.25 0.35 4.05
N GLU G 372 -62.46 0.14 3.53
CA GLU G 372 -63.60 -0.06 4.42
C GLU G 372 -63.69 -1.49 4.94
N ARG G 373 -62.80 -2.38 4.51
CA ARG G 373 -62.85 -3.80 4.89
C ARG G 373 -64.19 -4.40 4.48
N GLN G 374 -64.86 -3.75 3.54
CA GLN G 374 -66.11 -4.25 2.98
C GLN G 374 -65.87 -5.45 2.07
N GLY G 375 -64.61 -5.71 1.71
CA GLY G 375 -64.29 -6.77 0.80
C GLY G 375 -64.56 -6.44 -0.65
N GLN G 376 -64.93 -5.20 -0.95
CA GLN G 376 -65.25 -4.82 -2.31
C GLN G 376 -63.98 -4.43 -3.04
N GLY G 377 -63.11 -3.68 -2.37
CA GLY G 377 -61.85 -3.23 -2.95
C GLY G 377 -61.95 -1.87 -3.62
N GLN G 378 -60.92 -1.04 -3.46
CA GLN G 378 -60.86 0.30 -4.00
C GLN G 378 -59.57 0.42 -4.80
N LEU G 379 -59.56 1.32 -5.78
CA LEU G 379 -58.40 1.50 -6.67
C LEU G 379 -57.87 2.90 -6.50
N VAL G 380 -56.65 3.03 -5.99
CA VAL G 380 -55.97 4.31 -5.81
C VAL G 380 -54.92 4.45 -6.91
N THR G 381 -55.10 5.42 -7.80
CA THR G 381 -54.25 5.58 -8.98
C THR G 381 -53.37 6.81 -8.85
N CYS G 382 -52.15 6.72 -9.41
CA CYS G 382 -51.28 7.87 -9.63
C CYS G 382 -51.60 8.43 -11.02
N SER G 383 -52.38 9.51 -11.09
CA SER G 383 -52.88 9.98 -12.37
C SER G 383 -52.50 11.43 -12.62
N GLY G 384 -52.26 11.74 -13.89
CA GLY G 384 -51.96 13.08 -14.32
C GLY G 384 -50.46 13.35 -14.38
N ALA G 385 -50.12 14.54 -14.89
CA ALA G 385 -48.74 14.98 -14.96
C ALA G 385 -48.65 16.48 -14.74
N PHE G 386 -47.54 16.91 -14.16
CA PHE G 386 -47.21 18.33 -13.94
C PHE G 386 -48.32 18.96 -13.10
N LYS G 387 -48.88 20.10 -13.51
CA LYS G 387 -49.86 20.79 -12.69
C LYS G 387 -51.18 20.04 -12.57
N GLU G 388 -51.44 19.10 -13.47
CA GLU G 388 -52.63 18.27 -13.44
C GLU G 388 -52.42 16.99 -12.65
N GLY G 389 -51.26 16.81 -12.03
CA GLY G 389 -51.02 15.62 -11.24
C GLY G 389 -52.07 15.45 -10.16
N SER G 390 -52.55 14.22 -10.01
CA SER G 390 -53.64 13.92 -9.11
C SER G 390 -53.53 12.49 -8.59
N LEU G 391 -54.33 12.19 -7.56
CA LEU G 391 -54.57 10.84 -7.07
C LEU G 391 -56.06 10.57 -7.16
N ARG G 392 -56.44 9.43 -7.73
CA ARG G 392 -57.85 9.13 -7.98
C ARG G 392 -58.26 7.88 -7.25
N ILE G 393 -59.24 8.00 -6.35
CA ILE G 393 -59.80 6.89 -5.60
C ILE G 393 -61.03 6.38 -6.36
N ILE G 394 -61.04 5.11 -6.76
CA ILE G 394 -62.10 4.56 -7.61
C ILE G 394 -62.77 3.36 -6.95
N ARG G 395 -64.11 3.41 -6.86
CA ARG G 395 -64.92 2.34 -6.30
C ARG G 395 -66.21 2.12 -7.10
N ASN G 396 -66.74 0.91 -6.97
CA ASN G 396 -67.99 0.53 -7.62
C ASN G 396 -69.19 0.97 -6.78
N GLY G 397 -70.17 1.61 -7.42
CA GLY G 397 -71.33 2.08 -6.68
C GLY G 397 -72.32 0.94 -6.51
N ILE G 398 -72.71 0.68 -5.27
CA ILE G 398 -73.51 -0.49 -4.92
C ILE G 398 -74.79 -0.06 -4.20
N LYS G 409 -72.25 2.55 -12.43
CA LYS G 409 -71.15 3.49 -12.66
C LYS G 409 -70.16 3.51 -11.51
N LEU G 410 -69.02 4.15 -11.75
CA LEU G 410 -67.95 4.29 -10.77
C LEU G 410 -67.99 5.61 -10.02
N HIS G 411 -67.66 5.56 -8.73
CA HIS G 411 -67.51 6.76 -7.90
C HIS G 411 -66.02 7.09 -7.83
N ILE G 412 -65.66 8.31 -8.23
CA ILE G 412 -64.26 8.72 -8.35
C ILE G 412 -64.04 9.95 -7.46
N ARG G 413 -63.14 9.83 -6.49
CA ARG G 413 -62.68 10.94 -5.68
C ARG G 413 -61.31 11.39 -6.17
N THR G 414 -61.13 12.71 -6.27
CA THR G 414 -59.92 13.28 -6.84
C THR G 414 -59.13 14.00 -5.74
N VAL G 415 -57.83 13.70 -5.67
CA VAL G 415 -56.92 14.33 -4.71
C VAL G 415 -55.83 15.05 -5.52
N PRO G 416 -55.99 16.34 -5.81
CA PRO G 416 -54.97 17.04 -6.62
C PRO G 416 -53.64 17.19 -5.88
N LEU G 417 -52.56 16.93 -6.60
CA LEU G 417 -51.20 17.12 -6.09
C LEU G 417 -50.48 18.29 -6.72
N TYR G 418 -50.87 18.71 -7.92
CA TYR G 418 -50.24 19.83 -8.63
C TYR G 418 -48.79 19.57 -8.96
N GLU G 419 -48.34 18.34 -8.81
CA GLU G 419 -47.03 17.88 -9.26
C GLU G 419 -47.21 16.46 -9.77
N SER G 420 -46.20 15.96 -10.44
CA SER G 420 -46.34 14.71 -11.18
C SER G 420 -46.30 13.54 -10.21
N PRO G 421 -47.33 12.67 -10.18
CA PRO G 421 -47.25 11.45 -9.38
C PRO G 421 -46.56 10.37 -10.18
N ARG G 422 -45.76 9.56 -9.51
CA ARG G 422 -44.99 8.53 -10.20
C ARG G 422 -45.20 7.11 -9.70
N LYS G 423 -45.20 6.87 -8.39
CA LYS G 423 -45.45 5.54 -7.84
C LYS G 423 -46.24 5.68 -6.54
N ILE G 424 -47.11 4.70 -6.28
CA ILE G 424 -47.91 4.68 -5.05
C ILE G 424 -47.81 3.32 -4.39
N CYS G 425 -47.71 3.32 -3.05
CA CYS G 425 -47.71 2.11 -2.26
C CYS G 425 -48.54 2.38 -1.00
N TYR G 426 -49.25 1.36 -0.54
CA TYR G 426 -50.10 1.47 0.65
C TYR G 426 -49.43 0.74 1.81
N GLN G 427 -49.39 1.40 2.97
CA GLN G 427 -48.82 0.85 4.20
C GLN G 427 -49.91 0.86 5.26
N GLU G 428 -50.56 -0.28 5.47
CA GLU G 428 -51.66 -0.34 6.44
C GLU G 428 -51.17 0.04 7.83
N VAL G 429 -49.96 -0.41 8.18
CA VAL G 429 -49.44 -0.15 9.53
C VAL G 429 -49.53 1.32 9.88
N SER G 430 -49.28 2.20 8.91
CA SER G 430 -49.26 3.64 9.14
C SER G 430 -50.53 4.33 8.69
N GLN G 431 -51.53 3.58 8.25
CA GLN G 431 -52.78 4.13 7.74
C GLN G 431 -52.51 5.25 6.73
N CYS G 432 -51.54 5.03 5.86
CA CYS G 432 -51.13 6.06 4.91
C CYS G 432 -50.71 5.40 3.61
N PHE G 433 -50.59 6.23 2.57
CA PHE G 433 -50.12 5.82 1.27
C PHE G 433 -48.78 6.52 1.03
N GLY G 434 -47.84 5.83 0.39
CA GLY G 434 -46.59 6.45 -0.02
C GLY G 434 -46.62 6.72 -1.51
N VAL G 435 -46.36 7.97 -1.89
CA VAL G 435 -46.39 8.39 -3.28
C VAL G 435 -45.10 9.10 -3.62
N LEU G 436 -44.48 8.67 -4.73
CA LEU G 436 -43.32 9.32 -5.30
C LEU G 436 -43.77 10.37 -6.32
N SER G 437 -43.16 11.55 -6.27
CA SER G 437 -43.57 12.65 -7.13
C SER G 437 -42.37 13.40 -7.68
N SER G 438 -42.60 14.17 -8.74
CA SER G 438 -41.60 15.06 -9.30
C SER G 438 -42.24 16.41 -9.59
N ARG G 439 -41.57 17.48 -9.19
CA ARG G 439 -42.00 18.84 -9.50
C ARG G 439 -40.90 19.52 -10.32
N ILE G 440 -41.30 20.35 -11.27
CA ILE G 440 -40.37 21.02 -12.16
C ILE G 440 -40.07 22.41 -11.60
N GLU G 441 -38.79 22.65 -11.34
CA GLU G 441 -38.27 23.96 -10.98
C GLU G 441 -37.34 24.41 -12.10
N VAL G 442 -37.04 25.71 -12.14
CA VAL G 442 -36.24 26.29 -13.20
C VAL G 442 -35.03 27.00 -12.61
N GLN G 443 -33.89 26.85 -13.29
CA GLN G 443 -32.66 27.49 -12.88
C GLN G 443 -32.85 29.00 -12.91
N ASP G 444 -32.62 29.64 -11.79
CA ASP G 444 -32.88 31.07 -11.67
C ASP G 444 -31.58 31.83 -11.44
N THR G 445 -31.71 33.16 -11.34
CA THR G 445 -30.56 34.06 -11.30
C THR G 445 -29.77 33.98 -10.01
N SER G 446 -30.30 33.32 -8.97
CA SER G 446 -29.54 33.16 -7.75
C SER G 446 -28.51 32.04 -7.83
N GLY G 447 -28.53 31.24 -8.91
CA GLY G 447 -27.77 30.02 -8.96
C GLY G 447 -28.56 28.81 -8.52
N GLY G 448 -29.58 29.00 -7.71
CA GLY G 448 -30.49 27.94 -7.31
C GLY G 448 -31.60 27.77 -8.33
N THR G 449 -32.73 27.24 -7.86
CA THR G 449 -33.88 27.02 -8.72
C THR G 449 -35.14 27.53 -8.04
N THR G 450 -36.17 27.74 -8.86
CA THR G 450 -37.43 28.28 -8.40
C THR G 450 -38.57 27.44 -8.94
N ALA G 451 -39.49 27.05 -8.06
CA ALA G 451 -40.64 26.26 -8.44
C ALA G 451 -41.69 27.20 -9.06
N LEU G 452 -42.32 26.71 -10.12
CA LEU G 452 -43.27 27.53 -10.87
C LEU G 452 -44.58 27.73 -10.13
N ARG G 453 -44.90 26.88 -9.15
CA ARG G 453 -46.14 26.93 -8.39
C ARG G 453 -45.94 26.04 -7.16
N PRO G 454 -46.64 26.29 -6.06
CA PRO G 454 -46.56 25.37 -4.92
C PRO G 454 -47.25 24.05 -5.24
N SER G 455 -46.74 22.97 -4.66
CA SER G 455 -47.32 21.66 -4.88
C SER G 455 -47.13 20.80 -3.63
N ALA G 456 -47.58 19.55 -3.72
CA ALA G 456 -47.66 18.68 -2.54
C ALA G 456 -46.35 18.65 -1.78
N SER G 457 -45.23 18.60 -2.49
CA SER G 457 -43.95 18.50 -1.81
C SER G 457 -43.64 19.74 -0.99
N THR G 458 -44.08 20.91 -1.44
CA THR G 458 -43.84 22.16 -0.73
C THR G 458 -44.88 22.42 0.36
N GLN G 459 -46.04 21.77 0.29
CA GLN G 459 -47.15 22.03 1.20
C GLN G 459 -47.42 20.88 2.17
N ALA G 460 -46.45 20.01 2.39
CA ALA G 460 -46.60 18.96 3.38
C ALA G 460 -46.64 19.57 4.78
N LEU G 461 -47.34 18.91 5.70
CA LEU G 461 -47.38 19.43 7.07
C LEU G 461 -45.95 19.50 7.63
N SER G 462 -45.22 18.39 7.60
CA SER G 462 -43.79 18.36 7.90
C SER G 462 -43.02 17.89 6.67
N SER G 463 -41.76 18.29 6.57
CA SER G 463 -40.96 17.95 5.39
C SER G 463 -39.51 17.77 5.81
N SER G 464 -38.75 17.08 4.95
CA SER G 464 -37.35 16.80 5.22
C SER G 464 -36.62 16.69 3.90
N VAL G 465 -35.29 16.81 3.96
CA VAL G 465 -34.44 16.76 2.78
C VAL G 465 -33.27 15.82 3.04
N SER G 466 -32.94 15.00 2.03
CA SER G 466 -31.83 14.08 2.14
C SER G 466 -30.54 14.85 2.41
N SER G 467 -29.77 14.37 3.40
CA SER G 467 -28.45 14.91 3.70
C SER G 467 -27.36 13.90 3.35
N SER G 468 -27.69 12.95 2.47
CA SER G 468 -26.75 11.89 2.16
C SER G 468 -25.48 12.44 1.54
N LYS G 469 -24.36 11.88 1.96
CA LYS G 469 -23.06 12.18 1.38
C LYS G 469 -22.53 10.99 0.59
N LEU G 470 -23.39 10.02 0.28
CA LEU G 470 -22.94 8.78 -0.37
C LEU G 470 -22.21 9.07 -1.68
N PHE G 471 -22.77 9.93 -2.52
CA PHE G 471 -22.08 10.36 -3.73
C PHE G 471 -21.07 11.45 -3.45
N SER G 472 -21.14 12.06 -2.27
CA SER G 472 -20.11 12.92 -1.70
C SER G 472 -19.58 13.89 -2.73
N SER G 473 -18.26 13.93 -2.96
CA SER G 473 -17.72 14.89 -3.89
C SER G 473 -18.04 14.52 -5.32
N SER G 474 -18.14 13.22 -5.64
CA SER G 474 -18.45 12.79 -7.00
C SER G 474 -17.37 13.26 -7.96
N THR G 475 -16.87 14.49 -7.75
CA THR G 475 -15.89 15.12 -8.64
C THR G 475 -16.37 15.08 -10.09
N ALA G 476 -17.60 15.52 -10.31
CA ALA G 476 -18.23 15.56 -11.62
C ALA G 476 -19.06 16.82 -11.63
N PRO G 477 -18.41 17.98 -11.82
CA PRO G 477 -19.18 19.24 -11.81
C PRO G 477 -19.98 19.36 -13.10
N HIS G 478 -21.26 19.71 -12.96
CA HIS G 478 -22.14 19.88 -14.10
C HIS G 478 -22.60 21.32 -14.20
N GLU G 479 -22.58 21.83 -15.44
CA GLU G 479 -22.91 23.22 -15.68
C GLU G 479 -24.43 23.39 -15.61
N THR G 480 -24.84 24.53 -15.08
CA THR G 480 -26.24 24.88 -14.93
C THR G 480 -26.42 26.22 -15.63
N SER G 481 -27.37 26.29 -16.55
CA SER G 481 -27.67 27.50 -17.30
C SER G 481 -29.04 28.04 -16.94
N PHE G 482 -29.14 29.37 -16.83
CA PHE G 482 -30.41 30.00 -16.51
C PHE G 482 -31.49 29.61 -17.52
N GLY G 483 -32.67 29.27 -17.00
CA GLY G 483 -33.79 28.91 -17.83
C GLY G 483 -33.97 27.42 -18.01
N GLU G 484 -32.98 26.62 -17.64
CA GLU G 484 -33.09 25.18 -17.78
C GLU G 484 -34.00 24.60 -16.70
N GLU G 485 -34.73 23.56 -17.08
CA GLU G 485 -35.63 22.85 -16.17
C GLU G 485 -34.88 21.72 -15.46
N VAL G 486 -35.30 21.45 -14.22
CA VAL G 486 -34.80 20.30 -13.46
C VAL G 486 -35.98 19.65 -12.73
N GLU G 487 -35.95 18.32 -12.61
CA GLU G 487 -36.97 17.62 -11.84
C GLU G 487 -36.47 17.42 -10.41
N VAL G 488 -37.37 17.66 -9.45
CA VAL G 488 -37.11 17.44 -8.03
C VAL G 488 -38.03 16.33 -7.54
N HIS G 489 -37.46 15.26 -7.01
CA HIS G 489 -38.22 14.07 -6.63
C HIS G 489 -38.38 13.99 -5.12
N ASN G 490 -39.60 13.67 -4.70
CA ASN G 490 -39.94 13.58 -3.28
C ASN G 490 -40.79 12.33 -3.04
N LEU G 491 -40.77 11.86 -1.80
CA LEU G 491 -41.70 10.85 -1.31
C LEU G 491 -42.70 11.52 -0.39
N LEU G 492 -43.99 11.31 -0.66
CA LEU G 492 -45.07 11.95 0.06
C LEU G 492 -45.81 10.92 0.89
N ILE G 493 -46.01 11.21 2.16
CA ILE G 493 -46.86 10.38 3.01
C ILE G 493 -48.24 11.02 3.05
N ILE G 494 -49.25 10.24 2.65
CA ILE G 494 -50.61 10.74 2.49
C ILE G 494 -51.51 9.92 3.39
N ASP G 495 -52.41 10.58 4.12
CA ASP G 495 -53.31 9.87 5.03
C ASP G 495 -54.43 9.19 4.25
N GLN G 496 -54.86 8.01 4.72
CA GLN G 496 -55.80 7.24 3.92
C GLN G 496 -57.21 7.82 3.94
N HIS G 497 -57.57 8.57 4.99
CA HIS G 497 -58.88 9.20 5.04
C HIS G 497 -58.88 10.65 4.55
N THR G 498 -58.00 11.48 5.12
CA THR G 498 -57.98 12.90 4.76
C THR G 498 -57.30 13.13 3.42
N PHE G 499 -56.39 12.25 3.03
CA PHE G 499 -55.59 12.39 1.81
C PHE G 499 -54.84 13.72 1.81
N GLU G 500 -54.37 14.10 2.99
CA GLU G 500 -53.49 15.23 3.24
C GLU G 500 -52.04 14.77 3.32
N VAL G 501 -51.13 15.56 2.76
CA VAL G 501 -49.71 15.22 2.80
C VAL G 501 -49.19 15.41 4.23
N LEU G 502 -48.84 14.30 4.89
CA LEU G 502 -48.31 14.39 6.25
C LEU G 502 -46.82 14.74 6.25
N HIS G 503 -46.04 14.07 5.39
CA HIS G 503 -44.61 14.31 5.31
C HIS G 503 -44.19 14.23 3.86
N ALA G 504 -43.15 15.00 3.52
CA ALA G 504 -42.56 14.98 2.20
C ALA G 504 -41.04 14.94 2.36
N HIS G 505 -40.41 13.94 1.74
CA HIS G 505 -38.95 13.83 1.74
C HIS G 505 -38.43 14.17 0.36
N GLN G 506 -37.51 15.13 0.30
CA GLN G 506 -36.92 15.53 -0.97
C GLN G 506 -35.63 14.76 -1.18
N PHE G 507 -35.50 14.10 -2.33
CA PHE G 507 -34.31 13.33 -2.61
C PHE G 507 -33.19 14.24 -3.12
N LEU G 508 -32.00 13.68 -3.25
CA LEU G 508 -30.82 14.48 -3.53
C LEU G 508 -30.96 15.25 -4.84
N GLN G 509 -30.17 16.31 -4.95
CA GLN G 509 -30.10 17.08 -6.18
C GLN G 509 -29.76 16.17 -7.37
N ASN G 510 -30.59 16.23 -8.40
CA ASN G 510 -30.44 15.42 -9.61
C ASN G 510 -30.72 13.94 -9.37
N GLU G 511 -31.38 13.60 -8.27
CA GLU G 511 -31.75 12.23 -7.97
C GLU G 511 -33.20 11.96 -8.36
N TYR G 512 -33.41 10.87 -9.10
CA TYR G 512 -34.74 10.44 -9.52
C TYR G 512 -35.17 9.23 -8.70
N ALA G 513 -36.38 9.30 -8.14
CA ALA G 513 -36.98 8.17 -7.44
C ALA G 513 -37.74 7.33 -8.48
N LEU G 514 -37.40 6.05 -8.57
CA LEU G 514 -37.98 5.19 -9.58
C LEU G 514 -38.84 4.04 -9.04
N SER G 515 -38.61 3.58 -7.81
CA SER G 515 -39.25 2.37 -7.31
C SER G 515 -39.60 2.56 -5.86
N LEU G 516 -40.76 2.01 -5.47
CA LEU G 516 -41.28 2.14 -4.11
C LEU G 516 -41.95 0.86 -3.66
N VAL G 517 -41.65 0.45 -2.42
CA VAL G 517 -42.31 -0.70 -1.80
C VAL G 517 -42.53 -0.40 -0.33
N SER G 518 -43.59 -1.01 0.22
CA SER G 518 -43.89 -1.00 1.64
C SER G 518 -43.85 -2.44 2.11
N CYS G 519 -42.97 -2.74 3.08
CA CYS G 519 -42.84 -4.13 3.50
C CYS G 519 -42.01 -4.25 4.77
N LYS G 520 -42.10 -5.43 5.40
CA LYS G 520 -41.21 -5.88 6.45
C LYS G 520 -40.13 -6.76 5.84
N LEU G 521 -38.92 -6.72 6.40
CA LEU G 521 -37.80 -7.50 5.89
C LEU G 521 -37.14 -8.29 7.00
N GLY G 522 -36.58 -9.44 6.64
CA GLY G 522 -35.87 -10.27 7.61
C GLY G 522 -36.76 -10.61 8.77
N LYS G 523 -36.20 -10.52 9.98
CA LYS G 523 -36.98 -10.65 11.20
C LYS G 523 -37.28 -9.30 11.84
N ASP G 524 -37.15 -8.21 11.09
CA ASP G 524 -37.38 -6.88 11.64
C ASP G 524 -38.88 -6.60 11.61
N PRO G 525 -39.53 -6.39 12.76
CA PRO G 525 -40.99 -6.22 12.76
C PRO G 525 -41.46 -4.88 12.24
N ASN G 526 -40.56 -3.91 12.08
CA ASN G 526 -40.95 -2.60 11.61
C ASN G 526 -41.30 -2.66 10.12
N THR G 527 -42.36 -1.95 9.74
CA THR G 527 -42.77 -1.87 8.35
C THR G 527 -42.13 -0.63 7.73
N TYR G 528 -41.40 -0.83 6.64
CA TYR G 528 -40.59 0.24 6.08
C TYR G 528 -41.11 0.65 4.70
N PHE G 529 -40.82 1.91 4.37
CA PHE G 529 -40.91 2.44 2.99
C PHE G 529 -39.51 2.38 2.39
N ILE G 530 -39.36 1.70 1.26
CA ILE G 530 -38.08 1.53 0.60
C ILE G 530 -38.17 2.15 -0.79
N VAL G 531 -37.19 2.98 -1.13
CA VAL G 531 -37.18 3.72 -2.40
C VAL G 531 -35.92 3.39 -3.16
N GLY G 532 -36.08 3.16 -4.47
CA GLY G 532 -34.97 2.94 -5.38
C GLY G 532 -34.81 4.14 -6.31
N THR G 533 -33.59 4.64 -6.40
CA THR G 533 -33.32 5.91 -7.06
C THR G 533 -32.25 5.75 -8.13
N ALA G 534 -32.02 6.85 -8.85
CA ALA G 534 -31.00 6.91 -9.90
C ALA G 534 -30.47 8.34 -9.98
N MET G 535 -29.15 8.47 -10.07
CA MET G 535 -28.52 9.77 -10.29
C MET G 535 -28.53 10.09 -11.78
N VAL G 536 -29.25 11.14 -12.15
CA VAL G 536 -29.57 11.45 -13.55
C VAL G 536 -28.84 12.73 -13.99
N TYR G 537 -27.92 12.59 -14.94
CA TYR G 537 -27.28 13.73 -15.60
C TYR G 537 -27.47 13.65 -17.10
N PRO G 538 -27.76 14.76 -17.78
CA PRO G 538 -27.95 14.68 -19.25
C PRO G 538 -26.76 14.03 -19.95
N GLU G 539 -25.57 14.09 -19.33
CA GLU G 539 -24.37 13.58 -19.99
C GLU G 539 -24.36 12.06 -20.06
N GLU G 540 -25.04 11.37 -19.14
CA GLU G 540 -24.99 9.92 -19.09
C GLU G 540 -26.08 9.30 -19.95
N ALA G 541 -25.70 8.38 -20.83
CA ALA G 541 -26.71 7.66 -21.60
C ALA G 541 -27.51 6.73 -20.71
N GLU G 542 -26.89 6.18 -19.67
CA GLU G 542 -27.51 5.25 -18.76
C GLU G 542 -26.95 5.61 -17.39
N PRO G 543 -27.80 5.79 -16.38
CA PRO G 543 -27.28 6.16 -15.06
C PRO G 543 -26.27 5.15 -14.55
N LYS G 544 -25.24 5.65 -13.87
CA LYS G 544 -24.19 4.80 -13.34
C LYS G 544 -24.13 4.82 -11.82
N GLN G 545 -25.01 5.56 -11.16
CA GLN G 545 -25.04 5.62 -9.71
C GLN G 545 -26.50 5.54 -9.25
N GLY G 546 -26.71 5.08 -8.03
CA GLY G 546 -28.07 5.01 -7.52
C GLY G 546 -28.09 4.63 -6.05
N ARG G 547 -29.29 4.63 -5.49
CA ARG G 547 -29.47 4.30 -4.08
C ARG G 547 -30.70 3.43 -3.89
N ILE G 548 -30.64 2.56 -2.89
CA ILE G 548 -31.82 1.99 -2.26
C ILE G 548 -31.85 2.55 -0.85
N VAL G 549 -32.96 3.20 -0.49
CA VAL G 549 -33.10 3.88 0.80
C VAL G 549 -34.27 3.24 1.55
N VAL G 550 -34.06 2.96 2.83
CA VAL G 550 -35.07 2.37 3.70
C VAL G 550 -35.56 3.45 4.65
N PHE G 551 -36.86 3.74 4.62
CA PHE G 551 -37.46 4.74 5.49
C PHE G 551 -38.38 4.08 6.51
N GLN G 552 -38.57 4.79 7.63
CA GLN G 552 -39.59 4.48 8.62
C GLN G 552 -40.44 5.72 8.87
N TYR G 553 -41.76 5.56 8.78
CA TYR G 553 -42.69 6.62 9.14
C TYR G 553 -43.12 6.42 10.59
N SER G 554 -42.72 7.35 11.47
CA SER G 554 -43.13 7.31 12.86
C SER G 554 -43.29 8.72 13.38
N ASP G 555 -44.40 8.98 14.07
CA ASP G 555 -44.66 10.27 14.69
C ASP G 555 -44.68 11.40 13.65
N GLY G 556 -45.37 11.14 12.54
CA GLY G 556 -45.49 12.18 11.53
C GLY G 556 -44.18 12.55 10.87
N LYS G 557 -43.16 11.71 11.03
CA LYS G 557 -41.82 11.96 10.51
C LYS G 557 -41.31 10.73 9.79
N LEU G 558 -40.55 10.97 8.72
CA LEU G 558 -39.90 9.92 7.96
C LEU G 558 -38.46 9.83 8.47
N GLN G 559 -38.08 8.65 8.96
CA GLN G 559 -36.74 8.43 9.49
C GLN G 559 -35.97 7.53 8.55
N THR G 560 -34.77 7.97 8.16
CA THR G 560 -33.91 7.17 7.29
C THR G 560 -33.23 6.08 8.09
N VAL G 561 -33.47 4.83 7.74
CA VAL G 561 -32.99 3.69 8.51
C VAL G 561 -31.69 3.14 7.96
N ALA G 562 -31.60 3.04 6.63
CA ALA G 562 -30.43 2.42 6.01
C ALA G 562 -30.37 2.88 4.56
N GLU G 563 -29.14 2.97 4.05
CA GLU G 563 -28.87 3.43 2.69
C GLU G 563 -27.90 2.49 2.01
N LYS G 564 -28.20 2.14 0.76
CA LYS G 564 -27.36 1.22 0.00
C LYS G 564 -27.02 1.85 -1.34
N GLU G 565 -25.72 1.93 -1.62
CA GLU G 565 -25.28 2.46 -2.89
C GLU G 565 -25.27 1.38 -3.96
N VAL G 566 -25.72 1.74 -5.16
CA VAL G 566 -25.69 0.83 -6.30
C VAL G 566 -25.08 1.58 -7.49
N LYS G 567 -24.68 0.82 -8.50
CA LYS G 567 -24.00 1.39 -9.67
C LYS G 567 -24.93 1.46 -10.88
N GLY G 568 -26.10 2.05 -10.69
CA GLY G 568 -27.08 2.12 -11.75
C GLY G 568 -28.42 2.55 -11.21
N ALA G 569 -29.45 2.40 -12.05
CA ALA G 569 -30.80 2.81 -11.70
C ALA G 569 -31.57 1.64 -11.11
N VAL G 570 -32.19 1.86 -9.96
CA VAL G 570 -33.02 0.82 -9.31
C VAL G 570 -34.41 0.97 -9.89
N TYR G 571 -34.61 0.39 -11.08
CA TYR G 571 -35.86 0.58 -11.79
C TYR G 571 -37.04 -0.05 -11.06
N SER G 572 -36.88 -1.25 -10.51
CA SER G 572 -37.98 -1.95 -9.87
C SER G 572 -37.53 -2.69 -8.62
N MET G 573 -38.42 -2.74 -7.63
CA MET G 573 -38.21 -3.47 -6.39
C MET G 573 -39.49 -4.21 -6.02
N VAL G 574 -39.34 -5.30 -5.26
CA VAL G 574 -40.49 -6.09 -4.83
C VAL G 574 -40.07 -6.89 -3.60
N GLU G 575 -41.02 -7.05 -2.66
CA GLU G 575 -40.75 -7.85 -1.48
C GLU G 575 -40.68 -9.31 -1.90
N PHE G 576 -39.67 -10.03 -1.37
CA PHE G 576 -39.41 -11.41 -1.82
C PHE G 576 -39.01 -12.24 -0.59
N ASN G 577 -40.00 -12.90 0.00
CA ASN G 577 -39.76 -13.84 1.10
C ASN G 577 -38.87 -13.23 2.18
N GLY G 578 -39.24 -12.02 2.62
CA GLY G 578 -38.46 -11.32 3.63
C GLY G 578 -37.17 -10.72 3.13
N LYS G 579 -36.88 -10.89 1.84
CA LYS G 579 -35.71 -10.31 1.19
C LYS G 579 -36.17 -9.27 0.17
N LEU G 580 -35.25 -8.39 -0.20
CA LEU G 580 -35.54 -7.30 -1.12
C LEU G 580 -34.97 -7.65 -2.49
N LEU G 581 -35.85 -7.79 -3.47
CA LEU G 581 -35.46 -8.05 -4.86
C LEU G 581 -35.50 -6.74 -5.62
N ALA G 582 -34.34 -6.33 -6.15
CA ALA G 582 -34.21 -5.05 -6.83
C ALA G 582 -33.47 -5.25 -8.14
N SER G 583 -33.85 -4.47 -9.14
CA SER G 583 -33.22 -4.51 -10.46
C SER G 583 -32.41 -3.24 -10.64
N ILE G 584 -31.10 -3.39 -10.83
CA ILE G 584 -30.20 -2.28 -11.05
C ILE G 584 -29.65 -2.40 -12.47
N ASN G 585 -30.11 -1.53 -13.37
CA ASN G 585 -29.76 -1.57 -14.79
C ASN G 585 -29.97 -2.96 -15.36
N SER G 586 -28.90 -3.59 -15.86
CA SER G 586 -29.01 -4.94 -16.38
C SER G 586 -29.16 -5.98 -15.28
N THR G 587 -28.70 -5.66 -14.07
CA THR G 587 -28.63 -6.62 -12.99
C THR G 587 -29.95 -6.75 -12.26
N VAL G 588 -30.29 -7.99 -11.91
CA VAL G 588 -31.38 -8.33 -11.01
C VAL G 588 -30.74 -8.87 -9.74
N ARG G 589 -31.00 -8.22 -8.62
CA ARG G 589 -30.31 -8.50 -7.37
C ARG G 589 -31.30 -8.82 -6.26
N LEU G 590 -30.90 -9.75 -5.40
CA LEU G 590 -31.63 -10.09 -4.18
C LEU G 590 -30.79 -9.67 -2.99
N TYR G 591 -31.37 -8.84 -2.13
CA TYR G 591 -30.74 -8.35 -0.92
C TYR G 591 -31.36 -9.01 0.31
N GLU G 592 -30.53 -9.24 1.33
CA GLU G 592 -30.98 -9.71 2.64
C GLU G 592 -30.98 -8.54 3.61
N TRP G 593 -31.88 -8.57 4.59
CA TRP G 593 -32.01 -7.52 5.59
C TRP G 593 -31.37 -8.02 6.88
N THR G 594 -30.20 -7.47 7.22
CA THR G 594 -29.43 -8.04 8.32
C THR G 594 -30.00 -7.64 9.67
N THR G 595 -29.46 -8.29 10.70
CA THR G 595 -29.74 -7.94 12.08
C THR G 595 -29.17 -6.57 12.45
N GLU G 596 -28.32 -6.02 11.59
CA GLU G 596 -27.74 -4.69 11.75
C GLU G 596 -28.54 -3.61 11.04
N LYS G 597 -29.75 -3.94 10.55
CA LYS G 597 -30.59 -3.01 9.82
C LYS G 597 -29.87 -2.43 8.60
N GLU G 598 -29.25 -3.31 7.80
CA GLU G 598 -28.64 -2.91 6.54
C GLU G 598 -28.81 -4.03 5.51
N LEU G 599 -28.81 -3.62 4.24
CA LEU G 599 -28.99 -4.56 3.15
C LEU G 599 -27.69 -5.24 2.77
N ARG G 600 -27.75 -6.55 2.55
CA ARG G 600 -26.61 -7.35 2.15
C ARG G 600 -27.00 -8.18 0.94
N THR G 601 -26.20 -8.10 -0.11
CA THR G 601 -26.49 -8.80 -1.35
C THR G 601 -26.28 -10.29 -1.15
N GLU G 602 -27.23 -11.08 -1.67
CA GLU G 602 -27.08 -12.54 -1.64
C GLU G 602 -26.66 -13.11 -2.99
N CYS G 603 -27.39 -12.77 -4.06
CA CYS G 603 -27.14 -13.34 -5.38
C CYS G 603 -27.63 -12.37 -6.46
N ASN G 604 -27.16 -12.60 -7.68
CA ASN G 604 -27.39 -11.69 -8.80
C ASN G 604 -27.73 -12.44 -10.07
N HIS G 605 -28.43 -11.75 -10.97
CA HIS G 605 -28.64 -12.20 -12.35
C HIS G 605 -28.35 -11.04 -13.28
N TYR G 606 -27.54 -11.28 -14.33
CA TYR G 606 -27.11 -10.20 -15.21
C TYR G 606 -27.57 -10.29 -16.66
N ASN G 607 -28.18 -11.39 -17.11
CA ASN G 607 -28.43 -11.59 -18.53
C ASN G 607 -29.66 -10.79 -18.94
N ASN G 608 -29.49 -9.46 -18.93
CA ASN G 608 -30.54 -8.54 -19.33
C ASN G 608 -29.92 -7.38 -20.11
N ILE G 609 -30.80 -6.62 -20.76
CA ILE G 609 -30.41 -5.37 -21.39
C ILE G 609 -30.78 -4.25 -20.41
N MET G 610 -32.06 -4.18 -20.03
CA MET G 610 -32.52 -3.28 -18.98
C MET G 610 -33.68 -3.94 -18.27
N ALA G 611 -33.50 -4.25 -16.98
CA ALA G 611 -34.50 -4.99 -16.19
C ALA G 611 -35.51 -4.03 -15.57
N LEU G 612 -36.45 -3.58 -16.41
CA LEU G 612 -37.36 -2.51 -16.01
C LEU G 612 -38.40 -2.96 -15.00
N TYR G 613 -38.95 -4.17 -15.15
CA TYR G 613 -40.10 -4.57 -14.34
C TYR G 613 -39.88 -5.90 -13.65
N LEU G 614 -40.43 -6.03 -12.45
CA LEU G 614 -40.32 -7.24 -11.65
C LEU G 614 -41.66 -7.61 -11.04
N LYS G 615 -41.97 -8.90 -11.06
CA LYS G 615 -43.10 -9.47 -10.33
C LYS G 615 -42.65 -10.81 -9.76
N THR G 616 -43.26 -11.24 -8.65
CA THR G 616 -42.85 -12.49 -8.02
C THR G 616 -44.07 -13.31 -7.62
N LYS G 617 -43.84 -14.61 -7.45
CA LYS G 617 -44.85 -15.55 -6.96
C LYS G 617 -44.10 -16.76 -6.41
N GLY G 618 -44.17 -16.97 -5.11
CA GLY G 618 -43.35 -18.02 -4.51
C GLY G 618 -41.88 -17.68 -4.69
N ASP G 619 -41.11 -18.65 -5.15
CA ASP G 619 -39.70 -18.43 -5.47
C ASP G 619 -39.50 -18.09 -6.94
N PHE G 620 -40.57 -17.85 -7.71
CA PHE G 620 -40.46 -17.52 -9.12
C PHE G 620 -40.44 -16.01 -9.28
N ILE G 621 -39.63 -15.52 -10.22
CA ILE G 621 -39.54 -14.10 -10.52
C ILE G 621 -39.80 -13.92 -12.02
N LEU G 622 -40.63 -12.95 -12.38
CA LEU G 622 -40.85 -12.59 -13.77
C LEU G 622 -40.16 -11.25 -14.04
N VAL G 623 -39.28 -11.23 -15.03
CA VAL G 623 -38.50 -10.04 -15.36
C VAL G 623 -38.95 -9.52 -16.71
N GLY G 624 -39.17 -8.21 -16.79
CA GLY G 624 -39.55 -7.54 -18.03
C GLY G 624 -38.42 -6.63 -18.49
N ASP G 625 -38.06 -6.76 -19.76
CA ASP G 625 -36.90 -6.08 -20.32
C ASP G 625 -37.30 -4.97 -21.30
N LEU G 626 -36.35 -4.07 -21.56
CA LEU G 626 -36.60 -2.99 -22.49
C LEU G 626 -36.88 -3.51 -23.88
N MET G 627 -36.15 -4.54 -24.31
CA MET G 627 -36.33 -5.08 -25.65
C MET G 627 -36.38 -6.60 -25.73
N ARG G 628 -36.14 -7.32 -24.65
CA ARG G 628 -36.04 -8.78 -24.69
C ARG G 628 -37.24 -9.48 -24.05
N SER G 629 -38.43 -8.89 -24.14
CA SER G 629 -39.68 -9.51 -23.70
C SER G 629 -39.51 -9.94 -22.24
N VAL G 630 -39.86 -11.17 -21.88
CA VAL G 630 -39.92 -11.58 -20.49
C VAL G 630 -39.06 -12.82 -20.28
N LEU G 631 -38.54 -12.94 -19.05
CA LEU G 631 -37.72 -14.05 -18.61
C LEU G 631 -38.27 -14.54 -17.29
N LEU G 632 -38.38 -15.86 -17.13
CA LEU G 632 -38.80 -16.47 -15.87
C LEU G 632 -37.56 -16.94 -15.11
N LEU G 633 -37.32 -16.33 -13.97
CA LEU G 633 -36.23 -16.67 -13.07
C LEU G 633 -36.76 -17.39 -11.84
N ALA G 634 -35.90 -18.20 -11.22
CA ALA G 634 -36.23 -18.87 -9.97
C ALA G 634 -35.07 -18.76 -8.99
N TYR G 635 -35.40 -18.53 -7.73
CA TYR G 635 -34.43 -18.52 -6.64
C TYR G 635 -34.27 -19.97 -6.20
N LYS G 636 -33.06 -20.51 -6.34
CA LYS G 636 -32.78 -21.88 -5.91
C LYS G 636 -32.33 -21.83 -4.46
N PRO G 637 -33.23 -22.04 -3.49
CA PRO G 637 -32.84 -21.82 -2.09
C PRO G 637 -31.69 -22.71 -1.64
N MET G 638 -31.59 -23.90 -2.23
CA MET G 638 -30.57 -24.86 -1.80
C MET G 638 -29.17 -24.31 -2.01
N GLU G 639 -28.96 -23.56 -3.09
CA GLU G 639 -27.64 -23.09 -3.47
C GLU G 639 -27.43 -21.61 -3.19
N GLY G 640 -28.50 -20.84 -3.01
CA GLY G 640 -28.36 -19.42 -2.78
C GLY G 640 -28.06 -18.64 -4.05
N ASN G 641 -28.75 -18.96 -5.15
CA ASN G 641 -28.51 -18.34 -6.44
C ASN G 641 -29.81 -18.34 -7.23
N PHE G 642 -29.72 -17.82 -8.45
CA PHE G 642 -30.83 -17.69 -9.38
C PHE G 642 -30.68 -18.74 -10.48
N GLU G 643 -31.80 -19.12 -11.11
CA GLU G 643 -31.76 -20.00 -12.28
C GLU G 643 -32.69 -19.50 -13.37
N GLU G 644 -32.20 -19.57 -14.61
CA GLU G 644 -32.98 -19.12 -15.77
C GLU G 644 -33.87 -20.29 -16.17
N ILE G 645 -35.12 -20.27 -15.70
CA ILE G 645 -36.04 -21.35 -15.98
C ILE G 645 -36.49 -21.31 -17.44
N ALA G 646 -36.95 -20.15 -17.89
CA ALA G 646 -37.45 -20.03 -19.25
C ALA G 646 -37.44 -18.57 -19.68
N ARG G 647 -37.15 -18.34 -20.96
CA ARG G 647 -37.09 -17.01 -21.54
C ARG G 647 -37.85 -17.00 -22.86
N ASP G 648 -38.53 -15.89 -23.12
CA ASP G 648 -39.17 -15.63 -24.41
C ASP G 648 -38.16 -14.96 -25.34
N PHE G 649 -37.78 -15.65 -26.41
CA PHE G 649 -36.76 -15.11 -27.30
C PHE G 649 -37.30 -14.08 -28.29
N ASN G 650 -38.62 -14.01 -28.47
CA ASN G 650 -39.20 -12.99 -29.34
C ASN G 650 -38.89 -11.60 -28.79
N PRO G 651 -38.46 -10.64 -29.62
CA PRO G 651 -38.11 -9.31 -29.10
C PRO G 651 -39.35 -8.46 -28.93
N ASN G 652 -39.55 -7.92 -27.73
CA ASN G 652 -40.67 -7.04 -27.45
C ASN G 652 -40.17 -5.87 -26.61
N TRP G 653 -40.75 -4.69 -26.84
CA TRP G 653 -40.47 -3.53 -26.01
C TRP G 653 -41.52 -3.49 -24.90
N MET G 654 -41.13 -3.86 -23.70
CA MET G 654 -42.10 -4.04 -22.63
C MET G 654 -42.51 -2.71 -22.01
N SER G 655 -43.77 -2.64 -21.60
CA SER G 655 -44.30 -1.53 -20.82
C SER G 655 -44.75 -1.95 -19.41
N ALA G 656 -45.15 -3.21 -19.22
CA ALA G 656 -45.51 -3.74 -17.91
C ALA G 656 -45.68 -5.25 -18.03
N VAL G 657 -45.51 -5.95 -16.92
CA VAL G 657 -45.67 -7.40 -16.87
C VAL G 657 -46.50 -7.79 -15.65
N GLU G 658 -47.03 -9.01 -15.69
CA GLU G 658 -47.77 -9.55 -14.55
C GLU G 658 -47.76 -11.08 -14.63
N ILE G 659 -47.81 -11.71 -13.46
CA ILE G 659 -47.89 -13.16 -13.33
C ILE G 659 -49.36 -13.52 -13.14
N LEU G 660 -49.87 -14.42 -14.00
CA LEU G 660 -51.26 -14.88 -13.88
C LEU G 660 -51.38 -16.11 -12.99
N ASP G 661 -50.54 -17.11 -13.23
CA ASP G 661 -50.46 -18.31 -12.40
C ASP G 661 -49.10 -18.93 -12.65
N ASP G 662 -48.83 -20.07 -12.02
CA ASP G 662 -47.48 -20.61 -12.04
C ASP G 662 -46.97 -20.92 -13.45
N ASP G 663 -47.86 -21.05 -14.45
CA ASP G 663 -47.44 -21.37 -15.80
C ASP G 663 -47.73 -20.28 -16.82
N ASN G 664 -48.57 -19.29 -16.52
CA ASN G 664 -48.98 -18.29 -17.49
C ASN G 664 -48.48 -16.89 -17.08
N PHE G 665 -48.00 -16.14 -18.07
CA PHE G 665 -47.42 -14.82 -17.84
C PHE G 665 -47.95 -13.82 -18.86
N LEU G 666 -48.34 -12.64 -18.37
CA LEU G 666 -48.99 -11.60 -19.16
C LEU G 666 -48.07 -10.41 -19.40
N GLY G 667 -48.07 -9.89 -20.62
CA GLY G 667 -47.23 -8.75 -20.95
C GLY G 667 -47.94 -7.71 -21.79
N ALA G 668 -47.43 -6.48 -21.71
CA ALA G 668 -47.92 -5.34 -22.47
C ALA G 668 -46.73 -4.62 -23.09
N GLU G 669 -46.78 -4.39 -24.40
CA GLU G 669 -45.70 -3.77 -25.15
C GLU G 669 -46.07 -2.39 -25.67
N ASN G 670 -45.04 -1.65 -26.12
CA ASN G 670 -45.21 -0.29 -26.62
C ASN G 670 -45.99 -0.22 -27.92
N ALA G 671 -46.32 -1.35 -28.54
CA ALA G 671 -47.14 -1.35 -29.75
C ALA G 671 -48.63 -1.47 -29.43
N PHE G 672 -48.99 -1.35 -28.17
CA PHE G 672 -50.37 -1.47 -27.68
C PHE G 672 -50.87 -2.92 -27.79
N ASN G 673 -49.99 -3.90 -27.57
CA ASN G 673 -50.38 -5.30 -27.64
C ASN G 673 -50.22 -5.98 -26.28
N LEU G 674 -51.05 -6.99 -26.05
CA LEU G 674 -51.00 -7.84 -24.87
C LEU G 674 -50.65 -9.24 -25.35
N PHE G 675 -49.77 -9.92 -24.63
CA PHE G 675 -49.42 -11.28 -24.99
C PHE G 675 -49.21 -12.11 -23.72
N VAL G 676 -49.37 -13.43 -23.88
CA VAL G 676 -49.24 -14.37 -22.77
C VAL G 676 -48.22 -15.44 -23.15
N CYS G 677 -47.27 -15.69 -22.25
CA CYS G 677 -46.24 -16.71 -22.43
C CYS G 677 -46.48 -17.86 -21.45
N GLN G 678 -46.24 -19.09 -21.90
CA GLN G 678 -46.47 -20.29 -21.12
C GLN G 678 -45.21 -21.14 -21.11
N LYS G 679 -44.85 -21.65 -19.93
CA LYS G 679 -43.75 -22.60 -19.85
C LYS G 679 -44.12 -23.85 -20.66
N ASP G 680 -43.18 -24.37 -21.46
CA ASP G 680 -43.53 -25.56 -22.24
C ASP G 680 -43.77 -26.75 -21.30
N SER G 681 -44.73 -26.60 -20.39
CA SER G 681 -45.08 -27.69 -19.48
C SER G 681 -43.84 -28.21 -18.79
N ALA G 682 -43.69 -29.53 -18.68
CA ALA G 682 -42.50 -30.14 -18.07
C ALA G 682 -41.87 -31.08 -19.09
N ALA G 683 -41.36 -30.51 -20.18
CA ALA G 683 -40.89 -31.30 -21.30
C ALA G 683 -39.53 -31.94 -21.03
N THR G 684 -39.22 -32.94 -21.84
CA THR G 684 -37.92 -33.60 -21.77
C THR G 684 -36.80 -32.69 -22.24
N THR G 685 -37.00 -31.97 -23.35
CA THR G 685 -35.93 -31.18 -23.92
C THR G 685 -35.59 -29.98 -23.03
N ASP G 686 -34.31 -29.84 -22.70
CA ASP G 686 -33.86 -28.67 -21.95
C ASP G 686 -34.17 -27.41 -22.73
N GLU G 687 -34.02 -27.49 -24.05
CA GLU G 687 -34.31 -26.36 -24.92
C GLU G 687 -35.79 -25.99 -24.87
N GLU G 688 -36.69 -26.98 -24.82
CA GLU G 688 -38.12 -26.67 -24.82
C GLU G 688 -38.58 -26.06 -23.50
N ARG G 689 -38.08 -26.55 -22.36
CA ARG G 689 -38.50 -25.94 -21.10
C ARG G 689 -38.01 -24.50 -21.01
N GLN G 690 -36.75 -24.26 -21.37
CA GLN G 690 -36.18 -22.92 -21.33
C GLN G 690 -36.88 -21.96 -22.29
N HIS G 691 -37.68 -22.47 -23.20
CA HIS G 691 -38.38 -21.65 -24.17
C HIS G 691 -39.78 -21.31 -23.67
N LEU G 692 -40.04 -20.02 -23.43
CA LEU G 692 -41.40 -19.53 -23.19
C LEU G 692 -42.11 -19.34 -24.52
N GLN G 693 -43.31 -19.91 -24.63
CA GLN G 693 -44.07 -19.84 -25.87
C GLN G 693 -45.17 -18.81 -25.74
N GLU G 694 -45.21 -17.87 -26.69
CA GLU G 694 -46.24 -16.83 -26.75
C GLU G 694 -47.55 -17.45 -27.20
N VAL G 695 -48.37 -17.83 -26.22
CA VAL G 695 -49.59 -18.57 -26.49
C VAL G 695 -50.80 -17.66 -26.69
N GLY G 696 -50.76 -16.42 -26.20
CA GLY G 696 -51.88 -15.51 -26.38
C GLY G 696 -51.44 -14.20 -26.99
N LEU G 697 -52.22 -13.69 -27.95
CA LEU G 697 -51.90 -12.44 -28.63
C LEU G 697 -53.17 -11.63 -28.80
N PHE G 698 -53.09 -10.34 -28.51
CA PHE G 698 -54.27 -9.48 -28.55
C PHE G 698 -53.83 -8.04 -28.69
N HIS G 699 -54.38 -7.35 -29.68
CA HIS G 699 -54.14 -5.92 -29.83
C HIS G 699 -55.11 -5.17 -28.94
N LEU G 700 -54.60 -4.57 -27.86
CA LEU G 700 -55.46 -3.85 -26.92
C LEU G 700 -55.84 -2.49 -27.47
N GLY G 701 -54.90 -1.78 -28.09
CA GLY G 701 -55.14 -0.42 -28.51
C GLY G 701 -54.83 0.62 -27.46
N GLU G 702 -54.41 0.21 -26.28
CA GLU G 702 -54.04 1.11 -25.20
C GLU G 702 -52.61 0.80 -24.75
N PHE G 703 -52.02 1.78 -24.07
CA PHE G 703 -50.66 1.65 -23.55
C PHE G 703 -50.78 1.35 -22.06
N VAL G 704 -50.37 0.16 -21.65
CA VAL G 704 -50.58 -0.35 -20.30
C VAL G 704 -49.32 -0.04 -19.49
N ASN G 705 -49.47 0.84 -18.49
CA ASN G 705 -48.37 1.17 -17.60
C ASN G 705 -48.28 0.28 -16.39
N VAL G 706 -49.40 -0.22 -15.87
CA VAL G 706 -49.40 -0.95 -14.62
C VAL G 706 -50.36 -2.13 -14.70
N PHE G 707 -49.92 -3.27 -14.18
CA PHE G 707 -50.74 -4.45 -13.98
C PHE G 707 -50.90 -4.67 -12.48
N CYS G 708 -52.13 -4.85 -12.03
CA CYS G 708 -52.38 -5.02 -10.60
C CYS G 708 -53.41 -6.11 -10.36
N HIS G 709 -53.11 -6.98 -9.40
CA HIS G 709 -54.02 -8.06 -9.02
C HIS G 709 -55.10 -7.54 -8.09
N GLY G 710 -56.35 -7.85 -8.40
CA GLY G 710 -57.45 -7.48 -7.54
C GLY G 710 -58.70 -7.25 -8.36
N SER G 711 -59.79 -6.96 -7.64
CA SER G 711 -61.02 -6.60 -8.34
C SER G 711 -61.82 -5.60 -7.51
N LEU G 712 -62.54 -4.74 -8.23
CA LEU G 712 -63.39 -3.74 -7.61
C LEU G 712 -64.82 -4.22 -7.34
N VAL G 713 -65.13 -5.46 -7.70
CA VAL G 713 -66.44 -6.03 -7.44
C VAL G 713 -66.41 -6.69 -6.07
N MET G 714 -67.59 -6.85 -5.47
CA MET G 714 -67.69 -7.43 -4.14
C MET G 714 -67.29 -8.90 -4.17
N GLN G 715 -66.20 -9.23 -3.47
CA GLN G 715 -65.72 -10.61 -3.36
C GLN G 715 -66.65 -11.38 -2.43
N ASN G 716 -67.31 -12.41 -2.95
CA ASN G 716 -68.20 -13.22 -2.15
C ASN G 716 -67.39 -13.98 -1.09
N LEU G 717 -68.03 -14.27 0.05
CA LEU G 717 -67.33 -14.96 1.13
C LEU G 717 -67.18 -16.44 0.81
N GLY G 718 -68.01 -16.97 -0.10
CA GLY G 718 -67.94 -18.36 -0.52
C GLY G 718 -67.83 -18.44 -2.03
N GLU G 719 -66.73 -19.00 -2.53
CA GLU G 719 -66.52 -19.07 -3.97
C GLU G 719 -67.33 -20.24 -4.52
N THR G 720 -67.96 -20.01 -5.68
CA THR G 720 -68.80 -20.96 -6.38
C THR G 720 -68.22 -21.15 -7.77
N SER G 721 -68.73 -22.17 -8.48
CA SER G 721 -68.18 -22.45 -9.81
C SER G 721 -68.40 -21.25 -10.71
N THR G 722 -67.33 -20.57 -11.08
CA THR G 722 -67.46 -19.33 -11.84
C THR G 722 -66.85 -19.48 -13.23
N PRO G 723 -67.36 -18.73 -14.21
CA PRO G 723 -66.72 -18.79 -15.55
C PRO G 723 -65.32 -18.23 -15.57
N THR G 724 -65.07 -17.15 -14.83
CA THR G 724 -63.79 -16.46 -14.80
C THR G 724 -63.00 -16.79 -13.55
N GLN G 725 -61.69 -16.95 -13.70
CA GLN G 725 -60.80 -17.21 -12.57
C GLN G 725 -59.63 -16.23 -12.63
N GLY G 726 -59.39 -15.55 -11.53
CA GLY G 726 -58.33 -14.55 -11.45
C GLY G 726 -58.82 -13.17 -11.81
N SER G 727 -58.13 -12.17 -11.30
CA SER G 727 -58.51 -10.79 -11.61
C SER G 727 -57.26 -9.93 -11.61
N VAL G 728 -56.91 -9.40 -12.78
CA VAL G 728 -55.81 -8.46 -12.94
C VAL G 728 -56.40 -7.19 -13.51
N LEU G 729 -56.20 -6.07 -12.81
CA LEU G 729 -56.62 -4.76 -13.27
C LEU G 729 -55.43 -4.05 -13.90
N PHE G 730 -55.67 -3.35 -14.99
CA PHE G 730 -54.58 -2.64 -15.64
C PHE G 730 -54.98 -1.21 -15.98
N GLY G 731 -54.03 -0.31 -15.80
CA GLY G 731 -54.21 1.11 -16.08
C GLY G 731 -53.43 1.49 -17.33
N THR G 732 -53.95 2.44 -18.08
CA THR G 732 -53.40 2.80 -19.39
C THR G 732 -53.12 4.29 -19.44
N VAL G 733 -52.46 4.71 -20.52
CA VAL G 733 -52.10 6.11 -20.67
C VAL G 733 -53.35 6.97 -20.88
N ASN G 734 -54.33 6.46 -21.61
CA ASN G 734 -55.53 7.24 -21.94
C ASN G 734 -56.59 7.19 -20.85
N GLY G 735 -56.26 6.67 -19.67
CA GLY G 735 -57.19 6.61 -18.57
C GLY G 735 -58.08 5.37 -18.54
N MET G 736 -58.04 4.56 -19.58
CA MET G 736 -58.82 3.32 -19.62
C MET G 736 -58.32 2.36 -18.55
N ILE G 737 -59.24 1.79 -17.77
CA ILE G 737 -58.94 0.76 -16.77
C ILE G 737 -59.60 -0.55 -17.21
N GLY G 738 -58.87 -1.68 -17.13
CA GLY G 738 -59.31 -2.95 -17.67
C GLY G 738 -59.11 -4.09 -16.69
N LEU G 739 -59.47 -5.27 -17.17
CA LEU G 739 -59.44 -6.50 -16.39
C LEU G 739 -59.11 -7.69 -17.28
N VAL G 740 -58.18 -8.53 -16.82
CA VAL G 740 -57.79 -9.75 -17.51
C VAL G 740 -58.13 -10.91 -16.59
N THR G 741 -58.82 -11.92 -17.13
CA THR G 741 -59.16 -13.10 -16.36
C THR G 741 -58.96 -14.33 -17.24
N SER G 742 -58.79 -15.48 -16.59
CA SER G 742 -58.56 -16.75 -17.26
C SER G 742 -59.87 -17.50 -17.40
N LEU G 743 -59.94 -18.38 -18.40
CA LEU G 743 -61.15 -19.15 -18.66
C LEU G 743 -60.79 -20.63 -18.74
N SER G 744 -61.80 -21.49 -18.56
CA SER G 744 -61.62 -22.90 -18.86
C SER G 744 -61.71 -23.12 -20.38
N GLU G 745 -61.11 -24.21 -20.84
CA GLU G 745 -61.12 -24.45 -22.28
C GLU G 745 -62.54 -24.45 -22.83
N SER G 746 -63.47 -25.10 -22.12
CA SER G 746 -64.84 -25.18 -22.61
C SER G 746 -65.46 -23.78 -22.71
N TRP G 747 -65.32 -22.98 -21.64
CA TRP G 747 -65.91 -21.64 -21.63
C TRP G 747 -65.31 -20.77 -22.73
N TYR G 748 -64.00 -20.86 -22.92
CA TYR G 748 -63.33 -20.06 -23.95
C TYR G 748 -63.85 -20.42 -25.33
N ASN G 749 -63.90 -21.71 -25.64
CA ASN G 749 -64.34 -22.12 -26.98
C ASN G 749 -65.75 -21.65 -27.23
N LEU G 750 -66.60 -21.72 -26.21
CA LEU G 750 -67.97 -21.22 -26.35
C LEU G 750 -67.96 -19.73 -26.63
N LEU G 751 -67.17 -18.96 -25.88
CA LEU G 751 -67.21 -17.52 -26.06
C LEU G 751 -66.63 -17.13 -27.42
N LEU G 752 -65.60 -17.85 -27.87
CA LEU G 752 -65.02 -17.57 -29.18
C LEU G 752 -66.02 -17.82 -30.29
N ASP G 753 -66.73 -18.95 -30.24
CA ASP G 753 -67.76 -19.20 -31.24
C ASP G 753 -68.79 -18.08 -31.27
N MET G 754 -69.10 -17.51 -30.10
CA MET G 754 -70.06 -16.42 -30.07
C MET G 754 -69.51 -15.16 -30.73
N GLN G 755 -68.23 -14.87 -30.52
CA GLN G 755 -67.63 -13.69 -31.13
C GLN G 755 -67.75 -13.74 -32.66
N ASN G 756 -67.23 -14.82 -33.26
CA ASN G 756 -67.28 -14.97 -34.71
C ASN G 756 -68.72 -14.96 -35.22
N ARG G 757 -69.66 -15.40 -34.37
CA ARG G 757 -71.07 -15.23 -34.70
C ARG G 757 -71.50 -13.79 -34.50
N LEU G 758 -71.07 -13.17 -33.41
CA LEU G 758 -71.45 -11.79 -33.15
C LEU G 758 -70.90 -10.86 -34.22
N ASN G 759 -69.69 -11.13 -34.72
CA ASN G 759 -69.08 -10.27 -35.72
C ASN G 759 -69.84 -10.29 -37.03
N LYS G 760 -70.47 -11.42 -37.37
CA LYS G 760 -71.29 -11.48 -38.58
C LYS G 760 -72.54 -10.64 -38.42
N VAL G 761 -72.97 -10.43 -37.17
CA VAL G 761 -74.23 -9.75 -36.88
C VAL G 761 -74.05 -8.25 -36.71
N ILE G 762 -72.98 -7.83 -36.01
CA ILE G 762 -72.83 -6.46 -35.54
C ILE G 762 -72.19 -5.60 -36.61
N LYS G 763 -72.76 -4.42 -36.84
CA LYS G 763 -72.17 -3.45 -37.76
C LYS G 763 -71.28 -2.48 -36.99
N SER G 764 -70.02 -2.39 -37.41
CA SER G 764 -69.04 -1.49 -36.81
C SER G 764 -69.01 -0.18 -37.59
N VAL G 765 -68.66 0.89 -36.89
CA VAL G 765 -68.47 2.17 -37.56
C VAL G 765 -67.26 2.08 -38.48
N GLY G 766 -67.42 2.53 -39.72
CA GLY G 766 -66.38 2.42 -40.72
C GLY G 766 -66.25 1.08 -41.40
N LYS G 767 -67.11 0.10 -41.06
CA LYS G 767 -67.05 -1.22 -41.66
C LYS G 767 -65.67 -1.84 -41.47
N ILE G 768 -65.17 -1.77 -40.23
CA ILE G 768 -63.88 -2.35 -39.86
C ILE G 768 -64.06 -3.75 -39.32
N GLU G 769 -63.35 -4.72 -39.91
CA GLU G 769 -63.39 -6.10 -39.43
C GLU G 769 -62.82 -6.23 -38.02
N HIS G 770 -63.60 -6.85 -37.12
CA HIS G 770 -63.16 -7.01 -35.74
C HIS G 770 -61.88 -7.83 -35.65
N SER G 771 -61.78 -8.90 -36.45
CA SER G 771 -60.56 -9.71 -36.42
C SER G 771 -59.33 -8.90 -36.79
N PHE G 772 -59.48 -7.94 -37.70
CA PHE G 772 -58.37 -7.06 -38.07
C PHE G 772 -57.95 -6.16 -36.90
N TRP G 773 -58.91 -5.45 -36.31
CA TRP G 773 -58.60 -4.52 -35.23
C TRP G 773 -57.86 -5.19 -34.10
N ARG G 774 -58.35 -6.32 -33.63
CA ARG G 774 -57.72 -6.99 -32.49
C ARG G 774 -56.51 -7.82 -32.89
N SER G 775 -56.15 -7.85 -34.17
CA SER G 775 -54.94 -8.55 -34.58
C SER G 775 -53.71 -7.86 -34.00
N PHE G 776 -52.80 -8.67 -33.46
CA PHE G 776 -51.51 -8.19 -32.98
C PHE G 776 -50.83 -7.39 -34.07
N HIS G 777 -50.26 -6.23 -33.70
CA HIS G 777 -49.74 -5.35 -34.74
C HIS G 777 -48.57 -4.53 -34.21
N THR G 778 -47.43 -4.68 -34.89
CA THR G 778 -46.31 -3.76 -34.82
C THR G 778 -46.07 -3.21 -36.22
N GLU G 779 -45.20 -2.20 -36.33
CA GLU G 779 -44.89 -1.70 -37.66
C GLU G 779 -44.31 -2.79 -38.56
N ARG G 780 -43.76 -3.84 -37.97
CA ARG G 780 -43.06 -4.86 -38.74
C ARG G 780 -43.82 -6.17 -38.88
N LYS G 781 -44.69 -6.54 -37.93
CA LYS G 781 -45.47 -7.77 -38.09
C LYS G 781 -46.91 -7.55 -37.71
N THR G 782 -47.79 -8.35 -38.31
CA THR G 782 -49.21 -8.39 -37.96
C THR G 782 -49.67 -9.84 -37.94
N GLU G 783 -50.21 -10.29 -36.81
CA GLU G 783 -50.73 -11.64 -36.65
C GLU G 783 -52.14 -11.58 -36.08
N PRO G 784 -52.98 -12.56 -36.41
CA PRO G 784 -54.33 -12.62 -35.81
C PRO G 784 -54.29 -12.93 -34.33
N ALA G 785 -55.23 -12.34 -33.60
CA ALA G 785 -55.31 -12.55 -32.16
C ALA G 785 -55.55 -14.02 -31.83
N THR G 786 -55.06 -14.43 -30.66
CA THR G 786 -55.24 -15.81 -30.21
C THR G 786 -55.18 -15.84 -28.69
N GLY G 787 -56.01 -16.68 -28.08
CA GLY G 787 -55.99 -16.86 -26.64
C GLY G 787 -56.70 -15.78 -25.86
N PHE G 788 -57.40 -14.88 -26.53
CA PHE G 788 -58.03 -13.73 -25.88
C PHE G 788 -59.46 -13.56 -26.36
N ILE G 789 -60.38 -13.35 -25.42
CA ILE G 789 -61.76 -13.01 -25.71
C ILE G 789 -61.96 -11.52 -25.48
N ASP G 790 -62.39 -10.81 -26.52
CA ASP G 790 -62.72 -9.39 -26.41
C ASP G 790 -64.00 -9.26 -25.60
N GLY G 791 -63.87 -9.11 -24.28
CA GLY G 791 -65.04 -9.17 -23.42
C GLY G 791 -66.12 -8.18 -23.78
N ASP G 792 -65.75 -7.02 -24.31
CA ASP G 792 -66.73 -6.02 -24.71
C ASP G 792 -67.56 -6.47 -25.90
N LEU G 793 -67.01 -7.35 -26.74
CA LEU G 793 -67.82 -7.92 -27.82
C LEU G 793 -68.84 -8.88 -27.25
N ILE G 794 -68.42 -9.76 -26.33
CA ILE G 794 -69.36 -10.68 -25.68
C ILE G 794 -70.43 -9.91 -24.93
N GLU G 795 -70.03 -8.87 -24.19
CA GLU G 795 -70.97 -8.08 -23.39
C GLU G 795 -71.84 -7.17 -24.24
N SER G 796 -71.59 -7.10 -25.55
CA SER G 796 -72.48 -6.37 -26.46
C SER G 796 -73.64 -7.23 -26.94
N PHE G 797 -73.60 -8.54 -26.67
CA PHE G 797 -74.70 -9.43 -27.00
C PHE G 797 -76.01 -9.03 -26.33
N LEU G 798 -75.94 -8.53 -25.10
CA LEU G 798 -77.18 -8.19 -24.42
C LEU G 798 -77.93 -7.04 -25.06
N ASP G 799 -77.24 -6.19 -25.81
CA ASP G 799 -77.82 -4.99 -26.36
C ASP G 799 -78.33 -5.19 -27.76
N ILE G 800 -78.19 -6.39 -28.32
CA ILE G 800 -78.60 -6.64 -29.69
C ILE G 800 -80.08 -7.01 -29.71
N SER G 801 -80.70 -6.79 -30.86
CA SER G 801 -82.12 -7.07 -31.01
C SER G 801 -82.38 -8.57 -30.92
N ARG G 802 -83.61 -8.91 -30.57
CA ARG G 802 -83.97 -10.32 -30.44
C ARG G 802 -83.78 -11.13 -31.71
N PRO G 803 -84.14 -10.65 -32.91
CA PRO G 803 -83.85 -11.47 -34.12
C PRO G 803 -82.40 -11.87 -34.20
N LYS G 804 -81.49 -10.95 -33.87
CA LYS G 804 -80.06 -11.22 -33.93
C LYS G 804 -79.65 -12.18 -32.83
N MET G 805 -80.27 -12.09 -31.66
CA MET G 805 -79.98 -13.08 -30.62
C MET G 805 -80.17 -14.47 -31.18
N GLN G 806 -81.23 -14.66 -31.96
CA GLN G 806 -81.52 -15.96 -32.56
C GLN G 806 -80.51 -16.31 -33.64
N GLU G 807 -80.04 -15.33 -34.42
CA GLU G 807 -79.01 -15.62 -35.42
C GLU G 807 -77.74 -16.10 -34.74
N VAL G 808 -77.46 -15.62 -33.53
CA VAL G 808 -76.26 -16.03 -32.81
C VAL G 808 -76.40 -17.45 -32.29
N VAL G 809 -77.58 -17.80 -31.76
CA VAL G 809 -77.74 -19.11 -31.12
C VAL G 809 -78.11 -20.22 -32.10
N ALA G 810 -78.38 -19.90 -33.36
CA ALA G 810 -78.69 -20.93 -34.33
C ALA G 810 -77.51 -21.89 -34.44
N ASN G 811 -77.80 -23.18 -34.33
CA ASN G 811 -76.78 -24.21 -34.52
C ASN G 811 -75.68 -24.16 -33.48
N LEU G 812 -75.98 -23.64 -32.29
CA LEU G 812 -75.00 -23.45 -31.24
C LEU G 812 -75.10 -24.53 -30.18
N GLN G 813 -73.96 -25.12 -29.82
CA GLN G 813 -73.90 -26.16 -28.79
C GLN G 813 -73.33 -25.60 -27.50
N TYR G 814 -74.16 -25.56 -26.48
CA TYR G 814 -73.82 -25.09 -25.14
C TYR G 814 -73.42 -26.25 -24.23
N ASP G 815 -72.32 -26.06 -23.50
CA ASP G 815 -71.88 -27.03 -22.50
C ASP G 815 -72.55 -26.63 -21.20
N ASP G 816 -73.41 -27.51 -20.68
CA ASP G 816 -74.26 -27.23 -19.51
C ASP G 816 -73.97 -28.27 -18.44
N GLY G 817 -73.13 -27.89 -17.49
CA GLY G 817 -72.66 -28.81 -16.46
C GLY G 817 -71.28 -29.34 -16.77
N SER G 818 -71.16 -30.66 -16.99
CA SER G 818 -69.89 -31.26 -17.39
C SER G 818 -70.18 -32.38 -18.38
N GLY G 819 -69.97 -32.10 -19.67
CA GLY G 819 -70.14 -33.08 -20.71
C GLY G 819 -71.51 -33.14 -21.37
N MET G 820 -72.54 -32.61 -20.72
CA MET G 820 -73.92 -32.70 -21.24
C MET G 820 -74.11 -31.56 -22.24
N LYS G 821 -73.79 -31.85 -23.49
CA LYS G 821 -73.86 -30.85 -24.55
C LYS G 821 -75.28 -30.75 -25.15
N ARG G 822 -75.80 -29.52 -25.20
CA ARG G 822 -77.13 -29.24 -25.73
C ARG G 822 -77.18 -27.91 -26.48
N GLU G 823 -78.00 -27.87 -27.53
CA GLU G 823 -78.19 -26.61 -28.26
C GLU G 823 -78.64 -25.48 -27.34
N ALA G 824 -78.04 -24.31 -27.57
CA ALA G 824 -78.27 -23.14 -26.74
C ALA G 824 -79.46 -22.35 -27.24
N THR G 825 -80.24 -21.83 -26.31
CA THR G 825 -81.33 -20.91 -26.57
C THR G 825 -80.86 -19.49 -26.28
N ALA G 826 -81.64 -18.51 -26.73
CA ALA G 826 -81.30 -17.12 -26.42
C ALA G 826 -81.20 -16.92 -24.91
N ASP G 827 -82.09 -17.53 -24.14
CA ASP G 827 -82.05 -17.40 -22.70
C ASP G 827 -80.79 -18.03 -22.11
N ASP G 828 -80.24 -19.07 -22.73
CA ASP G 828 -78.99 -19.65 -22.25
C ASP G 828 -77.86 -18.64 -22.34
N LEU G 829 -77.72 -17.98 -23.50
CA LEU G 829 -76.61 -17.05 -23.70
C LEU G 829 -76.80 -15.77 -22.89
N ILE G 830 -78.03 -15.26 -22.81
CA ILE G 830 -78.25 -14.02 -22.06
C ILE G 830 -77.86 -14.19 -20.60
N LYS G 831 -78.11 -15.37 -20.04
CA LYS G 831 -77.70 -15.62 -18.66
C LYS G 831 -76.18 -15.63 -18.55
N VAL G 832 -75.50 -16.25 -19.51
CA VAL G 832 -74.04 -16.31 -19.46
C VAL G 832 -73.44 -14.90 -19.56
N VAL G 833 -73.93 -14.10 -20.51
CA VAL G 833 -73.37 -12.76 -20.69
C VAL G 833 -73.59 -11.91 -19.43
N GLU G 834 -74.73 -12.10 -18.77
CA GLU G 834 -74.99 -11.34 -17.55
C GLU G 834 -74.00 -11.71 -16.46
N GLU G 835 -73.70 -13.01 -16.32
CA GLU G 835 -72.75 -13.41 -15.29
C GLU G 835 -71.37 -12.82 -15.55
N LEU G 836 -70.97 -12.75 -16.83
CA LEU G 836 -69.67 -12.17 -17.17
C LEU G 836 -69.63 -10.67 -16.88
N THR G 837 -70.75 -9.98 -17.07
CA THR G 837 -70.78 -8.54 -16.80
C THR G 837 -70.65 -8.23 -15.32
N ARG G 838 -70.77 -9.23 -14.43
CA ARG G 838 -70.65 -8.98 -12.99
C ARG G 838 -69.20 -8.88 -12.53
N ILE G 839 -68.25 -9.32 -13.34
CA ILE G 839 -66.85 -9.27 -12.95
C ILE G 839 -66.23 -7.88 -13.04
N HIS G 840 -66.89 -6.93 -13.72
CA HIS G 840 -66.27 -5.63 -13.92
C HIS G 840 -67.16 -4.50 -13.41
N THR H 7 -1.12 -24.93 -26.61
CA THR H 7 -0.82 -23.84 -27.54
C THR H 7 -2.11 -23.17 -28.00
N GLU H 8 -1.95 -22.06 -28.75
CA GLU H 8 -3.12 -21.32 -29.21
C GLU H 8 -3.99 -22.13 -30.15
N SER H 9 -3.47 -23.23 -30.71
CA SER H 9 -4.14 -23.96 -31.77
C SER H 9 -4.88 -25.21 -31.30
N ASP H 10 -4.63 -25.69 -30.09
CA ASP H 10 -5.12 -27.00 -29.67
C ASP H 10 -6.57 -26.89 -29.16
N TRP H 11 -7.48 -26.74 -30.13
CA TRP H 11 -8.89 -26.57 -29.83
C TRP H 11 -9.51 -27.88 -29.40
N GLY H 12 -10.64 -27.77 -28.71
CA GLY H 12 -11.42 -28.93 -28.33
C GLY H 12 -10.98 -29.59 -27.05
N LYS H 13 -9.87 -29.15 -26.47
CA LYS H 13 -9.33 -29.76 -25.26
C LYS H 13 -9.70 -28.99 -24.01
N ARG H 14 -9.53 -27.67 -24.01
CA ARG H 14 -9.86 -26.85 -22.85
C ARG H 14 -11.33 -26.97 -22.49
N CYS H 15 -11.60 -26.96 -21.19
CA CYS H 15 -12.93 -27.20 -20.67
C CYS H 15 -13.74 -25.92 -20.56
N VAL H 16 -15.07 -26.06 -20.71
CA VAL H 16 -15.96 -24.92 -20.56
C VAL H 16 -16.03 -24.42 -19.12
N ASP H 17 -15.37 -25.11 -18.18
CA ASP H 17 -15.29 -24.58 -16.81
C ASP H 17 -14.59 -23.24 -16.76
N LYS H 18 -13.80 -22.89 -17.78
CA LYS H 18 -13.07 -21.63 -17.85
C LYS H 18 -13.98 -20.45 -18.12
N PHE H 19 -15.27 -20.68 -18.33
CA PHE H 19 -16.24 -19.62 -18.60
C PHE H 19 -17.32 -19.61 -17.53
N ASP H 20 -17.71 -18.41 -17.08
CA ASP H 20 -18.90 -18.23 -16.25
C ASP H 20 -20.10 -17.96 -17.15
N ILE H 21 -21.11 -18.83 -17.08
CA ILE H 21 -22.27 -18.71 -17.97
C ILE H 21 -23.20 -17.65 -17.39
N ILE H 22 -23.48 -16.62 -18.20
CA ILE H 22 -24.32 -15.50 -17.76
C ILE H 22 -25.78 -15.77 -18.01
N GLY H 23 -26.11 -16.34 -19.16
CA GLY H 23 -27.49 -16.65 -19.45
C GLY H 23 -27.60 -17.27 -20.83
N ILE H 24 -28.84 -17.51 -21.26
CA ILE H 24 -29.12 -18.07 -22.58
C ILE H 24 -29.61 -16.93 -23.45
N ILE H 25 -28.81 -16.56 -24.44
CA ILE H 25 -29.18 -15.45 -25.32
C ILE H 25 -29.96 -15.89 -26.55
N GLY H 26 -29.85 -17.15 -26.95
CA GLY H 26 -30.45 -17.59 -28.19
C GLY H 26 -30.84 -19.06 -28.19
N GLU H 27 -31.80 -19.39 -29.04
CA GLU H 27 -32.30 -20.74 -29.24
C GLU H 27 -32.69 -20.84 -30.70
N GLY H 28 -32.96 -22.07 -31.12
CA GLY H 28 -33.48 -22.34 -32.46
C GLY H 28 -32.63 -23.27 -33.30
N THR H 29 -32.57 -23.03 -34.63
CA THR H 29 -31.82 -23.95 -35.49
C THR H 29 -30.35 -23.93 -35.14
N TYR H 30 -29.81 -22.76 -34.85
CA TYR H 30 -28.42 -22.57 -34.44
C TYR H 30 -28.19 -23.09 -33.03
N GLY H 31 -28.68 -24.30 -32.70
CA GLY H 31 -28.38 -24.83 -31.38
C GLY H 31 -28.93 -23.93 -30.29
N GLN H 32 -28.24 -23.94 -29.15
CA GLN H 32 -28.46 -23.01 -28.05
C GLN H 32 -27.24 -22.12 -27.86
N VAL H 33 -27.44 -20.81 -27.74
CA VAL H 33 -26.34 -19.87 -27.57
C VAL H 33 -26.44 -19.25 -26.18
N TYR H 34 -25.34 -19.30 -25.45
CA TYR H 34 -25.24 -18.77 -24.10
C TYR H 34 -24.21 -17.64 -24.10
N LYS H 35 -24.51 -16.55 -23.39
CA LYS H 35 -23.55 -15.48 -23.16
C LYS H 35 -22.72 -15.84 -21.94
N ALA H 36 -21.40 -15.70 -22.03
CA ALA H 36 -20.53 -16.10 -20.95
C ALA H 36 -19.42 -15.07 -20.74
N LYS H 37 -18.76 -15.15 -19.59
CA LYS H 37 -17.59 -14.34 -19.27
C LYS H 37 -16.42 -15.27 -19.01
N ASP H 38 -15.30 -14.99 -19.68
CA ASP H 38 -14.07 -15.76 -19.47
C ASP H 38 -13.49 -15.44 -18.10
N LYS H 39 -13.15 -16.50 -17.34
CA LYS H 39 -12.63 -16.28 -15.99
C LYS H 39 -11.24 -15.66 -16.00
N ASP H 40 -10.36 -16.06 -16.93
CA ASP H 40 -9.00 -15.53 -16.89
C ASP H 40 -8.91 -14.10 -17.41
N THR H 41 -9.56 -13.82 -18.55
CA THR H 41 -9.41 -12.52 -19.21
C THR H 41 -10.55 -11.56 -18.94
N GLY H 42 -11.72 -12.06 -18.54
CA GLY H 42 -12.89 -11.22 -18.40
C GLY H 42 -13.56 -10.82 -19.70
N GLU H 43 -13.26 -11.48 -20.82
CA GLU H 43 -13.85 -11.09 -22.09
C GLU H 43 -15.23 -11.73 -22.21
N LEU H 44 -16.20 -10.97 -22.70
CA LEU H 44 -17.51 -11.54 -22.97
C LEU H 44 -17.46 -12.35 -24.26
N VAL H 45 -17.97 -13.57 -24.21
CA VAL H 45 -17.97 -14.49 -25.34
C VAL H 45 -19.39 -15.00 -25.52
N ALA H 46 -19.61 -15.77 -26.57
CA ALA H 46 -20.89 -16.44 -26.80
C ALA H 46 -20.60 -17.88 -27.19
N LEU H 47 -21.27 -18.82 -26.52
CA LEU H 47 -21.02 -20.24 -26.70
C LEU H 47 -22.21 -20.89 -27.39
N LYS H 48 -21.99 -21.50 -28.54
CA LYS H 48 -23.00 -22.29 -29.23
C LYS H 48 -22.80 -23.76 -28.87
N LYS H 49 -23.80 -24.36 -28.23
CA LYS H 49 -23.73 -25.76 -27.80
C LYS H 49 -24.09 -26.68 -28.96
N VAL H 50 -23.19 -27.59 -29.29
CA VAL H 50 -23.47 -28.70 -30.20
C VAL H 50 -23.47 -30.01 -29.43
N ARG H 51 -24.55 -30.77 -29.57
CA ARG H 51 -24.73 -32.03 -28.85
C ARG H 51 -24.43 -33.17 -29.81
N LEU H 52 -23.49 -34.04 -29.42
CA LEU H 52 -23.19 -35.23 -30.18
C LEU H 52 -23.92 -36.43 -29.62
N ASP H 53 -24.77 -36.20 -28.62
CA ASP H 53 -25.48 -37.28 -27.95
C ASP H 53 -26.53 -37.93 -28.83
N ASN H 54 -27.12 -37.18 -29.76
CA ASN H 54 -28.12 -37.78 -30.64
C ASN H 54 -27.51 -38.93 -31.44
N GLU H 55 -26.28 -38.74 -31.93
CA GLU H 55 -25.55 -39.79 -32.64
C GLU H 55 -26.37 -40.32 -33.81
N LYS H 56 -27.40 -39.57 -34.20
CA LYS H 56 -28.10 -39.85 -35.45
C LYS H 56 -27.15 -39.72 -36.63
N GLU H 57 -26.38 -38.63 -36.65
CA GLU H 57 -25.29 -38.42 -37.60
C GLU H 57 -24.05 -37.88 -36.91
N GLY H 58 -23.93 -38.06 -35.60
CA GLY H 58 -22.74 -37.57 -34.91
C GLY H 58 -22.68 -36.05 -34.89
N PHE H 59 -21.47 -35.53 -35.02
CA PHE H 59 -21.26 -34.08 -34.98
C PHE H 59 -22.11 -33.44 -36.08
N PRO H 60 -22.90 -32.40 -35.75
CA PRO H 60 -23.78 -31.80 -36.76
C PRO H 60 -22.97 -31.22 -37.93
N ILE H 61 -23.54 -31.34 -39.13
CA ILE H 61 -22.85 -30.82 -40.30
C ILE H 61 -22.91 -29.30 -40.32
N THR H 62 -24.00 -28.71 -39.80
CA THR H 62 -24.06 -27.26 -39.68
C THR H 62 -22.90 -26.72 -38.85
N ALA H 63 -22.60 -27.38 -37.71
CA ALA H 63 -21.46 -26.97 -36.90
C ALA H 63 -20.15 -27.21 -37.64
N ILE H 64 -20.06 -28.32 -38.37
CA ILE H 64 -18.86 -28.62 -39.15
C ILE H 64 -18.65 -27.56 -40.22
N ARG H 65 -19.72 -27.12 -40.87
CA ARG H 65 -19.53 -26.08 -41.88
C ARG H 65 -19.04 -24.80 -41.23
N GLU H 66 -19.63 -24.42 -40.09
CA GLU H 66 -19.26 -23.17 -39.45
C GLU H 66 -17.83 -23.21 -38.94
N ILE H 67 -17.39 -24.37 -38.44
CA ILE H 67 -16.00 -24.50 -38.00
C ILE H 67 -15.06 -24.50 -39.20
N LYS H 68 -15.39 -25.30 -40.21
CA LYS H 68 -14.55 -25.41 -41.40
C LYS H 68 -14.37 -24.06 -42.06
N ILE H 69 -15.45 -23.28 -42.17
CA ILE H 69 -15.41 -22.06 -42.94
C ILE H 69 -14.86 -20.90 -42.12
N LEU H 70 -15.25 -20.77 -40.86
CA LEU H 70 -14.84 -19.59 -40.10
C LEU H 70 -13.40 -19.66 -39.59
N ARG H 71 -12.74 -20.82 -39.63
CA ARG H 71 -11.31 -20.85 -39.37
C ARG H 71 -10.51 -20.49 -40.61
N GLN H 72 -11.19 -20.35 -41.75
CA GLN H 72 -10.58 -19.89 -43.00
C GLN H 72 -10.81 -18.41 -43.23
N LEU H 73 -11.84 -17.84 -42.63
CA LEU H 73 -12.27 -16.47 -42.89
C LEU H 73 -11.82 -15.56 -41.76
N ILE H 74 -11.01 -14.56 -42.10
CA ILE H 74 -10.52 -13.57 -41.16
C ILE H 74 -10.84 -12.21 -41.76
N HIS H 75 -11.86 -11.54 -41.22
CA HIS H 75 -12.24 -10.23 -41.71
C HIS H 75 -12.91 -9.49 -40.57
N ARG H 76 -12.78 -8.16 -40.57
CA ARG H 76 -13.38 -7.38 -39.50
C ARG H 76 -14.89 -7.58 -39.44
N SER H 77 -15.51 -7.81 -40.60
CA SER H 77 -16.96 -7.90 -40.72
C SER H 77 -17.47 -9.33 -40.75
N VAL H 78 -16.63 -10.30 -40.40
CA VAL H 78 -17.03 -11.70 -40.31
C VAL H 78 -16.86 -12.13 -38.85
N VAL H 79 -17.90 -12.78 -38.29
CA VAL H 79 -17.84 -13.13 -36.88
C VAL H 79 -16.66 -14.06 -36.65
N ASN H 80 -15.98 -13.87 -35.53
CA ASN H 80 -14.74 -14.59 -35.26
C ASN H 80 -15.01 -15.72 -34.26
N MET H 81 -14.70 -16.95 -34.68
CA MET H 81 -14.72 -18.10 -33.80
C MET H 81 -13.39 -18.19 -33.07
N LYS H 82 -13.44 -18.05 -31.74
CA LYS H 82 -12.22 -17.92 -30.94
C LYS H 82 -11.62 -19.28 -30.61
N GLU H 83 -12.43 -20.23 -30.21
CA GLU H 83 -11.94 -21.57 -29.90
C GLU H 83 -13.14 -22.48 -29.68
N ILE H 84 -12.85 -23.76 -29.44
CA ILE H 84 -13.86 -24.77 -29.16
C ILE H 84 -13.51 -25.44 -27.84
N VAL H 85 -14.48 -25.51 -26.93
CA VAL H 85 -14.30 -26.07 -25.61
C VAL H 85 -15.35 -27.15 -25.41
N THR H 86 -15.11 -28.00 -24.42
CA THR H 86 -15.90 -29.20 -24.21
C THR H 86 -16.45 -29.22 -22.79
N ASP H 87 -17.52 -30.00 -22.59
CA ASP H 87 -17.96 -30.31 -21.25
C ASP H 87 -16.90 -31.16 -20.55
N LYS H 88 -16.90 -31.10 -19.22
CA LYS H 88 -15.98 -31.90 -18.43
C LYS H 88 -16.10 -33.36 -18.82
N GLN H 89 -14.96 -33.96 -19.19
CA GLN H 89 -14.93 -35.37 -19.61
C GLN H 89 -14.80 -36.25 -18.36
N ASP H 90 -15.81 -36.13 -17.49
CA ASP H 90 -15.81 -36.84 -16.21
C ASP H 90 -15.91 -38.34 -16.37
N ALA H 91 -16.43 -38.82 -17.50
CA ALA H 91 -16.61 -40.25 -17.67
C ALA H 91 -15.25 -40.91 -17.90
N LEU H 92 -15.00 -41.99 -17.16
CA LEU H 92 -13.78 -42.76 -17.31
C LEU H 92 -13.49 -43.15 -18.75
N ASP H 93 -14.35 -43.97 -19.37
CA ASP H 93 -14.10 -44.46 -20.70
C ASP H 93 -14.54 -43.40 -21.71
N PHE H 94 -13.76 -43.26 -22.81
CA PHE H 94 -14.13 -42.29 -23.83
C PHE H 94 -15.47 -42.66 -24.45
N LYS H 95 -15.82 -43.94 -24.45
CA LYS H 95 -17.11 -44.39 -24.96
C LYS H 95 -18.25 -43.88 -24.09
N LYS H 96 -18.06 -43.82 -22.77
CA LYS H 96 -19.11 -43.38 -21.86
C LYS H 96 -19.49 -41.91 -22.09
N ASP H 97 -18.52 -41.06 -22.40
CA ASP H 97 -18.76 -39.63 -22.49
C ASP H 97 -19.86 -39.31 -23.50
N LYS H 98 -20.84 -38.51 -23.06
CA LYS H 98 -21.90 -37.98 -23.91
C LYS H 98 -21.99 -36.46 -23.83
N GLY H 99 -20.92 -35.82 -23.35
CA GLY H 99 -20.88 -34.37 -23.26
C GLY H 99 -20.95 -33.68 -24.62
N ALA H 100 -21.30 -32.40 -24.58
CA ALA H 100 -21.41 -31.57 -25.76
C ALA H 100 -20.19 -30.65 -25.92
N PHE H 101 -19.96 -30.22 -27.15
CA PHE H 101 -18.91 -29.25 -27.45
C PHE H 101 -19.52 -27.85 -27.56
N TYR H 102 -18.75 -26.84 -27.19
CA TYR H 102 -19.18 -25.45 -27.28
C TYR H 102 -18.27 -24.69 -28.23
N LEU H 103 -18.88 -23.95 -29.16
CA LEU H 103 -18.14 -23.10 -30.08
C LEU H 103 -18.07 -21.71 -29.48
N VAL H 104 -16.85 -21.23 -29.22
CA VAL H 104 -16.65 -19.93 -28.60
C VAL H 104 -16.61 -18.87 -29.68
N PHE H 105 -17.39 -17.82 -29.51
CA PHE H 105 -17.38 -16.67 -30.40
C PHE H 105 -17.15 -15.41 -29.57
N GLU H 106 -16.89 -14.32 -30.27
CA GLU H 106 -16.91 -12.99 -29.68
C GLU H 106 -18.36 -12.56 -29.43
N TYR H 107 -18.60 -11.84 -28.34
CA TYR H 107 -19.95 -11.40 -28.02
C TYR H 107 -20.21 -10.11 -28.80
N MET H 108 -21.21 -10.15 -29.67
CA MET H 108 -21.69 -8.95 -30.37
C MET H 108 -22.88 -8.40 -29.61
N ASP H 109 -22.87 -7.09 -29.36
CA ASP H 109 -23.82 -6.51 -28.43
C ASP H 109 -25.26 -6.69 -28.90
N HIS H 110 -25.52 -6.52 -30.18
CA HIS H 110 -26.89 -6.56 -30.69
C HIS H 110 -26.97 -7.26 -32.04
N ASP H 111 -28.20 -7.60 -32.42
CA ASP H 111 -28.56 -8.09 -33.74
C ASP H 111 -29.54 -7.12 -34.40
N LEU H 112 -29.50 -7.08 -35.74
CA LEU H 112 -30.30 -6.07 -36.44
C LEU H 112 -31.78 -6.30 -36.21
N MET H 113 -32.22 -7.57 -36.23
CA MET H 113 -33.65 -7.86 -36.03
C MET H 113 -34.10 -7.37 -34.66
N GLY H 114 -33.35 -7.71 -33.61
CA GLY H 114 -33.71 -7.25 -32.29
C GLY H 114 -33.79 -5.73 -32.17
N LEU H 115 -32.83 -5.01 -32.79
CA LEU H 115 -32.86 -3.55 -32.69
C LEU H 115 -34.05 -2.98 -33.42
N LEU H 116 -34.38 -3.52 -34.59
CA LEU H 116 -35.49 -3.00 -35.38
C LEU H 116 -36.85 -3.46 -34.84
N GLU H 117 -36.95 -4.73 -34.43
CA GLU H 117 -38.24 -5.28 -33.98
C GLU H 117 -38.76 -4.50 -32.78
N SER H 118 -37.90 -4.18 -31.82
CA SER H 118 -38.30 -3.38 -30.66
C SER H 118 -38.52 -1.91 -31.00
N GLY H 119 -38.25 -1.51 -32.25
CA GLY H 119 -38.52 -0.16 -32.68
C GLY H 119 -37.67 0.90 -32.02
N LEU H 120 -36.51 0.52 -31.50
CA LEU H 120 -35.71 1.40 -30.66
C LEU H 120 -34.67 2.15 -31.45
N VAL H 121 -34.53 1.88 -32.75
CA VAL H 121 -33.39 2.36 -33.52
C VAL H 121 -33.83 3.39 -34.53
N HIS H 122 -32.91 4.30 -34.85
CA HIS H 122 -33.07 5.15 -36.00
C HIS H 122 -31.78 5.14 -36.80
N PHE H 123 -31.89 4.98 -38.11
CA PHE H 123 -30.75 5.00 -39.00
C PHE H 123 -30.84 6.23 -39.88
N SER H 124 -29.81 7.07 -39.84
CA SER H 124 -29.66 8.14 -40.80
C SER H 124 -29.00 7.58 -42.05
N GLU H 125 -28.91 8.41 -43.08
CA GLU H 125 -28.23 7.98 -44.29
C GLU H 125 -26.79 7.59 -43.98
N ASP H 126 -26.13 8.36 -43.12
CA ASP H 126 -24.73 8.07 -42.84
C ASP H 126 -24.59 6.77 -42.04
N HIS H 127 -25.58 6.44 -41.21
CA HIS H 127 -25.54 5.15 -40.51
C HIS H 127 -25.76 4.01 -41.50
N ILE H 128 -26.64 4.19 -42.48
CA ILE H 128 -26.85 3.13 -43.45
C ILE H 128 -25.63 2.95 -44.32
N LYS H 129 -24.91 4.04 -44.60
CA LYS H 129 -23.68 3.90 -45.39
C LYS H 129 -22.64 3.07 -44.64
N SER H 130 -22.34 3.43 -43.38
CA SER H 130 -21.34 2.69 -42.62
C SER H 130 -21.78 1.25 -42.41
N PHE H 131 -23.08 1.02 -42.25
CA PHE H 131 -23.62 -0.33 -42.10
C PHE H 131 -23.38 -1.15 -43.37
N MET H 132 -23.85 -0.63 -44.50
CA MET H 132 -23.76 -1.40 -45.75
C MET H 132 -22.32 -1.57 -46.19
N LYS H 133 -21.47 -0.56 -46.02
CA LYS H 133 -20.10 -0.74 -46.49
C LYS H 133 -19.45 -1.91 -45.77
N GLN H 134 -19.64 -1.98 -44.46
CA GLN H 134 -19.08 -3.09 -43.71
C GLN H 134 -19.73 -4.39 -44.13
N LEU H 135 -21.06 -4.43 -44.20
CA LEU H 135 -21.74 -5.67 -44.54
C LEU H 135 -21.27 -6.18 -45.90
N MET H 136 -21.24 -5.29 -46.90
CA MET H 136 -20.87 -5.70 -48.24
C MET H 136 -19.37 -5.95 -48.38
N GLU H 137 -18.55 -5.27 -47.58
CA GLU H 137 -17.14 -5.63 -47.57
C GLU H 137 -16.94 -7.05 -47.08
N GLY H 138 -17.67 -7.44 -46.02
CA GLY H 138 -17.59 -8.81 -45.55
C GLY H 138 -18.10 -9.81 -46.58
N LEU H 139 -19.23 -9.52 -47.20
CA LEU H 139 -19.77 -10.43 -48.20
C LEU H 139 -18.79 -10.63 -49.34
N GLU H 140 -18.10 -9.56 -49.76
CA GLU H 140 -17.12 -9.68 -50.83
C GLU H 140 -15.99 -10.63 -50.42
N TYR H 141 -15.47 -10.46 -49.21
CA TYR H 141 -14.41 -11.36 -48.74
C TYR H 141 -14.84 -12.81 -48.86
N CYS H 142 -16.05 -13.12 -48.41
CA CYS H 142 -16.56 -14.49 -48.47
C CYS H 142 -16.78 -14.95 -49.90
N HIS H 143 -17.38 -14.10 -50.73
CA HIS H 143 -17.56 -14.48 -52.12
C HIS H 143 -16.21 -14.61 -52.80
N LYS H 144 -15.24 -13.79 -52.41
CA LYS H 144 -13.88 -13.94 -52.94
C LYS H 144 -13.25 -15.27 -52.53
N LYS H 145 -13.62 -15.81 -51.37
CA LYS H 145 -13.13 -17.12 -50.98
C LYS H 145 -14.07 -18.24 -51.46
N ASN H 146 -15.03 -17.91 -52.33
CA ASN H 146 -15.96 -18.86 -52.96
C ASN H 146 -16.87 -19.55 -51.95
N PHE H 147 -17.43 -18.76 -51.05
CA PHE H 147 -18.38 -19.27 -50.07
C PHE H 147 -19.72 -18.54 -50.22
N LEU H 148 -20.82 -19.28 -50.14
CA LEU H 148 -22.16 -18.73 -50.24
C LEU H 148 -22.77 -18.71 -48.84
N HIS H 149 -23.23 -17.55 -48.38
CA HIS H 149 -23.76 -17.48 -47.03
C HIS H 149 -25.04 -18.30 -46.89
N ARG H 150 -26.05 -18.00 -47.71
CA ARG H 150 -27.25 -18.80 -47.85
C ARG H 150 -28.21 -18.63 -46.69
N ASP H 151 -27.93 -17.73 -45.76
CA ASP H 151 -28.89 -17.44 -44.70
C ASP H 151 -28.75 -16.00 -44.24
N ILE H 152 -28.84 -15.05 -45.17
CA ILE H 152 -28.69 -13.63 -44.83
C ILE H 152 -30.07 -13.13 -44.41
N LYS H 153 -30.23 -12.84 -43.12
CA LYS H 153 -31.47 -12.25 -42.61
C LYS H 153 -31.05 -11.18 -41.61
N CYS H 154 -32.02 -10.40 -41.12
CA CYS H 154 -31.66 -9.39 -40.14
C CYS H 154 -31.14 -10.00 -38.86
N SER H 155 -31.54 -11.23 -38.54
CA SER H 155 -31.11 -11.85 -37.29
C SER H 155 -29.66 -12.30 -37.33
N ASN H 156 -29.12 -12.59 -38.50
CA ASN H 156 -27.76 -13.08 -38.62
C ASN H 156 -26.75 -11.99 -38.91
N ILE H 157 -27.16 -10.73 -38.95
CA ILE H 157 -26.25 -9.60 -39.02
C ILE H 157 -26.14 -9.02 -37.62
N LEU H 158 -24.94 -9.01 -37.06
CA LEU H 158 -24.73 -8.58 -35.68
C LEU H 158 -23.90 -7.30 -35.63
N LEU H 159 -24.32 -6.35 -34.79
CA LEU H 159 -23.63 -5.09 -34.61
C LEU H 159 -23.45 -4.81 -33.13
N ASN H 160 -22.22 -4.48 -32.72
CA ASN H 160 -21.98 -3.99 -31.36
C ASN H 160 -22.18 -2.48 -31.32
N ASN H 161 -22.18 -1.93 -30.10
CA ASN H 161 -22.55 -0.52 -29.94
C ASN H 161 -21.60 0.42 -30.68
N SER H 162 -20.33 0.03 -30.86
CA SER H 162 -19.41 0.92 -31.57
C SER H 162 -19.84 1.14 -33.03
N GLY H 163 -20.68 0.28 -33.57
CA GLY H 163 -21.04 0.34 -34.97
C GLY H 163 -20.33 -0.65 -35.87
N GLN H 164 -19.48 -1.51 -35.32
CA GLN H 164 -18.89 -2.57 -36.13
C GLN H 164 -19.93 -3.65 -36.41
N ILE H 165 -19.95 -4.13 -37.64
CA ILE H 165 -20.92 -5.11 -38.10
C ILE H 165 -20.19 -6.40 -38.42
N LYS H 166 -20.77 -7.53 -38.00
CA LYS H 166 -20.26 -8.85 -38.32
C LYS H 166 -21.41 -9.75 -38.77
N LEU H 167 -21.15 -10.58 -39.79
CA LEU H 167 -22.08 -11.58 -40.30
C LEU H 167 -21.88 -12.85 -39.49
N ALA H 168 -22.92 -13.68 -39.40
CA ALA H 168 -22.84 -14.67 -38.33
C ALA H 168 -23.20 -16.13 -38.60
N ASP H 169 -24.40 -16.42 -39.05
CA ASP H 169 -24.82 -17.81 -39.11
C ASP H 169 -24.33 -18.44 -40.43
N PHE H 170 -23.12 -18.99 -40.38
CA PHE H 170 -22.55 -19.72 -41.52
C PHE H 170 -22.85 -21.21 -41.49
N GLY H 171 -23.91 -21.63 -40.79
CA GLY H 171 -24.25 -23.03 -40.71
C GLY H 171 -24.69 -23.62 -42.02
N LEU H 172 -25.31 -22.79 -42.87
CA LEU H 172 -25.81 -23.23 -44.17
C LEU H 172 -24.89 -22.83 -45.32
N ALA H 173 -23.64 -22.46 -45.02
CA ALA H 173 -22.72 -22.00 -46.05
C ALA H 173 -22.02 -23.15 -46.77
N ARG H 174 -21.80 -22.98 -48.07
CA ARG H 174 -21.18 -24.02 -48.89
C ARG H 174 -20.25 -23.38 -49.91
N LEU H 175 -19.28 -24.18 -50.38
CA LEU H 175 -18.33 -23.71 -51.39
C LEU H 175 -19.01 -23.64 -52.75
N TYR H 176 -18.63 -22.66 -53.56
CA TYR H 176 -19.22 -22.41 -54.88
C TYR H 176 -18.16 -22.58 -55.96
N ASN H 177 -18.44 -23.44 -56.93
CA ASN H 177 -17.62 -23.56 -58.13
C ASN H 177 -18.45 -23.22 -59.36
N SER H 178 -18.01 -22.21 -60.12
CA SER H 178 -18.70 -21.83 -61.36
C SER H 178 -18.35 -22.74 -62.53
N GLU H 179 -17.14 -23.30 -62.56
CA GLU H 179 -16.75 -24.20 -63.63
C GLU H 179 -17.39 -25.57 -63.48
N GLU H 180 -17.77 -25.92 -62.26
CA GLU H 180 -18.39 -27.20 -61.91
C GLU H 180 -19.77 -26.89 -61.35
N SER H 181 -20.81 -26.96 -62.18
CA SER H 181 -22.15 -26.78 -61.66
C SER H 181 -22.55 -28.02 -60.87
N ARG H 182 -22.90 -27.84 -59.59
CA ARG H 182 -23.38 -28.94 -58.78
C ARG H 182 -24.77 -28.57 -58.27
N PRO H 183 -25.70 -29.52 -58.16
CA PRO H 183 -27.05 -29.17 -57.67
C PRO H 183 -26.99 -28.87 -56.18
N TYR H 184 -27.49 -27.70 -55.80
CA TYR H 184 -27.51 -27.28 -54.40
C TYR H 184 -28.97 -27.38 -53.93
N TPO H 185 -29.25 -26.90 -52.73
CA TPO H 185 -30.57 -26.94 -52.13
CB TPO H 185 -30.37 -27.06 -50.58
CG2 TPO H 185 -31.73 -27.29 -49.96
OG1 TPO H 185 -29.48 -28.18 -50.45
P TPO H 185 -28.16 -28.05 -49.49
O1P TPO H 185 -28.17 -26.82 -48.45
O2P TPO H 185 -27.93 -29.44 -48.70
O3P TPO H 185 -26.99 -27.88 -50.39
C TPO H 185 -31.44 -25.76 -52.52
O TPO H 185 -31.03 -24.62 -52.40
H TPO H 185 -28.66 -26.53 -52.22
HA TPO H 185 -31.06 -27.72 -52.47
HB TPO H 185 -29.97 -26.18 -50.08
HG21 TPO H 185 -31.61 -27.53 -48.90
HG22 TPO H 185 -32.22 -28.12 -50.47
HG23 TPO H 185 -32.35 -26.40 -50.06
N ASN H 186 -32.66 -26.05 -52.97
CA ASN H 186 -33.53 -25.01 -53.51
C ASN H 186 -33.98 -23.96 -52.51
N LYS H 187 -34.38 -24.39 -51.32
CA LYS H 187 -34.89 -23.48 -50.29
C LYS H 187 -33.83 -23.21 -49.24
N VAL H 188 -32.97 -22.22 -49.48
CA VAL H 188 -31.84 -21.97 -48.61
C VAL H 188 -31.96 -20.66 -47.83
N ILE H 189 -32.45 -19.57 -48.42
CA ILE H 189 -32.52 -18.30 -47.67
C ILE H 189 -33.92 -18.18 -47.09
N THR H 190 -34.08 -17.42 -46.00
CA THR H 190 -35.42 -17.24 -45.42
C THR H 190 -36.35 -16.60 -46.43
N LEU H 191 -37.65 -16.91 -46.34
CA LEU H 191 -38.55 -16.56 -47.44
C LEU H 191 -38.53 -15.06 -47.75
N TRP H 192 -38.51 -14.21 -46.72
CA TRP H 192 -38.55 -12.77 -46.94
C TRP H 192 -37.35 -12.29 -47.74
N TYR H 193 -36.19 -12.89 -47.50
CA TYR H 193 -34.96 -12.48 -48.16
C TYR H 193 -34.52 -13.46 -49.24
N ARG H 194 -35.39 -14.45 -49.62
CA ARG H 194 -35.01 -15.43 -50.64
C ARG H 194 -35.14 -14.78 -52.01
N PRO H 195 -34.18 -14.99 -52.91
CA PRO H 195 -34.23 -14.32 -54.23
C PRO H 195 -35.26 -14.97 -55.15
N PRO H 196 -35.65 -14.26 -56.21
CA PRO H 196 -36.67 -14.81 -57.11
C PRO H 196 -36.23 -16.10 -57.79
N GLU H 197 -34.94 -16.19 -58.10
CA GLU H 197 -34.41 -17.39 -58.75
C GLU H 197 -34.67 -18.64 -57.92
N LEU H 198 -34.43 -18.54 -56.60
CA LEU H 198 -34.63 -19.71 -55.73
C LEU H 198 -36.11 -19.96 -55.49
N LEU H 199 -36.94 -18.91 -55.60
CA LEU H 199 -38.38 -19.13 -55.52
C LEU H 199 -38.89 -19.92 -56.73
N LEU H 200 -38.28 -19.69 -57.90
CA LEU H 200 -38.61 -20.36 -59.15
C LEU H 200 -37.87 -21.68 -59.35
N GLY H 201 -37.21 -22.18 -58.32
CA GLY H 201 -36.68 -23.51 -58.29
C GLY H 201 -35.32 -23.72 -58.93
N GLU H 202 -34.48 -22.69 -58.96
CA GLU H 202 -33.10 -22.86 -59.38
C GLU H 202 -32.35 -23.66 -58.31
N GLU H 203 -31.49 -24.59 -58.75
CA GLU H 203 -30.72 -25.40 -57.84
C GLU H 203 -29.22 -25.24 -57.99
N ARG H 204 -28.77 -24.71 -59.12
CA ARG H 204 -27.36 -24.41 -59.41
C ARG H 204 -27.18 -22.90 -59.49
N TYR H 205 -27.13 -22.26 -58.33
CA TYR H 205 -27.17 -20.80 -58.23
C TYR H 205 -25.84 -20.11 -58.00
N THR H 206 -25.83 -18.82 -58.29
CA THR H 206 -24.68 -17.94 -58.14
C THR H 206 -24.57 -17.41 -56.73
N PRO H 207 -23.48 -16.71 -56.42
CA PRO H 207 -23.43 -15.98 -55.14
C PRO H 207 -24.40 -14.82 -55.09
N ALA H 208 -24.96 -14.42 -56.22
CA ALA H 208 -25.92 -13.32 -56.23
C ALA H 208 -27.13 -13.61 -55.36
N ILE H 209 -27.33 -14.86 -54.93
CA ILE H 209 -28.43 -15.14 -54.02
C ILE H 209 -28.25 -14.34 -52.73
N ASP H 210 -27.00 -14.18 -52.29
CA ASP H 210 -26.72 -13.44 -51.07
C ASP H 210 -26.86 -11.93 -51.28
N VAL H 211 -26.57 -11.45 -52.49
CA VAL H 211 -26.73 -10.03 -52.75
C VAL H 211 -28.21 -9.65 -52.67
N TRP H 212 -29.08 -10.51 -53.20
CA TRP H 212 -30.50 -10.21 -53.10
C TRP H 212 -30.93 -10.01 -51.65
N SER H 213 -30.45 -10.87 -50.76
CA SER H 213 -30.82 -10.76 -49.35
C SER H 213 -30.35 -9.43 -48.77
N CYS H 214 -29.12 -9.02 -49.09
CA CYS H 214 -28.60 -7.77 -48.56
C CYS H 214 -29.34 -6.57 -49.12
N GLY H 215 -29.75 -6.66 -50.38
CA GLY H 215 -30.56 -5.59 -50.95
C GLY H 215 -31.87 -5.43 -50.21
N CYS H 216 -32.46 -6.55 -49.80
CA CYS H 216 -33.66 -6.48 -48.98
C CYS H 216 -33.40 -5.73 -47.67
N ILE H 217 -32.18 -5.86 -47.14
CA ILE H 217 -31.79 -5.12 -45.93
C ILE H 217 -31.56 -3.66 -46.25
N LEU H 218 -30.93 -3.35 -47.38
CA LEU H 218 -30.73 -1.95 -47.70
C LEU H 218 -32.06 -1.20 -47.70
N GLY H 219 -33.08 -1.79 -48.32
CA GLY H 219 -34.40 -1.18 -48.31
C GLY H 219 -35.00 -1.11 -46.92
N GLU H 220 -34.89 -2.21 -46.16
CA GLU H 220 -35.49 -2.25 -44.83
C GLU H 220 -34.92 -1.18 -43.91
N LEU H 221 -33.66 -0.79 -44.12
CA LEU H 221 -33.07 0.25 -43.29
C LEU H 221 -33.66 1.61 -43.56
N PHE H 222 -34.25 1.80 -44.74
CA PHE H 222 -34.88 3.07 -45.07
C PHE H 222 -36.37 3.09 -44.73
N THR H 223 -36.97 1.92 -44.48
CA THR H 223 -38.35 1.84 -44.04
C THR H 223 -38.50 1.28 -42.65
N LYS H 224 -37.48 0.60 -42.11
CA LYS H 224 -37.55 -0.07 -40.81
C LYS H 224 -38.52 -1.26 -40.83
N LYS H 225 -38.99 -1.65 -42.00
CA LYS H 225 -39.91 -2.77 -42.19
C LYS H 225 -39.45 -3.60 -43.38
N PRO H 226 -39.44 -4.93 -43.26
CA PRO H 226 -39.03 -5.75 -44.42
C PRO H 226 -39.86 -5.43 -45.65
N ILE H 227 -39.22 -5.58 -46.82
CA ILE H 227 -39.87 -5.15 -48.06
C ILE H 227 -40.91 -6.16 -48.51
N PHE H 228 -40.57 -7.43 -48.48
CA PHE H 228 -41.42 -8.50 -48.99
C PHE H 228 -41.77 -9.44 -47.85
N GLN H 229 -42.96 -9.28 -47.30
CA GLN H 229 -43.44 -10.11 -46.20
C GLN H 229 -44.64 -10.92 -46.69
N ALA H 230 -44.45 -12.24 -46.75
CA ALA H 230 -45.46 -13.16 -47.21
C ALA H 230 -45.22 -14.48 -46.50
N ASN H 231 -46.23 -15.34 -46.50
CA ASN H 231 -46.10 -16.63 -45.83
C ASN H 231 -45.84 -17.77 -46.80
N LEU H 232 -46.09 -17.59 -48.09
CA LEU H 232 -45.90 -18.64 -49.08
C LEU H 232 -45.04 -18.18 -50.24
N GLU H 233 -44.34 -19.15 -50.83
CA GLU H 233 -43.36 -18.87 -51.87
C GLU H 233 -44.01 -18.18 -53.06
N LEU H 234 -45.23 -18.61 -53.42
CA LEU H 234 -45.94 -17.94 -54.51
C LEU H 234 -46.32 -16.51 -54.11
N ALA H 235 -46.84 -16.33 -52.89
CA ALA H 235 -47.22 -14.99 -52.44
C ALA H 235 -46.01 -14.08 -52.36
N GLN H 236 -44.84 -14.63 -52.02
CA GLN H 236 -43.62 -13.83 -52.01
C GLN H 236 -43.24 -13.40 -53.41
N LEU H 237 -43.31 -14.32 -54.38
CA LEU H 237 -42.97 -13.96 -55.76
C LEU H 237 -43.91 -12.88 -56.28
N GLU H 238 -45.18 -12.92 -55.87
CA GLU H 238 -46.13 -11.89 -56.25
C GLU H 238 -45.72 -10.53 -55.70
N LEU H 239 -45.31 -10.49 -54.43
CA LEU H 239 -44.87 -9.23 -53.85
C LEU H 239 -43.65 -8.70 -54.58
N ILE H 240 -42.67 -9.57 -54.80
CA ILE H 240 -41.48 -9.19 -55.56
C ILE H 240 -41.87 -8.65 -56.92
N SER H 241 -42.82 -9.30 -57.59
CA SER H 241 -43.19 -8.90 -58.93
C SER H 241 -43.85 -7.52 -58.95
N ARG H 242 -44.68 -7.22 -57.95
CA ARG H 242 -45.37 -5.93 -57.92
C ARG H 242 -44.40 -4.77 -57.89
N LEU H 243 -43.22 -4.99 -57.33
CA LEU H 243 -42.21 -3.96 -57.15
C LEU H 243 -41.15 -4.01 -58.24
N CYS H 244 -40.57 -5.18 -58.48
CA CYS H 244 -39.44 -5.31 -59.38
C CYS H 244 -39.83 -5.55 -60.83
N GLY H 245 -41.07 -5.93 -61.07
CA GLY H 245 -41.48 -6.41 -62.37
C GLY H 245 -41.60 -7.92 -62.37
N SER H 246 -42.48 -8.43 -63.19
CA SER H 246 -42.68 -9.87 -63.16
C SER H 246 -41.49 -10.58 -63.83
N PRO H 247 -41.08 -11.75 -63.32
CA PRO H 247 -40.05 -12.52 -64.04
C PRO H 247 -40.53 -12.72 -65.48
N CYS H 248 -39.80 -12.12 -66.41
CA CYS H 248 -40.19 -12.03 -67.79
C CYS H 248 -39.04 -12.50 -68.67
N PRO H 249 -39.33 -13.18 -69.78
CA PRO H 249 -38.22 -13.57 -70.67
C PRO H 249 -37.49 -12.38 -71.27
N ALA H 250 -38.11 -11.19 -71.28
CA ALA H 250 -37.49 -10.01 -71.87
C ALA H 250 -36.46 -9.38 -70.94
N VAL H 251 -36.73 -9.35 -69.63
CA VAL H 251 -35.77 -8.75 -68.70
C VAL H 251 -34.84 -9.80 -68.09
N TRP H 252 -35.21 -11.08 -68.17
CA TRP H 252 -34.48 -12.22 -67.60
C TRP H 252 -34.47 -13.28 -68.69
N PRO H 253 -33.43 -13.31 -69.52
CA PRO H 253 -33.50 -14.15 -70.72
C PRO H 253 -33.66 -15.64 -70.41
N ASP H 254 -33.05 -16.11 -69.33
CA ASP H 254 -32.96 -17.55 -69.03
C ASP H 254 -34.03 -18.03 -68.07
N VAL H 255 -35.04 -17.21 -67.78
CA VAL H 255 -36.06 -17.63 -66.84
C VAL H 255 -36.78 -18.88 -67.35
N ILE H 256 -36.84 -19.07 -68.67
CA ILE H 256 -37.53 -20.21 -69.27
C ILE H 256 -36.88 -21.51 -68.87
N ARG H 257 -35.57 -21.47 -68.60
CA ARG H 257 -34.89 -22.69 -68.15
C ARG H 257 -35.30 -23.05 -66.73
N LEU H 258 -35.83 -22.10 -65.96
CA LEU H 258 -36.16 -22.42 -64.59
C LEU H 258 -37.37 -23.36 -64.52
N PRO H 259 -37.37 -24.28 -63.57
CA PRO H 259 -38.43 -25.32 -63.57
C PRO H 259 -39.82 -24.75 -63.44
N TYR H 260 -40.00 -23.85 -62.48
CA TYR H 260 -41.31 -23.38 -62.08
C TYR H 260 -41.71 -22.09 -62.77
N PHE H 261 -41.00 -21.70 -63.83
CA PHE H 261 -41.33 -20.46 -64.51
C PHE H 261 -42.78 -20.47 -65.01
N ASN H 262 -43.18 -21.55 -65.70
CA ASN H 262 -44.57 -21.62 -66.15
C ASN H 262 -45.51 -21.86 -64.97
N THR H 263 -45.05 -22.65 -63.99
CA THR H 263 -45.88 -23.01 -62.85
C THR H 263 -46.23 -21.80 -61.98
N MET H 264 -45.21 -21.09 -61.50
CA MET H 264 -45.42 -19.97 -60.57
C MET H 264 -45.52 -18.69 -61.39
N LYS H 265 -46.73 -18.42 -61.85
CA LYS H 265 -46.89 -17.16 -62.58
C LYS H 265 -47.55 -16.12 -61.68
N PRO H 266 -47.05 -14.89 -61.69
CA PRO H 266 -47.70 -13.83 -60.91
C PRO H 266 -49.09 -13.51 -61.46
N LYS H 267 -49.88 -12.82 -60.63
CA LYS H 267 -51.25 -12.45 -61.01
C LYS H 267 -51.29 -11.84 -62.40
N LYS H 268 -50.35 -10.94 -62.68
CA LYS H 268 -50.26 -10.24 -63.96
C LYS H 268 -48.79 -10.26 -64.37
N GLN H 269 -48.49 -9.70 -65.54
CA GLN H 269 -47.12 -9.32 -65.90
C GLN H 269 -46.91 -7.85 -65.54
N TYR H 270 -46.37 -7.60 -64.34
CA TYR H 270 -46.24 -6.24 -63.81
C TYR H 270 -45.05 -5.50 -64.40
N ARG H 271 -45.16 -4.18 -64.46
CA ARG H 271 -44.00 -3.35 -64.76
C ARG H 271 -43.20 -3.07 -63.48
N ARG H 272 -41.92 -2.75 -63.66
CA ARG H 272 -41.07 -2.41 -62.53
C ARG H 272 -41.47 -1.05 -61.96
N ARG H 273 -41.61 -1.01 -60.63
CA ARG H 273 -41.99 0.21 -59.94
C ARG H 273 -41.01 0.57 -58.83
N LEU H 274 -39.87 -0.13 -58.75
CA LEU H 274 -38.98 0.01 -57.60
C LEU H 274 -38.57 1.46 -57.39
N ARG H 275 -38.12 2.13 -58.46
CA ARG H 275 -37.73 3.52 -58.29
C ARG H 275 -38.92 4.39 -57.88
N GLU H 276 -40.12 4.04 -58.34
CA GLU H 276 -41.30 4.83 -58.01
C GLU H 276 -41.71 4.65 -56.55
N GLU H 277 -41.86 3.39 -56.10
CA GLU H 277 -42.33 3.13 -54.74
C GLU H 277 -41.31 3.50 -53.68
N PHE H 278 -40.02 3.54 -54.05
CA PHE H 278 -38.96 3.98 -53.15
C PHE H 278 -38.46 5.38 -53.47
N SER H 279 -39.33 6.24 -53.98
CA SER H 279 -38.90 7.56 -54.40
C SER H 279 -38.31 8.38 -53.25
N PHE H 280 -38.60 7.98 -52.00
CA PHE H 280 -38.16 8.72 -50.82
C PHE H 280 -36.71 8.42 -50.45
N ILE H 281 -36.02 7.54 -51.17
CA ILE H 281 -34.65 7.18 -50.88
C ILE H 281 -33.67 8.07 -51.64
N PRO H 282 -32.52 8.39 -51.06
CA PRO H 282 -31.50 9.15 -51.79
C PRO H 282 -31.08 8.46 -53.10
N SER H 283 -30.69 9.29 -54.07
CA SER H 283 -30.40 8.77 -55.41
C SER H 283 -29.27 7.76 -55.39
N ALA H 284 -28.17 8.10 -54.72
CA ALA H 284 -27.04 7.18 -54.68
C ALA H 284 -27.49 5.82 -54.12
N ALA H 285 -28.42 5.83 -53.18
CA ALA H 285 -28.93 4.59 -52.62
C ALA H 285 -29.93 3.92 -53.55
N LEU H 286 -30.87 4.69 -54.11
CA LEU H 286 -31.90 4.07 -54.95
C LEU H 286 -31.25 3.34 -56.13
N ASP H 287 -30.18 3.91 -56.70
CA ASP H 287 -29.45 3.21 -57.75
C ASP H 287 -28.93 1.87 -57.24
N LEU H 288 -28.43 1.85 -56.00
CA LEU H 288 -27.95 0.60 -55.43
C LEU H 288 -29.09 -0.40 -55.25
N LEU H 289 -30.23 0.06 -54.74
CA LEU H 289 -31.35 -0.84 -54.51
C LEU H 289 -31.87 -1.42 -55.83
N ASP H 290 -31.99 -0.58 -56.86
CA ASP H 290 -32.47 -1.07 -58.16
C ASP H 290 -31.55 -2.15 -58.70
N HIS H 291 -30.24 -2.03 -58.45
CA HIS H 291 -29.26 -2.96 -58.98
C HIS H 291 -29.13 -4.22 -58.13
N MET H 292 -29.32 -4.13 -56.82
CA MET H 292 -29.26 -5.33 -56.01
C MET H 292 -30.53 -6.16 -56.13
N LEU H 293 -31.67 -5.51 -56.35
CA LEU H 293 -32.95 -6.18 -56.54
C LEU H 293 -33.29 -6.30 -58.02
N THR H 294 -32.30 -6.65 -58.83
CA THR H 294 -32.51 -6.95 -60.24
C THR H 294 -32.81 -8.45 -60.35
N LEU H 295 -33.83 -8.77 -61.15
CA LEU H 295 -34.37 -10.13 -61.20
C LEU H 295 -33.34 -11.13 -61.72
N ASP H 296 -32.73 -10.85 -62.86
CA ASP H 296 -31.81 -11.82 -63.48
C ASP H 296 -30.56 -11.96 -62.62
N PRO H 297 -30.23 -13.17 -62.14
CA PRO H 297 -29.04 -13.29 -61.27
C PRO H 297 -27.76 -12.82 -61.95
N SER H 298 -27.67 -12.96 -63.28
CA SER H 298 -26.48 -12.50 -63.98
C SER H 298 -26.46 -10.99 -64.11
N LYS H 299 -27.62 -10.35 -64.11
CA LYS H 299 -27.65 -8.90 -64.18
C LYS H 299 -27.53 -8.25 -62.79
N ARG H 300 -27.85 -8.98 -61.73
CA ARG H 300 -27.72 -8.46 -60.38
C ARG H 300 -26.26 -8.15 -60.09
N CYS H 301 -26.02 -6.99 -59.48
CA CYS H 301 -24.65 -6.58 -59.19
C CYS H 301 -24.00 -7.53 -58.19
N THR H 302 -22.67 -7.49 -58.16
CA THR H 302 -21.90 -8.28 -57.21
C THR H 302 -21.63 -7.47 -55.94
N ALA H 303 -20.96 -8.09 -54.96
CA ALA H 303 -20.53 -7.34 -53.79
C ALA H 303 -19.49 -6.30 -54.17
N GLU H 304 -18.49 -6.68 -54.97
CA GLU H 304 -17.46 -5.71 -55.30
C GLU H 304 -18.09 -4.47 -55.95
N GLN H 305 -19.07 -4.69 -56.82
CA GLN H 305 -19.69 -3.58 -57.52
C GLN H 305 -20.43 -2.67 -56.54
N THR H 306 -21.05 -3.25 -55.51
CA THR H 306 -21.76 -2.42 -54.55
C THR H 306 -20.78 -1.51 -53.81
N LEU H 307 -19.58 -2.03 -53.52
CA LEU H 307 -18.57 -1.21 -52.87
C LEU H 307 -18.03 -0.15 -53.81
N GLN H 308 -18.12 -0.40 -55.11
CA GLN H 308 -17.71 0.59 -56.11
C GLN H 308 -18.93 1.37 -56.60
N SER H 309 -19.79 1.78 -55.67
CA SER H 309 -20.99 2.54 -56.01
C SER H 309 -20.87 3.95 -55.47
N ASP H 310 -21.59 4.88 -56.10
CA ASP H 310 -21.58 6.25 -55.60
C ASP H 310 -22.01 6.29 -54.14
N PHE H 311 -22.79 5.32 -53.70
CA PHE H 311 -23.29 5.34 -52.34
C PHE H 311 -22.21 4.95 -51.34
N LEU H 312 -21.42 3.92 -51.67
CA LEU H 312 -20.44 3.38 -50.74
C LEU H 312 -18.99 3.60 -51.13
N LYS H 313 -18.73 4.04 -52.37
CA LYS H 313 -17.37 4.12 -52.86
C LYS H 313 -16.51 4.96 -51.93
N ASP H 314 -17.02 6.12 -51.55
CA ASP H 314 -16.30 7.09 -50.75
C ASP H 314 -16.72 7.11 -49.29
N VAL H 315 -17.14 5.96 -48.76
CA VAL H 315 -17.58 5.86 -47.37
C VAL H 315 -16.37 5.45 -46.53
N GLU H 316 -16.01 6.29 -45.57
CA GLU H 316 -14.89 6.01 -44.68
C GLU H 316 -15.32 5.21 -43.45
N LEU H 317 -14.75 4.01 -43.29
CA LEU H 317 -15.04 3.14 -42.16
C LEU H 317 -14.30 3.55 -40.88
N SER H 318 -13.38 4.52 -40.97
CA SER H 318 -12.77 5.09 -39.76
C SER H 318 -13.78 5.93 -38.98
N LYS H 319 -14.64 6.66 -39.69
CA LYS H 319 -15.71 7.39 -39.03
C LYS H 319 -16.64 6.44 -38.28
N MET H 320 -17.04 5.34 -38.94
CA MET H 320 -17.88 4.32 -38.33
C MET H 320 -18.88 4.91 -37.34
N ALA H 321 -19.66 5.88 -37.78
CA ALA H 321 -20.53 6.61 -36.88
C ALA H 321 -21.41 5.65 -36.08
N PRO H 322 -21.50 5.81 -34.76
CA PRO H 322 -22.28 4.85 -33.94
C PRO H 322 -23.78 5.04 -34.14
N PRO H 323 -24.55 3.96 -34.10
CA PRO H 323 -26.00 4.08 -34.33
C PRO H 323 -26.72 4.74 -33.17
N ASP H 324 -27.92 5.22 -33.47
CA ASP H 324 -28.77 5.88 -32.48
C ASP H 324 -29.57 4.81 -31.74
N LEU H 325 -29.11 4.43 -30.54
CA LEU H 325 -29.76 3.51 -29.62
C LEU H 325 -30.35 4.30 -28.46
N PRO H 326 -31.54 3.97 -27.92
CA PRO H 326 -32.15 4.88 -26.93
C PRO H 326 -31.59 4.79 -25.51
N HIS H 327 -31.67 3.60 -24.89
CA HIS H 327 -31.15 3.33 -23.55
C HIS H 327 -32.03 3.96 -22.45
N TRP H 328 -31.66 5.14 -21.95
CA TRP H 328 -32.38 5.72 -20.81
C TRP H 328 -33.52 6.64 -21.23
N GLN H 329 -33.36 7.34 -22.35
CA GLN H 329 -34.37 8.30 -22.77
C GLN H 329 -35.72 7.62 -23.00
N ASP H 330 -35.72 6.46 -23.65
CA ASP H 330 -36.95 5.72 -23.90
C ASP H 330 -37.37 4.86 -22.72
N CYS H 331 -36.46 4.58 -21.79
CA CYS H 331 -36.77 3.83 -20.59
C CYS H 331 -37.86 4.53 -19.77
N THR I 24 -2.28 -19.37 -34.19
CA THR I 24 -3.56 -19.32 -34.88
C THR I 24 -4.04 -20.73 -35.23
N LYS I 25 -3.50 -21.32 -36.30
CA LYS I 25 -3.83 -22.68 -36.76
C LYS I 25 -2.62 -23.60 -36.58
N PRO I 26 -2.86 -24.88 -36.30
CA PRO I 26 -1.76 -25.78 -35.90
C PRO I 26 -0.87 -26.23 -37.05
N CYS I 27 0.29 -26.76 -36.65
CA CYS I 27 1.29 -27.31 -37.57
C CYS I 27 1.10 -28.82 -37.69
N TRP I 28 0.92 -29.31 -38.92
CA TRP I 28 0.63 -30.72 -39.16
C TRP I 28 1.77 -31.48 -39.84
N TYR I 29 3.02 -31.04 -39.69
CA TYR I 29 4.13 -31.69 -40.37
C TYR I 29 5.26 -32.01 -39.41
N TRP I 30 5.82 -33.20 -39.57
CA TRP I 30 6.90 -33.72 -38.76
C TRP I 30 8.09 -34.06 -39.65
N ASP I 31 9.24 -34.31 -39.03
CA ASP I 31 10.39 -34.84 -39.75
C ASP I 31 10.37 -36.36 -39.71
N LYS I 32 10.89 -36.99 -40.77
CA LYS I 32 10.98 -38.45 -40.83
C LYS I 32 11.54 -39.03 -39.54
N LYS I 33 12.58 -38.39 -39.00
CA LYS I 33 13.20 -38.89 -37.78
C LYS I 33 12.20 -39.00 -36.64
N ASP I 34 11.17 -38.16 -36.66
CA ASP I 34 10.20 -38.12 -35.57
C ASP I 34 9.27 -39.32 -35.55
N LEU I 35 9.09 -40.00 -36.68
CA LEU I 35 8.20 -41.16 -36.72
C LEU I 35 8.74 -42.33 -35.91
N ALA I 36 10.00 -42.26 -35.46
CA ALA I 36 10.53 -43.24 -34.54
C ALA I 36 9.95 -43.10 -33.15
N HIS I 37 9.12 -42.08 -32.92
CA HIS I 37 8.64 -41.75 -31.57
C HIS I 37 7.14 -41.56 -31.55
N THR I 38 6.41 -42.21 -32.45
CA THR I 38 4.96 -42.19 -32.35
C THR I 38 4.51 -43.01 -31.15
N PRO I 39 3.32 -42.72 -30.62
CA PRO I 39 2.78 -43.57 -29.53
C PRO I 39 2.90 -45.06 -29.83
N SER I 40 2.67 -45.42 -31.10
CA SER I 40 2.73 -46.82 -31.48
C SER I 40 4.13 -47.40 -31.27
N GLN I 41 5.16 -46.69 -31.74
CA GLN I 41 6.52 -47.16 -31.57
C GLN I 41 6.86 -47.32 -30.09
N LEU I 42 6.47 -46.35 -29.27
CA LEU I 42 6.83 -46.33 -27.87
C LEU I 42 6.06 -47.35 -27.06
N GLU I 43 4.99 -47.92 -27.62
CA GLU I 43 4.30 -49.04 -27.00
C GLU I 43 4.78 -50.39 -27.51
N GLY I 44 5.92 -50.44 -28.19
CA GLY I 44 6.52 -51.70 -28.57
C GLY I 44 6.21 -52.18 -29.96
N LEU I 45 5.48 -51.40 -30.75
CA LEU I 45 5.27 -51.71 -32.14
C LEU I 45 6.53 -51.37 -32.92
N ASP I 46 6.96 -52.26 -33.81
CA ASP I 46 8.17 -52.00 -34.56
C ASP I 46 7.87 -51.21 -35.83
N PRO I 47 8.89 -50.60 -36.43
CA PRO I 47 8.61 -49.70 -37.56
C PRO I 47 7.91 -50.38 -38.73
N ALA I 48 8.30 -51.60 -39.09
CA ALA I 48 7.65 -52.26 -40.21
C ALA I 48 6.17 -52.44 -39.93
N THR I 49 5.81 -52.82 -38.70
CA THR I 49 4.42 -53.09 -38.37
C THR I 49 3.58 -51.83 -38.46
N GLU I 50 4.08 -50.73 -37.90
CA GLU I 50 3.30 -49.50 -37.97
C GLU I 50 3.12 -49.05 -39.41
N ALA I 51 4.19 -49.12 -40.20
CA ALA I 51 4.06 -48.82 -41.62
C ALA I 51 3.02 -49.73 -42.27
N ARG I 52 3.05 -51.02 -41.93
CA ARG I 52 2.06 -51.94 -42.47
C ARG I 52 0.65 -51.55 -42.05
N TYR I 53 0.48 -51.20 -40.78
CA TYR I 53 -0.84 -50.78 -40.32
C TYR I 53 -1.33 -49.54 -41.07
N ARG I 54 -0.43 -48.60 -41.36
CA ARG I 54 -0.84 -47.39 -42.06
C ARG I 54 -1.32 -47.71 -43.47
N ARG I 55 -0.60 -48.58 -44.19
CA ARG I 55 -1.05 -48.99 -45.50
C ARG I 55 -2.42 -49.65 -45.42
N GLU I 56 -2.58 -50.60 -44.50
CA GLU I 56 -3.83 -51.35 -44.41
C GLU I 56 -4.98 -50.42 -44.07
N GLY I 57 -4.78 -49.52 -43.11
CA GLY I 57 -5.82 -48.56 -42.78
C GLY I 57 -6.12 -47.63 -43.94
N ALA I 58 -5.07 -47.10 -44.56
CA ALA I 58 -5.25 -46.20 -45.70
C ALA I 58 -5.99 -46.90 -46.82
N ARG I 59 -5.54 -48.08 -47.22
CA ARG I 59 -6.20 -48.80 -48.32
C ARG I 59 -7.61 -49.22 -47.93
N PHE I 60 -7.82 -49.58 -46.66
CA PHE I 60 -9.18 -49.83 -46.19
C PHE I 60 -10.07 -48.62 -46.43
N ILE I 61 -9.63 -47.43 -46.02
CA ILE I 61 -10.41 -46.22 -46.28
C ILE I 61 -10.67 -46.04 -47.77
N PHE I 62 -9.62 -46.21 -48.59
CA PHE I 62 -9.75 -46.00 -50.03
C PHE I 62 -10.81 -46.94 -50.61
N ASP I 63 -10.74 -48.22 -50.23
CA ASP I 63 -11.64 -49.22 -50.82
C ASP I 63 -13.08 -48.98 -50.39
N VAL I 64 -13.29 -48.74 -49.10
CA VAL I 64 -14.64 -48.56 -48.60
C VAL I 64 -15.31 -47.40 -49.31
N GLY I 65 -14.63 -46.26 -49.36
CA GLY I 65 -15.21 -45.08 -49.98
C GLY I 65 -15.40 -45.20 -51.47
N THR I 66 -14.49 -45.91 -52.15
CA THR I 66 -14.66 -46.12 -53.58
C THR I 66 -15.92 -46.91 -53.87
N ARG I 67 -16.20 -47.96 -53.08
CA ARG I 67 -17.45 -48.69 -53.26
C ARG I 67 -18.66 -47.78 -53.05
N LEU I 68 -18.54 -46.80 -52.16
CA LEU I 68 -19.62 -45.87 -51.92
C LEU I 68 -19.72 -44.78 -52.98
N GLY I 69 -18.81 -44.78 -53.96
CA GLY I 69 -18.88 -43.82 -55.03
C GLY I 69 -18.38 -42.45 -54.66
N LEU I 70 -17.49 -42.36 -53.68
CA LEU I 70 -17.11 -41.09 -53.09
C LEU I 70 -16.06 -40.37 -53.93
N HIS I 71 -16.15 -39.05 -53.93
CA HIS I 71 -15.18 -38.20 -54.59
C HIS I 71 -13.79 -38.50 -54.06
N TYR I 72 -12.76 -38.27 -54.89
CA TYR I 72 -11.41 -38.64 -54.50
C TYR I 72 -10.92 -37.79 -53.32
N ASP I 73 -11.33 -36.52 -53.26
CA ASP I 73 -10.92 -35.69 -52.13
C ASP I 73 -11.41 -36.25 -50.81
N THR I 74 -12.66 -36.74 -50.79
CA THR I 74 -13.21 -37.29 -49.56
C THR I 74 -12.36 -38.44 -49.05
N LEU I 75 -11.88 -39.29 -49.94
CA LEU I 75 -11.01 -40.38 -49.51
C LEU I 75 -9.72 -39.86 -48.90
N ALA I 76 -9.08 -38.89 -49.57
CA ALA I 76 -7.81 -38.37 -49.06
C ALA I 76 -8.01 -37.68 -47.72
N THR I 77 -9.06 -36.87 -47.59
CA THR I 77 -9.30 -36.19 -46.32
C THR I 77 -9.40 -37.20 -45.19
N GLY I 78 -10.18 -38.25 -45.39
CA GLY I 78 -10.26 -39.29 -44.37
C GLY I 78 -8.91 -39.89 -44.06
N ILE I 79 -8.12 -40.17 -45.09
CA ILE I 79 -6.83 -40.81 -44.87
C ILE I 79 -5.88 -39.89 -44.11
N ILE I 80 -5.92 -38.59 -44.38
CA ILE I 80 -5.02 -37.69 -43.65
C ILE I 80 -5.48 -37.56 -42.20
N TYR I 81 -6.79 -37.47 -41.97
CA TYR I 81 -7.30 -37.58 -40.62
C TYR I 81 -6.72 -38.84 -39.96
N PHE I 82 -6.78 -39.96 -40.68
CA PHE I 82 -6.28 -41.23 -40.16
C PHE I 82 -4.80 -41.16 -39.82
N HIS I 83 -3.97 -40.74 -40.77
CA HIS I 83 -2.53 -40.68 -40.51
C HIS I 83 -2.22 -39.78 -39.32
N ARG I 84 -2.87 -38.62 -39.26
CA ARG I 84 -2.65 -37.70 -38.16
C ARG I 84 -3.07 -38.33 -36.83
N PHE I 85 -4.19 -39.04 -36.83
CA PHE I 85 -4.68 -39.64 -35.59
C PHE I 85 -3.58 -40.43 -34.90
N TYR I 86 -2.87 -41.27 -35.65
CA TYR I 86 -1.88 -42.16 -35.05
C TYR I 86 -0.53 -41.50 -34.85
N MET I 87 -0.46 -40.18 -35.02
CA MET I 87 0.61 -39.37 -34.46
C MET I 87 0.30 -38.97 -33.02
N PHE I 88 -0.96 -39.15 -32.58
CA PHE I 88 -1.40 -38.82 -31.22
C PHE I 88 -1.85 -40.03 -30.42
N HIS I 89 -1.99 -41.19 -31.05
CA HIS I 89 -2.46 -42.39 -30.37
C HIS I 89 -1.68 -43.60 -30.86
N SER I 90 -1.84 -44.70 -30.13
CA SER I 90 -1.17 -45.95 -30.46
C SER I 90 -2.13 -46.87 -31.21
N PHE I 91 -1.59 -47.59 -32.19
CA PHE I 91 -2.39 -48.60 -32.87
C PHE I 91 -2.84 -49.69 -31.91
N LYS I 92 -2.14 -49.86 -30.79
CA LYS I 92 -2.51 -50.90 -29.85
C LYS I 92 -3.71 -50.52 -28.99
N GLN I 93 -4.06 -49.24 -28.93
CA GLN I 93 -5.22 -48.80 -28.15
C GLN I 93 -6.43 -48.49 -29.00
N PHE I 94 -6.24 -48.24 -30.30
CA PHE I 94 -7.33 -47.91 -31.22
C PHE I 94 -7.24 -48.80 -32.46
N PRO I 95 -8.06 -49.85 -32.55
CA PRO I 95 -8.04 -50.70 -33.76
C PRO I 95 -8.19 -49.86 -35.01
N ARG I 96 -7.33 -50.15 -36.00
CA ARG I 96 -7.16 -49.24 -37.13
C ARG I 96 -8.41 -49.16 -37.99
N TYR I 97 -9.07 -50.28 -38.24
CA TYR I 97 -10.19 -50.24 -39.19
C TYR I 97 -11.40 -49.51 -38.62
N VAL I 98 -11.59 -49.54 -37.30
CA VAL I 98 -12.61 -48.69 -36.69
C VAL I 98 -12.23 -47.22 -36.85
N THR I 99 -10.98 -46.87 -36.50
CA THR I 99 -10.49 -45.52 -36.72
C THR I 99 -10.73 -45.09 -38.17
N GLY I 100 -10.33 -45.93 -39.11
CA GLY I 100 -10.55 -45.61 -40.52
C GLY I 100 -11.99 -45.27 -40.81
N ALA I 101 -12.92 -46.16 -40.42
CA ALA I 101 -14.34 -45.93 -40.68
C ALA I 101 -14.80 -44.59 -40.09
N CYS I 102 -14.33 -44.26 -38.89
CA CYS I 102 -14.70 -42.99 -38.28
C CYS I 102 -14.18 -41.81 -39.10
N CYS I 103 -12.93 -41.90 -39.56
CA CYS I 103 -12.37 -40.81 -40.36
C CYS I 103 -13.19 -40.57 -41.62
N LEU I 104 -13.49 -41.62 -42.38
CA LEU I 104 -14.24 -41.44 -43.61
C LEU I 104 -15.63 -40.89 -43.32
N PHE I 105 -16.23 -41.35 -42.22
CA PHE I 105 -17.54 -40.83 -41.82
C PHE I 105 -17.49 -39.33 -41.63
N LEU I 106 -16.51 -38.86 -40.85
CA LEU I 106 -16.36 -37.42 -40.63
C LEU I 106 -15.94 -36.74 -41.93
N ALA I 107 -15.01 -37.36 -42.67
CA ALA I 107 -14.58 -36.79 -43.93
C ALA I 107 -15.77 -36.49 -44.83
N GLY I 108 -16.73 -37.41 -44.90
CA GLY I 108 -17.87 -37.19 -45.76
C GLY I 108 -18.64 -35.93 -45.40
N LYS I 109 -18.85 -35.71 -44.10
CA LYS I 109 -19.55 -34.51 -43.68
C LYS I 109 -18.69 -33.28 -43.91
N VAL I 110 -17.38 -33.42 -43.71
CA VAL I 110 -16.47 -32.29 -43.91
C VAL I 110 -16.47 -31.88 -45.37
N GLU I 111 -16.35 -32.85 -46.28
CA GLU I 111 -16.23 -32.56 -47.70
C GLU I 111 -17.58 -32.47 -48.42
N GLU I 112 -18.69 -32.47 -47.69
CA GLU I 112 -20.02 -32.36 -48.28
C GLU I 112 -20.31 -33.52 -49.23
N THR I 113 -19.83 -34.70 -48.87
CA THR I 113 -20.22 -35.95 -49.54
C THR I 113 -20.66 -36.96 -48.49
N PRO I 114 -21.67 -36.63 -47.69
CA PRO I 114 -21.94 -37.44 -46.49
C PRO I 114 -22.52 -38.81 -46.82
N LYS I 115 -22.23 -39.77 -45.94
CA LYS I 115 -22.78 -41.12 -46.00
C LYS I 115 -23.23 -41.51 -44.60
N LYS I 116 -24.25 -42.34 -44.54
CA LYS I 116 -24.74 -42.81 -43.24
C LYS I 116 -23.72 -43.77 -42.63
N CYS I 117 -23.55 -43.69 -41.32
CA CYS I 117 -22.62 -44.60 -40.66
C CYS I 117 -23.01 -46.04 -40.95
N LYS I 118 -24.31 -46.32 -41.02
CA LYS I 118 -24.81 -47.65 -41.31
C LYS I 118 -24.32 -48.15 -42.65
N ASP I 119 -24.18 -47.25 -43.63
CA ASP I 119 -23.71 -47.67 -44.94
C ASP I 119 -22.21 -47.99 -44.90
N ILE I 120 -21.44 -47.20 -44.15
CA ILE I 120 -20.01 -47.45 -44.04
C ILE I 120 -19.75 -48.79 -43.37
N ILE I 121 -20.50 -49.11 -42.32
CA ILE I 121 -20.31 -50.39 -41.65
C ILE I 121 -20.62 -51.54 -42.61
N LYS I 122 -21.76 -51.44 -43.29
CA LYS I 122 -22.15 -52.50 -44.22
C LYS I 122 -21.07 -52.74 -45.26
N THR I 123 -20.51 -51.66 -45.81
CA THR I 123 -19.43 -51.80 -46.79
C THR I 123 -18.19 -52.39 -46.14
N ALA I 124 -17.86 -51.94 -44.94
CA ALA I 124 -16.69 -52.48 -44.24
C ALA I 124 -16.83 -53.98 -44.05
N ARG I 125 -18.05 -54.44 -43.79
CA ARG I 125 -18.28 -55.87 -43.65
C ARG I 125 -17.98 -56.62 -44.96
N SER I 126 -18.32 -56.01 -46.10
CA SER I 126 -18.04 -56.66 -47.38
C SER I 126 -16.54 -56.87 -47.58
N LEU I 127 -15.74 -55.88 -47.21
CA LEU I 127 -14.32 -55.88 -47.54
C LEU I 127 -13.45 -56.52 -46.47
N LEU I 128 -13.95 -56.66 -45.26
CA LEU I 128 -13.17 -57.21 -44.17
C LEU I 128 -13.62 -58.64 -43.91
N ASN I 129 -12.65 -59.51 -43.61
CA ASN I 129 -12.96 -60.88 -43.21
C ASN I 129 -13.45 -60.86 -41.75
N ASP I 130 -13.76 -62.05 -41.24
CA ASP I 130 -14.34 -62.14 -39.90
C ASP I 130 -13.35 -61.69 -38.83
N VAL I 131 -12.08 -62.09 -38.96
CA VAL I 131 -11.08 -61.70 -37.98
C VAL I 131 -10.93 -60.18 -37.94
N GLN I 132 -10.81 -59.56 -39.12
CA GLN I 132 -10.63 -58.11 -39.19
C GLN I 132 -11.84 -57.39 -38.61
N PHE I 133 -13.04 -57.77 -39.05
CA PHE I 133 -14.26 -57.15 -38.56
C PHE I 133 -14.46 -57.35 -37.07
N GLY I 134 -13.76 -58.30 -36.46
CA GLY I 134 -13.82 -58.45 -35.01
C GLY I 134 -13.50 -57.16 -34.29
N GLN I 135 -12.69 -56.29 -34.91
CA GLN I 135 -12.37 -55.02 -34.28
C GLN I 135 -13.61 -54.20 -33.99
N PHE I 136 -14.64 -54.31 -34.81
CA PHE I 136 -15.85 -53.53 -34.58
C PHE I 136 -16.70 -54.06 -33.43
N GLY I 137 -16.36 -55.21 -32.89
CA GLY I 137 -17.06 -55.63 -31.69
C GLY I 137 -18.53 -55.89 -31.91
N ASP I 138 -19.29 -55.75 -30.83
CA ASP I 138 -20.69 -56.14 -30.80
C ASP I 138 -21.61 -55.16 -31.51
N ASP I 139 -21.25 -53.87 -31.50
CA ASP I 139 -22.06 -52.83 -32.12
C ASP I 139 -21.16 -51.97 -32.98
N PRO I 140 -20.99 -52.33 -34.26
CA PRO I 140 -20.06 -51.55 -35.10
C PRO I 140 -20.37 -50.06 -35.14
N LYS I 141 -21.63 -49.71 -35.39
CA LYS I 141 -22.00 -48.30 -35.55
C LYS I 141 -21.60 -47.46 -34.34
N GLU I 142 -21.90 -47.95 -33.14
CA GLU I 142 -21.61 -47.16 -31.95
C GLU I 142 -20.11 -46.93 -31.80
N GLU I 143 -19.30 -47.98 -32.02
CA GLU I 143 -17.86 -47.84 -31.89
C GLU I 143 -17.33 -46.71 -32.75
N VAL I 144 -17.88 -46.56 -33.95
CA VAL I 144 -17.46 -45.50 -34.84
C VAL I 144 -18.00 -44.16 -34.34
N MET I 145 -19.29 -44.11 -33.99
CA MET I 145 -19.87 -42.85 -33.55
C MET I 145 -19.19 -42.31 -32.28
N VAL I 146 -18.82 -43.21 -31.37
CA VAL I 146 -18.13 -42.79 -30.16
C VAL I 146 -16.77 -42.17 -30.48
N LEU I 147 -16.02 -42.77 -31.40
CA LEU I 147 -14.68 -42.30 -31.68
C LEU I 147 -14.67 -40.90 -32.29
N GLU I 148 -15.79 -40.49 -32.90
CA GLU I 148 -15.83 -39.19 -33.56
C GLU I 148 -15.47 -38.07 -32.58
N ARG I 149 -15.93 -38.19 -31.35
CA ARG I 149 -15.58 -37.19 -30.34
C ARG I 149 -14.07 -37.10 -30.17
N ILE I 150 -13.41 -38.25 -30.06
CA ILE I 150 -11.97 -38.28 -29.90
C ILE I 150 -11.28 -37.80 -31.18
N LEU I 151 -11.77 -38.24 -32.34
CA LEU I 151 -11.16 -37.82 -33.60
C LEU I 151 -11.17 -36.30 -33.72
N LEU I 152 -12.34 -35.68 -33.52
CA LEU I 152 -12.45 -34.23 -33.62
C LEU I 152 -11.50 -33.54 -32.64
N GLN I 153 -11.43 -34.02 -31.41
CA GLN I 153 -10.47 -33.44 -30.47
C GLN I 153 -9.04 -33.66 -30.93
N THR I 154 -8.75 -34.85 -31.45
CA THR I 154 -7.38 -35.18 -31.83
C THR I 154 -6.88 -34.29 -32.97
N ILE I 155 -7.69 -34.11 -34.01
CA ILE I 155 -7.30 -33.28 -35.15
C ILE I 155 -7.57 -31.81 -34.83
N LYS I 156 -7.81 -31.51 -33.56
CA LYS I 156 -7.88 -30.14 -33.07
C LYS I 156 -8.91 -29.31 -33.84
N PHE I 157 -9.98 -29.95 -34.27
CA PHE I 157 -11.06 -29.29 -35.00
C PHE I 157 -10.54 -28.50 -36.20
N ASP I 158 -9.35 -28.81 -36.69
CA ASP I 158 -8.82 -28.21 -37.91
C ASP I 158 -9.27 -29.13 -39.04
N LEU I 159 -10.48 -28.89 -39.55
CA LEU I 159 -11.10 -29.83 -40.49
C LEU I 159 -10.69 -29.59 -41.94
N GLN I 160 -10.34 -28.36 -42.30
CA GLN I 160 -9.97 -28.05 -43.68
C GLN I 160 -8.62 -28.68 -44.01
N VAL I 161 -8.58 -29.42 -45.12
CA VAL I 161 -7.37 -30.09 -45.58
C VAL I 161 -7.25 -29.90 -47.09
N GLU I 162 -6.02 -29.66 -47.56
CA GLU I 162 -5.71 -29.56 -48.99
C GLU I 162 -4.96 -30.82 -49.42
N HIS I 163 -5.12 -31.19 -50.69
CA HIS I 163 -4.53 -32.42 -51.16
C HIS I 163 -3.73 -32.20 -52.43
N PRO I 164 -2.72 -33.05 -52.68
CA PRO I 164 -1.89 -32.86 -53.88
C PRO I 164 -2.65 -32.81 -55.19
N TYR I 165 -3.84 -33.43 -55.27
CA TYR I 165 -4.51 -33.54 -56.56
C TYR I 165 -4.75 -32.17 -57.18
N GLN I 166 -5.30 -31.24 -56.41
CA GLN I 166 -5.69 -29.96 -56.96
C GLN I 166 -4.48 -29.18 -57.48
N PHE I 167 -3.32 -29.35 -56.85
CA PHE I 167 -2.13 -28.66 -57.31
C PHE I 167 -1.56 -29.35 -58.54
N LEU I 168 -1.65 -30.67 -58.60
CA LEU I 168 -1.30 -31.39 -59.80
C LEU I 168 -2.05 -30.85 -61.00
N LEU I 169 -3.33 -30.52 -60.82
CA LEU I 169 -4.12 -30.00 -61.92
C LEU I 169 -3.79 -28.53 -62.17
N LYS I 170 -3.73 -27.74 -61.09
CA LYS I 170 -3.40 -26.32 -61.22
C LYS I 170 -2.09 -26.12 -61.95
N TYR I 171 -1.06 -26.90 -61.59
CA TYR I 171 0.26 -26.73 -62.20
C TYR I 171 0.28 -27.27 -63.63
N ALA I 172 -0.29 -28.45 -63.83
CA ALA I 172 -0.30 -29.01 -65.18
C ALA I 172 -1.05 -28.10 -66.16
N LYS I 173 -2.09 -27.42 -65.66
CA LYS I 173 -2.89 -26.54 -66.51
C LYS I 173 -2.03 -25.42 -67.11
N GLN I 174 -0.95 -25.04 -66.43
CA GLN I 174 -0.05 -24.01 -66.94
C GLN I 174 1.01 -24.57 -67.89
N LEU I 175 1.02 -25.88 -68.12
CA LEU I 175 1.91 -26.49 -69.10
C LEU I 175 1.25 -26.45 -70.48
N LYS I 176 2.04 -26.13 -71.50
CA LYS I 176 1.58 -26.05 -72.88
C LYS I 176 2.51 -26.87 -73.76
N GLY I 177 1.93 -27.76 -74.57
CA GLY I 177 2.74 -28.59 -75.44
C GLY I 177 1.92 -29.72 -76.01
N ASP I 178 2.62 -30.79 -76.36
CA ASP I 178 1.92 -31.98 -76.85
C ASP I 178 0.92 -32.41 -75.78
N LYS I 179 -0.37 -32.31 -76.09
CA LYS I 179 -1.39 -32.60 -75.10
C LYS I 179 -1.27 -34.02 -74.56
N ASN I 180 -0.92 -34.97 -75.42
CA ASN I 180 -0.92 -36.35 -74.98
C ASN I 180 0.23 -36.66 -74.04
N LYS I 181 1.39 -36.03 -74.26
CA LYS I 181 2.47 -36.22 -73.30
C LYS I 181 2.13 -35.61 -71.94
N ILE I 182 1.53 -34.42 -71.94
CA ILE I 182 1.18 -33.75 -70.69
C ILE I 182 0.14 -34.57 -69.93
N GLN I 183 -0.75 -35.25 -70.66
CA GLN I 183 -1.78 -36.05 -70.01
C GLN I 183 -1.20 -37.34 -69.43
N LYS I 184 -0.24 -37.95 -70.12
CA LYS I 184 0.41 -39.13 -69.54
C LYS I 184 1.11 -38.77 -68.25
N LEU I 185 1.73 -37.59 -68.21
CA LEU I 185 2.37 -37.11 -66.99
C LEU I 185 1.34 -37.00 -65.88
N VAL I 186 0.21 -36.34 -66.14
CA VAL I 186 -0.81 -36.12 -65.12
C VAL I 186 -1.31 -37.45 -64.59
N GLN I 187 -1.64 -38.38 -65.49
CA GLN I 187 -2.19 -39.66 -65.08
C GLN I 187 -1.20 -40.42 -64.22
N MET I 188 0.06 -40.47 -64.64
CA MET I 188 1.06 -41.19 -63.86
C MET I 188 1.26 -40.52 -62.49
N ALA I 189 1.31 -39.19 -62.47
CA ALA I 189 1.42 -38.48 -61.20
C ALA I 189 0.20 -38.74 -60.33
N TRP I 190 -1.00 -38.70 -60.92
CA TRP I 190 -2.22 -39.00 -60.17
C TRP I 190 -2.11 -40.38 -59.54
N THR I 191 -1.61 -41.34 -60.30
CA THR I 191 -1.38 -42.67 -59.75
C THR I 191 -0.41 -42.62 -58.58
N PHE I 192 0.67 -41.84 -58.71
CA PHE I 192 1.64 -41.72 -57.63
C PHE I 192 1.04 -41.04 -56.40
N VAL I 193 0.15 -40.05 -56.58
CA VAL I 193 -0.51 -39.42 -55.44
C VAL I 193 -1.32 -40.46 -54.67
N ASN I 194 -2.14 -41.23 -55.40
CA ASN I 194 -2.92 -42.28 -54.77
C ASN I 194 -2.03 -43.23 -53.98
N ASP I 195 -0.82 -43.49 -54.49
CA ASP I 195 0.09 -44.38 -53.79
C ASP I 195 0.72 -43.73 -52.56
N SER I 196 0.99 -42.42 -52.62
CA SER I 196 1.61 -41.75 -51.49
C SER I 196 0.68 -41.70 -50.28
N LEU I 197 -0.62 -41.90 -50.48
CA LEU I 197 -1.55 -41.92 -49.36
C LEU I 197 -1.33 -43.10 -48.43
N CYS I 198 -0.69 -44.17 -48.90
CA CYS I 198 -0.36 -45.29 -48.04
C CYS I 198 0.84 -44.99 -47.16
N THR I 199 1.47 -43.84 -47.36
CA THR I 199 2.71 -43.47 -46.69
C THR I 199 2.48 -42.26 -45.80
N THR I 200 3.49 -41.94 -44.99
CA THR I 200 3.46 -40.79 -44.11
C THR I 200 3.91 -39.50 -44.79
N LEU I 201 4.05 -39.51 -46.12
CA LEU I 201 4.37 -38.27 -46.82
C LEU I 201 3.31 -37.21 -46.54
N SER I 202 2.05 -37.65 -46.40
CA SER I 202 0.98 -36.71 -46.03
C SER I 202 1.35 -35.94 -44.78
N LEU I 203 2.20 -36.53 -43.93
CA LEU I 203 2.59 -35.91 -42.67
C LEU I 203 3.92 -35.20 -42.73
N GLN I 204 4.67 -35.33 -43.83
CA GLN I 204 6.01 -34.75 -43.89
C GLN I 204 6.09 -33.47 -44.72
N TRP I 205 5.29 -33.34 -45.76
CA TRP I 205 5.45 -32.27 -46.72
C TRP I 205 4.10 -31.69 -47.09
N GLU I 206 4.07 -30.37 -47.30
CA GLU I 206 2.84 -29.72 -47.76
C GLU I 206 2.40 -30.37 -49.08
N PRO I 207 1.09 -30.36 -49.35
CA PRO I 207 0.60 -31.02 -50.57
C PRO I 207 1.19 -30.43 -51.85
N GLU I 208 1.40 -29.11 -51.89
CA GLU I 208 2.00 -28.50 -53.07
C GLU I 208 3.31 -29.18 -53.42
N ILE I 209 4.12 -29.47 -52.39
CA ILE I 209 5.40 -30.14 -52.60
C ILE I 209 5.19 -31.55 -53.11
N ILE I 210 4.22 -32.27 -52.55
CA ILE I 210 3.89 -33.60 -53.06
C ILE I 210 3.50 -33.52 -54.53
N ALA I 211 2.63 -32.56 -54.87
CA ALA I 211 2.18 -32.43 -56.25
C ALA I 211 3.37 -32.25 -57.20
N VAL I 212 4.31 -31.36 -56.83
CA VAL I 212 5.50 -31.17 -57.67
C VAL I 212 6.31 -32.45 -57.74
N ALA I 213 6.50 -33.12 -56.60
CA ALA I 213 7.33 -34.33 -56.59
C ALA I 213 6.80 -35.38 -57.56
N VAL I 214 5.48 -35.59 -57.57
CA VAL I 214 4.95 -36.63 -58.45
C VAL I 214 5.06 -36.20 -59.91
N MET I 215 4.92 -34.90 -60.20
CA MET I 215 5.21 -34.42 -61.54
C MET I 215 6.68 -34.66 -61.88
N TYR I 216 7.57 -34.36 -60.92
CA TYR I 216 9.00 -34.60 -61.08
C TYR I 216 9.29 -36.07 -61.39
N LEU I 217 8.64 -36.98 -60.66
CA LEU I 217 8.90 -38.41 -60.89
C LEU I 217 8.33 -38.88 -62.23
N ALA I 218 7.09 -38.51 -62.52
CA ALA I 218 6.49 -38.91 -63.79
C ALA I 218 7.33 -38.40 -64.95
N GLY I 219 7.86 -37.18 -64.81
CA GLY I 219 8.74 -36.67 -65.84
C GLY I 219 9.97 -37.55 -66.03
N ARG I 220 10.62 -37.92 -64.92
CA ARG I 220 11.80 -38.77 -65.03
C ARG I 220 11.47 -40.09 -65.73
N LEU I 221 10.36 -40.71 -65.35
CA LEU I 221 10.03 -42.03 -65.89
C LEU I 221 9.66 -41.93 -67.36
N CYS I 222 8.94 -40.86 -67.75
CA CYS I 222 8.50 -40.68 -69.13
C CYS I 222 9.55 -40.00 -70.00
N LYS I 223 10.71 -39.65 -69.44
CA LYS I 223 11.78 -38.99 -70.19
C LYS I 223 11.27 -37.69 -70.85
N PHE I 224 10.54 -36.90 -70.06
CA PHE I 224 10.06 -35.59 -70.47
C PHE I 224 10.94 -34.50 -69.88
N GLU I 225 11.01 -33.35 -70.55
CA GLU I 225 11.73 -32.19 -70.04
C GLU I 225 10.67 -31.12 -69.73
N ILE I 226 10.17 -31.16 -68.49
CA ILE I 226 8.96 -30.40 -68.16
C ILE I 226 9.18 -28.91 -68.33
N GLN I 227 10.43 -28.44 -68.16
CA GLN I 227 10.64 -27.01 -68.26
C GLN I 227 10.16 -26.47 -69.60
N GLU I 228 10.24 -27.29 -70.66
CA GLU I 228 9.87 -26.82 -71.99
C GLU I 228 8.40 -26.43 -72.10
N TRP I 229 7.53 -27.07 -71.33
CA TRP I 229 6.10 -26.76 -71.41
C TRP I 229 5.70 -25.53 -70.60
N THR I 230 6.62 -25.00 -69.78
CA THR I 230 6.32 -23.87 -68.91
C THR I 230 6.49 -22.54 -69.65
N SER I 231 6.07 -21.46 -68.99
CA SER I 231 6.28 -20.12 -69.54
C SER I 231 7.74 -19.74 -69.59
N LYS I 232 8.61 -20.44 -68.84
CA LYS I 232 10.04 -20.15 -68.79
C LYS I 232 10.83 -21.37 -69.25
N PRO I 233 10.91 -21.59 -70.56
CA PRO I 233 11.48 -22.86 -71.06
C PRO I 233 12.99 -23.06 -70.81
N MET I 234 13.74 -22.05 -70.37
CA MET I 234 15.18 -22.21 -70.13
C MET I 234 15.54 -22.17 -68.66
N TYR I 235 14.55 -22.27 -67.77
CA TYR I 235 14.72 -22.38 -66.31
C TYR I 235 14.59 -23.85 -65.93
N ARG I 236 15.73 -24.53 -65.81
CA ARG I 236 15.72 -25.98 -65.70
C ARG I 236 15.09 -26.46 -64.40
N ARG I 237 15.11 -25.64 -63.35
CA ARG I 237 14.38 -25.97 -62.12
C ARG I 237 12.97 -25.41 -62.26
N TRP I 238 12.18 -26.11 -63.07
CA TRP I 238 10.88 -25.63 -63.52
C TRP I 238 9.92 -25.40 -62.37
N TRP I 239 9.96 -26.24 -61.34
CA TRP I 239 8.94 -26.18 -60.30
C TRP I 239 9.00 -24.90 -59.46
N GLU I 240 10.13 -24.22 -59.41
CA GLU I 240 10.27 -23.08 -58.52
C GLU I 240 9.27 -21.98 -58.84
N GLN I 241 8.65 -22.02 -60.02
CA GLN I 241 7.61 -21.07 -60.37
C GLN I 241 6.23 -21.52 -59.93
N PHE I 242 6.13 -22.72 -59.36
CA PHE I 242 4.91 -23.20 -58.72
C PHE I 242 5.04 -23.27 -57.22
N VAL I 243 6.17 -23.77 -56.72
CA VAL I 243 6.42 -23.95 -55.30
C VAL I 243 7.78 -23.34 -55.01
N GLN I 244 7.79 -22.22 -54.30
CA GLN I 244 9.05 -21.55 -54.02
C GLN I 244 9.83 -22.29 -52.94
N ASP I 245 11.15 -22.29 -53.06
CA ASP I 245 12.05 -22.74 -51.98
C ASP I 245 12.01 -24.26 -51.78
N VAL I 246 11.91 -25.02 -52.86
CA VAL I 246 11.94 -26.47 -52.70
C VAL I 246 13.26 -26.98 -53.27
N PRO I 247 14.14 -27.52 -52.45
CA PRO I 247 15.38 -28.11 -52.98
C PRO I 247 15.17 -29.48 -53.56
N VAL I 248 16.07 -29.85 -54.49
CA VAL I 248 15.98 -31.13 -55.18
C VAL I 248 16.10 -32.29 -54.20
N ASP I 249 16.89 -32.15 -53.14
CA ASP I 249 16.98 -33.22 -52.15
C ASP I 249 15.60 -33.66 -51.71
N VAL I 250 14.71 -32.70 -51.43
CA VAL I 250 13.36 -33.04 -50.98
C VAL I 250 12.61 -33.81 -52.04
N LEU I 251 12.62 -33.32 -53.28
CA LEU I 251 11.93 -34.01 -54.36
C LEU I 251 12.48 -35.42 -54.53
N GLU I 252 13.79 -35.59 -54.30
CA GLU I 252 14.37 -36.93 -54.39
C GLU I 252 13.95 -37.81 -53.21
N ASP I 253 13.86 -37.23 -52.00
CA ASP I 253 13.38 -37.98 -50.85
C ASP I 253 11.96 -38.50 -51.09
N ILE I 254 11.07 -37.64 -51.57
CA ILE I 254 9.68 -38.03 -51.76
C ILE I 254 9.57 -39.11 -52.82
N CYS I 255 10.24 -38.90 -53.97
CA CYS I 255 10.17 -39.88 -55.04
C CYS I 255 10.66 -41.24 -54.55
N HIS I 256 11.77 -41.23 -53.82
CA HIS I 256 12.36 -42.46 -53.31
C HIS I 256 11.34 -43.25 -52.51
N GLN I 257 10.54 -42.58 -51.70
CA GLN I 257 9.56 -43.31 -50.90
C GLN I 257 8.50 -43.96 -51.76
N ILE I 258 8.06 -43.28 -52.81
CA ILE I 258 7.07 -43.89 -53.69
C ILE I 258 7.70 -45.07 -54.40
N LEU I 259 8.92 -44.90 -54.93
CA LEU I 259 9.57 -45.98 -55.65
C LEU I 259 9.86 -47.16 -54.73
N ASP I 260 10.07 -46.90 -53.43
CA ASP I 260 10.27 -47.99 -52.50
C ASP I 260 9.02 -48.86 -52.40
N LEU I 261 7.86 -48.23 -52.32
CA LEU I 261 6.62 -49.00 -52.20
C LEU I 261 6.44 -49.94 -53.40
N TYR I 262 6.73 -49.46 -54.60
CA TYR I 262 6.56 -50.28 -55.79
C TYR I 262 7.54 -51.44 -55.84
N SER I 263 8.81 -51.20 -55.48
CA SER I 263 9.81 -52.26 -55.54
C SER I 263 9.61 -53.27 -54.42
N GLN I 264 9.20 -52.80 -53.25
CA GLN I 264 8.99 -53.69 -52.10
C GLN I 264 7.92 -54.75 -52.35
N GLY I 265 6.77 -54.31 -52.87
CA GLY I 265 5.63 -55.16 -53.13
C GLY I 265 5.86 -56.05 -54.32
N LYS I 266 4.77 -56.45 -54.95
CA LYS I 266 4.82 -57.07 -56.27
C LYS I 266 4.45 -56.15 -57.42
N GLN I 267 3.70 -55.08 -57.18
CA GLN I 267 3.27 -54.14 -58.20
C GLN I 267 4.45 -53.37 -58.80
N GLN I 268 4.29 -52.88 -60.04
CA GLN I 268 5.37 -52.23 -60.77
C GLN I 268 5.03 -50.80 -61.17
N MET I 269 6.06 -50.06 -61.60
CA MET I 269 5.90 -48.66 -61.95
C MET I 269 4.88 -48.50 -63.07
N PRO I 270 4.00 -47.48 -63.00
CA PRO I 270 2.94 -47.41 -64.02
C PRO I 270 3.51 -47.29 -65.43
N HIS I 271 4.47 -46.40 -65.62
CA HIS I 271 5.07 -46.13 -66.93
C HIS I 271 4.10 -46.39 -68.09
S SO4 J . 32.48 -61.98 -24.05
O1 SO4 J . 31.86 -61.38 -22.87
O2 SO4 J . 33.86 -61.49 -24.22
O3 SO4 J . 32.51 -63.44 -23.90
O4 SO4 J . 31.70 -61.61 -25.25
S SO4 K . 2.41 -20.88 7.41
O1 SO4 K . 2.82 -19.81 8.35
O2 SO4 K . 3.50 -21.17 6.47
O3 SO4 K . 2.09 -22.10 8.19
O4 SO4 K . 1.20 -20.44 6.68
S SO4 L . 6.35 -39.53 18.42
O1 SO4 L . 4.92 -39.15 18.44
O2 SO4 L . 7.20 -38.33 18.64
O3 SO4 L . 6.63 -40.52 19.50
O4 SO4 L . 6.68 -40.13 17.11
S SO4 M . -4.27 -32.13 -5.69
O1 SO4 M . -4.98 -31.12 -4.91
O2 SO4 M . -3.65 -31.46 -6.85
O3 SO4 M . -3.20 -32.77 -4.87
O4 SO4 M . -5.21 -33.18 -6.16
S SO4 N . 34.93 -38.37 17.73
O1 SO4 N . 35.73 -38.16 18.96
O2 SO4 N . 35.05 -37.18 16.87
O3 SO4 N . 33.52 -38.57 18.09
O4 SO4 N . 35.43 -39.55 17.01
S SO4 O . 58.11 -60.25 -23.82
O1 SO4 O . 57.42 -59.81 -22.59
O2 SO4 O . 58.77 -59.09 -24.45
O3 SO4 O . 59.13 -61.25 -23.46
O4 SO4 O . 57.13 -60.83 -24.76
S SO4 P . 11.95 -18.93 13.08
O1 SO4 P . 13.25 -18.23 13.14
O2 SO4 P . 10.98 -18.21 13.93
O3 SO4 P . 12.10 -20.31 13.58
O4 SO4 P . 11.46 -18.94 11.68
C1 T6X Q . 32.77 -23.59 7.05
C10 T6X Q . 36.66 -24.17 11.45
C11 T6X Q . 37.69 -23.02 11.52
C12 T6X Q . 36.68 -24.96 12.77
C13 T6X Q . 35.69 -26.12 12.93
C14 T6X Q . 31.30 -23.96 7.10
C15 T6X Q . 31.10 -25.42 6.76
C16 T6X Q . 29.69 -25.96 6.95
C17 T6X Q . 29.08 -25.60 8.31
C18 T6X Q . 28.30 -26.69 9.00
C19 T6X Q . 26.96 -26.57 9.16
C2 T6X Q . 33.77 -21.95 8.52
C20 T6X Q . 26.19 -27.56 9.83
C21 T6X Q . 26.80 -28.66 10.33
C22 T6X Q . 28.19 -28.85 10.19
C23 T6X Q . 28.96 -27.85 9.52
C24 T6X Q . 28.84 -30.00 10.71
C25 T6X Q . 30.19 -30.16 10.56
C26 T6X Q . 30.94 -29.19 9.91
C27 T6X Q . 30.36 -28.07 9.40
C3 T6X Q . 34.95 -22.68 10.39
C4 T6X Q . 34.90 -20.47 10.00
C5 T6X Q . 34.13 -20.63 8.86
C6 T6X Q . 34.47 -18.55 9.08
C7 T6X Q . 35.90 -18.43 11.20
C8 T6X Q . 37.40 -18.68 11.01
C9 T6X Q . 35.38 -18.74 12.59
N1 T6X Q . 33.04 -22.22 7.43
N2 T6X Q . 34.20 -22.96 9.29
N3 T6X Q . 35.32 -21.46 10.80
N4 T6X Q . 33.86 -19.40 8.29
N5 T6X Q . 35.12 -19.12 10.15
N6 T6X Q . 35.31 -23.66 11.22
O1 T6X Q . 37.98 -22.60 10.21
H2 T6X Q . 33.27 -24.18 7.64
H1 T6X Q . 33.10 -23.73 6.13
H13 T6X Q . 36.89 -24.75 10.68
H15 T6X Q . 37.31 -22.27 12.04
H14 T6X Q . 38.50 -23.33 11.97
H18 T6X Q . 37.58 -25.32 12.89
H17 T6X Q . 36.50 -24.32 13.50
H21 T6X Q . 34.79 -25.80 12.81
H20 T6X Q . 35.89 -26.80 12.25
H19 T6X Q . 35.80 -26.51 13.82
H23 T6X Q . 30.80 -23.41 6.46
H22 T6X Q . 30.95 -23.78 8.00
H24 T6X Q . 31.71 -25.95 7.31
H25 T6X Q . 31.35 -25.56 5.82
H26 T6X Q . 29.71 -26.94 6.87
H27 T6X Q . 29.11 -25.61 6.25
H28 T6X Q . 28.49 -24.82 8.19
H29 T6X Q . 29.82 -25.33 8.91
H30 T6X Q . 26.52 -25.81 8.81
H31 T6X Q . 25.26 -27.44 9.92
H32 T6X Q . 26.28 -29.31 10.77
H33 T6X Q . 28.33 -30.66 11.14
H34 T6X Q . 30.60 -30.93 10.91
H35 T6X Q . 31.88 -29.31 9.81
H36 T6X Q . 30.89 -27.43 8.97
H4 T6X Q . 34.48 -17.61 8.93
H5 T6X Q . 35.78 -17.45 11.10
H7 T6X Q . 37.60 -19.61 11.25
H6 T6X Q . 37.89 -18.07 11.58
H8 T6X Q . 37.63 -18.53 10.08
H11 T6X Q . 35.43 -19.70 12.75
H10 T6X Q . 35.92 -18.28 13.24
H9 T6X Q . 34.46 -18.45 12.66
H3 T6X Q . 32.72 -21.57 6.93
H12 T6X Q . 34.67 -24.04 11.70
H16 T6X Q . 38.27 -23.26 9.78
S SO4 R . 49.67 9.69 45.83
O1 SO4 R . 48.96 10.91 45.42
O2 SO4 R . 51.12 9.90 45.71
O3 SO4 R . 49.35 9.39 47.24
O4 SO4 R . 49.26 8.56 44.98
S SO4 S . 81.42 12.86 8.53
O1 SO4 S . 81.48 14.09 7.71
O2 SO4 S . 82.75 12.61 9.12
O3 SO4 S . 80.42 13.04 9.60
O4 SO4 S . 81.04 11.70 7.67
S SO4 T . 78.05 16.51 10.36
O1 SO4 T . 77.71 17.95 10.30
O2 SO4 T . 79.02 16.28 11.44
O3 SO4 T . 78.61 16.08 9.06
O4 SO4 T . 76.82 15.73 10.63
S SO4 U . 57.44 24.85 8.82
O1 SO4 U . 57.34 24.58 10.26
O2 SO4 U . 58.28 26.05 8.60
O3 SO4 U . 56.10 25.08 8.26
O4 SO4 U . 58.05 23.69 8.14
S SO4 V . 36.80 44.90 46.34
O1 SO4 V . 37.27 45.65 47.52
O2 SO4 V . 36.24 45.84 45.36
O3 SO4 V . 35.76 43.96 46.76
O4 SO4 V . 37.92 44.17 45.74
S SO4 W . -3.45 7.65 23.01
O1 SO4 W . -3.75 7.66 24.46
O2 SO4 W . -2.82 8.93 22.62
O3 SO4 W . -4.72 7.47 22.27
O4 SO4 W . -2.53 6.54 22.70
S SO4 X . 13.04 2.09 31.84
O1 SO4 X . 12.79 3.24 32.74
O2 SO4 X . 13.16 2.58 30.46
O3 SO4 X . 14.26 1.36 32.24
O4 SO4 X . 11.88 1.15 31.89
S SO4 Y . -8.96 16.06 42.96
O1 SO4 Y . -9.67 16.91 43.97
O2 SO4 Y . -7.50 16.32 43.01
O3 SO4 Y . -9.21 14.62 43.21
O4 SO4 Y . -9.44 16.40 41.59
S SO4 Z . -9.74 43.08 36.14
O1 SO4 Z . -8.80 43.79 35.25
O2 SO4 Z . -9.30 43.23 37.54
O3 SO4 Z . -9.74 41.65 35.78
O4 SO4 Z . -11.10 43.62 35.98
S SO4 AA . -10.74 0.35 30.47
O1 SO4 AA . -10.11 1.62 30.89
O2 SO4 AA . -11.85 0.63 29.53
O3 SO4 AA . -11.27 -0.34 31.68
O4 SO4 AA . -9.74 -0.52 29.82
S SO4 BA . 3.22 22.27 39.61
O1 SO4 BA . 3.81 23.32 40.48
O2 SO4 BA . 2.27 22.90 38.66
O3 SO4 BA . 4.30 21.57 38.85
O4 SO4 BA . 2.50 21.29 40.46
S SO4 CA . -9.83 15.97 21.09
O1 SO4 CA . -8.95 16.49 22.17
O2 SO4 CA . -9.18 16.17 19.77
O3 SO4 CA . -11.13 16.68 21.16
O4 SO4 CA . -10.06 14.53 21.31
C1 T6X DA . -3.39 38.10 19.70
C10 T6X DA . -7.57 41.06 20.76
C11 T6X DA . -7.67 42.29 19.87
C12 T6X DA . -8.45 41.13 22.01
C13 T6X DA . -9.95 41.21 21.69
C14 T6X DA . -2.80 36.83 20.26
C15 T6X DA . -3.86 35.81 20.59
C16 T6X DA . -3.37 34.38 20.72
C17 T6X DA . -2.62 34.18 22.04
C18 T6X DA . -3.30 33.33 23.08
C19 T6X DA . -3.15 31.98 23.09
C2 T6X DA . -5.27 38.35 18.17
C20 T6X DA . -3.78 31.16 24.05
C21 T6X DA . -4.55 31.71 25.01
C22 T6X DA . -4.74 33.11 25.08
C23 T6X DA . -4.11 33.94 24.10
C24 T6X DA . -5.55 33.71 26.07
C25 T6X DA . -5.73 35.06 26.11
C26 T6X DA . -5.12 35.87 25.17
C27 T6X DA . -4.33 35.34 24.19
C3 T6X DA . -7.23 39.37 18.95
C4 T6X DA . -7.11 38.86 16.77
C5 T6X DA . -5.84 38.34 16.88
C6 T6X DA . -6.38 38.14 14.84
C7 T6X DA . -8.68 39.11 14.76
C8 T6X DA . -8.79 40.63 14.55
C9 T6X DA . -9.92 38.53 15.42
N1 T6X DA . -4.01 37.92 18.42
N2 T6X DA . -5.98 38.91 19.17
N3 T6X DA . -7.86 39.38 17.76
N4 T6X DA . -5.38 37.89 15.66
N5 T6X DA . -7.46 38.72 15.45
N6 T6X DA . -7.91 39.86 19.99
O1 T6X DA . -7.16 43.40 20.56
H2 T6X DA . -4.06 38.45 20.33
H1 T6X DA . -2.68 38.77 19.61
H13 T6X DA . -6.61 40.98 21.07
H15 T6X DA . -7.16 42.14 19.04
H14 T6X DA . -8.61 42.44 19.63
H18 T6X DA . -8.20 41.91 22.54
H17 T6X DA . -8.30 40.32 22.56
H21 T6X DA . -10.13 42.04 21.21
H20 T6X DA . -10.46 41.20 22.53
H19 T6X DA . -10.21 40.45 21.15
H23 T6X DA . -2.29 37.04 21.08
H22 T6X DA . -2.17 36.45 19.61
H24 T6X DA . -4.54 35.84 19.88
H25 T6X DA . -4.29 36.08 21.42
H26 T6X DA . -2.78 34.18 19.97
H27 T6X DA . -4.14 33.77 20.69
H28 T6X DA . -2.43 35.06 22.43
H29 T6X DA . -1.74 33.75 21.82
H30 T6X DA . -2.61 31.57 22.43
H31 T6X DA . -3.66 30.22 24.03
H32 T6X DA . -4.96 31.17 25.66
H33 T6X DA . -5.98 33.15 26.70
H34 T6X DA . -6.27 35.43 26.79
H35 T6X DA . -5.24 36.81 25.21
H36 T6X DA . -3.92 35.91 23.56
H4 T6X DA . -6.36 37.94 13.92
H5 T6X DA . -8.63 38.72 13.83
H7 T6X DA . -9.57 40.82 14.00
H6 T6X DA . -7.98 40.94 14.11
H8 T6X DA . -8.89 41.06 15.41
H11 T6X DA . -10.71 38.75 14.90
H10 T6X DA . -10.01 38.90 16.31
H9 T6X DA . -9.83 37.56 15.49
H3 T6X DA . -3.57 37.52 17.78
H12 T6X DA . -8.64 39.42 20.24
H16 T6X DA . -7.14 44.05 20.03
S SO4 EA . 20.07 66.62 20.23
O1 SO4 EA . 21.54 66.75 20.25
O2 SO4 EA . 19.46 67.90 19.84
O3 SO4 EA . 19.69 65.57 19.25
O4 SO4 EA . 19.61 66.26 21.59
S SO4 FA . -19.88 42.47 19.84
O1 SO4 FA . -18.98 43.56 20.26
O2 SO4 FA . -21.20 43.02 19.49
O3 SO4 FA . -19.31 41.79 18.65
O4 SO4 FA . -20.01 41.51 20.96
S SO4 GA . -16.03 76.03 -25.56
O1 SO4 GA . -15.24 77.24 -25.86
O2 SO4 GA . -16.02 75.81 -24.11
O3 SO4 GA . -15.42 74.87 -26.22
O4 SO4 GA . -17.43 76.18 -26.03
S SO4 HA . -18.98 72.29 -27.97
O1 SO4 HA . -20.35 72.82 -28.23
O2 SO4 HA . -18.18 73.30 -27.22
O3 SO4 HA . -19.08 71.05 -27.17
O4 SO4 HA . -18.30 71.99 -29.24
S SO4 IA . -17.59 49.76 -31.41
O1 SO4 IA . -18.01 50.90 -30.56
O2 SO4 IA . -17.37 50.25 -32.79
O3 SO4 IA . -18.66 48.74 -31.42
O4 SO4 IA . -16.34 49.17 -30.89
S SO4 JA . -50.04 45.53 -7.03
O1 SO4 JA . -50.01 46.91 -7.56
O2 SO4 JA . -48.91 45.34 -6.12
O3 SO4 JA . -51.29 45.32 -6.30
O4 SO4 JA . -49.97 44.58 -8.15
S SO4 KA . -36.44 32.74 -1.07
O1 SO4 KA . -36.05 32.87 0.36
O2 SO4 KA . -36.93 34.04 -1.60
O3 SO4 KA . -37.53 31.74 -1.20
O4 SO4 KA . -35.27 32.30 -1.86
S SO4 LA . -57.61 26.07 -36.89
O1 SO4 LA . -57.78 26.24 -35.44
O2 SO4 LA . -56.63 27.06 -37.38
O3 SO4 LA . -57.10 24.71 -37.14
O4 SO4 LA . -58.89 26.27 -37.58
S SO4 MA . -22.94 -6.07 -0.68
O1 SO4 MA . -21.88 -5.39 0.09
O2 SO4 MA . -23.01 -5.54 -2.05
O3 SO4 MA . -24.24 -5.88 0.00
O4 SO4 MA . -22.66 -7.51 -0.73
S SO4 NA . -43.11 -18.54 -30.16
O1 SO4 NA . -43.00 -17.98 -28.80
O2 SO4 NA . -43.90 -17.61 -31.00
O3 SO4 NA . -43.77 -19.85 -30.11
O4 SO4 NA . -41.75 -18.67 -30.73
S SO4 OA . -22.34 -13.12 -7.96
O1 SO4 OA . -22.04 -11.69 -7.75
O2 SO4 OA . -21.65 -13.57 -9.19
O3 SO4 OA . -21.86 -13.89 -6.80
O4 SO4 OA . -23.80 -13.30 -8.11
S SO4 PA . -31.09 11.03 4.12
O1 SO4 PA . -31.78 12.19 4.75
O2 SO4 PA . -29.88 11.49 3.42
O3 SO4 PA . -30.71 10.09 5.19
O4 SO4 PA . -32.01 10.37 3.17
S SO4 QA . -43.43 -13.92 -1.99
O1 SO4 QA . -44.34 -12.90 -2.59
O2 SO4 QA . -43.11 -13.53 -0.60
O3 SO4 QA . -42.18 -13.97 -2.78
O4 SO4 QA . -44.11 -15.23 -2.01
S SO4 RA . -57.31 20.36 -60.99
O1 SO4 RA . -56.26 21.39 -61.06
O2 SO4 RA . -58.62 20.97 -61.29
O3 SO4 RA . -57.33 19.77 -59.64
O4 SO4 RA . -57.02 19.30 -61.98
C1 T6X SA . -27.05 -11.06 -29.72
C10 T6X SA . -28.12 -15.84 -33.13
C11 T6X SA . -27.06 -16.21 -34.17
C12 T6X SA . -29.16 -16.94 -32.96
C13 T6X SA . -30.25 -16.77 -31.90
C14 T6X SA . -26.89 -9.75 -28.97
C15 T6X SA . -28.19 -9.20 -28.41
C16 T6X SA . -28.36 -9.13 -26.90
C17 T6X SA . -28.28 -10.50 -26.23
C18 T6X SA . -29.40 -10.90 -25.32
C19 T6X SA . -29.33 -10.70 -23.97
C2 T6X SA . -25.63 -12.69 -30.89
C20 T6X SA . -30.38 -11.07 -23.10
C21 T6X SA . -31.50 -11.65 -23.60
C22 T6X SA . -31.64 -11.88 -24.99
C23 T6X SA . -30.58 -11.50 -25.87
C24 T6X SA . -32.80 -12.48 -25.53
C25 T6X SA . -32.92 -12.69 -26.86
C26 T6X SA . -31.89 -12.32 -27.73
C27 T6X SA . -30.76 -11.75 -27.24
C3 T6X SA . -26.45 -14.74 -31.64
C4 T6X SA . -24.24 -14.48 -31.59
C5 T6X SA . -24.33 -13.19 -31.10
C6 T6X SA . -22.26 -13.61 -31.30
C7 T6X SA . -22.22 -15.97 -32.21
C8 T6X SA . -22.42 -16.17 -33.71
C9 T6X SA . -22.60 -17.16 -31.36
N1 T6X SA . -25.82 -11.47 -30.37
N2 T6X SA . -26.68 -13.50 -31.14
N3 T6X SA . -25.25 -15.29 -31.86
N4 T6X SA . -23.07 -12.65 -30.92
N5 T6X SA . -22.89 -14.75 -31.73
N6 T6X SA . -27.48 -15.57 -31.84
O1 T6X SA . -26.28 -15.10 -34.52
H2 T6X SA . -27.75 -10.96 -30.40
H1 T6X SA . -27.34 -11.76 -29.10
H13 T6X SA . -28.58 -15.01 -33.42
H15 T6X SA . -26.49 -16.91 -33.79
H14 T6X SA . -27.50 -16.57 -34.96
H18 T6X SA . -28.68 -17.78 -32.76
H17 T6X SA . -29.62 -17.06 -33.83
H21 T6X SA . -29.84 -16.67 -31.03
H20 T6X SA . -30.78 -15.98 -32.11
H19 T6X SA . -30.82 -17.55 -31.90
H23 T6X SA . -26.27 -9.88 -28.24
H22 T6X SA . -26.50 -9.08 -29.58
H24 T6X SA . -28.93 -9.74 -28.76
H25 T6X SA . -28.31 -8.29 -28.76
H26 T6X SA . -29.23 -8.72 -26.69
H27 T6X SA . -27.67 -8.54 -26.53
H28 T6X SA . -27.43 -10.53 -25.72
H29 T6X SA . -28.21 -11.19 -26.95
H30 T6X SA . -28.56 -10.30 -23.61
H31 T6X SA . -30.30 -10.92 -22.17
H32 T6X SA . -32.20 -11.90 -23.02
H33 T6X SA . -33.50 -12.73 -24.96
H34 T6X SA . -33.70 -13.10 -27.22
H35 T6X SA . -31.97 -12.48 -28.66
H36 T6X SA . -30.07 -11.51 -27.84
H4 T6X SA . -21.31 -13.53 -31.29
H5 T6X SA . -21.24 -15.86 -32.11
H7 T6X SA . -22.18 -15.35 -34.18
H6 T6X SA . -23.35 -16.38 -33.88
H8 T6X SA . -21.85 -16.90 -34.01
H11 T6X SA . -22.21 -17.97 -31.74
H10 T6X SA . -22.27 -17.03 -30.46
H9 T6X SA . -23.56 -17.26 -31.34
H3 T6X SA . -25.15 -10.89 -30.40
H12 T6X SA . -27.80 -15.99 -31.14
H16 T6X SA . -26.79 -14.51 -34.83
S SO4 TA . -11.36 2.03 -44.43
O1 SO4 TA . -11.24 2.48 -43.03
O2 SO4 TA . -10.12 2.35 -45.15
O3 SO4 TA . -12.51 2.71 -45.07
O4 SO4 TA . -11.59 0.57 -44.47
S SO4 UA . -32.84 11.21 -59.24
O1 SO4 UA . -31.57 11.94 -59.44
O2 SO4 UA . -33.56 11.75 -58.06
O3 SO4 UA . -32.57 9.77 -59.04
O4 SO4 UA . -33.69 11.36 -60.44
S SO4 VA . -29.82 12.93 -53.16
O1 SO4 VA . -29.19 13.96 -54.00
O2 SO4 VA . -29.96 13.45 -51.78
O3 SO4 VA . -28.97 11.71 -53.14
O4 SO4 VA . -31.16 12.62 -53.70
S SO4 WA . 19.35 -28.16 -54.39
O1 SO4 WA . 19.33 -27.23 -53.24
O2 SO4 WA . 20.72 -28.26 -54.93
O3 SO4 WA . 18.90 -29.50 -53.94
O4 SO4 WA . 18.43 -27.66 -55.44
S SO4 XA . 6.21 -31.33 -77.59
O1 SO4 XA . 5.22 -30.22 -77.63
O2 SO4 XA . 7.58 -30.79 -77.75
O3 SO4 XA . 6.11 -32.02 -76.29
O4 SO4 XA . 5.95 -32.29 -78.68
S SO4 YA . -2.14 -58.22 -37.07
O1 SO4 YA . -2.96 -57.07 -36.67
O2 SO4 YA . -0.77 -58.06 -36.55
O3 SO4 YA . -2.73 -59.44 -36.48
O4 SO4 YA . -2.08 -58.34 -38.53
#